data_9ATO
#
_entry.id   9ATO
#
_cell.length_a   1.00
_cell.length_b   1.00
_cell.length_c   1.00
_cell.angle_alpha   90.00
_cell.angle_beta   90.00
_cell.angle_gamma   90.00
#
_symmetry.space_group_name_H-M   'P 1'
#
loop_
_entity.id
_entity.type
_entity.pdbx_description
1 polymer 'Spike glycoprotein'
2 polymer Nanosota-3C
3 branched 2-acetamido-2-deoxy-beta-D-glucopyranose-(1-4)-2-acetamido-2-deoxy-beta-D-glucopyranose
4 non-polymer 2-acetamido-2-deoxy-beta-D-glucopyranose
#
loop_
_entity_poly.entity_id
_entity_poly.type
_entity_poly.pdbx_seq_one_letter_code
_entity_poly.pdbx_strand_id
1 'polypeptide(L)'
;QCVNLITRTQSYTNSFTRGVYYPDKVFRSSVLHSTQDLFLPFFSNVTWFHAIHVSGTNGTKRFDNPALPFNDGVYFASTE
KSNIIRGWIFGTTLDSKTQSLLIVNNATNVVIKVCEFQFCNDPFLDVYQKNNKSWMESEFRVYSSANNCTFEYVSQPFLM
DLEGKEGNFKNLREFVFKNIDGYFKIYSKHTPINLERDLPQGFSALEPLVDLPIGINITRFQTLLALHRSYLTPGDSSSG
WTAGAAAYYVGYLQPRTFLLKYNENGTITDAVDCALDPLSETKCTLKSFTVEKGIYQTSNFRVQPTESIVRFPNITNLCP
FHEVFNATTFASVYAWNRKRISNCVADYSVIYNFAPFFAFKCYGVSPTKLNDLCFTNVYADSFVIRGNEVSQIAPGQTGN
IADYNYKLPDDFTGCVIAWNSNKLDSKPSGNYNYLYRLFRKSKLKPFERDISTEIYQAGNKPCNGVAGPNCYSPLQSYGF
RPTYGVGHQPYRVVVLSFELLHAPATVCGPKKSTNLVKNKCVNFNFNGLTGTGVLTESNKKFLPFQQFGRDIADTTDAVR
DPQTLEILDITPCSFGGVSVITPGTNTSNQVAVLYQGVNCTEVPVAIHADQLTPTWRVYSTGSNVFQTRAGCLIGAEYVN
NSYECDIPIGAGICASYQTQTKSHAGARSVASQSIIAYTMSLGAENSVAYSNNSIAIPTNFTISVTTEILPVSMTKTSVD
CTMYICGDSTECSNLLLQYGSFCTQLKRALTGIAVEQDKNTQEVFAQVKQIYKTPPIKYFGGFNFSQILPDPSKPSKRSP
IEDLLFNKVTLADAGFIKQYGDCLGDIAARDLICAQKFNGLTVLPPLLTDEMIAQYTSALLAGTITSGWTFGAGPALQIP
FPMQMAYRFNGIGVTQNVLYENQKLIANQFNSAIGKIQDSLSSTPSALGKLQDVVNHNAQALNTLVKQLSSKFGAISSVL
NDILSRLDPPEAEVQIDRLITGRLQSLQTYVTQQLIRAAEIRASANLAATKMSECVLGQSKRVDFCGKGYHLMSFPQSAP
HGVVFLHVTYVPAQEKNFTTAPAICHDGKAHFPREGVFVSNGTHWFVTQRNFYEPQIITTDNTFVSGNCDVVIGIVNNTV
YDPLQPELDSFKEELDKYFKNHTSPDVDLGDISGINASVVNIQKEIDRLNEVAKNLNESLIDLQELGKYEQYIKGSGYIP
EAPRDGQAYVRKDGEWVLLSTFLGHHHHHH
;
A,B,C
2 'polypeptide(L)'
;QVQLQESGGGLVQAGGSLRLSCAASGSIFSPNTMGWFRQALGKQREGVAFISSIASTSYWLPVKGRFTITRDNTKNTVHL
QMNSLIPEDTAVYYCYAVDKSQDYWGQGTQVTVSSGGQHHHHHHGAYPYDVPDYAS
;
D,F,L
#
loop_
_chem_comp.id
_chem_comp.type
_chem_comp.name
_chem_comp.formula
NAG D-saccharide, beta linking 2-acetamido-2-deoxy-beta-D-glucopyranose 'C8 H15 N O6'
#
# COMPACT_ATOMS: atom_id res chain seq x y z
N GLN A 1 -56.94 -33.60 0.92
CA GLN A 1 -57.82 -32.95 -0.05
C GLN A 1 -57.05 -32.35 -1.20
N CYS A 2 -55.95 -33.02 -1.58
CA CYS A 2 -55.13 -32.55 -2.69
C CYS A 2 -55.69 -33.08 -4.00
N VAL A 3 -56.09 -32.17 -4.89
CA VAL A 3 -56.71 -32.51 -6.16
C VAL A 3 -56.06 -31.71 -7.27
N ASN A 4 -55.79 -32.37 -8.39
CA ASN A 4 -55.21 -31.72 -9.56
C ASN A 4 -56.35 -31.17 -10.43
N LEU A 5 -56.43 -29.84 -10.53
CA LEU A 5 -57.56 -29.20 -11.16
C LEU A 5 -57.20 -28.10 -12.16
N ILE A 6 -55.93 -27.69 -12.25
CA ILE A 6 -55.52 -26.53 -13.02
C ILE A 6 -54.61 -26.98 -14.15
N THR A 7 -54.91 -26.52 -15.37
CA THR A 7 -54.02 -26.70 -16.51
C THR A 7 -53.31 -25.39 -16.80
N ARG A 8 -52.16 -25.48 -17.45
CA ARG A 8 -51.32 -24.31 -17.66
C ARG A 8 -50.76 -24.29 -19.08
N THR A 9 -50.73 -23.11 -19.68
CA THR A 9 -50.11 -22.88 -20.97
C THR A 9 -49.10 -21.74 -20.84
N GLN A 10 -48.10 -21.74 -21.73
CA GLN A 10 -47.04 -20.75 -21.66
C GLN A 10 -46.79 -20.11 -23.02
N SER A 11 -46.41 -18.83 -22.98
CA SER A 11 -46.01 -18.06 -24.14
C SER A 11 -44.85 -17.17 -23.73
N TYR A 12 -44.32 -16.39 -24.68
CA TYR A 12 -43.15 -15.55 -24.42
C TYR A 12 -43.43 -14.12 -24.86
N THR A 13 -42.84 -13.17 -24.14
CA THR A 13 -43.02 -11.76 -24.43
C THR A 13 -41.77 -10.98 -24.02
N ASN A 14 -41.80 -9.68 -24.27
CA ASN A 14 -40.67 -8.80 -24.01
C ASN A 14 -40.88 -8.04 -22.71
N SER A 15 -39.79 -7.86 -21.95
CA SER A 15 -39.88 -7.22 -20.64
C SER A 15 -40.08 -5.72 -20.72
N PHE A 16 -39.66 -5.08 -21.81
CA PHE A 16 -39.78 -3.62 -21.98
C PHE A 16 -38.99 -2.96 -20.86
N THR A 17 -39.57 -2.00 -20.12
CA THR A 17 -38.85 -1.24 -19.10
C THR A 17 -39.40 -1.53 -17.70
N ARG A 18 -39.66 -2.80 -17.41
CA ARG A 18 -40.18 -3.21 -16.11
C ARG A 18 -39.14 -4.05 -15.37
N GLY A 19 -39.26 -4.07 -14.06
CA GLY A 19 -38.42 -4.89 -13.21
C GLY A 19 -37.36 -4.19 -12.40
N VAL A 20 -37.49 -2.90 -12.14
CA VAL A 20 -36.57 -2.17 -11.27
C VAL A 20 -37.21 -2.02 -9.92
N TYR A 21 -36.40 -1.71 -8.91
CA TYR A 21 -36.90 -1.49 -7.55
C TYR A 21 -35.88 -0.68 -6.78
N TYR A 22 -36.29 -0.15 -5.64
CA TYR A 22 -35.38 0.59 -4.79
C TYR A 22 -34.44 -0.39 -4.10
N PRO A 23 -33.12 -0.27 -4.29
CA PRO A 23 -32.22 -1.29 -3.74
C PRO A 23 -31.93 -1.12 -2.26
N ASP A 24 -32.09 0.08 -1.72
CA ASP A 24 -31.79 0.34 -0.31
C ASP A 24 -32.83 1.29 0.24
N LYS A 25 -32.64 1.70 1.49
CA LYS A 25 -33.56 2.57 2.20
C LYS A 25 -32.97 3.98 2.34
N VAL A 26 -32.27 4.45 1.31
CA VAL A 26 -31.52 5.69 1.37
C VAL A 26 -32.17 6.70 0.43
N PHE A 27 -32.38 7.91 0.93
CA PHE A 27 -32.95 9.00 0.14
C PHE A 27 -31.85 9.71 -0.63
N ARG A 28 -32.08 9.93 -1.92
CA ARG A 28 -31.17 10.68 -2.78
C ARG A 28 -31.97 11.61 -3.65
N SER A 29 -31.45 12.83 -3.87
CA SER A 29 -32.16 13.87 -4.60
C SER A 29 -31.32 14.35 -5.76
N SER A 30 -31.84 14.20 -6.98
CA SER A 30 -31.20 14.70 -8.20
C SER A 30 -29.79 14.12 -8.36
N VAL A 31 -29.70 12.78 -8.35
CA VAL A 31 -28.44 12.08 -8.41
C VAL A 31 -28.51 11.03 -9.50
N LEU A 32 -27.36 10.68 -10.06
CA LEU A 32 -27.22 9.56 -10.99
C LEU A 32 -26.42 8.48 -10.27
N HIS A 33 -27.12 7.47 -9.75
CA HIS A 33 -26.51 6.45 -8.90
C HIS A 33 -26.47 5.12 -9.64
N SER A 34 -25.30 4.50 -9.68
CA SER A 34 -25.11 3.21 -10.34
C SER A 34 -24.92 2.13 -9.28
N THR A 35 -25.69 1.05 -9.39
CA THR A 35 -25.64 -0.02 -8.42
C THR A 35 -25.62 -1.39 -9.09
N GLN A 36 -24.92 -2.32 -8.47
CA GLN A 36 -24.87 -3.71 -8.88
C GLN A 36 -25.79 -4.52 -7.99
N ASP A 37 -26.84 -5.10 -8.56
CA ASP A 37 -27.80 -5.87 -7.78
C ASP A 37 -28.55 -6.81 -8.72
N LEU A 38 -29.42 -7.63 -8.13
CA LEU A 38 -30.24 -8.56 -8.89
C LEU A 38 -31.40 -7.80 -9.52
N PHE A 39 -31.41 -7.73 -10.85
CA PHE A 39 -32.41 -6.97 -11.58
C PHE A 39 -32.97 -7.81 -12.72
N LEU A 40 -34.14 -7.41 -13.20
CA LEU A 40 -34.72 -7.98 -14.41
C LEU A 40 -34.18 -7.23 -15.62
N PRO A 41 -33.53 -7.90 -16.56
CA PRO A 41 -32.88 -7.17 -17.66
C PRO A 41 -33.90 -6.47 -18.55
N PHE A 42 -33.46 -5.36 -19.14
CA PHE A 42 -34.30 -4.63 -20.07
C PHE A 42 -34.53 -5.44 -21.33
N PHE A 43 -35.76 -5.39 -21.84
CA PHE A 43 -36.14 -6.06 -23.09
C PHE A 43 -35.81 -7.55 -23.04
N SER A 44 -36.12 -8.19 -21.92
CA SER A 44 -35.79 -9.59 -21.69
C SER A 44 -36.98 -10.48 -22.04
N ASN A 45 -36.77 -11.79 -21.92
CA ASN A 45 -37.78 -12.79 -22.23
C ASN A 45 -38.60 -13.08 -20.97
N VAL A 46 -39.88 -12.78 -21.01
CA VAL A 46 -40.79 -12.98 -19.89
C VAL A 46 -41.79 -14.07 -20.28
N THR A 47 -42.03 -15.01 -19.36
CA THR A 47 -42.93 -16.12 -19.63
C THR A 47 -44.35 -15.73 -19.24
N TRP A 48 -45.24 -15.69 -20.21
CA TRP A 48 -46.66 -15.50 -19.97
C TRP A 48 -47.28 -16.84 -19.62
N PHE A 49 -47.95 -16.91 -18.47
CA PHE A 49 -48.57 -18.13 -18.00
C PHE A 49 -50.08 -17.94 -17.96
N HIS A 50 -50.80 -18.87 -18.58
CA HIS A 50 -52.26 -18.88 -18.58
C HIS A 50 -52.70 -20.15 -17.85
N ALA A 51 -53.21 -19.98 -16.64
CA ALA A 51 -53.70 -21.09 -15.83
C ALA A 51 -55.22 -21.11 -15.92
N ILE A 52 -55.77 -22.22 -16.41
CA ILE A 52 -57.19 -22.36 -16.67
C ILE A 52 -57.71 -23.57 -15.92
N HIS A 53 -58.86 -23.41 -15.27
CA HIS A 53 -59.61 -24.51 -14.68
C HIS A 53 -60.96 -24.60 -15.37
N VAL A 54 -61.31 -25.80 -15.82
CA VAL A 54 -62.56 -26.05 -16.52
C VAL A 54 -63.43 -26.93 -15.63
N SER A 55 -64.69 -26.52 -15.44
CA SER A 55 -65.62 -27.28 -14.61
C SER A 55 -66.35 -28.32 -15.44
N ARG A 62 -55.64 -34.11 -14.46
CA ARG A 62 -54.25 -34.49 -14.28
C ARG A 62 -53.44 -33.33 -13.71
N PHE A 63 -52.18 -33.61 -13.37
CA PHE A 63 -51.28 -32.59 -12.83
C PHE A 63 -50.67 -31.81 -13.98
N ASP A 64 -51.14 -30.57 -14.17
CA ASP A 64 -50.65 -29.72 -15.26
C ASP A 64 -50.21 -28.35 -14.75
N ASN A 65 -49.88 -28.24 -13.47
CA ASN A 65 -49.42 -26.98 -12.87
C ASN A 65 -48.15 -27.25 -12.06
N PRO A 66 -47.04 -27.55 -12.73
CA PRO A 66 -45.78 -27.79 -12.00
C PRO A 66 -45.30 -26.53 -11.31
N ALA A 67 -44.59 -26.72 -10.20
CA ALA A 67 -44.04 -25.60 -9.45
C ALA A 67 -42.74 -25.13 -10.09
N LEU A 68 -42.65 -23.84 -10.37
CA LEU A 68 -41.51 -23.27 -11.05
C LEU A 68 -40.31 -23.11 -10.12
N PRO A 69 -39.10 -23.21 -10.64
CA PRO A 69 -37.92 -22.96 -9.81
C PRO A 69 -37.82 -21.49 -9.43
N PHE A 70 -37.24 -21.25 -8.26
CA PHE A 70 -37.08 -19.88 -7.78
C PHE A 70 -35.82 -19.21 -8.33
N ASN A 71 -34.80 -20.00 -8.64
CA ASN A 71 -33.51 -19.49 -9.13
C ASN A 71 -32.96 -18.52 -8.08
N ASP A 72 -32.55 -17.31 -8.45
CA ASP A 72 -32.06 -16.32 -7.50
C ASP A 72 -33.10 -15.25 -7.17
N GLY A 73 -34.26 -15.29 -7.80
CA GLY A 73 -35.29 -14.29 -7.59
C GLY A 73 -36.34 -14.38 -8.67
N VAL A 74 -37.51 -13.80 -8.37
CA VAL A 74 -38.67 -13.91 -9.25
C VAL A 74 -39.36 -12.56 -9.33
N TYR A 75 -39.67 -12.13 -10.55
CA TYR A 75 -40.52 -10.98 -10.80
C TYR A 75 -41.87 -11.48 -11.30
N PHE A 76 -42.95 -10.97 -10.71
CA PHE A 76 -44.30 -11.44 -10.95
C PHE A 76 -45.16 -10.26 -11.36
N ALA A 77 -45.98 -10.45 -12.39
CA ALA A 77 -46.84 -9.36 -12.87
C ALA A 77 -48.23 -9.89 -13.13
N SER A 78 -49.24 -9.09 -12.77
CA SER A 78 -50.62 -9.50 -13.03
C SER A 78 -51.51 -8.28 -13.26
N THR A 79 -52.38 -8.36 -14.25
CA THR A 79 -53.34 -7.31 -14.54
C THR A 79 -54.75 -7.66 -14.08
N GLU A 80 -54.93 -8.79 -13.42
CA GLU A 80 -56.27 -9.25 -13.04
C GLU A 80 -56.67 -8.64 -11.70
N LYS A 81 -57.94 -8.86 -11.34
CA LYS A 81 -58.47 -8.34 -10.10
C LYS A 81 -57.88 -9.09 -8.91
N SER A 82 -57.96 -8.46 -7.74
CA SER A 82 -57.28 -8.98 -6.55
C SER A 82 -57.88 -10.28 -6.04
N ASN A 83 -59.10 -10.63 -6.44
CA ASN A 83 -59.79 -11.80 -5.90
C ASN A 83 -59.51 -13.07 -6.68
N ILE A 84 -58.65 -13.03 -7.71
CA ILE A 84 -58.38 -14.20 -8.52
C ILE A 84 -57.13 -14.92 -8.02
N ILE A 85 -56.02 -14.20 -7.92
CA ILE A 85 -54.75 -14.74 -7.42
C ILE A 85 -54.59 -14.28 -5.98
N ARG A 86 -54.42 -15.23 -5.06
CA ARG A 86 -54.49 -14.94 -3.64
C ARG A 86 -53.18 -15.08 -2.88
N GLY A 87 -52.24 -15.89 -3.35
CA GLY A 87 -51.06 -16.11 -2.55
C GLY A 87 -49.97 -16.84 -3.30
N TRP A 88 -48.95 -17.21 -2.54
CA TRP A 88 -47.75 -17.86 -3.07
C TRP A 88 -47.24 -18.91 -2.10
N ILE A 89 -46.46 -19.84 -2.64
CA ILE A 89 -45.91 -20.95 -1.89
C ILE A 89 -44.42 -21.05 -2.21
N PHE A 90 -43.58 -21.06 -1.17
CA PHE A 90 -42.13 -21.16 -1.35
C PHE A 90 -41.56 -22.31 -0.54
N GLY A 91 -40.53 -22.93 -1.10
CA GLY A 91 -39.85 -24.01 -0.41
C GLY A 91 -38.87 -24.68 -1.35
N THR A 92 -38.27 -25.77 -0.86
CA THR A 92 -37.36 -26.59 -1.65
C THR A 92 -37.97 -27.92 -2.05
N THR A 93 -38.53 -28.66 -1.09
CA THR A 93 -39.18 -29.93 -1.36
C THR A 93 -40.70 -29.86 -1.24
N LEU A 94 -41.24 -28.78 -0.66
CA LEU A 94 -42.68 -28.60 -0.52
C LEU A 94 -43.34 -29.77 0.22
N ASP A 95 -42.67 -30.25 1.26
CA ASP A 95 -43.19 -31.34 2.09
C ASP A 95 -42.92 -31.01 3.55
N SER A 96 -43.38 -31.89 4.44
CA SER A 96 -43.26 -31.67 5.87
C SER A 96 -41.82 -31.81 6.37
N LYS A 97 -40.91 -32.35 5.55
CA LYS A 97 -39.55 -32.56 6.02
C LYS A 97 -38.77 -31.24 6.11
N THR A 98 -39.15 -30.25 5.30
CA THR A 98 -38.44 -28.97 5.26
C THR A 98 -39.42 -27.84 5.51
N GLN A 99 -38.90 -26.72 6.04
CA GLN A 99 -39.72 -25.56 6.30
C GLN A 99 -40.22 -24.94 4.99
N SER A 100 -41.41 -24.35 5.07
CA SER A 100 -42.10 -23.84 3.90
C SER A 100 -42.79 -22.53 4.21
N LEU A 101 -42.80 -21.65 3.20
CA LEU A 101 -43.37 -20.31 3.27
C LEU A 101 -44.73 -20.31 2.57
N LEU A 102 -45.73 -19.75 3.23
CA LEU A 102 -47.04 -19.55 2.62
C LEU A 102 -47.44 -18.09 2.77
N ILE A 103 -47.77 -17.45 1.66
CA ILE A 103 -48.30 -16.09 1.64
C ILE A 103 -49.74 -16.18 1.19
N VAL A 104 -50.67 -15.65 1.99
CA VAL A 104 -52.10 -15.69 1.69
C VAL A 104 -52.68 -14.31 1.88
N ASN A 105 -53.53 -13.88 0.95
CA ASN A 105 -54.21 -12.60 1.05
C ASN A 105 -55.71 -12.83 0.94
N ASN A 106 -56.46 -12.20 1.85
CA ASN A 106 -57.91 -12.18 1.80
C ASN A 106 -58.37 -10.74 1.68
N ALA A 107 -59.69 -10.52 1.75
CA ALA A 107 -60.23 -9.18 1.63
C ALA A 107 -59.93 -8.31 2.84
N THR A 108 -59.41 -8.88 3.94
CA THR A 108 -59.18 -8.13 5.17
C THR A 108 -57.70 -7.84 5.42
N ASN A 109 -56.83 -8.82 5.25
CA ASN A 109 -55.43 -8.66 5.63
C ASN A 109 -54.57 -9.63 4.82
N VAL A 110 -53.31 -9.75 5.21
CA VAL A 110 -52.37 -10.68 4.60
C VAL A 110 -51.71 -11.48 5.72
N VAL A 111 -51.66 -12.81 5.55
CA VAL A 111 -51.07 -13.73 6.51
C VAL A 111 -49.89 -14.42 5.85
N ILE A 112 -48.73 -14.34 6.50
CA ILE A 112 -47.51 -15.00 6.05
C ILE A 112 -47.12 -15.99 7.14
N LYS A 113 -47.07 -17.28 6.80
CA LYS A 113 -46.77 -18.31 7.78
C LYS A 113 -45.65 -19.21 7.28
N VAL A 114 -44.74 -19.54 8.18
CA VAL A 114 -43.55 -20.32 7.87
C VAL A 114 -43.59 -21.57 8.74
N CYS A 115 -44.18 -22.63 8.23
CA CYS A 115 -44.34 -23.84 9.03
C CYS A 115 -43.80 -25.02 8.23
N GLU A 116 -43.93 -26.23 8.77
CA GLU A 116 -43.58 -27.43 8.02
C GLU A 116 -44.81 -27.94 7.27
N PHE A 117 -45.26 -27.13 6.30
CA PHE A 117 -46.42 -27.51 5.50
C PHE A 117 -46.14 -28.76 4.70
N GLN A 118 -47.17 -29.57 4.50
CA GLN A 118 -47.16 -30.68 3.55
C GLN A 118 -48.06 -30.25 2.40
N PHE A 119 -47.47 -29.57 1.42
CA PHE A 119 -48.24 -28.92 0.36
C PHE A 119 -48.82 -29.96 -0.60
N CYS A 120 -49.93 -29.56 -1.24
CA CYS A 120 -50.55 -30.39 -2.26
C CYS A 120 -49.87 -30.18 -3.62
N ASN A 121 -50.07 -31.15 -4.51
CA ASN A 121 -49.50 -31.05 -5.84
C ASN A 121 -50.09 -29.88 -6.62
N ASP A 122 -51.41 -29.68 -6.50
CA ASP A 122 -52.11 -28.60 -7.17
C ASP A 122 -52.88 -27.80 -6.13
N PRO A 123 -52.19 -26.99 -5.33
CA PRO A 123 -52.86 -26.26 -4.25
C PRO A 123 -53.62 -25.05 -4.76
N PHE A 124 -54.73 -24.75 -4.08
CA PHE A 124 -55.56 -23.61 -4.39
C PHE A 124 -56.41 -23.26 -3.18
N LEU A 125 -56.93 -22.04 -3.17
CA LEU A 125 -57.79 -21.56 -2.10
C LEU A 125 -59.24 -21.61 -2.58
N ASP A 126 -60.06 -22.40 -1.89
CA ASP A 126 -61.46 -22.57 -2.24
C ASP A 126 -62.32 -21.70 -1.35
N VAL A 127 -63.15 -20.86 -1.97
CA VAL A 127 -64.06 -20.02 -1.21
C VAL A 127 -65.46 -20.62 -1.25
N MET A 136 -66.50 -18.09 3.28
CA MET A 136 -65.30 -18.41 4.04
C MET A 136 -64.18 -18.89 3.12
N GLU A 137 -62.95 -18.90 3.64
CA GLU A 137 -61.78 -19.34 2.89
C GLU A 137 -61.20 -20.57 3.56
N SER A 138 -60.92 -21.59 2.75
CA SER A 138 -60.39 -22.86 3.23
C SER A 138 -58.97 -23.05 2.69
N GLU A 139 -58.06 -23.46 3.57
CA GLU A 139 -56.68 -23.74 3.20
C GLU A 139 -56.39 -25.24 3.11
N PHE A 140 -57.43 -26.09 3.17
CA PHE A 140 -57.22 -27.53 3.16
C PHE A 140 -56.71 -28.00 1.80
N ARG A 141 -57.15 -27.37 0.71
CA ARG A 141 -56.66 -27.73 -0.61
C ARG A 141 -55.23 -27.29 -0.84
N VAL A 142 -54.67 -26.46 0.03
CA VAL A 142 -53.29 -25.99 -0.11
C VAL A 142 -52.30 -26.96 0.53
N TYR A 143 -52.57 -27.35 1.78
CA TYR A 143 -51.67 -28.21 2.53
C TYR A 143 -52.47 -29.28 3.24
N SER A 144 -51.75 -30.28 3.78
CA SER A 144 -52.37 -31.34 4.56
C SER A 144 -51.98 -31.28 6.04
N SER A 145 -50.69 -31.23 6.33
CA SER A 145 -50.21 -31.18 7.72
C SER A 145 -49.21 -30.05 7.87
N ALA A 146 -49.35 -29.28 8.95
CA ALA A 146 -48.42 -28.19 9.26
C ALA A 146 -48.08 -28.25 10.74
N ASN A 147 -46.80 -28.41 11.05
CA ASN A 147 -46.31 -28.44 12.42
C ASN A 147 -44.98 -27.70 12.46
N ASN A 148 -44.37 -27.66 13.65
CA ASN A 148 -43.01 -27.15 13.82
C ASN A 148 -42.86 -25.71 13.35
N CYS A 149 -43.93 -24.92 13.46
CA CYS A 149 -43.93 -23.59 12.90
C CYS A 149 -43.03 -22.65 13.71
N THR A 150 -42.46 -21.66 13.01
CA THR A 150 -41.52 -20.74 13.62
C THR A 150 -41.74 -19.27 13.26
N PHE A 151 -42.78 -18.95 12.49
CA PHE A 151 -42.97 -17.57 12.04
C PHE A 151 -44.41 -17.40 11.59
N GLU A 152 -45.10 -16.42 12.17
CA GLU A 152 -46.40 -15.98 11.69
C GLU A 152 -46.43 -14.46 11.69
N TYR A 153 -46.99 -13.88 10.62
CA TYR A 153 -46.99 -12.43 10.46
C TYR A 153 -48.27 -12.02 9.76
N VAL A 154 -49.08 -11.19 10.41
CA VAL A 154 -50.33 -10.71 9.87
C VAL A 154 -50.26 -9.20 9.73
N SER A 155 -50.56 -8.69 8.54
CA SER A 155 -50.46 -7.25 8.30
C SER A 155 -51.55 -6.83 7.31
N GLN A 156 -51.50 -5.58 6.88
CA GLN A 156 -52.48 -5.06 5.94
C GLN A 156 -52.32 -5.73 4.57
N PRO A 157 -53.40 -5.89 3.83
CA PRO A 157 -53.28 -6.49 2.50
C PRO A 157 -52.56 -5.57 1.53
N PHE A 158 -51.88 -6.18 0.56
CA PHE A 158 -51.19 -5.44 -0.48
C PHE A 158 -51.80 -5.63 -1.86
N LEU A 159 -52.86 -6.43 -1.98
CA LEU A 159 -53.57 -6.62 -3.24
C LEU A 159 -54.85 -5.79 -3.21
N MET A 160 -54.70 -4.49 -3.45
CA MET A 160 -55.84 -3.58 -3.51
C MET A 160 -56.42 -3.55 -4.92
N ASP A 161 -57.51 -2.81 -5.07
CA ASP A 161 -58.18 -2.65 -6.37
C ASP A 161 -58.16 -1.20 -6.80
N LYS A 170 -57.48 -4.05 -15.28
CA LYS A 170 -57.52 -2.59 -15.36
C LYS A 170 -56.27 -1.99 -14.71
N ASN A 171 -55.82 -2.60 -13.63
CA ASN A 171 -54.60 -2.18 -12.94
C ASN A 171 -53.56 -3.28 -12.99
N LEU A 172 -52.29 -2.88 -12.99
CA LEU A 172 -51.17 -3.80 -13.00
C LEU A 172 -50.56 -3.85 -11.60
N ARG A 173 -50.35 -5.05 -11.09
CA ARG A 173 -49.63 -5.27 -9.86
C ARG A 173 -48.34 -6.00 -10.18
N GLU A 174 -47.22 -5.38 -9.82
CA GLU A 174 -45.89 -5.93 -10.09
C GLU A 174 -45.21 -6.16 -8.75
N PHE A 175 -44.80 -7.40 -8.51
CA PHE A 175 -44.11 -7.82 -7.29
C PHE A 175 -42.73 -8.37 -7.64
N VAL A 176 -41.80 -8.22 -6.71
CA VAL A 176 -40.46 -8.80 -6.85
C VAL A 176 -40.11 -9.47 -5.53
N PHE A 177 -39.64 -10.71 -5.61
CA PHE A 177 -39.26 -11.51 -4.45
C PHE A 177 -37.75 -11.72 -4.44
N LYS A 178 -37.18 -11.72 -3.24
CA LYS A 178 -35.74 -11.95 -3.10
C LYS A 178 -35.49 -12.69 -1.80
N ASN A 179 -34.40 -13.46 -1.76
CA ASN A 179 -33.99 -14.19 -0.57
C ASN A 179 -32.48 -14.05 -0.44
N ILE A 180 -32.05 -13.14 0.43
CA ILE A 180 -30.63 -12.81 0.59
C ILE A 180 -30.26 -12.97 2.06
N ASP A 181 -29.20 -13.75 2.31
CA ASP A 181 -28.62 -14.00 3.64
C ASP A 181 -29.68 -14.19 4.73
N GLY A 182 -30.66 -15.04 4.43
CA GLY A 182 -31.67 -15.41 5.41
C GLY A 182 -32.83 -14.46 5.55
N TYR A 183 -32.84 -13.37 4.79
CA TYR A 183 -33.93 -12.39 4.81
C TYR A 183 -34.69 -12.49 3.50
N PHE A 184 -36.01 -12.54 3.60
CA PHE A 184 -36.90 -12.66 2.45
C PHE A 184 -37.58 -11.31 2.24
N LYS A 185 -37.37 -10.73 1.06
CA LYS A 185 -37.83 -9.38 0.75
C LYS A 185 -38.88 -9.43 -0.35
N ILE A 186 -39.92 -8.60 -0.18
CA ILE A 186 -40.97 -8.42 -1.18
C ILE A 186 -41.09 -6.94 -1.46
N TYR A 187 -41.05 -6.58 -2.74
CA TYR A 187 -41.37 -5.24 -3.21
C TYR A 187 -42.60 -5.32 -4.11
N SER A 188 -43.44 -4.27 -4.07
CA SER A 188 -44.70 -4.32 -4.79
C SER A 188 -45.10 -2.92 -5.23
N LYS A 189 -45.86 -2.87 -6.32
CA LYS A 189 -46.35 -1.59 -6.83
C LYS A 189 -47.55 -1.81 -7.74
N HIS A 190 -48.45 -0.82 -7.76
CA HIS A 190 -49.62 -0.79 -8.60
C HIS A 190 -49.48 0.29 -9.68
N THR A 191 -50.08 0.04 -10.84
CA THR A 191 -49.99 0.94 -11.98
C THR A 191 -51.33 1.00 -12.71
N PRO A 192 -51.93 2.19 -12.83
CA PRO A 192 -53.22 2.34 -13.55
C PRO A 192 -53.07 2.34 -15.07
N ILE A 193 -53.01 1.13 -15.64
CA ILE A 193 -52.84 0.99 -17.08
C ILE A 193 -54.19 1.14 -17.80
N ASN A 194 -54.12 1.42 -19.10
CA ASN A 194 -55.32 1.61 -19.90
C ASN A 194 -55.02 1.56 -21.39
N LEU A 195 -55.75 0.70 -22.12
CA LEU A 195 -55.71 0.65 -23.58
C LEU A 195 -54.29 0.45 -24.10
N GLU A 196 -53.56 -0.48 -23.49
CA GLU A 196 -52.20 -0.79 -23.91
C GLU A 196 -51.93 -2.26 -23.66
N ARG A 197 -50.75 -2.72 -24.09
CA ARG A 197 -50.33 -4.07 -23.78
C ARG A 197 -50.15 -4.24 -22.28
N ASP A 198 -50.22 -5.49 -21.83
CA ASP A 198 -50.13 -5.78 -20.40
C ASP A 198 -48.76 -5.44 -19.83
N LEU A 199 -47.78 -5.07 -20.65
CA LEU A 199 -46.49 -4.56 -20.20
C LEU A 199 -46.25 -3.23 -20.89
N PRO A 200 -46.85 -2.15 -20.40
CA PRO A 200 -46.76 -0.86 -21.09
C PRO A 200 -45.34 -0.32 -21.08
N GLN A 201 -45.16 0.77 -21.83
CA GLN A 201 -43.92 1.52 -21.81
C GLN A 201 -43.92 2.45 -20.59
N GLY A 202 -42.99 3.40 -20.55
CA GLY A 202 -42.89 4.27 -19.42
C GLY A 202 -42.12 3.62 -18.28
N PHE A 203 -42.15 4.27 -17.13
CA PHE A 203 -41.39 3.80 -15.97
C PHE A 203 -42.28 3.82 -14.74
N SER A 204 -42.14 2.81 -13.90
CA SER A 204 -42.86 2.72 -12.63
C SER A 204 -41.94 2.11 -11.59
N ALA A 205 -41.53 2.91 -10.60
CA ALA A 205 -40.65 2.42 -9.56
C ALA A 205 -41.37 1.41 -8.66
N LEU A 206 -40.63 0.41 -8.20
CA LEU A 206 -41.18 -0.69 -7.40
C LEU A 206 -40.80 -0.44 -5.94
N GLU A 207 -41.71 0.15 -5.18
CA GLU A 207 -41.41 0.48 -3.80
C GLU A 207 -41.28 -0.79 -2.95
N PRO A 208 -40.44 -0.78 -1.92
CA PRO A 208 -40.33 -1.94 -1.04
C PRO A 208 -41.61 -2.14 -0.24
N LEU A 209 -41.89 -3.41 0.07
CA LEU A 209 -43.07 -3.77 0.83
C LEU A 209 -42.73 -4.33 2.19
N VAL A 210 -41.96 -5.40 2.27
CA VAL A 210 -41.75 -6.05 3.56
C VAL A 210 -40.50 -6.93 3.50
N ASP A 211 -39.71 -6.90 4.57
CA ASP A 211 -38.59 -7.81 4.77
C ASP A 211 -38.87 -8.67 6.00
N LEU A 212 -38.57 -9.96 5.88
CA LEU A 212 -38.85 -10.91 6.96
C LEU A 212 -37.61 -11.74 7.24
N PRO A 213 -37.23 -11.92 8.51
CA PRO A 213 -36.05 -12.74 8.89
C PRO A 213 -36.38 -14.23 8.91
N ILE A 214 -36.26 -14.85 7.75
CA ILE A 214 -36.82 -16.19 7.54
C ILE A 214 -35.85 -17.26 8.05
N GLY A 215 -34.66 -17.32 7.46
CA GLY A 215 -33.63 -18.25 7.91
C GLY A 215 -33.53 -19.55 7.15
N ILE A 216 -34.23 -19.70 6.02
CA ILE A 216 -34.14 -20.89 5.18
C ILE A 216 -33.90 -20.45 3.75
N ASN A 217 -33.51 -21.41 2.90
CA ASN A 217 -33.11 -21.13 1.53
C ASN A 217 -34.03 -21.86 0.56
N ILE A 218 -34.48 -21.14 -0.47
CA ILE A 218 -35.58 -21.55 -1.34
C ILE A 218 -35.05 -21.85 -2.73
N THR A 219 -35.62 -22.88 -3.36
CA THR A 219 -35.28 -23.23 -4.74
C THR A 219 -36.49 -23.34 -5.67
N ARG A 220 -37.71 -23.34 -5.15
CA ARG A 220 -38.89 -23.58 -5.98
C ARG A 220 -40.07 -22.82 -5.43
N PHE A 221 -40.91 -22.29 -6.33
CA PHE A 221 -42.09 -21.54 -5.94
C PHE A 221 -43.25 -21.92 -6.86
N GLN A 222 -44.46 -21.54 -6.43
CA GLN A 222 -45.68 -21.90 -7.15
C GLN A 222 -46.73 -20.84 -6.84
N THR A 223 -47.72 -20.71 -7.73
CA THR A 223 -48.72 -19.66 -7.66
C THR A 223 -50.07 -20.20 -7.24
N LEU A 224 -50.67 -19.57 -6.23
CA LEU A 224 -51.98 -19.96 -5.71
C LEU A 224 -53.09 -19.25 -6.47
N LEU A 225 -54.22 -19.94 -6.64
CA LEU A 225 -55.35 -19.41 -7.38
C LEU A 225 -56.62 -19.60 -6.56
N ALA A 226 -57.53 -18.65 -6.67
CA ALA A 226 -58.81 -18.70 -5.96
C ALA A 226 -59.85 -19.40 -6.81
N LEU A 227 -60.56 -20.35 -6.22
CA LEU A 227 -61.63 -21.08 -6.90
C LEU A 227 -62.90 -20.97 -6.06
N HIS A 228 -64.00 -20.63 -6.73
CA HIS A 228 -65.31 -20.53 -6.09
C HIS A 228 -66.07 -21.84 -6.31
N ARG A 229 -66.65 -22.38 -5.24
CA ARG A 229 -67.42 -23.61 -5.36
C ARG A 229 -68.61 -23.39 -6.29
N SER A 230 -68.77 -24.31 -7.25
CA SER A 230 -69.86 -24.19 -8.21
C SER A 230 -71.21 -24.32 -7.53
N TYR A 231 -71.33 -25.24 -6.56
CA TYR A 231 -72.59 -25.52 -5.86
C TYR A 231 -73.69 -25.90 -6.85
N LEU A 232 -73.32 -26.65 -7.87
CA LEU A 232 -74.28 -27.11 -8.88
C LEU A 232 -73.90 -28.48 -9.42
N SER A 239 -66.86 -31.10 -11.33
CA SER A 239 -67.14 -29.69 -11.57
C SER A 239 -67.61 -28.99 -10.30
N GLY A 240 -66.97 -29.32 -9.18
CA GLY A 240 -67.31 -28.71 -7.91
C GLY A 240 -66.81 -27.29 -7.73
N TRP A 241 -65.99 -26.81 -8.64
CA TRP A 241 -65.45 -25.45 -8.60
C TRP A 241 -65.73 -24.76 -9.93
N THR A 242 -66.08 -23.49 -9.86
CA THR A 242 -66.41 -22.73 -11.06
C THR A 242 -65.18 -22.59 -11.95
N ALA A 243 -65.39 -22.69 -13.26
CA ALA A 243 -64.31 -22.55 -14.22
C ALA A 243 -63.75 -21.13 -14.20
N GLY A 244 -62.44 -21.01 -14.40
CA GLY A 244 -61.81 -19.70 -14.38
C GLY A 244 -60.51 -19.70 -15.16
N ALA A 245 -60.02 -18.48 -15.41
CA ALA A 245 -58.77 -18.29 -16.14
C ALA A 245 -57.98 -17.17 -15.48
N ALA A 246 -56.66 -17.35 -15.42
CA ALA A 246 -55.77 -16.36 -14.85
C ALA A 246 -54.52 -16.24 -15.71
N ALA A 247 -54.06 -15.00 -15.91
CA ALA A 247 -52.85 -14.73 -16.68
C ALA A 247 -51.85 -14.01 -15.79
N TYR A 248 -50.61 -14.50 -15.79
CA TYR A 248 -49.58 -13.88 -14.98
C TYR A 248 -48.22 -14.02 -15.64
N TYR A 249 -47.35 -13.05 -15.39
CA TYR A 249 -46.07 -12.94 -16.08
C TYR A 249 -44.94 -13.23 -15.10
N VAL A 250 -44.04 -14.12 -15.51
CA VAL A 250 -42.92 -14.57 -14.69
C VAL A 250 -41.63 -14.17 -15.37
N GLY A 251 -40.76 -13.45 -14.64
CA GLY A 251 -39.44 -13.14 -15.10
C GLY A 251 -38.42 -13.46 -14.02
N TYR A 252 -37.16 -13.54 -14.43
CA TYR A 252 -36.09 -13.92 -13.53
C TYR A 252 -35.02 -12.83 -13.47
N LEU A 253 -34.40 -12.70 -12.31
CA LEU A 253 -33.40 -11.68 -12.06
C LEU A 253 -32.00 -12.24 -12.29
N GLN A 254 -31.09 -11.36 -12.67
CA GLN A 254 -29.67 -11.66 -12.82
C GLN A 254 -28.87 -10.55 -12.17
N PRO A 255 -27.64 -10.83 -11.75
CA PRO A 255 -26.77 -9.77 -11.23
C PRO A 255 -26.36 -8.81 -12.33
N ARG A 256 -26.92 -7.59 -12.30
CA ARG A 256 -26.66 -6.60 -13.31
C ARG A 256 -26.39 -5.26 -12.64
N THR A 257 -25.71 -4.38 -13.39
CA THR A 257 -25.50 -3.01 -12.99
C THR A 257 -26.54 -2.13 -13.66
N PHE A 258 -27.17 -1.25 -12.88
CA PHE A 258 -28.16 -0.31 -13.39
C PHE A 258 -27.77 1.10 -12.95
N LEU A 259 -28.01 2.07 -13.83
CA LEU A 259 -27.81 3.48 -13.49
C LEU A 259 -29.19 4.14 -13.39
N LEU A 260 -29.54 4.59 -12.18
CA LEU A 260 -30.83 5.17 -11.89
C LEU A 260 -30.71 6.67 -11.67
N LYS A 261 -31.77 7.39 -12.00
CA LYS A 261 -31.82 8.84 -11.86
C LYS A 261 -32.82 9.18 -10.76
N TYR A 262 -32.31 9.66 -9.62
CA TYR A 262 -33.14 10.12 -8.52
C TYR A 262 -33.48 11.60 -8.75
N ASN A 263 -34.77 11.91 -8.78
CA ASN A 263 -35.23 13.27 -9.03
C ASN A 263 -35.12 14.08 -7.74
N GLU A 264 -35.75 15.26 -7.73
CA GLU A 264 -35.64 16.14 -6.57
C GLU A 264 -36.40 15.59 -5.37
N ASN A 265 -37.47 14.84 -5.61
CA ASN A 265 -38.28 14.29 -4.52
C ASN A 265 -37.82 12.92 -4.04
N GLY A 266 -36.81 12.34 -4.67
CA GLY A 266 -36.29 11.05 -4.25
C GLY A 266 -36.84 9.87 -5.01
N THR A 267 -37.83 10.06 -5.86
CA THR A 267 -38.41 8.98 -6.65
C THR A 267 -37.62 8.80 -7.94
N ILE A 268 -37.18 7.57 -8.19
CA ILE A 268 -36.48 7.30 -9.44
C ILE A 268 -37.44 7.46 -10.60
N THR A 269 -36.97 8.13 -11.66
CA THR A 269 -37.79 8.40 -12.84
C THR A 269 -37.22 7.83 -14.13
N ASP A 270 -35.93 7.51 -14.17
CA ASP A 270 -35.33 6.94 -15.36
C ASP A 270 -34.18 6.03 -14.95
N ALA A 271 -33.87 5.08 -15.82
CA ALA A 271 -32.78 4.15 -15.55
C ALA A 271 -32.27 3.60 -16.87
N VAL A 272 -31.01 3.19 -16.85
CA VAL A 272 -30.39 2.54 -18.00
C VAL A 272 -29.74 1.24 -17.54
N ASP A 273 -29.96 0.18 -18.31
CA ASP A 273 -29.32 -1.11 -18.09
C ASP A 273 -27.90 -1.04 -18.63
N CYS A 274 -26.95 -1.52 -17.84
CA CYS A 274 -25.57 -1.11 -18.10
C CYS A 274 -24.88 -1.97 -19.14
N ALA A 275 -25.47 -3.11 -19.53
CA ALA A 275 -24.86 -3.98 -20.52
C ALA A 275 -25.83 -4.38 -21.62
N LEU A 276 -26.80 -3.52 -21.94
CA LEU A 276 -27.79 -3.84 -22.95
C LEU A 276 -27.24 -3.62 -24.36
N ASP A 277 -26.85 -2.39 -24.67
CA ASP A 277 -26.33 -2.01 -25.97
C ASP A 277 -25.18 -1.04 -25.76
N PRO A 278 -24.30 -0.87 -26.75
CA PRO A 278 -23.11 -0.03 -26.54
C PRO A 278 -23.42 1.39 -26.10
N LEU A 279 -24.49 2.00 -26.62
CA LEU A 279 -24.82 3.36 -26.22
C LEU A 279 -25.12 3.43 -24.72
N SER A 280 -25.88 2.47 -24.21
CA SER A 280 -26.13 2.42 -22.77
C SER A 280 -24.86 2.13 -22.00
N GLU A 281 -23.92 1.39 -22.59
CA GLU A 281 -22.63 1.16 -21.93
C GLU A 281 -21.85 2.46 -21.78
N THR A 282 -21.83 3.29 -22.83
CA THR A 282 -21.18 4.59 -22.70
C THR A 282 -21.91 5.47 -21.70
N LYS A 283 -23.24 5.41 -21.69
CA LYS A 283 -24.01 6.16 -20.71
C LYS A 283 -23.65 5.73 -19.29
N CYS A 284 -23.35 4.45 -19.09
CA CYS A 284 -22.83 4.00 -17.81
C CYS A 284 -21.46 4.58 -17.52
N THR A 285 -20.54 4.48 -18.48
CA THR A 285 -19.15 4.83 -18.20
C THR A 285 -19.02 6.32 -17.90
N LEU A 286 -19.80 7.15 -18.60
CA LEU A 286 -19.74 8.58 -18.39
C LEU A 286 -20.56 9.05 -17.18
N LYS A 287 -21.35 8.16 -16.57
CA LYS A 287 -22.22 8.52 -15.45
C LYS A 287 -23.14 9.68 -15.81
N SER A 288 -23.68 9.66 -17.02
CA SER A 288 -24.55 10.71 -17.49
C SER A 288 -25.58 10.13 -18.46
N PHE A 289 -26.68 10.85 -18.63
CA PHE A 289 -27.76 10.42 -19.51
C PHE A 289 -27.66 11.01 -20.91
N THR A 290 -26.82 12.01 -21.12
CA THR A 290 -26.59 12.60 -22.44
C THR A 290 -25.12 12.44 -22.78
N VAL A 291 -24.84 12.02 -24.01
CA VAL A 291 -23.49 11.75 -24.47
C VAL A 291 -23.16 12.73 -25.59
N GLU A 292 -22.06 13.47 -25.42
CA GLU A 292 -21.62 14.40 -26.43
C GLU A 292 -20.94 13.66 -27.57
N LYS A 293 -20.77 14.35 -28.70
CA LYS A 293 -20.14 13.74 -29.86
C LYS A 293 -18.67 13.43 -29.57
N GLY A 294 -18.25 12.24 -29.97
CA GLY A 294 -16.89 11.82 -29.78
C GLY A 294 -16.77 10.32 -29.76
N ILE A 295 -15.54 9.86 -29.52
CA ILE A 295 -15.22 8.45 -29.41
C ILE A 295 -14.82 8.16 -27.96
N TYR A 296 -15.46 7.16 -27.36
CA TYR A 296 -15.27 6.85 -25.95
C TYR A 296 -14.79 5.41 -25.79
N GLN A 297 -13.78 5.23 -24.95
CA GLN A 297 -13.29 3.90 -24.59
C GLN A 297 -14.08 3.41 -23.38
N THR A 298 -14.79 2.31 -23.54
CA THR A 298 -15.74 1.84 -22.54
C THR A 298 -15.33 0.52 -21.90
N SER A 299 -15.12 -0.53 -22.69
CA SER A 299 -14.92 -1.87 -22.16
C SER A 299 -13.80 -2.56 -22.92
N ASN A 300 -13.57 -3.83 -22.55
CA ASN A 300 -12.55 -4.66 -23.18
C ASN A 300 -13.21 -5.90 -23.78
N PHE A 301 -12.76 -6.26 -24.98
CA PHE A 301 -13.28 -7.41 -25.71
C PHE A 301 -12.30 -8.58 -25.58
N ARG A 302 -12.87 -9.76 -25.31
CA ARG A 302 -12.11 -10.97 -25.07
C ARG A 302 -12.63 -12.10 -25.95
N VAL A 303 -11.78 -13.09 -26.17
CA VAL A 303 -12.16 -14.33 -26.85
C VAL A 303 -12.23 -15.43 -25.81
N GLN A 304 -13.44 -15.87 -25.51
CA GLN A 304 -13.63 -16.86 -24.45
C GLN A 304 -13.10 -18.22 -24.90
N PRO A 305 -12.45 -18.98 -24.01
CA PRO A 305 -11.98 -20.31 -24.37
C PRO A 305 -13.14 -21.25 -24.68
N THR A 306 -12.87 -22.23 -25.55
CA THR A 306 -13.88 -23.17 -26.00
C THR A 306 -13.76 -24.54 -25.34
N GLU A 307 -12.58 -25.15 -25.39
CA GLU A 307 -12.38 -26.51 -24.90
C GLU A 307 -11.29 -26.53 -23.85
N SER A 308 -11.24 -27.64 -23.12
CA SER A 308 -10.19 -27.90 -22.14
C SER A 308 -9.37 -29.09 -22.59
N ILE A 309 -8.04 -28.92 -22.65
CA ILE A 309 -7.13 -29.95 -23.10
C ILE A 309 -6.18 -30.28 -21.97
N VAL A 310 -6.10 -31.56 -21.61
CA VAL A 310 -5.19 -32.04 -20.58
C VAL A 310 -4.25 -33.03 -21.25
N ARG A 311 -2.97 -32.67 -21.34
CA ARG A 311 -1.95 -33.52 -21.94
C ARG A 311 -0.93 -33.87 -20.87
N PHE A 312 -0.70 -35.17 -20.67
CA PHE A 312 0.29 -35.64 -19.69
C PHE A 312 1.10 -36.76 -20.36
N PRO A 313 2.20 -37.27 -19.75
CA PRO A 313 3.03 -38.28 -20.39
C PRO A 313 2.25 -39.59 -20.63
N ASN A 314 2.71 -40.40 -21.58
CA ASN A 314 2.04 -41.69 -21.93
C ASN A 314 2.06 -42.61 -20.70
N ILE A 315 1.01 -43.42 -20.53
CA ILE A 315 0.91 -44.30 -19.32
C ILE A 315 1.78 -45.55 -19.51
N THR A 316 2.79 -45.73 -18.65
CA THR A 316 3.70 -46.86 -18.71
C THR A 316 4.30 -47.06 -17.32
N ASN A 317 4.86 -48.25 -17.11
CA ASN A 317 5.51 -48.62 -15.84
C ASN A 317 4.53 -48.50 -14.67
N LEU A 318 3.45 -49.27 -14.76
CA LEU A 318 2.44 -49.30 -13.72
C LEU A 318 2.96 -50.09 -12.51
N CYS A 319 2.47 -49.73 -11.33
CA CYS A 319 2.86 -50.44 -10.13
C CYS A 319 2.36 -51.88 -10.19
N PRO A 320 3.16 -52.85 -9.78
CA PRO A 320 2.76 -54.26 -9.92
C PRO A 320 1.67 -54.67 -8.94
N PHE A 321 0.48 -54.09 -9.08
CA PHE A 321 -0.63 -54.49 -8.24
C PHE A 321 -1.16 -55.88 -8.63
N HIS A 322 -0.98 -56.27 -9.89
CA HIS A 322 -1.42 -57.59 -10.32
C HIS A 322 -0.59 -58.71 -9.71
N GLU A 323 0.61 -58.41 -9.21
CA GLU A 323 1.44 -59.41 -8.56
C GLU A 323 1.17 -59.53 -7.06
N VAL A 324 0.38 -58.63 -6.50
CA VAL A 324 0.07 -58.65 -5.07
C VAL A 324 -1.31 -59.26 -4.81
N PHE A 325 -2.34 -58.76 -5.51
CA PHE A 325 -3.69 -59.26 -5.32
C PHE A 325 -3.96 -60.56 -6.08
N ASN A 326 -3.10 -60.91 -7.03
CA ASN A 326 -3.25 -62.13 -7.83
C ASN A 326 -1.95 -62.93 -7.69
N ALA A 327 -1.90 -63.78 -6.68
CA ALA A 327 -0.75 -64.64 -6.43
C ALA A 327 -1.21 -66.08 -6.31
N THR A 328 -0.40 -67.00 -6.85
CA THR A 328 -0.74 -68.42 -6.76
C THR A 328 -0.78 -68.89 -5.31
N THR A 329 0.20 -68.47 -4.50
CA THR A 329 0.26 -68.83 -3.10
C THR A 329 0.45 -67.58 -2.26
N PHE A 330 -0.34 -67.44 -1.20
CA PHE A 330 -0.24 -66.32 -0.29
C PHE A 330 0.66 -66.69 0.89
N ALA A 331 0.71 -65.81 1.89
CA ALA A 331 1.56 -66.00 3.06
C ALA A 331 0.71 -66.09 4.31
N SER A 332 1.25 -66.76 5.32
CA SER A 332 0.59 -66.83 6.62
C SER A 332 0.55 -65.43 7.25
N VAL A 333 -0.41 -65.25 8.16
CA VAL A 333 -0.61 -63.93 8.76
C VAL A 333 0.57 -63.55 9.65
N TYR A 334 1.13 -64.53 10.38
CA TYR A 334 2.28 -64.24 11.22
C TYR A 334 3.49 -63.83 10.39
N ALA A 335 3.72 -64.53 9.28
CA ALA A 335 4.74 -64.13 8.31
C ALA A 335 4.10 -63.41 7.13
N TRP A 336 3.48 -62.26 7.43
CA TRP A 336 2.77 -61.50 6.42
C TRP A 336 3.75 -60.94 5.39
N ASN A 337 3.36 -61.02 4.11
CA ASN A 337 4.26 -60.59 3.03
C ASN A 337 4.18 -59.08 2.85
N ARG A 338 5.32 -58.41 2.93
CA ARG A 338 5.38 -56.97 2.76
C ARG A 338 6.17 -56.64 1.50
N LYS A 339 5.57 -55.83 0.63
CA LYS A 339 6.20 -55.39 -0.60
C LYS A 339 6.19 -53.87 -0.66
N ARG A 340 7.35 -53.29 -0.98
CA ARG A 340 7.47 -51.85 -1.11
C ARG A 340 7.16 -51.42 -2.54
N ILE A 341 6.43 -50.32 -2.67
CA ILE A 341 5.96 -49.82 -3.95
C ILE A 341 6.43 -48.38 -4.08
N SER A 342 7.21 -48.11 -5.13
CA SER A 342 7.77 -46.79 -5.40
C SER A 342 8.12 -46.72 -6.87
N ASN A 343 8.40 -45.50 -7.33
CA ASN A 343 8.83 -45.21 -8.71
C ASN A 343 7.97 -45.93 -9.73
N CYS A 344 6.66 -45.86 -9.54
CA CYS A 344 5.72 -46.46 -10.49
C CYS A 344 4.39 -45.75 -10.39
N VAL A 345 3.54 -45.98 -11.38
CA VAL A 345 2.20 -45.41 -11.43
C VAL A 345 1.24 -46.41 -10.77
N ALA A 346 0.53 -45.95 -9.74
CA ALA A 346 -0.31 -46.83 -8.93
C ALA A 346 -1.73 -46.79 -9.47
N ASP A 347 -2.08 -47.79 -10.29
CA ASP A 347 -3.41 -47.89 -10.87
C ASP A 347 -4.32 -48.61 -9.89
N TYR A 348 -5.14 -47.86 -9.17
CA TYR A 348 -6.11 -48.45 -8.26
C TYR A 348 -7.35 -48.97 -8.98
N SER A 349 -7.52 -48.64 -10.26
CA SER A 349 -8.68 -49.12 -11.01
C SER A 349 -8.68 -50.64 -11.13
N VAL A 350 -7.50 -51.23 -11.41
CA VAL A 350 -7.42 -52.68 -11.48
C VAL A 350 -7.65 -53.31 -10.11
N ILE A 351 -7.26 -52.61 -9.03
CA ILE A 351 -7.56 -53.10 -7.69
C ILE A 351 -9.06 -53.12 -7.45
N TYR A 352 -9.76 -52.05 -7.86
CA TYR A 352 -11.21 -51.99 -7.66
C TYR A 352 -11.94 -53.10 -8.41
N ASN A 353 -11.52 -53.36 -9.64
CA ASN A 353 -12.22 -54.29 -10.52
C ASN A 353 -11.67 -55.71 -10.46
N PHE A 354 -10.78 -56.01 -9.51
CA PHE A 354 -10.20 -57.34 -9.43
C PHE A 354 -11.26 -58.39 -9.14
N ALA A 355 -12.05 -58.18 -8.08
CA ALA A 355 -13.04 -59.14 -7.64
C ALA A 355 -13.91 -58.47 -6.58
N PRO A 356 -15.11 -59.00 -6.35
CA PRO A 356 -15.92 -58.49 -5.23
C PRO A 356 -15.18 -58.65 -3.91
N PHE A 357 -15.30 -57.65 -3.05
CA PHE A 357 -14.53 -57.57 -1.82
C PHE A 357 -15.46 -57.52 -0.63
N PHE A 358 -15.17 -58.33 0.39
CA PHE A 358 -15.94 -58.28 1.63
C PHE A 358 -15.79 -56.92 2.31
N ALA A 359 -14.57 -56.38 2.34
CA ALA A 359 -14.30 -55.09 2.94
C ALA A 359 -13.26 -54.34 2.11
N PHE A 360 -13.51 -53.06 1.90
CA PHE A 360 -12.60 -52.14 1.23
C PHE A 360 -12.44 -50.86 2.04
N LYS A 361 -12.13 -51.03 3.32
CA LYS A 361 -12.23 -49.93 4.28
C LYS A 361 -10.94 -49.11 4.28
N CYS A 362 -11.07 -47.81 4.07
CA CYS A 362 -9.92 -46.92 4.00
C CYS A 362 -9.91 -46.00 5.22
N TYR A 363 -8.77 -45.94 5.90
CA TYR A 363 -8.58 -45.09 7.07
C TYR A 363 -7.66 -43.94 6.71
N GLY A 364 -8.12 -42.72 6.95
CA GLY A 364 -7.34 -41.52 6.73
C GLY A 364 -7.39 -40.97 5.33
N VAL A 365 -7.87 -41.74 4.35
CA VAL A 365 -7.96 -41.31 2.97
C VAL A 365 -9.27 -41.82 2.38
N SER A 366 -9.94 -40.97 1.61
CA SER A 366 -11.12 -41.44 0.91
C SER A 366 -10.70 -42.28 -0.29
N PRO A 367 -11.45 -43.34 -0.61
CA PRO A 367 -11.08 -44.19 -1.76
C PRO A 367 -11.06 -43.44 -3.08
N THR A 368 -11.93 -42.45 -3.26
CA THR A 368 -12.00 -41.73 -4.53
C THR A 368 -10.76 -40.88 -4.76
N LYS A 369 -10.22 -40.28 -3.70
CA LYS A 369 -9.10 -39.36 -3.82
C LYS A 369 -7.75 -40.07 -3.88
N LEU A 370 -7.73 -41.41 -3.83
CA LEU A 370 -6.46 -42.13 -3.89
C LEU A 370 -5.76 -41.90 -5.23
N ASN A 371 -6.51 -41.90 -6.33
CA ASN A 371 -5.91 -41.73 -7.65
C ASN A 371 -5.27 -40.36 -7.80
N ASP A 372 -5.93 -39.32 -7.32
CA ASP A 372 -5.46 -37.95 -7.51
C ASP A 372 -4.46 -37.51 -6.44
N LEU A 373 -4.17 -38.36 -5.46
CA LEU A 373 -3.17 -38.06 -4.44
C LEU A 373 -1.94 -38.90 -4.69
N CYS A 374 -0.77 -38.27 -4.63
CA CYS A 374 0.51 -38.93 -4.91
C CYS A 374 1.29 -39.12 -3.61
N PHE A 375 1.57 -40.37 -3.28
CA PHE A 375 2.24 -40.72 -2.04
C PHE A 375 3.73 -40.95 -2.28
N THR A 376 4.53 -40.76 -1.23
CA THR A 376 5.97 -41.00 -1.34
C THR A 376 6.26 -42.48 -1.50
N ASN A 377 5.66 -43.32 -0.64
CA ASN A 377 5.89 -44.75 -0.69
C ASN A 377 4.60 -45.50 -0.36
N VAL A 378 4.49 -46.72 -0.88
CA VAL A 378 3.35 -47.58 -0.60
C VAL A 378 3.88 -48.90 -0.07
N TYR A 379 3.11 -49.53 0.83
CA TYR A 379 3.46 -50.83 1.37
C TYR A 379 2.25 -51.75 1.23
N ALA A 380 2.45 -52.88 0.56
CA ALA A 380 1.40 -53.88 0.37
C ALA A 380 1.69 -55.05 1.29
N ASP A 381 0.80 -55.28 2.26
CA ASP A 381 0.93 -56.37 3.23
C ASP A 381 -0.17 -57.39 2.95
N SER A 382 0.24 -58.56 2.47
CA SER A 382 -0.69 -59.61 2.08
C SER A 382 -0.62 -60.74 3.10
N PHE A 383 -1.80 -61.23 3.49
CA PHE A 383 -1.89 -62.39 4.38
C PHE A 383 -3.27 -63.02 4.19
N VAL A 384 -3.48 -64.13 4.91
CA VAL A 384 -4.74 -64.88 4.86
C VAL A 384 -5.20 -65.11 6.29
N ILE A 385 -6.47 -64.77 6.57
CA ILE A 385 -7.04 -64.92 7.91
C ILE A 385 -8.47 -65.42 7.79
N ARG A 386 -9.02 -65.82 8.94
CA ARG A 386 -10.42 -66.21 8.96
C ARG A 386 -11.33 -64.99 8.78
N GLY A 387 -12.55 -65.25 8.31
CA GLY A 387 -13.49 -64.17 8.09
C GLY A 387 -13.84 -63.41 9.35
N ASN A 388 -13.87 -64.11 10.49
CA ASN A 388 -14.16 -63.45 11.76
C ASN A 388 -13.06 -62.47 12.16
N GLU A 389 -11.82 -62.74 11.76
CA GLU A 389 -10.68 -61.91 12.14
C GLU A 389 -10.40 -60.80 11.13
N VAL A 390 -11.23 -60.64 10.10
CA VAL A 390 -11.03 -59.56 9.14
C VAL A 390 -11.17 -58.21 9.82
N SER A 391 -12.18 -58.05 10.67
CA SER A 391 -12.38 -56.79 11.38
C SER A 391 -11.26 -56.49 12.36
N GLN A 392 -10.48 -57.50 12.76
CA GLN A 392 -9.38 -57.27 13.68
C GLN A 392 -8.23 -56.50 13.04
N ILE A 393 -8.19 -56.43 11.71
CA ILE A 393 -7.14 -55.65 11.02
C ILE A 393 -7.68 -54.24 10.90
N ALA A 394 -7.51 -53.47 11.97
CA ALA A 394 -8.00 -52.09 12.04
C ALA A 394 -7.34 -51.37 13.21
N PRO A 395 -7.12 -50.05 13.11
CA PRO A 395 -6.55 -49.32 14.23
C PRO A 395 -7.45 -49.37 15.46
N GLY A 396 -6.83 -49.47 16.63
CA GLY A 396 -7.58 -49.47 17.87
C GLY A 396 -8.35 -50.73 18.17
N GLN A 397 -8.08 -51.83 17.46
CA GLN A 397 -8.79 -53.08 17.67
C GLN A 397 -7.92 -54.07 18.42
N THR A 398 -8.58 -55.05 19.03
CA THR A 398 -7.91 -56.07 19.85
C THR A 398 -8.30 -57.45 19.36
N GLY A 399 -7.40 -58.41 19.57
CA GLY A 399 -7.63 -59.77 19.16
C GLY A 399 -6.32 -60.51 19.04
N ASN A 400 -6.43 -61.80 18.75
CA ASN A 400 -5.24 -62.63 18.58
C ASN A 400 -4.40 -62.15 17.41
N ILE A 401 -5.04 -61.91 16.26
CA ILE A 401 -4.33 -61.45 15.08
C ILE A 401 -3.75 -60.06 15.30
N ALA A 402 -4.55 -59.16 15.89
CA ALA A 402 -4.08 -57.80 16.11
C ALA A 402 -2.92 -57.76 17.10
N ASP A 403 -3.00 -58.52 18.19
CA ASP A 403 -1.98 -58.46 19.22
C ASP A 403 -0.72 -59.21 18.84
N TYR A 404 -0.85 -60.35 18.15
CA TYR A 404 0.28 -61.25 17.96
C TYR A 404 0.67 -61.49 16.51
N ASN A 405 -0.18 -61.13 15.54
CA ASN A 405 0.10 -61.42 14.14
C ASN A 405 0.32 -60.15 13.32
N TYR A 406 -0.63 -59.22 13.33
CA TYR A 406 -0.52 -58.01 12.51
C TYR A 406 -1.20 -56.87 13.24
N LYS A 407 -0.45 -55.81 13.54
CA LYS A 407 -0.96 -54.66 14.26
C LYS A 407 -0.84 -53.41 13.40
N LEU A 408 -1.90 -52.60 13.39
CA LEU A 408 -1.92 -51.35 12.66
C LEU A 408 -1.86 -50.16 13.60
N PRO A 409 -1.16 -49.10 13.24
CA PRO A 409 -1.10 -47.92 14.12
C PRO A 409 -2.43 -47.20 14.18
N ASP A 410 -2.60 -46.44 15.26
CA ASP A 410 -3.83 -45.65 15.44
C ASP A 410 -3.99 -44.62 14.33
N ASP A 411 -2.88 -43.98 13.93
CA ASP A 411 -2.88 -42.98 12.87
C ASP A 411 -2.58 -43.58 11.50
N PHE A 412 -2.94 -44.85 11.29
CA PHE A 412 -2.66 -45.51 10.02
C PHE A 412 -3.40 -44.83 8.88
N THR A 413 -2.69 -44.57 7.80
CA THR A 413 -3.26 -44.00 6.57
C THR A 413 -3.14 -45.04 5.47
N GLY A 414 -4.27 -45.43 4.91
CA GLY A 414 -4.26 -46.45 3.86
C GLY A 414 -5.62 -47.11 3.76
N CYS A 415 -5.60 -48.37 3.31
CA CYS A 415 -6.82 -49.14 3.12
C CYS A 415 -6.57 -50.60 3.45
N VAL A 416 -7.66 -51.30 3.77
CA VAL A 416 -7.65 -52.74 3.97
C VAL A 416 -8.69 -53.35 3.05
N ILE A 417 -8.28 -54.35 2.26
CA ILE A 417 -9.14 -55.01 1.28
C ILE A 417 -9.14 -56.49 1.58
N ALA A 418 -10.33 -57.07 1.69
CA ALA A 418 -10.48 -58.49 2.01
C ALA A 418 -11.40 -59.15 0.99
N TRP A 419 -11.04 -60.36 0.56
CA TRP A 419 -11.90 -61.09 -0.37
C TRP A 419 -11.81 -62.59 -0.09
N ASN A 420 -12.91 -63.28 -0.37
CA ASN A 420 -12.98 -64.72 -0.12
C ASN A 420 -12.06 -65.48 -1.09
N SER A 421 -11.45 -66.54 -0.57
CA SER A 421 -10.53 -67.36 -1.35
C SER A 421 -10.78 -68.84 -1.07
N ASN A 422 -12.05 -69.24 -1.06
CA ASN A 422 -12.39 -70.64 -0.79
C ASN A 422 -11.82 -71.57 -1.84
N LYS A 423 -11.91 -71.19 -3.12
CA LYS A 423 -11.43 -72.06 -4.18
C LYS A 423 -9.92 -72.23 -4.13
N LEU A 424 -9.19 -71.25 -3.59
CA LEU A 424 -7.73 -71.29 -3.58
C LEU A 424 -7.16 -71.81 -2.27
N ASP A 425 -7.80 -71.51 -1.14
CA ASP A 425 -7.22 -71.77 0.17
C ASP A 425 -8.04 -72.76 0.99
N SER A 426 -8.81 -73.63 0.35
CA SER A 426 -9.58 -74.65 1.05
C SER A 426 -9.42 -75.99 0.34
N LYS A 427 -9.22 -77.04 1.14
CA LYS A 427 -9.09 -78.41 0.64
C LYS A 427 -9.96 -79.34 1.49
N PRO A 428 -10.48 -80.40 0.88
CA PRO A 428 -11.30 -81.35 1.67
C PRO A 428 -10.53 -82.00 2.80
N SER A 429 -9.23 -82.27 2.61
CA SER A 429 -8.41 -82.85 3.67
C SER A 429 -7.91 -81.82 4.67
N GLY A 430 -8.05 -80.52 4.36
CA GLY A 430 -7.60 -79.48 5.26
C GLY A 430 -6.32 -78.83 4.81
N ASN A 431 -6.37 -77.52 4.53
CA ASN A 431 -5.19 -76.77 4.12
C ASN A 431 -4.46 -76.29 5.37
N TYR A 432 -3.48 -77.08 5.81
CA TYR A 432 -2.73 -76.78 7.02
C TYR A 432 -1.50 -75.92 6.74
N ASN A 433 -1.39 -75.35 5.55
CA ASN A 433 -0.24 -74.53 5.18
C ASN A 433 -0.35 -73.09 5.66
N TYR A 434 -1.45 -72.71 6.29
CA TYR A 434 -1.63 -71.37 6.83
C TYR A 434 -1.50 -71.41 8.35
N LEU A 435 -0.67 -70.54 8.90
CA LEU A 435 -0.36 -70.54 10.32
C LEU A 435 -0.59 -69.15 10.90
N TYR A 436 -0.91 -69.11 12.19
CA TYR A 436 -1.11 -67.86 12.91
C TYR A 436 -0.47 -67.96 14.28
N ARG A 437 -0.07 -66.81 14.82
CA ARG A 437 0.55 -66.72 16.13
C ARG A 437 -0.54 -66.58 17.19
N LEU A 438 -0.69 -67.60 18.03
CA LEU A 438 -1.71 -67.61 19.08
C LEU A 438 -1.17 -67.14 20.42
N PHE A 439 0.07 -67.47 20.76
CA PHE A 439 0.67 -67.12 22.03
C PHE A 439 1.92 -66.27 21.80
N ARG A 440 2.02 -65.16 22.54
CA ARG A 440 3.20 -64.31 22.48
C ARG A 440 3.37 -63.62 23.83
N LYS A 441 4.63 -63.35 24.18
CA LYS A 441 4.92 -62.74 25.48
C LYS A 441 4.35 -61.34 25.57
N SER A 442 4.48 -60.55 24.51
CA SER A 442 4.01 -59.17 24.51
C SER A 442 3.29 -58.88 23.20
N LYS A 443 2.42 -57.87 23.24
CA LYS A 443 1.67 -57.49 22.06
C LYS A 443 2.59 -56.91 21.00
N LEU A 444 2.29 -57.23 19.74
CA LEU A 444 3.12 -56.77 18.63
C LEU A 444 2.92 -55.27 18.41
N LYS A 445 4.03 -54.58 18.13
CA LYS A 445 3.98 -53.18 17.77
C LYS A 445 3.42 -53.03 16.36
N PRO A 446 2.88 -51.86 16.01
CA PRO A 446 2.38 -51.65 14.65
C PRO A 446 3.48 -51.84 13.61
N PHE A 447 3.10 -52.46 12.49
CA PHE A 447 4.02 -52.74 11.38
C PHE A 447 5.24 -53.51 11.84
N GLU A 448 5.02 -54.52 12.68
CA GLU A 448 6.08 -55.38 13.17
C GLU A 448 5.75 -56.83 12.87
N ARG A 449 6.77 -57.62 12.54
CA ARG A 449 6.63 -59.03 12.24
C ARG A 449 7.51 -59.86 13.16
N ASP A 450 7.03 -61.06 13.48
CA ASP A 450 7.79 -62.00 14.32
C ASP A 450 7.85 -63.34 13.61
N ILE A 451 9.05 -63.86 13.41
CA ILE A 451 9.27 -65.15 12.77
C ILE A 451 9.88 -66.16 13.73
N SER A 452 10.06 -65.82 14.99
CA SER A 452 10.64 -66.75 15.95
C SER A 452 9.68 -67.89 16.25
N THR A 453 10.22 -69.10 16.37
CA THR A 453 9.45 -70.30 16.65
C THR A 453 9.71 -70.85 18.05
N GLU A 454 10.18 -70.00 18.96
CA GLU A 454 10.46 -70.45 20.32
C GLU A 454 9.16 -70.84 21.04
N ILE A 455 9.22 -71.93 21.79
CA ILE A 455 8.05 -72.40 22.52
C ILE A 455 7.64 -71.34 23.55
N TYR A 456 6.35 -71.02 23.57
CA TYR A 456 5.83 -70.05 24.52
C TYR A 456 5.92 -70.62 25.94
N GLN A 457 6.45 -69.83 26.86
CA GLN A 457 6.67 -70.25 28.24
C GLN A 457 5.58 -69.61 29.10
N ALA A 458 4.51 -70.37 29.37
CA ALA A 458 3.40 -69.90 30.18
C ALA A 458 3.51 -70.34 31.64
N GLY A 459 4.59 -71.01 32.02
CA GLY A 459 4.77 -71.47 33.38
C GLY A 459 6.13 -71.10 33.91
N ASN A 460 6.27 -71.20 35.24
CA ASN A 460 7.53 -70.88 35.88
C ASN A 460 8.63 -71.85 35.45
N LYS A 461 8.31 -73.12 35.33
CA LYS A 461 9.30 -74.12 34.92
C LYS A 461 9.72 -73.86 33.47
N PRO A 462 11.02 -73.84 33.17
CA PRO A 462 11.44 -73.61 31.78
C PRO A 462 10.99 -74.74 30.86
N CYS A 463 10.70 -74.38 29.62
CA CYS A 463 10.28 -75.36 28.62
C CYS A 463 11.44 -76.20 28.10
N ASN A 464 12.67 -75.71 28.23
CA ASN A 464 13.89 -76.41 27.81
C ASN A 464 13.90 -76.70 26.31
N GLY A 465 13.10 -75.98 25.52
CA GLY A 465 13.05 -76.17 24.09
C GLY A 465 12.29 -77.40 23.63
N VAL A 466 11.66 -78.13 24.53
CA VAL A 466 10.91 -79.34 24.19
C VAL A 466 9.48 -79.15 24.66
N ALA A 467 8.52 -79.43 23.78
CA ALA A 467 7.11 -79.29 24.12
C ALA A 467 6.74 -80.22 25.27
N GLY A 468 5.94 -79.69 26.19
CA GLY A 468 5.53 -80.44 27.35
C GLY A 468 4.40 -79.75 28.11
N PRO A 469 4.17 -80.16 29.35
CA PRO A 469 3.12 -79.51 30.15
C PRO A 469 3.41 -78.04 30.35
N ASN A 470 2.35 -77.23 30.32
CA ASN A 470 2.39 -75.78 30.47
C ASN A 470 3.24 -75.09 29.40
N CYS A 471 3.61 -75.80 28.34
CA CYS A 471 4.36 -75.22 27.23
C CYS A 471 3.61 -75.52 25.95
N TYR A 472 3.29 -74.49 25.18
CA TYR A 472 2.47 -74.62 23.99
C TYR A 472 3.18 -73.98 22.80
N SER A 473 2.89 -74.52 21.61
CA SER A 473 3.47 -73.97 20.39
C SER A 473 2.82 -72.63 20.08
N PRO A 474 3.61 -71.57 19.88
CA PRO A 474 3.01 -70.26 19.57
C PRO A 474 2.30 -70.23 18.22
N LEU A 475 2.68 -71.09 17.29
CA LEU A 475 2.11 -71.10 15.95
C LEU A 475 1.09 -72.22 15.83
N GLN A 476 -0.11 -71.89 15.39
CA GLN A 476 -1.20 -72.84 15.20
C GLN A 476 -1.66 -72.82 13.75
N SER A 477 -2.07 -73.98 13.25
CA SER A 477 -2.44 -74.13 11.85
C SER A 477 -3.88 -73.70 11.61
N TYR A 478 -4.11 -73.05 10.48
CA TYR A 478 -5.46 -72.64 10.07
C TYR A 478 -6.07 -73.77 9.26
N GLY A 479 -6.81 -74.64 9.93
CA GLY A 479 -7.42 -75.78 9.28
C GLY A 479 -8.62 -75.43 8.42
N PHE A 480 -8.37 -74.71 7.33
CA PHE A 480 -9.45 -74.28 6.44
C PHE A 480 -10.07 -75.47 5.73
N ARG A 481 -11.40 -75.47 5.64
CA ARG A 481 -12.14 -76.49 4.92
C ARG A 481 -13.25 -75.84 4.12
N PRO A 482 -13.63 -76.43 2.97
CA PRO A 482 -14.71 -75.83 2.17
C PRO A 482 -16.05 -75.78 2.88
N THR A 483 -16.30 -76.69 3.82
CA THR A 483 -17.59 -76.77 4.49
C THR A 483 -17.67 -75.90 5.73
N TYR A 484 -16.66 -75.10 6.02
CA TYR A 484 -16.68 -74.24 7.19
C TYR A 484 -17.68 -73.10 7.01
N GLY A 485 -18.13 -72.56 8.14
CA GLY A 485 -19.04 -71.44 8.11
C GLY A 485 -18.37 -70.18 7.61
N VAL A 486 -19.20 -69.23 7.14
CA VAL A 486 -18.70 -68.03 6.49
C VAL A 486 -17.76 -67.25 7.40
N GLY A 487 -17.98 -67.30 8.71
CA GLY A 487 -17.07 -66.65 9.64
C GLY A 487 -15.68 -67.27 9.65
N HIS A 488 -15.59 -68.58 9.42
CA HIS A 488 -14.33 -69.30 9.50
C HIS A 488 -13.72 -69.59 8.13
N GLN A 489 -14.37 -69.19 7.04
CA GLN A 489 -13.81 -69.42 5.72
C GLN A 489 -12.56 -68.56 5.51
N PRO A 490 -11.57 -69.09 4.78
CA PRO A 490 -10.35 -68.30 4.55
C PRO A 490 -10.64 -67.05 3.73
N TYR A 491 -9.93 -65.97 4.06
CA TYR A 491 -10.07 -64.70 3.38
C TYR A 491 -8.69 -64.12 3.15
N ARG A 492 -8.42 -63.69 1.92
CA ARG A 492 -7.17 -63.02 1.58
C ARG A 492 -7.32 -61.53 1.87
N VAL A 493 -6.41 -60.98 2.67
CA VAL A 493 -6.45 -59.60 3.10
C VAL A 493 -5.16 -58.92 2.66
N VAL A 494 -5.30 -57.79 1.96
CA VAL A 494 -4.19 -56.95 1.54
C VAL A 494 -4.37 -55.57 2.16
N VAL A 495 -3.34 -55.10 2.85
CA VAL A 495 -3.35 -53.80 3.50
C VAL A 495 -2.39 -52.90 2.73
N LEU A 496 -2.91 -51.79 2.22
CA LEU A 496 -2.11 -50.78 1.54
C LEU A 496 -1.85 -49.64 2.50
N SER A 497 -0.58 -49.42 2.83
CA SER A 497 -0.16 -48.35 3.73
C SER A 497 0.59 -47.31 2.92
N PHE A 498 0.03 -46.09 2.86
CA PHE A 498 0.61 -45.00 2.08
C PHE A 498 1.32 -44.06 3.04
N GLU A 499 2.61 -43.82 2.79
CA GLU A 499 3.41 -42.96 3.66
C GLU A 499 4.05 -41.85 2.85
N LEU A 500 4.12 -40.67 3.45
CA LEU A 500 4.73 -39.49 2.86
C LEU A 500 5.94 -39.08 3.69
N LEU A 501 7.08 -38.90 3.03
CA LEU A 501 8.31 -38.50 3.68
C LEU A 501 8.85 -37.25 3.01
N HIS A 502 10.01 -36.77 3.50
CA HIS A 502 10.65 -35.62 2.89
C HIS A 502 11.08 -35.88 1.46
N ALA A 503 11.27 -37.15 1.09
CA ALA A 503 11.59 -37.48 -0.29
C ALA A 503 10.40 -37.18 -1.20
N PRO A 504 10.65 -36.77 -2.44
CA PRO A 504 9.53 -36.45 -3.35
C PRO A 504 8.64 -37.66 -3.60
N ALA A 505 7.33 -37.39 -3.71
CA ALA A 505 6.37 -38.46 -3.96
C ALA A 505 6.49 -38.96 -5.39
N THR A 506 6.32 -40.27 -5.57
CA THR A 506 6.46 -40.87 -6.89
C THR A 506 5.43 -41.97 -7.17
N VAL A 507 4.42 -42.14 -6.33
CA VAL A 507 3.43 -43.20 -6.49
C VAL A 507 2.04 -42.57 -6.48
N CYS A 508 1.32 -42.73 -7.59
CA CYS A 508 -0.07 -42.26 -7.72
C CYS A 508 -0.65 -42.83 -9.00
N GLY A 509 -1.88 -42.42 -9.31
CA GLY A 509 -2.64 -43.01 -10.39
C GLY A 509 -2.21 -42.54 -11.75
N PRO A 510 -2.83 -43.11 -12.77
CA PRO A 510 -2.47 -42.76 -14.16
C PRO A 510 -2.84 -41.32 -14.49
N LYS A 511 -2.11 -40.77 -15.45
CA LYS A 511 -2.34 -39.41 -15.93
C LYS A 511 -3.08 -39.47 -17.26
N LYS A 512 -4.24 -38.83 -17.32
CA LYS A 512 -5.09 -38.91 -18.50
C LYS A 512 -4.46 -38.18 -19.67
N SER A 513 -4.65 -38.72 -20.88
CA SER A 513 -4.09 -38.14 -22.09
C SER A 513 -5.08 -37.27 -22.84
N THR A 514 -6.38 -37.58 -22.75
CA THR A 514 -7.45 -36.84 -23.44
C THR A 514 -7.13 -36.83 -24.94
N ASN A 515 -7.16 -35.68 -25.60
CA ASN A 515 -6.86 -35.58 -27.02
C ASN A 515 -6.12 -34.28 -27.27
N LEU A 516 -5.80 -34.01 -28.53
CA LEU A 516 -5.09 -32.81 -28.92
C LEU A 516 -5.93 -32.03 -29.93
N VAL A 517 -6.16 -30.76 -29.63
CA VAL A 517 -6.85 -29.86 -30.55
C VAL A 517 -5.96 -28.63 -30.77
N LYS A 518 -6.19 -27.94 -31.89
CA LYS A 518 -5.33 -26.83 -32.27
C LYS A 518 -6.15 -25.78 -33.01
N ASN A 519 -5.53 -24.62 -33.21
CA ASN A 519 -6.13 -23.50 -33.96
C ASN A 519 -7.41 -23.00 -33.30
N LYS A 520 -7.53 -23.19 -31.99
CA LYS A 520 -8.68 -22.73 -31.23
C LYS A 520 -8.21 -22.26 -29.85
N CYS A 521 -8.75 -21.14 -29.40
CA CYS A 521 -8.45 -20.63 -28.06
C CYS A 521 -9.05 -21.58 -27.04
N VAL A 522 -8.21 -22.42 -26.44
CA VAL A 522 -8.65 -23.46 -25.53
C VAL A 522 -7.82 -23.39 -24.25
N ASN A 523 -8.37 -23.99 -23.20
CA ASN A 523 -7.66 -24.11 -21.93
C ASN A 523 -6.73 -25.31 -21.98
N PHE A 524 -5.45 -25.08 -21.67
CA PHE A 524 -4.43 -26.11 -21.76
C PHE A 524 -3.81 -26.35 -20.38
N ASN A 525 -3.51 -27.62 -20.11
CA ASN A 525 -2.80 -28.04 -18.90
C ASN A 525 -1.72 -29.01 -19.34
N PHE A 526 -0.46 -28.58 -19.24
CA PHE A 526 0.67 -29.39 -19.67
C PHE A 526 1.63 -29.54 -18.49
N ASN A 527 1.63 -30.73 -17.88
CA ASN A 527 2.55 -31.06 -16.79
C ASN A 527 2.45 -30.05 -15.64
N GLY A 528 1.22 -29.66 -15.30
CA GLY A 528 0.98 -28.71 -14.24
C GLY A 528 1.02 -27.26 -14.67
N LEU A 529 1.39 -26.98 -15.92
CA LEU A 529 1.37 -25.62 -16.45
C LEU A 529 -0.03 -25.36 -17.01
N THR A 530 -0.79 -24.51 -16.33
CA THR A 530 -2.18 -24.24 -16.69
C THR A 530 -2.30 -22.88 -17.35
N GLY A 531 -3.14 -22.79 -18.37
CA GLY A 531 -3.35 -21.51 -19.02
C GLY A 531 -4.38 -21.63 -20.12
N THR A 532 -4.46 -20.59 -20.93
CA THR A 532 -5.35 -20.54 -22.08
C THR A 532 -4.61 -19.99 -23.29
N GLY A 533 -4.86 -20.57 -24.45
CA GLY A 533 -4.19 -20.09 -25.64
C GLY A 533 -4.55 -20.92 -26.86
N VAL A 534 -3.87 -20.59 -27.96
CA VAL A 534 -3.99 -21.31 -29.22
C VAL A 534 -2.66 -22.02 -29.46
N LEU A 535 -2.72 -23.33 -29.66
CA LEU A 535 -1.51 -24.15 -29.82
C LEU A 535 -1.32 -24.42 -31.32
N THR A 536 -0.66 -23.47 -31.98
CA THR A 536 -0.38 -23.60 -33.40
C THR A 536 0.94 -24.32 -33.62
N GLU A 537 1.21 -24.64 -34.88
CA GLU A 537 2.48 -25.27 -35.24
C GLU A 537 3.63 -24.30 -35.01
N SER A 538 4.78 -24.87 -34.65
CA SER A 538 5.97 -24.07 -34.33
C SER A 538 7.14 -24.52 -35.18
N ASN A 539 7.92 -23.55 -35.66
CA ASN A 539 9.14 -23.83 -36.40
C ASN A 539 10.35 -23.99 -35.50
N LYS A 540 10.20 -23.77 -34.19
CA LYS A 540 11.31 -23.90 -33.27
C LYS A 540 11.71 -25.37 -33.10
N LYS A 541 12.94 -25.58 -32.64
CA LYS A 541 13.50 -26.91 -32.45
C LYS A 541 13.97 -27.04 -31.00
N PHE A 542 13.20 -27.74 -30.19
CA PHE A 542 13.55 -27.93 -28.78
C PHE A 542 14.72 -28.90 -28.65
N LEU A 543 15.51 -28.71 -27.59
CA LEU A 543 16.43 -29.74 -27.16
C LEU A 543 15.65 -30.82 -26.42
N PRO A 544 16.10 -32.07 -26.48
CA PRO A 544 15.33 -33.16 -25.85
C PRO A 544 15.09 -32.94 -24.36
N PHE A 545 16.00 -32.25 -23.68
CA PHE A 545 15.85 -31.99 -22.25
C PHE A 545 14.83 -30.89 -21.97
N GLN A 546 14.74 -29.90 -22.84
CA GLN A 546 13.92 -28.71 -22.57
C GLN A 546 12.46 -29.01 -22.89
N GLN A 547 11.58 -28.65 -21.95
CA GLN A 547 10.14 -28.86 -22.10
C GLN A 547 9.37 -27.59 -22.45
N PHE A 548 9.79 -26.44 -21.92
CA PHE A 548 9.12 -25.17 -22.16
C PHE A 548 10.03 -24.24 -22.96
N GLY A 549 9.48 -23.08 -23.31
CA GLY A 549 10.23 -22.03 -23.97
C GLY A 549 9.70 -20.67 -23.55
N ARG A 550 10.60 -19.72 -23.28
CA ARG A 550 10.22 -18.43 -22.75
C ARG A 550 10.63 -17.30 -23.68
N ASP A 551 9.86 -16.23 -23.66
CA ASP A 551 10.15 -15.03 -24.43
C ASP A 551 11.26 -14.23 -23.77
N ILE A 552 11.63 -13.11 -24.37
CA ILE A 552 12.60 -12.20 -23.77
C ILE A 552 12.03 -11.62 -22.48
N ALA A 553 10.74 -11.28 -22.48
CA ALA A 553 10.09 -10.66 -21.33
C ALA A 553 9.56 -11.66 -20.33
N ASP A 554 10.10 -12.88 -20.31
CA ASP A 554 9.77 -13.90 -19.32
C ASP A 554 8.28 -14.23 -19.39
N THR A 555 7.92 -14.89 -20.49
CA THR A 555 6.60 -15.48 -20.64
C THR A 555 6.72 -16.69 -21.55
N THR A 556 5.88 -17.70 -21.28
CA THR A 556 5.92 -18.93 -22.05
C THR A 556 5.36 -18.71 -23.45
N ASP A 557 6.10 -19.16 -24.46
CA ASP A 557 5.66 -19.06 -25.84
C ASP A 557 5.70 -20.37 -26.62
N ALA A 558 6.48 -21.36 -26.20
CA ALA A 558 6.51 -22.65 -26.87
C ALA A 558 6.47 -23.75 -25.81
N VAL A 559 5.88 -24.89 -26.18
CA VAL A 559 5.67 -25.99 -25.26
C VAL A 559 5.85 -27.30 -26.02
N ARG A 560 6.22 -28.36 -25.29
CA ARG A 560 6.40 -29.68 -25.88
C ARG A 560 5.31 -30.62 -25.37
N ASP A 561 4.65 -31.30 -26.29
CA ASP A 561 3.56 -32.21 -25.93
C ASP A 561 4.13 -33.46 -25.26
N PRO A 562 3.56 -33.90 -24.13
CA PRO A 562 4.09 -35.09 -23.46
C PRO A 562 3.77 -36.38 -24.19
N GLN A 563 2.55 -36.54 -24.69
CA GLN A 563 2.17 -37.80 -25.34
C GLN A 563 2.99 -38.04 -26.60
N THR A 564 3.11 -37.02 -27.45
CA THR A 564 3.90 -37.11 -28.67
C THR A 564 4.91 -35.97 -28.66
N LEU A 565 6.16 -36.28 -28.99
CA LEU A 565 7.25 -35.31 -28.88
C LEU A 565 7.11 -34.29 -30.01
N GLU A 566 6.17 -33.37 -29.83
CA GLU A 566 5.90 -32.29 -30.77
C GLU A 566 6.05 -30.95 -30.06
N ILE A 567 6.33 -29.92 -30.84
CA ILE A 567 6.52 -28.56 -30.34
C ILE A 567 5.38 -27.70 -30.83
N LEU A 568 4.73 -27.00 -29.91
CA LEU A 568 3.57 -26.17 -30.22
C LEU A 568 3.82 -24.75 -29.75
N ASP A 569 3.54 -23.78 -30.62
CA ASP A 569 3.62 -22.38 -30.27
C ASP A 569 2.30 -21.95 -29.63
N ILE A 570 2.37 -21.41 -28.42
CA ILE A 570 1.20 -20.97 -27.69
C ILE A 570 1.03 -19.48 -27.91
N THR A 571 -0.11 -19.07 -28.44
CA THR A 571 -0.42 -17.67 -28.65
C THR A 571 -1.66 -17.31 -27.85
N PRO A 572 -1.61 -16.25 -27.03
CA PRO A 572 -2.79 -15.89 -26.24
C PRO A 572 -3.97 -15.51 -27.13
N CYS A 573 -5.18 -15.80 -26.64
CA CYS A 573 -6.39 -15.50 -27.39
C CYS A 573 -6.51 -13.99 -27.58
N SER A 574 -7.17 -13.61 -28.67
CA SER A 574 -7.25 -12.20 -29.04
C SER A 574 -8.02 -11.41 -27.98
N PHE A 575 -7.52 -10.20 -27.70
CA PHE A 575 -8.21 -9.28 -26.81
C PHE A 575 -7.97 -7.86 -27.32
N GLY A 576 -8.83 -6.95 -26.90
CA GLY A 576 -8.68 -5.57 -27.34
C GLY A 576 -9.56 -4.65 -26.54
N GLY A 577 -9.53 -3.38 -26.91
CA GLY A 577 -10.39 -2.37 -26.33
C GLY A 577 -11.56 -2.06 -27.27
N VAL A 578 -12.74 -1.90 -26.69
CA VAL A 578 -13.92 -1.55 -27.46
C VAL A 578 -14.15 -0.05 -27.32
N SER A 579 -14.19 0.65 -28.45
CA SER A 579 -14.45 2.08 -28.47
C SER A 579 -15.77 2.33 -29.19
N VAL A 580 -16.53 3.31 -28.73
CA VAL A 580 -17.84 3.63 -29.29
C VAL A 580 -17.76 4.98 -29.96
N ILE A 581 -18.03 5.02 -31.26
CA ILE A 581 -18.07 6.26 -32.03
C ILE A 581 -19.53 6.66 -32.15
N THR A 582 -19.86 7.87 -31.70
CA THR A 582 -21.23 8.30 -31.70
C THR A 582 -21.33 9.82 -31.77
N PRO A 583 -22.30 10.36 -32.50
CA PRO A 583 -22.60 11.78 -32.41
C PRO A 583 -23.36 12.06 -31.11
N GLY A 584 -23.77 13.32 -30.95
CA GLY A 584 -24.52 13.70 -29.77
C GLY A 584 -25.83 12.93 -29.70
N THR A 585 -26.23 12.57 -28.47
CA THR A 585 -27.47 11.83 -28.29
C THR A 585 -28.67 12.65 -28.76
N ASN A 586 -28.62 13.97 -28.58
CA ASN A 586 -29.70 14.82 -29.09
C ASN A 586 -29.77 14.78 -30.61
N THR A 587 -28.61 14.65 -31.28
CA THR A 587 -28.62 14.59 -32.74
C THR A 587 -29.17 13.27 -33.25
N SER A 588 -28.71 12.16 -32.68
CA SER A 588 -29.13 10.83 -33.11
C SER A 588 -28.77 9.82 -32.03
N ASN A 589 -29.19 8.57 -32.23
CA ASN A 589 -28.91 7.49 -31.29
C ASN A 589 -28.18 6.33 -31.96
N GLN A 590 -27.52 6.58 -33.09
CA GLN A 590 -26.76 5.54 -33.78
C GLN A 590 -25.31 5.56 -33.35
N VAL A 591 -24.73 4.38 -33.17
CA VAL A 591 -23.34 4.24 -32.73
C VAL A 591 -22.63 3.23 -33.62
N ALA A 592 -21.30 3.30 -33.59
CA ALA A 592 -20.44 2.33 -34.24
C ALA A 592 -19.41 1.84 -33.22
N VAL A 593 -18.88 0.64 -33.46
CA VAL A 593 -17.99 -0.01 -32.50
C VAL A 593 -16.66 -0.30 -33.17
N LEU A 594 -15.58 0.04 -32.49
CA LEU A 594 -14.22 -0.20 -32.98
C LEU A 594 -13.52 -1.13 -32.01
N TYR A 595 -13.14 -2.31 -32.49
CA TYR A 595 -12.31 -3.24 -31.74
C TYR A 595 -10.86 -2.92 -32.07
N GLN A 596 -10.11 -2.42 -31.09
CA GLN A 596 -8.77 -1.94 -31.35
C GLN A 596 -7.78 -3.10 -31.50
N GLY A 597 -7.01 -3.08 -32.58
CA GLY A 597 -5.96 -4.05 -32.76
C GLY A 597 -6.42 -5.47 -33.02
N VAL A 598 -7.64 -5.65 -33.50
CA VAL A 598 -8.22 -6.97 -33.73
C VAL A 598 -8.56 -7.10 -35.21
N ASN A 599 -8.13 -8.21 -35.82
CA ASN A 599 -8.49 -8.49 -37.20
C ASN A 599 -10.00 -8.68 -37.31
N CYS A 600 -10.56 -8.22 -38.43
CA CYS A 600 -12.01 -8.22 -38.59
C CYS A 600 -12.61 -9.62 -38.67
N THR A 601 -11.80 -10.63 -38.98
CA THR A 601 -12.31 -11.98 -39.11
C THR A 601 -12.38 -12.73 -37.78
N GLU A 602 -11.93 -12.12 -36.69
CA GLU A 602 -11.89 -12.77 -35.38
C GLU A 602 -12.88 -12.17 -34.40
N VAL A 603 -14.02 -11.69 -34.91
CA VAL A 603 -15.05 -11.12 -34.05
C VAL A 603 -16.40 -11.76 -34.33
N ASN A 624 -21.70 -3.96 -43.02
CA ASN A 624 -21.03 -2.73 -42.62
C ASN A 624 -19.82 -3.03 -41.74
N VAL A 625 -18.84 -3.74 -42.30
CA VAL A 625 -17.61 -4.10 -41.60
C VAL A 625 -16.44 -3.55 -42.40
N PHE A 626 -15.58 -2.79 -41.72
CA PHE A 626 -14.42 -2.17 -42.34
C PHE A 626 -13.18 -2.54 -41.54
N GLN A 627 -12.07 -2.73 -42.24
CA GLN A 627 -10.80 -3.08 -41.62
C GLN A 627 -9.85 -1.90 -41.76
N THR A 628 -9.39 -1.38 -40.62
CA THR A 628 -8.47 -0.26 -40.57
C THR A 628 -7.22 -0.66 -39.80
N ARG A 629 -6.20 0.20 -39.88
CA ARG A 629 -4.96 -0.06 -39.15
C ARG A 629 -5.19 0.00 -37.64
N ALA A 630 -6.13 0.84 -37.18
CA ALA A 630 -6.42 0.91 -35.75
C ALA A 630 -7.11 -0.35 -35.26
N GLY A 631 -7.94 -0.96 -36.08
CA GLY A 631 -8.66 -2.17 -35.67
C GLY A 631 -9.80 -2.46 -36.64
N CYS A 632 -10.82 -3.12 -36.11
CA CYS A 632 -12.01 -3.49 -36.88
C CYS A 632 -13.15 -2.54 -36.54
N LEU A 633 -13.73 -1.93 -37.55
CA LEU A 633 -14.81 -0.96 -37.38
C LEU A 633 -16.12 -1.56 -37.86
N ILE A 634 -17.15 -1.48 -37.03
CA ILE A 634 -18.46 -2.07 -37.33
C ILE A 634 -19.51 -0.99 -37.16
N GLY A 635 -20.38 -0.86 -38.17
CA GLY A 635 -21.47 0.09 -38.13
C GLY A 635 -21.25 1.36 -38.92
N ALA A 636 -20.11 1.50 -39.61
CA ALA A 636 -19.81 2.69 -40.39
C ALA A 636 -19.49 2.30 -41.82
N GLU A 637 -19.82 3.20 -42.74
CA GLU A 637 -19.65 2.98 -44.17
C GLU A 637 -18.48 3.80 -44.68
N TYR A 638 -17.58 3.16 -45.44
CA TYR A 638 -16.42 3.84 -45.98
C TYR A 638 -16.78 4.58 -47.26
N VAL A 639 -16.27 5.80 -47.39
CA VAL A 639 -16.49 6.64 -48.57
C VAL A 639 -15.14 7.10 -49.10
N ASN A 640 -15.12 7.48 -50.37
CA ASN A 640 -13.90 7.91 -51.03
C ASN A 640 -13.66 9.41 -50.93
N ASN A 641 -14.65 10.19 -50.49
CA ASN A 641 -14.46 11.62 -50.35
C ASN A 641 -13.54 11.92 -49.18
N SER A 642 -13.20 13.21 -49.03
CA SER A 642 -12.33 13.66 -47.96
C SER A 642 -12.87 14.94 -47.37
N TYR A 643 -12.84 15.04 -46.04
CA TYR A 643 -13.31 16.21 -45.33
C TYR A 643 -12.36 16.49 -44.18
N GLU A 644 -12.68 17.50 -43.38
CA GLU A 644 -11.96 17.72 -42.14
C GLU A 644 -12.29 16.62 -41.14
N CYS A 645 -11.37 16.36 -40.22
CA CYS A 645 -11.59 15.32 -39.23
C CYS A 645 -12.62 15.79 -38.21
N ASP A 646 -13.65 14.97 -38.00
CA ASP A 646 -14.70 15.25 -37.03
C ASP A 646 -14.56 14.41 -35.77
N ILE A 647 -14.52 13.10 -35.91
CA ILE A 647 -14.26 12.18 -34.81
C ILE A 647 -13.02 11.36 -35.15
N PRO A 648 -11.87 11.67 -34.55
CA PRO A 648 -10.64 10.97 -34.92
C PRO A 648 -10.69 9.50 -34.52
N ILE A 649 -10.39 8.63 -35.47
CA ILE A 649 -10.32 7.19 -35.24
C ILE A 649 -8.88 6.72 -35.17
N GLY A 650 -8.05 7.14 -36.10
CA GLY A 650 -6.63 6.84 -36.06
C GLY A 650 -6.10 6.39 -37.40
N ALA A 651 -4.77 6.43 -37.52
CA ALA A 651 -4.06 6.00 -38.74
C ALA A 651 -4.57 6.74 -39.97
N GLY A 652 -4.89 8.03 -39.80
CA GLY A 652 -5.39 8.82 -40.90
C GLY A 652 -6.86 8.61 -41.21
N ILE A 653 -7.59 7.87 -40.38
CA ILE A 653 -9.00 7.59 -40.59
C ILE A 653 -9.81 8.36 -39.57
N CYS A 654 -10.85 9.05 -40.03
CA CYS A 654 -11.79 9.78 -39.18
C CYS A 654 -13.21 9.33 -39.51
N ALA A 655 -14.15 9.71 -38.65
CA ALA A 655 -15.55 9.37 -38.84
C ALA A 655 -16.42 10.59 -38.57
N SER A 656 -17.58 10.61 -39.21
CA SER A 656 -18.51 11.74 -39.02
C SER A 656 -19.92 11.28 -39.37
N TYR A 657 -20.90 12.04 -38.87
CA TYR A 657 -22.31 11.76 -39.10
C TYR A 657 -22.87 12.76 -40.09
N GLN A 658 -23.46 12.26 -41.17
CA GLN A 658 -24.06 13.12 -42.19
C GLN A 658 -25.51 12.71 -42.44
N SER A 674 -26.87 8.41 -41.55
CA SER A 674 -25.92 7.41 -41.08
C SER A 674 -24.56 8.03 -40.81
N ILE A 675 -23.67 7.24 -40.20
CA ILE A 675 -22.30 7.67 -39.93
C ILE A 675 -21.38 7.01 -40.95
N ILE A 676 -20.33 7.73 -41.35
CA ILE A 676 -19.41 7.29 -42.36
C ILE A 676 -17.98 7.47 -41.84
N ALA A 677 -17.08 6.70 -42.44
CA ALA A 677 -15.65 6.77 -42.15
C ALA A 677 -14.90 7.14 -43.42
N TYR A 678 -13.91 8.01 -43.28
CA TYR A 678 -13.18 8.51 -44.44
C TYR A 678 -11.73 8.78 -44.04
N THR A 679 -10.94 9.18 -45.03
CA THR A 679 -9.56 9.59 -44.84
C THR A 679 -9.51 11.11 -44.76
N MET A 680 -8.85 11.64 -43.73
CA MET A 680 -8.82 13.08 -43.53
C MET A 680 -8.11 13.79 -44.67
N SER A 681 -8.57 15.00 -44.96
CA SER A 681 -7.93 15.86 -45.94
C SER A 681 -7.13 16.93 -45.20
N LEU A 682 -5.85 17.05 -45.55
CA LEU A 682 -4.96 17.95 -44.82
C LEU A 682 -5.39 19.41 -44.99
N GLY A 683 -5.78 19.79 -46.19
CA GLY A 683 -6.22 21.16 -46.42
C GLY A 683 -6.55 21.38 -47.88
N ALA A 684 -7.05 22.58 -48.16
CA ALA A 684 -7.36 22.96 -49.52
C ALA A 684 -6.10 22.99 -50.37
N GLU A 685 -6.17 22.38 -51.55
CA GLU A 685 -5.02 22.33 -52.44
C GLU A 685 -4.81 23.66 -53.13
N ASN A 686 -3.55 24.06 -53.28
CA ASN A 686 -3.21 25.30 -53.93
C ASN A 686 -1.84 25.17 -54.57
N SER A 687 -1.67 25.83 -55.72
CA SER A 687 -0.41 25.85 -56.44
C SER A 687 -0.08 27.32 -56.74
N VAL A 688 0.85 27.88 -55.96
CA VAL A 688 1.23 29.27 -56.18
C VAL A 688 1.96 29.40 -57.51
N ALA A 689 1.78 30.56 -58.15
CA ALA A 689 2.33 30.79 -59.49
C ALA A 689 3.72 31.40 -59.38
N TYR A 690 4.66 30.60 -58.90
CA TYR A 690 6.05 31.02 -58.88
C TYR A 690 6.52 31.26 -60.31
N SER A 691 7.34 32.29 -60.48
CA SER A 691 7.68 32.75 -61.82
C SER A 691 9.16 33.10 -61.88
N ASN A 692 9.52 33.79 -62.96
CA ASN A 692 10.90 34.13 -63.30
C ASN A 692 11.28 35.52 -62.85
N ASN A 693 10.48 36.52 -63.20
CA ASN A 693 10.72 37.92 -62.87
C ASN A 693 9.41 38.59 -62.48
N SER A 694 8.62 37.93 -61.63
CA SER A 694 7.29 38.40 -61.28
C SER A 694 7.11 38.41 -59.76
N ILE A 695 6.35 39.40 -59.27
CA ILE A 695 6.01 39.52 -57.86
C ILE A 695 4.51 39.76 -57.73
N ALA A 696 4.02 39.63 -56.49
CA ALA A 696 2.67 40.03 -56.12
C ALA A 696 2.79 41.01 -54.97
N ILE A 697 2.24 42.21 -55.16
CA ILE A 697 2.31 43.30 -54.21
C ILE A 697 0.91 43.54 -53.66
N PRO A 698 0.71 43.52 -52.35
CA PRO A 698 -0.61 43.83 -51.79
C PRO A 698 -1.03 45.24 -52.15
N THR A 699 -2.33 45.44 -52.29
CA THR A 699 -2.88 46.74 -52.60
C THR A 699 -3.85 47.27 -51.55
N ASN A 700 -4.28 46.45 -50.59
CA ASN A 700 -5.28 46.96 -49.66
C ASN A 700 -5.16 46.09 -48.42
N PHE A 701 -5.69 46.55 -47.30
CA PHE A 701 -5.37 45.90 -46.04
C PHE A 701 -6.62 45.55 -45.25
N THR A 702 -6.41 44.82 -44.16
CA THR A 702 -7.48 44.43 -43.25
C THR A 702 -6.93 44.39 -41.83
N ILE A 703 -7.64 45.00 -40.90
CA ILE A 703 -7.28 44.96 -39.48
C ILE A 703 -8.02 43.78 -38.84
N SER A 704 -7.27 42.92 -38.17
CA SER A 704 -7.82 41.68 -37.62
C SER A 704 -7.61 41.64 -36.11
N VAL A 705 -8.63 41.18 -35.38
CA VAL A 705 -8.56 41.06 -33.94
C VAL A 705 -8.85 39.60 -33.58
N THR A 706 -7.94 38.99 -32.81
CA THR A 706 -8.06 37.59 -32.45
C THR A 706 -7.91 37.43 -30.94
N THR A 707 -8.42 36.32 -30.43
CA THR A 707 -8.38 36.02 -29.00
C THR A 707 -7.28 35.01 -28.68
N GLU A 708 -6.88 35.02 -27.41
CA GLU A 708 -5.98 33.99 -26.89
C GLU A 708 -6.22 33.83 -25.40
N ILE A 709 -6.65 32.65 -24.98
CA ILE A 709 -7.02 32.38 -23.60
C ILE A 709 -5.88 31.59 -22.94
N LEU A 710 -5.46 32.03 -21.76
CA LEU A 710 -4.39 31.35 -21.04
C LEU A 710 -4.72 31.22 -19.56
N PRO A 711 -4.77 30.00 -19.03
CA PRO A 711 -4.92 29.83 -17.58
C PRO A 711 -3.68 30.32 -16.86
N VAL A 712 -3.89 30.83 -15.64
CA VAL A 712 -2.83 31.45 -14.85
C VAL A 712 -2.65 30.77 -13.50
N SER A 713 -3.76 30.54 -12.79
CA SER A 713 -3.68 29.97 -11.45
C SER A 713 -4.79 28.96 -11.26
N MET A 714 -4.52 27.96 -10.42
CA MET A 714 -5.50 26.97 -10.02
C MET A 714 -5.93 27.26 -8.58
N THR A 715 -6.77 26.38 -8.04
CA THR A 715 -7.35 26.61 -6.73
C THR A 715 -6.38 26.20 -5.63
N LYS A 716 -6.17 27.10 -4.68
CA LYS A 716 -5.37 26.80 -3.50
C LYS A 716 -6.17 25.92 -2.55
N THR A 717 -5.61 24.77 -2.17
CA THR A 717 -6.30 23.82 -1.31
C THR A 717 -5.36 23.38 -0.19
N SER A 718 -5.96 23.07 0.95
CA SER A 718 -5.23 22.57 2.10
C SER A 718 -5.98 21.39 2.69
N VAL A 719 -5.25 20.48 3.32
CA VAL A 719 -5.80 19.25 3.86
C VAL A 719 -5.32 19.03 5.28
N ASP A 720 -6.08 18.25 6.03
CA ASP A 720 -5.71 17.82 7.37
C ASP A 720 -5.52 16.31 7.33
N CYS A 721 -4.28 15.87 7.53
CA CYS A 721 -3.96 14.45 7.39
C CYS A 721 -4.70 13.61 8.43
N THR A 722 -4.61 14.01 9.70
CA THR A 722 -5.19 13.21 10.78
C THR A 722 -6.71 13.17 10.68
N MET A 723 -7.35 14.32 10.46
CA MET A 723 -8.80 14.37 10.39
C MET A 723 -9.33 13.54 9.24
N TYR A 724 -8.67 13.63 8.07
CA TYR A 724 -9.13 12.86 6.92
C TYR A 724 -8.92 11.37 7.12
N ILE A 725 -7.73 10.98 7.57
CA ILE A 725 -7.41 9.56 7.65
C ILE A 725 -8.20 8.87 8.76
N CYS A 726 -8.27 9.50 9.94
CA CYS A 726 -8.81 8.82 11.12
C CYS A 726 -10.07 9.46 11.69
N GLY A 727 -10.34 10.73 11.40
CA GLY A 727 -11.50 11.36 12.03
C GLY A 727 -11.26 11.63 13.49
N ASP A 728 -12.26 11.30 14.31
CA ASP A 728 -12.19 11.55 15.75
C ASP A 728 -11.69 10.36 16.55
N SER A 729 -11.40 9.23 15.91
CA SER A 729 -10.95 8.06 16.63
C SER A 729 -9.54 8.26 17.17
N THR A 730 -9.35 7.95 18.46
CA THR A 730 -8.05 8.11 19.08
C THR A 730 -7.12 6.93 18.76
N GLU A 731 -7.68 5.72 18.70
CA GLU A 731 -6.87 4.54 18.39
C GLU A 731 -6.28 4.64 17.00
N CYS A 732 -7.07 5.11 16.03
CA CYS A 732 -6.56 5.28 14.68
C CYS A 732 -5.43 6.31 14.65
N SER A 733 -5.58 7.41 15.40
CA SER A 733 -4.52 8.40 15.46
C SER A 733 -3.26 7.82 16.08
N ASN A 734 -3.40 7.03 17.15
CA ASN A 734 -2.24 6.41 17.78
C ASN A 734 -1.53 5.47 16.81
N LEU A 735 -2.29 4.70 16.03
CA LEU A 735 -1.68 3.85 15.03
C LEU A 735 -1.01 4.68 13.94
N LEU A 736 -1.62 5.80 13.54
CA LEU A 736 -1.05 6.65 12.50
C LEU A 736 0.25 7.30 12.94
N LEU A 737 0.40 7.55 14.25
CA LEU A 737 1.65 8.15 14.74
C LEU A 737 2.87 7.30 14.44
N GLN A 738 2.70 6.01 14.17
CA GLN A 738 3.84 5.15 13.91
C GLN A 738 4.44 5.34 12.53
N TYR A 739 3.70 5.92 11.58
CA TYR A 739 4.19 6.05 10.23
C TYR A 739 5.19 7.19 10.05
N GLY A 740 5.28 8.10 11.00
CA GLY A 740 6.30 9.13 10.94
C GLY A 740 5.86 10.47 10.43
N SER A 741 6.51 10.97 9.38
CA SER A 741 6.34 12.33 8.90
C SER A 741 5.77 12.38 7.48
N PHE A 742 4.79 11.53 7.17
CA PHE A 742 4.14 11.60 5.87
C PHE A 742 3.23 12.81 5.78
N CYS A 743 2.44 13.05 6.83
CA CYS A 743 1.50 14.15 6.83
C CYS A 743 2.23 15.49 6.74
N THR A 744 3.39 15.60 7.37
CA THR A 744 4.18 16.81 7.27
C THR A 744 4.61 17.07 5.83
N GLN A 745 5.04 16.02 5.13
CA GLN A 745 5.42 16.17 3.73
C GLN A 745 4.24 16.63 2.89
N LEU A 746 3.07 16.02 3.11
CA LEU A 746 1.89 16.42 2.33
C LEU A 746 1.53 17.88 2.58
N LYS A 747 1.54 18.29 3.85
CA LYS A 747 1.24 19.69 4.18
C LYS A 747 2.23 20.63 3.53
N ARG A 748 3.52 20.28 3.57
CA ARG A 748 4.54 21.13 2.98
C ARG A 748 4.33 21.29 1.48
N ALA A 749 4.05 20.18 0.78
CA ALA A 749 3.83 20.26 -0.66
C ALA A 749 2.61 21.11 -0.99
N LEU A 750 1.52 20.92 -0.26
CA LEU A 750 0.32 21.70 -0.54
C LEU A 750 0.54 23.18 -0.26
N THR A 751 1.27 23.51 0.81
CA THR A 751 1.58 24.91 1.09
C THR A 751 2.43 25.52 -0.02
N GLY A 752 3.41 24.76 -0.53
CA GLY A 752 4.21 25.25 -1.64
C GLY A 752 3.36 25.56 -2.86
N ILE A 753 2.43 24.66 -3.19
CA ILE A 753 1.55 24.91 -4.33
C ILE A 753 0.70 26.16 -4.07
N ALA A 754 0.18 26.30 -2.85
CA ALA A 754 -0.68 27.43 -2.53
C ALA A 754 0.05 28.76 -2.70
N VAL A 755 1.30 28.85 -2.23
CA VAL A 755 2.03 30.10 -2.41
C VAL A 755 2.42 30.31 -3.86
N GLU A 756 2.69 29.22 -4.59
CA GLU A 756 3.04 29.36 -6.00
C GLU A 756 1.89 29.94 -6.82
N GLN A 757 0.66 29.63 -6.46
CA GLN A 757 -0.48 30.20 -7.19
C GLN A 757 -0.50 31.71 -7.10
N ASP A 758 -0.35 32.25 -5.89
CA ASP A 758 -0.32 33.70 -5.72
C ASP A 758 0.89 34.31 -6.43
N LYS A 759 2.03 33.63 -6.39
CA LYS A 759 3.19 34.13 -7.11
C LYS A 759 2.90 34.22 -8.61
N ASN A 760 2.23 33.21 -9.17
CA ASN A 760 1.89 33.22 -10.58
C ASN A 760 1.00 34.41 -10.92
N THR A 761 -0.05 34.62 -10.13
CA THR A 761 -0.97 35.71 -10.42
C THR A 761 -0.25 37.07 -10.32
N GLN A 762 0.57 37.24 -9.29
CA GLN A 762 1.29 38.51 -9.12
C GLN A 762 2.25 38.75 -10.27
N GLU A 763 2.96 37.71 -10.72
CA GLU A 763 3.86 37.88 -11.86
C GLU A 763 3.11 38.24 -13.12
N VAL A 764 1.95 37.61 -13.35
CA VAL A 764 1.23 37.84 -14.60
C VAL A 764 0.67 39.26 -14.64
N PHE A 765 0.02 39.70 -13.56
CA PHE A 765 -0.74 40.95 -13.63
C PHE A 765 0.02 42.16 -13.09
N ALA A 766 0.65 42.05 -11.93
CA ALA A 766 1.29 43.20 -11.29
C ALA A 766 2.61 43.50 -12.00
N GLN A 767 2.51 44.27 -13.07
CA GLN A 767 3.69 44.69 -13.84
C GLN A 767 3.83 46.20 -13.97
N VAL A 768 2.91 46.98 -13.39
CA VAL A 768 3.00 48.43 -13.38
C VAL A 768 2.71 48.92 -11.98
N LYS A 769 3.53 49.84 -11.48
CA LYS A 769 3.38 50.39 -10.14
C LYS A 769 2.66 51.74 -10.12
N GLN A 770 2.10 52.15 -11.25
CA GLN A 770 1.25 53.34 -11.32
C GLN A 770 -0.12 52.95 -11.85
N ILE A 771 -1.16 53.47 -11.21
CA ILE A 771 -2.54 53.16 -11.60
C ILE A 771 -2.99 54.29 -12.49
N TYR A 772 -2.80 54.11 -13.80
CA TYR A 772 -3.18 55.13 -14.76
C TYR A 772 -4.71 55.18 -14.92
N LYS A 773 -5.20 56.34 -15.33
CA LYS A 773 -6.62 56.58 -15.51
C LYS A 773 -6.88 57.16 -16.88
N THR A 774 -7.95 56.69 -17.51
CA THR A 774 -8.36 57.23 -18.80
C THR A 774 -8.91 58.65 -18.63
N PRO A 775 -8.75 59.50 -19.64
CA PRO A 775 -9.31 60.85 -19.54
C PRO A 775 -10.82 60.80 -19.55
N PRO A 776 -11.48 61.79 -18.96
CA PRO A 776 -12.96 61.79 -18.94
C PRO A 776 -13.58 61.80 -20.32
N ILE A 777 -12.96 62.45 -21.30
CA ILE A 777 -13.48 62.52 -22.65
C ILE A 777 -12.92 61.33 -23.43
N LYS A 778 -13.80 60.43 -23.83
CA LYS A 778 -13.38 59.19 -24.50
C LYS A 778 -13.48 59.35 -26.01
N TYR A 779 -12.57 60.17 -26.54
CA TYR A 779 -12.41 60.33 -27.98
C TYR A 779 -10.94 60.11 -28.32
N PHE A 780 -10.68 59.19 -29.25
CA PHE A 780 -9.32 58.83 -29.64
C PHE A 780 -9.18 58.80 -31.15
N GLY A 781 -9.68 59.83 -31.81
CA GLY A 781 -9.55 59.93 -33.26
C GLY A 781 -10.41 58.97 -34.04
N GLY A 782 -11.56 58.59 -33.50
CA GLY A 782 -12.47 57.69 -34.17
C GLY A 782 -12.43 56.27 -33.69
N PHE A 783 -11.38 55.89 -32.96
CA PHE A 783 -11.30 54.54 -32.42
C PHE A 783 -12.21 54.44 -31.21
N ASN A 784 -12.94 53.33 -31.10
CA ASN A 784 -13.99 53.15 -30.11
C ASN A 784 -13.62 51.99 -29.19
N PHE A 785 -13.34 52.30 -27.93
CA PHE A 785 -12.85 51.31 -26.96
C PHE A 785 -13.88 51.00 -25.89
N SER A 786 -15.17 51.19 -26.18
CA SER A 786 -16.19 50.99 -25.17
C SER A 786 -16.29 49.54 -24.74
N GLN A 787 -16.01 48.60 -25.65
CA GLN A 787 -16.16 47.18 -25.33
C GLN A 787 -15.08 46.65 -24.41
N ILE A 788 -13.99 47.39 -24.20
CA ILE A 788 -12.90 46.92 -23.34
C ILE A 788 -12.65 47.82 -22.15
N LEU A 789 -13.11 49.07 -22.17
CA LEU A 789 -12.91 49.96 -21.03
C LEU A 789 -13.91 49.63 -19.93
N PRO A 790 -13.58 49.97 -18.67
CA PRO A 790 -14.48 49.65 -17.56
C PRO A 790 -15.83 50.34 -17.71
N ASP A 791 -16.87 49.65 -17.26
CA ASP A 791 -18.23 50.17 -17.34
C ASP A 791 -18.63 50.76 -15.99
N PRO A 792 -18.83 52.07 -15.89
CA PRO A 792 -19.21 52.65 -14.59
C PRO A 792 -20.56 52.15 -14.08
N SER A 793 -21.50 51.84 -14.96
CA SER A 793 -22.84 51.45 -14.52
C SER A 793 -22.81 50.15 -13.73
N LYS A 794 -22.04 49.18 -14.19
CA LYS A 794 -21.97 47.90 -13.50
C LYS A 794 -21.29 48.08 -12.14
N PRO A 795 -21.86 47.55 -11.06
CA PRO A 795 -21.22 47.70 -9.74
C PRO A 795 -19.85 47.07 -9.66
N SER A 796 -19.61 45.99 -10.41
CA SER A 796 -18.31 45.30 -10.37
C SER A 796 -17.21 46.04 -11.12
N LYS A 797 -17.56 47.08 -11.88
CA LYS A 797 -16.59 47.87 -12.63
C LYS A 797 -15.80 46.99 -13.61
N ARG A 798 -16.53 46.27 -14.45
CA ARG A 798 -15.94 45.37 -15.43
C ARG A 798 -16.42 45.72 -16.82
N SER A 799 -15.53 45.53 -17.79
CA SER A 799 -15.86 45.79 -19.19
C SER A 799 -16.86 44.74 -19.67
N PRO A 800 -17.63 45.07 -20.72
CA PRO A 800 -18.62 44.09 -21.23
C PRO A 800 -18.02 42.75 -21.62
N ILE A 801 -16.83 42.75 -22.24
CA ILE A 801 -16.18 41.49 -22.56
C ILE A 801 -15.76 40.76 -21.31
N GLU A 802 -15.24 41.49 -20.31
CA GLU A 802 -14.90 40.88 -19.04
C GLU A 802 -16.12 40.30 -18.36
N ASP A 803 -17.26 41.01 -18.42
CA ASP A 803 -18.49 40.48 -17.84
C ASP A 803 -18.94 39.21 -18.55
N LEU A 804 -18.83 39.19 -19.89
CA LEU A 804 -19.20 38.00 -20.63
C LEU A 804 -18.31 36.81 -20.26
N LEU A 805 -17.00 37.06 -20.13
CA LEU A 805 -16.08 35.99 -19.74
C LEU A 805 -16.38 35.50 -18.33
N PHE A 806 -16.72 36.43 -17.42
CA PHE A 806 -17.05 36.04 -16.06
C PHE A 806 -18.31 35.20 -16.01
N ASN A 807 -19.31 35.54 -16.83
CA ASN A 807 -20.56 34.80 -16.82
C ASN A 807 -20.44 33.45 -17.50
N LYS A 808 -19.65 33.34 -18.56
CA LYS A 808 -19.59 32.12 -19.35
C LYS A 808 -18.82 30.99 -18.67
N VAL A 809 -18.11 31.26 -17.57
CA VAL A 809 -17.33 30.25 -16.87
C VAL A 809 -18.01 29.96 -15.54
N THR A 810 -18.37 28.69 -15.33
CA THR A 810 -19.05 28.28 -14.11
C THR A 810 -18.29 27.15 -13.42
N LYS A 837 -15.53 19.89 2.14
CA LYS A 837 -15.33 20.68 3.35
C LYS A 837 -15.50 19.81 4.58
N PHE A 838 -16.29 18.74 4.44
CA PHE A 838 -16.60 17.88 5.57
C PHE A 838 -15.35 17.20 6.12
N ASN A 839 -14.54 16.62 5.24
CA ASN A 839 -13.51 15.65 5.65
C ASN A 839 -12.13 16.27 5.77
N GLY A 840 -12.04 17.51 6.24
CA GLY A 840 -10.74 18.11 6.50
C GLY A 840 -10.07 18.75 5.32
N LEU A 841 -10.80 19.04 4.24
CA LEU A 841 -10.26 19.73 3.08
C LEU A 841 -10.84 21.13 3.02
N THR A 842 -10.00 22.12 2.79
CA THR A 842 -10.42 23.51 2.71
C THR A 842 -9.84 24.16 1.46
N VAL A 843 -10.54 25.16 0.95
CA VAL A 843 -10.09 25.95 -0.19
C VAL A 843 -9.72 27.33 0.31
N LEU A 844 -8.51 27.76 0.01
CA LEU A 844 -8.12 29.05 0.57
C LEU A 844 -8.39 30.17 -0.43
N PRO A 845 -8.83 31.34 0.06
CA PRO A 845 -9.13 32.43 -0.85
C PRO A 845 -7.86 32.98 -1.49
N PRO A 846 -7.93 33.44 -2.73
CA PRO A 846 -6.74 34.04 -3.36
C PRO A 846 -6.38 35.36 -2.70
N LEU A 847 -5.10 35.70 -2.78
CA LEU A 847 -4.64 36.98 -2.23
C LEU A 847 -5.21 38.15 -3.01
N LEU A 848 -5.25 38.05 -4.33
CA LEU A 848 -5.76 39.11 -5.19
C LEU A 848 -7.22 38.81 -5.49
N THR A 849 -8.13 39.67 -5.02
CA THR A 849 -9.53 39.53 -5.37
C THR A 849 -9.74 39.95 -6.83
N ASP A 850 -10.89 39.54 -7.37
CA ASP A 850 -11.17 39.82 -8.78
C ASP A 850 -11.21 41.31 -9.08
N GLU A 851 -11.68 42.11 -8.13
CA GLU A 851 -11.78 43.56 -8.35
C GLU A 851 -10.41 44.17 -8.57
N MET A 852 -9.42 43.77 -7.77
CA MET A 852 -8.09 44.36 -7.92
C MET A 852 -7.39 43.88 -9.18
N ILE A 853 -7.66 42.64 -9.62
CA ILE A 853 -7.15 42.19 -10.91
C ILE A 853 -7.76 43.01 -12.04
N ALA A 854 -9.07 43.28 -11.96
CA ALA A 854 -9.71 44.13 -12.95
C ALA A 854 -9.12 45.53 -12.92
N GLN A 855 -8.78 46.02 -11.73
CA GLN A 855 -8.14 47.34 -11.62
C GLN A 855 -6.78 47.34 -12.29
N TYR A 856 -6.00 46.27 -12.12
CA TYR A 856 -4.72 46.16 -12.79
C TYR A 856 -4.88 46.17 -14.30
N THR A 857 -5.85 45.41 -14.80
CA THR A 857 -6.08 45.38 -16.25
C THR A 857 -6.53 46.74 -16.78
N SER A 858 -7.38 47.44 -16.02
CA SER A 858 -7.81 48.78 -16.43
C SER A 858 -6.63 49.74 -16.46
N ALA A 859 -5.74 49.65 -15.47
CA ALA A 859 -4.55 50.50 -15.47
C ALA A 859 -3.68 50.22 -16.69
N LEU A 860 -3.49 48.94 -17.02
CA LEU A 860 -2.70 48.59 -18.20
C LEU A 860 -3.35 49.13 -19.47
N LEU A 861 -4.66 49.00 -19.60
CA LEU A 861 -5.37 49.50 -20.77
C LEU A 861 -5.23 51.01 -20.90
N ALA A 862 -5.40 51.73 -19.79
CA ALA A 862 -5.27 53.18 -19.83
C ALA A 862 -3.86 53.58 -20.22
N GLY A 863 -2.86 52.91 -19.66
CA GLY A 863 -1.48 53.23 -20.01
C GLY A 863 -1.19 53.00 -21.48
N THR A 864 -1.59 51.85 -22.01
CA THR A 864 -1.30 51.55 -23.40
C THR A 864 -2.12 52.39 -24.36
N ILE A 865 -3.28 52.90 -23.93
CA ILE A 865 -4.06 53.77 -24.81
C ILE A 865 -3.49 55.17 -24.82
N THR A 866 -3.10 55.70 -23.66
CA THR A 866 -2.71 57.11 -23.58
C THR A 866 -1.23 57.34 -23.89
N SER A 867 -0.34 56.40 -23.58
CA SER A 867 1.09 56.64 -23.67
C SER A 867 1.83 55.65 -24.55
N GLY A 868 1.12 54.81 -25.30
CA GLY A 868 1.80 53.86 -26.18
C GLY A 868 2.62 52.87 -25.39
N TRP A 869 3.82 52.57 -25.89
CA TRP A 869 4.72 51.62 -25.25
C TRP A 869 5.68 52.28 -24.28
N THR A 870 5.67 53.61 -24.17
CA THR A 870 6.66 54.30 -23.35
C THR A 870 6.52 53.97 -21.88
N PHE A 871 5.28 53.86 -21.38
CA PHE A 871 5.05 53.67 -19.96
C PHE A 871 5.65 52.36 -19.44
N GLY A 872 5.89 51.39 -20.32
CA GLY A 872 6.52 50.15 -19.91
C GLY A 872 8.01 50.22 -19.75
N ALA A 873 8.65 51.26 -20.29
CA ALA A 873 10.10 51.40 -20.26
C ALA A 873 10.56 52.64 -19.50
N GLY A 874 9.69 53.23 -18.69
CA GLY A 874 10.03 54.42 -17.95
C GLY A 874 8.82 55.27 -17.65
N PRO A 875 9.01 56.58 -17.54
CA PRO A 875 7.88 57.47 -17.30
C PRO A 875 6.93 57.49 -18.49
N ALA A 876 5.64 57.68 -18.20
CA ALA A 876 4.62 57.67 -19.23
C ALA A 876 4.59 59.02 -19.94
N LEU A 877 4.75 58.99 -21.26
CA LEU A 877 4.70 60.18 -22.08
C LEU A 877 3.49 60.11 -23.00
N GLN A 878 2.65 61.14 -22.96
CA GLN A 878 1.42 61.13 -23.73
C GLN A 878 1.72 61.28 -25.22
N ILE A 879 0.77 60.82 -26.03
CA ILE A 879 0.90 60.80 -27.48
C ILE A 879 -0.50 60.68 -28.08
N PRO A 880 -0.85 61.48 -29.08
CA PRO A 880 -2.14 61.29 -29.75
C PRO A 880 -2.23 59.91 -30.37
N PHE A 881 -3.42 59.32 -30.30
CA PHE A 881 -3.58 57.95 -30.78
C PHE A 881 -3.30 57.78 -32.27
N PRO A 882 -3.73 58.65 -33.17
CA PRO A 882 -3.33 58.49 -34.58
C PRO A 882 -1.82 58.50 -34.77
N MET A 883 -1.09 59.31 -33.99
CA MET A 883 0.36 59.33 -34.11
C MET A 883 0.96 58.01 -33.63
N GLN A 884 0.41 57.44 -32.56
CA GLN A 884 0.85 56.13 -32.11
C GLN A 884 0.57 55.06 -33.17
N MET A 885 -0.58 55.16 -33.83
CA MET A 885 -0.89 54.25 -34.93
C MET A 885 0.10 54.39 -36.07
N ALA A 886 0.50 55.63 -36.38
CA ALA A 886 1.51 55.84 -37.40
C ALA A 886 2.84 55.22 -37.00
N TYR A 887 3.22 55.36 -35.73
CA TYR A 887 4.45 54.75 -35.24
C TYR A 887 4.39 53.23 -35.40
N ARG A 888 3.28 52.62 -35.01
CA ARG A 888 3.15 51.17 -35.12
C ARG A 888 3.06 50.71 -36.57
N PHE A 889 2.55 51.55 -37.47
CA PHE A 889 2.59 51.22 -38.89
C PHE A 889 4.01 51.27 -39.43
N ASN A 890 4.79 52.27 -39.02
CA ASN A 890 6.20 52.31 -39.38
C ASN A 890 6.94 51.09 -38.83
N GLY A 891 6.51 50.59 -37.68
CA GLY A 891 7.18 49.45 -37.07
C GLY A 891 7.17 48.20 -37.93
N ILE A 892 6.15 48.05 -38.80
CA ILE A 892 6.02 46.85 -39.62
C ILE A 892 6.46 47.07 -41.06
N GLY A 893 6.90 48.27 -41.41
CA GLY A 893 7.40 48.52 -42.75
C GLY A 893 6.46 49.25 -43.68
N VAL A 894 5.49 49.99 -43.16
CA VAL A 894 4.56 50.78 -43.95
C VAL A 894 4.68 52.23 -43.53
N THR A 895 4.74 53.13 -44.51
CA THR A 895 4.94 54.54 -44.22
C THR A 895 3.73 55.14 -43.50
N GLN A 896 3.94 56.30 -42.90
CA GLN A 896 2.90 56.92 -42.07
C GLN A 896 1.75 57.45 -42.91
N ASN A 897 2.02 57.91 -44.14
CA ASN A 897 0.97 58.46 -44.96
C ASN A 897 -0.12 57.44 -45.26
N VAL A 898 0.23 56.15 -45.26
CA VAL A 898 -0.79 55.11 -45.43
C VAL A 898 -1.81 55.17 -44.30
N LEU A 899 -1.33 55.32 -43.07
CA LEU A 899 -2.24 55.45 -41.94
C LEU A 899 -3.00 56.78 -41.98
N TYR A 900 -2.31 57.87 -42.29
CA TYR A 900 -2.93 59.19 -42.18
C TYR A 900 -4.00 59.39 -43.24
N GLU A 901 -3.78 58.88 -44.46
CA GLU A 901 -4.74 59.09 -45.54
C GLU A 901 -5.91 58.11 -45.49
N ASN A 902 -5.84 57.07 -44.65
CA ASN A 902 -6.92 56.10 -44.53
C ASN A 902 -7.31 55.91 -43.07
N GLN A 903 -7.45 57.02 -42.35
CA GLN A 903 -7.72 56.94 -40.91
C GLN A 903 -9.13 56.44 -40.64
N LYS A 904 -10.12 56.98 -41.35
CA LYS A 904 -11.51 56.60 -41.09
C LYS A 904 -11.75 55.14 -41.43
N LEU A 905 -11.18 54.66 -42.53
CA LEU A 905 -11.36 53.26 -42.91
C LEU A 905 -10.76 52.33 -41.87
N ILE A 906 -9.56 52.64 -41.37
CA ILE A 906 -8.93 51.81 -40.36
C ILE A 906 -9.74 51.82 -39.07
N ALA A 907 -10.23 53.00 -38.67
CA ALA A 907 -11.06 53.08 -37.47
C ALA A 907 -12.32 52.24 -37.61
N ASN A 908 -12.96 52.31 -38.78
CA ASN A 908 -14.18 51.52 -39.00
C ASN A 908 -13.88 50.03 -38.96
N GLN A 909 -12.78 49.60 -39.57
CA GLN A 909 -12.41 48.19 -39.55
C GLN A 909 -12.15 47.72 -38.12
N PHE A 910 -11.42 48.52 -37.34
CA PHE A 910 -11.15 48.15 -35.96
C PHE A 910 -12.43 48.05 -35.14
N ASN A 911 -13.35 49.01 -35.32
CA ASN A 911 -14.61 48.96 -34.60
C ASN A 911 -15.42 47.73 -35.00
N SER A 912 -15.43 47.39 -36.29
CA SER A 912 -16.16 46.21 -36.73
C SER A 912 -15.58 44.94 -36.12
N ALA A 913 -14.25 44.83 -36.07
CA ALA A 913 -13.64 43.65 -35.46
C ALA A 913 -13.96 43.56 -33.98
N ILE A 914 -13.91 44.70 -33.28
CA ILE A 914 -14.23 44.71 -31.85
C ILE A 914 -15.68 44.34 -31.61
N GLY A 915 -16.57 44.76 -32.53
CA GLY A 915 -17.95 44.31 -32.43
C GLY A 915 -18.10 42.82 -32.65
N LYS A 916 -17.37 42.28 -33.62
CA LYS A 916 -17.49 40.86 -33.96
C LYS A 916 -16.96 39.96 -32.85
N ILE A 917 -15.92 40.39 -32.14
CA ILE A 917 -15.24 39.49 -31.21
C ILE A 917 -16.16 39.08 -30.06
N GLN A 918 -17.00 39.99 -29.60
CA GLN A 918 -17.91 39.67 -28.50
C GLN A 918 -18.91 38.60 -28.91
N ASP A 919 -19.50 38.73 -30.10
CA ASP A 919 -20.42 37.71 -30.59
C ASP A 919 -19.70 36.39 -30.82
N SER A 920 -18.45 36.45 -31.29
CA SER A 920 -17.68 35.22 -31.47
C SER A 920 -17.47 34.49 -30.15
N LEU A 921 -17.16 35.24 -29.09
CA LEU A 921 -16.99 34.61 -27.79
C LEU A 921 -18.30 34.06 -27.25
N SER A 922 -19.38 34.84 -27.38
CA SER A 922 -20.65 34.46 -26.75
C SER A 922 -21.30 33.28 -27.45
N SER A 923 -21.23 33.24 -28.78
CA SER A 923 -21.98 32.25 -29.55
C SER A 923 -21.32 30.88 -29.59
N THR A 924 -20.10 30.75 -29.09
CA THR A 924 -19.40 29.47 -29.11
C THR A 924 -19.15 29.01 -27.68
N PRO A 925 -19.63 27.82 -27.28
CA PRO A 925 -19.42 27.37 -25.90
C PRO A 925 -18.04 26.81 -25.63
N SER A 926 -17.32 26.35 -26.65
CA SER A 926 -16.02 25.72 -26.47
C SER A 926 -14.86 26.70 -26.50
N ALA A 927 -15.14 28.01 -26.62
CA ALA A 927 -14.06 28.99 -26.66
C ALA A 927 -13.32 29.06 -25.32
N LEU A 928 -14.03 28.90 -24.21
CA LEU A 928 -13.46 29.01 -22.88
C LEU A 928 -13.10 27.64 -22.29
N GLY A 929 -12.63 26.71 -23.13
CA GLY A 929 -12.47 25.33 -22.68
C GLY A 929 -11.42 25.15 -21.61
N LYS A 930 -10.35 25.94 -21.66
CA LYS A 930 -9.19 25.68 -20.79
C LYS A 930 -9.51 26.03 -19.33
N LEU A 931 -10.09 27.21 -19.09
CA LEU A 931 -10.40 27.60 -17.72
C LEU A 931 -11.46 26.69 -17.11
N GLN A 932 -12.49 26.37 -17.88
CA GLN A 932 -13.51 25.44 -17.40
C GLN A 932 -12.91 24.06 -17.15
N ASP A 933 -11.93 23.65 -17.96
CA ASP A 933 -11.25 22.40 -17.73
C ASP A 933 -10.49 22.42 -16.41
N VAL A 934 -9.84 23.55 -16.10
CA VAL A 934 -9.15 23.68 -14.81
C VAL A 934 -10.14 23.52 -13.66
N VAL A 935 -11.28 24.22 -13.75
CA VAL A 935 -12.27 24.16 -12.68
C VAL A 935 -12.80 22.74 -12.53
N ASN A 936 -13.11 22.09 -13.64
CA ASN A 936 -13.64 20.73 -13.61
C ASN A 936 -12.62 19.75 -13.04
N HIS A 937 -11.34 19.91 -13.41
CA HIS A 937 -10.30 19.05 -12.88
C HIS A 937 -10.22 19.17 -11.37
N ASN A 938 -10.24 20.40 -10.86
CA ASN A 938 -10.19 20.60 -9.42
C ASN A 938 -11.38 19.91 -8.75
N ALA A 939 -12.59 20.20 -9.24
CA ALA A 939 -13.78 19.67 -8.59
C ALA A 939 -13.82 18.15 -8.62
N GLN A 940 -13.45 17.55 -9.76
CA GLN A 940 -13.47 16.11 -9.89
C GLN A 940 -12.43 15.47 -8.98
N ALA A 941 -11.24 16.07 -8.87
CA ALA A 941 -10.22 15.53 -7.98
C ALA A 941 -10.69 15.54 -6.54
N LEU A 942 -11.29 16.66 -6.10
CA LEU A 942 -11.78 16.74 -4.73
C LEU A 942 -12.91 15.74 -4.49
N ASN A 943 -13.82 15.60 -5.46
CA ASN A 943 -14.92 14.67 -5.30
C ASN A 943 -14.42 13.24 -5.21
N THR A 944 -13.44 12.87 -6.04
CA THR A 944 -12.88 11.52 -5.97
C THR A 944 -12.18 11.28 -4.65
N LEU A 945 -11.42 12.27 -4.16
CA LEU A 945 -10.74 12.11 -2.88
C LEU A 945 -11.74 11.91 -1.75
N VAL A 946 -12.85 12.65 -1.76
CA VAL A 946 -13.85 12.47 -0.72
C VAL A 946 -14.55 11.12 -0.86
N LYS A 947 -14.83 10.70 -2.11
CA LYS A 947 -15.50 9.44 -2.34
C LYS A 947 -14.65 8.26 -1.91
N GLN A 948 -13.32 8.40 -1.96
CA GLN A 948 -12.45 7.29 -1.60
C GLN A 948 -12.62 6.84 -0.15
N LEU A 949 -13.23 7.66 0.70
CA LEU A 949 -13.41 7.29 2.10
C LEU A 949 -14.43 6.18 2.29
N SER A 950 -15.23 5.86 1.28
CA SER A 950 -16.30 4.89 1.42
C SER A 950 -15.87 3.48 1.05
N SER A 951 -14.61 3.26 0.72
CA SER A 951 -14.14 1.95 0.30
C SER A 951 -13.63 1.14 1.49
N LYS A 952 -13.81 -0.18 1.41
CA LYS A 952 -13.38 -1.07 2.48
C LYS A 952 -11.87 -1.28 2.49
N PHE A 953 -11.24 -1.24 1.31
CA PHE A 953 -9.79 -1.45 1.16
C PHE A 953 -9.36 -2.80 1.71
N GLY A 954 -10.21 -3.82 1.55
CA GLY A 954 -9.90 -5.15 2.01
C GLY A 954 -10.28 -5.46 3.44
N ALA A 955 -10.76 -4.48 4.19
CA ALA A 955 -11.19 -4.70 5.56
C ALA A 955 -12.60 -5.27 5.56
N ILE A 956 -13.22 -5.36 6.75
CA ILE A 956 -14.57 -5.89 6.84
C ILE A 956 -15.64 -4.79 6.78
N SER A 957 -15.27 -3.54 7.07
CA SER A 957 -16.22 -2.44 7.00
C SER A 957 -15.46 -1.15 6.74
N SER A 958 -16.18 -0.18 6.18
CA SER A 958 -15.61 1.12 5.87
C SER A 958 -15.84 2.16 6.97
N VAL A 959 -16.48 1.76 8.07
CA VAL A 959 -16.75 2.67 9.18
C VAL A 959 -15.80 2.32 10.31
N LEU A 960 -15.00 3.31 10.73
CA LEU A 960 -14.03 3.10 11.78
C LEU A 960 -14.71 2.76 13.11
N ASN A 961 -15.81 3.44 13.42
CA ASN A 961 -16.50 3.19 14.68
C ASN A 961 -17.10 1.78 14.71
N ASP A 962 -17.64 1.31 13.58
CA ASP A 962 -18.25 0.00 13.55
C ASP A 962 -17.21 -1.09 13.81
N ILE A 963 -16.09 -1.04 13.10
CA ILE A 963 -15.06 -2.06 13.29
C ILE A 963 -14.45 -1.93 14.69
N LEU A 964 -14.33 -0.71 15.21
CA LEU A 964 -13.80 -0.53 16.56
C LEU A 964 -14.72 -1.17 17.61
N SER A 965 -16.04 -0.99 17.44
CA SER A 965 -16.98 -1.50 18.43
C SER A 965 -17.18 -3.00 18.31
N ARG A 966 -17.18 -3.53 17.09
CA ARG A 966 -17.59 -4.93 16.89
C ARG A 966 -16.50 -5.91 17.34
N LEU A 967 -15.23 -5.59 17.11
CA LEU A 967 -14.15 -6.56 17.25
C LEU A 967 -13.28 -6.23 18.46
N ASP A 968 -12.21 -7.01 18.61
CA ASP A 968 -11.27 -6.93 19.72
C ASP A 968 -9.99 -6.23 19.30
N PRO A 969 -9.22 -5.70 20.26
CA PRO A 969 -8.11 -4.77 19.92
C PRO A 969 -7.12 -5.33 18.90
N PRO A 970 -6.73 -6.62 18.96
CA PRO A 970 -5.78 -7.11 17.95
C PRO A 970 -6.31 -7.07 16.52
N GLU A 971 -7.44 -7.75 16.30
CA GLU A 971 -8.02 -7.77 14.95
C GLU A 971 -8.54 -6.40 14.54
N ALA A 972 -9.05 -5.62 15.49
CA ALA A 972 -9.43 -4.25 15.17
C ALA A 972 -8.22 -3.44 14.72
N GLU A 973 -7.08 -3.65 15.38
CA GLU A 973 -5.84 -2.99 14.96
C GLU A 973 -5.47 -3.40 13.55
N VAL A 974 -5.62 -4.69 13.21
CA VAL A 974 -5.31 -5.15 11.86
C VAL A 974 -6.20 -4.45 10.83
N GLN A 975 -7.51 -4.41 11.10
CA GLN A 975 -8.43 -3.77 10.16
C GLN A 975 -8.15 -2.28 10.02
N ILE A 976 -7.88 -1.61 11.14
CA ILE A 976 -7.56 -0.18 11.10
C ILE A 976 -6.26 0.06 10.34
N ASP A 977 -5.30 -0.87 10.48
CA ASP A 977 -4.06 -0.77 9.71
C ASP A 977 -4.37 -0.83 8.21
N ARG A 978 -5.26 -1.74 7.82
CA ARG A 978 -5.65 -1.81 6.41
C ARG A 978 -6.27 -0.50 5.94
N LEU A 979 -7.19 0.05 6.74
CA LEU A 979 -7.86 1.29 6.35
C LEU A 979 -6.86 2.44 6.22
N ILE A 980 -5.93 2.55 7.19
CA ILE A 980 -4.93 3.62 7.14
C ILE A 980 -4.04 3.47 5.93
N THR A 981 -3.58 2.24 5.64
CA THR A 981 -2.68 2.04 4.52
C THR A 981 -3.37 2.23 3.18
N GLY A 982 -4.71 2.19 3.16
CA GLY A 982 -5.41 2.58 1.95
C GLY A 982 -5.57 4.09 1.81
N ARG A 983 -5.99 4.74 2.90
CA ARG A 983 -6.26 6.17 2.84
C ARG A 983 -4.99 6.98 2.63
N LEU A 984 -3.86 6.53 3.19
CA LEU A 984 -2.59 7.21 2.96
C LEU A 984 -2.21 7.18 1.48
N GLN A 985 -2.40 6.04 0.82
CA GLN A 985 -2.13 5.94 -0.61
C GLN A 985 -3.04 6.87 -1.40
N SER A 986 -4.31 6.94 -1.02
CA SER A 986 -5.22 7.87 -1.69
C SER A 986 -4.73 9.31 -1.58
N LEU A 987 -4.33 9.72 -0.38
CA LEU A 987 -3.85 11.07 -0.16
C LEU A 987 -2.59 11.34 -0.97
N GLN A 988 -1.66 10.39 -1.00
CA GLN A 988 -0.42 10.59 -1.74
C GLN A 988 -0.69 10.72 -3.24
N THR A 989 -1.61 9.91 -3.77
CA THR A 989 -1.97 10.03 -5.18
C THR A 989 -2.53 11.41 -5.48
N TYR A 990 -3.41 11.90 -4.61
CA TYR A 990 -3.98 13.23 -4.81
C TYR A 990 -2.89 14.30 -4.81
N VAL A 991 -1.97 14.21 -3.85
CA VAL A 991 -0.91 15.22 -3.75
C VAL A 991 -0.02 15.22 -4.98
N THR A 992 0.36 14.02 -5.46
CA THR A 992 1.22 13.94 -6.63
C THR A 992 0.53 14.52 -7.87
N GLN A 993 -0.76 14.20 -8.04
CA GLN A 993 -1.49 14.77 -9.17
C GLN A 993 -1.54 16.29 -9.08
N GLN A 994 -1.77 16.81 -7.87
CA GLN A 994 -1.78 18.25 -7.70
C GLN A 994 -0.43 18.87 -8.04
N LEU A 995 0.66 18.22 -7.66
CA LEU A 995 1.98 18.75 -7.98
C LEU A 995 2.20 18.83 -9.49
N ILE A 996 1.83 17.77 -10.21
CA ILE A 996 2.03 17.77 -11.66
C ILE A 996 1.19 18.86 -12.32
N ARG A 997 -0.08 18.97 -11.91
CA ARG A 997 -0.93 20.02 -12.49
C ARG A 997 -0.42 21.41 -12.14
N ALA A 998 0.16 21.57 -10.95
CA ALA A 998 0.73 22.86 -10.58
C ALA A 998 1.91 23.21 -11.46
N ALA A 999 2.75 22.23 -11.79
CA ALA A 999 3.85 22.49 -12.71
C ALA A 999 3.33 22.93 -14.09
N GLU A 1000 2.30 22.24 -14.59
CA GLU A 1000 1.71 22.63 -15.86
C GLU A 1000 1.19 24.07 -15.82
N ILE A 1001 0.46 24.40 -14.75
CA ILE A 1001 -0.12 25.73 -14.63
C ILE A 1001 0.98 26.79 -14.50
N ARG A 1002 2.07 26.45 -13.83
CA ARG A 1002 3.19 27.40 -13.72
C ARG A 1002 3.80 27.68 -15.09
N ALA A 1003 3.97 26.64 -15.90
CA ALA A 1003 4.48 26.87 -17.26
C ALA A 1003 3.53 27.78 -18.05
N SER A 1004 2.23 27.53 -17.95
CA SER A 1004 1.26 28.38 -18.65
C SER A 1004 1.32 29.81 -18.16
N ALA A 1005 1.47 30.01 -16.84
CA ALA A 1005 1.53 31.35 -16.28
C ALA A 1005 2.79 32.09 -16.73
N ASN A 1006 3.91 31.38 -16.81
CA ASN A 1006 5.12 32.02 -17.33
C ASN A 1006 4.94 32.45 -18.77
N LEU A 1007 4.32 31.60 -19.58
CA LEU A 1007 4.04 32.00 -20.96
C LEU A 1007 3.13 33.23 -21.02
N ALA A 1008 2.11 33.26 -20.16
CA ALA A 1008 1.20 34.41 -20.14
C ALA A 1008 1.92 35.68 -19.72
N ALA A 1009 2.82 35.58 -18.74
CA ALA A 1009 3.57 36.75 -18.31
C ALA A 1009 4.47 37.27 -19.43
N THR A 1010 5.12 36.35 -20.16
CA THR A 1010 5.94 36.78 -21.29
C THR A 1010 5.10 37.45 -22.36
N LYS A 1011 3.91 36.89 -22.63
CA LYS A 1011 3.02 37.50 -23.63
C LYS A 1011 2.60 38.89 -23.21
N MET A 1012 2.26 39.07 -21.93
CA MET A 1012 1.87 40.40 -21.46
C MET A 1012 3.03 41.38 -21.56
N SER A 1013 4.24 40.93 -21.22
CA SER A 1013 5.39 41.83 -21.28
C SER A 1013 5.71 42.24 -22.70
N GLU A 1014 5.61 41.32 -23.66
CA GLU A 1014 6.10 41.60 -25.01
C GLU A 1014 5.04 42.12 -25.97
N CYS A 1015 3.82 41.57 -25.94
CA CYS A 1015 2.80 41.99 -26.90
C CYS A 1015 2.03 43.22 -26.44
N VAL A 1016 1.79 43.35 -25.13
CA VAL A 1016 0.99 44.47 -24.63
C VAL A 1016 1.87 45.70 -24.37
N LEU A 1017 2.96 45.54 -23.64
CA LEU A 1017 3.84 46.65 -23.29
C LEU A 1017 4.74 47.08 -24.43
N GLY A 1018 4.56 46.54 -25.62
CA GLY A 1018 5.38 46.91 -26.76
C GLY A 1018 4.90 46.18 -28.00
N GLN A 1019 5.60 46.45 -29.10
CA GLN A 1019 5.30 45.82 -30.38
C GLN A 1019 6.31 44.71 -30.64
N SER A 1020 5.81 43.54 -31.02
CA SER A 1020 6.63 42.35 -31.15
C SER A 1020 6.90 42.03 -32.61
N LYS A 1021 8.16 41.72 -32.92
CA LYS A 1021 8.56 41.30 -34.26
C LYS A 1021 8.55 39.80 -34.44
N ARG A 1022 8.30 39.03 -33.37
CA ARG A 1022 8.28 37.58 -33.48
C ARG A 1022 7.03 37.12 -34.23
N VAL A 1023 7.22 36.15 -35.12
CA VAL A 1023 6.14 35.69 -35.99
C VAL A 1023 5.20 34.79 -35.20
N ASP A 1024 3.90 35.07 -35.31
CA ASP A 1024 2.82 34.27 -34.72
C ASP A 1024 2.88 34.22 -33.21
N PHE A 1025 3.73 35.04 -32.57
CA PHE A 1025 3.74 35.07 -31.10
C PHE A 1025 2.52 35.80 -30.56
N CYS A 1026 2.14 36.92 -31.17
CA CYS A 1026 1.02 37.71 -30.70
C CYS A 1026 -0.07 37.81 -31.75
N GLY A 1027 -0.42 36.69 -32.36
CA GLY A 1027 -1.51 36.65 -33.31
C GLY A 1027 -1.02 36.47 -34.75
N LYS A 1028 -1.93 35.97 -35.59
CA LYS A 1028 -1.62 35.74 -36.99
C LYS A 1028 -1.59 37.07 -37.75
N GLY A 1029 -0.52 37.29 -38.50
CA GLY A 1029 -0.32 38.51 -39.25
C GLY A 1029 0.79 39.36 -38.65
N TYR A 1030 0.88 40.59 -39.15
CA TYR A 1030 1.85 41.54 -38.64
C TYR A 1030 1.28 42.22 -37.40
N HIS A 1031 1.98 42.09 -36.28
CA HIS A 1031 1.45 42.56 -35.00
C HIS A 1031 1.36 44.07 -34.96
N LEU A 1032 0.24 44.57 -34.46
CA LEU A 1032 0.05 46.00 -34.21
C LEU A 1032 0.00 46.31 -32.72
N MET A 1033 -0.87 45.66 -31.96
CA MET A 1033 -0.86 45.79 -30.50
C MET A 1033 -1.71 44.67 -29.90
N SER A 1034 -1.95 44.77 -28.59
CA SER A 1034 -2.77 43.79 -27.89
C SER A 1034 -3.41 44.47 -26.67
N PHE A 1035 -4.51 43.87 -26.22
CA PHE A 1035 -5.22 44.36 -25.05
C PHE A 1035 -5.54 43.20 -24.11
N PRO A 1036 -5.34 43.39 -22.80
CA PRO A 1036 -5.62 42.32 -21.85
C PRO A 1036 -7.02 42.41 -21.25
N GLN A 1037 -7.53 41.24 -20.86
CA GLN A 1037 -8.78 41.13 -20.13
C GLN A 1037 -8.64 40.01 -19.11
N SER A 1038 -9.24 40.21 -17.93
CA SER A 1038 -9.19 39.19 -16.91
C SER A 1038 -10.29 38.16 -17.11
N ALA A 1039 -10.09 36.97 -16.54
CA ALA A 1039 -11.09 35.92 -16.59
C ALA A 1039 -10.86 35.00 -15.41
N PRO A 1040 -11.89 34.26 -14.98
CA PRO A 1040 -11.70 33.34 -13.85
C PRO A 1040 -10.57 32.38 -14.09
N HIS A 1041 -9.52 32.50 -13.28
CA HIS A 1041 -8.33 31.66 -13.34
C HIS A 1041 -7.55 31.84 -14.63
N GLY A 1042 -7.58 33.02 -15.24
CA GLY A 1042 -6.81 33.19 -16.46
C GLY A 1042 -6.93 34.57 -17.05
N VAL A 1043 -6.28 34.73 -18.21
CA VAL A 1043 -6.22 36.01 -18.91
C VAL A 1043 -6.52 35.79 -20.39
N VAL A 1044 -7.20 36.75 -20.99
CA VAL A 1044 -7.56 36.71 -22.40
C VAL A 1044 -6.89 37.89 -23.09
N PHE A 1045 -6.12 37.60 -24.13
CA PHE A 1045 -5.46 38.63 -24.92
C PHE A 1045 -6.21 38.85 -26.22
N LEU A 1046 -6.42 40.11 -26.57
CA LEU A 1046 -7.01 40.50 -27.85
C LEU A 1046 -5.90 41.10 -28.68
N HIS A 1047 -5.46 40.37 -29.70
CA HIS A 1047 -4.36 40.80 -30.56
C HIS A 1047 -4.92 41.51 -31.78
N VAL A 1048 -4.45 42.73 -32.02
CA VAL A 1048 -4.81 43.52 -33.19
C VAL A 1048 -3.61 43.50 -34.13
N THR A 1049 -3.85 43.00 -35.35
CA THR A 1049 -2.80 42.76 -36.34
C THR A 1049 -3.25 43.27 -37.71
N TYR A 1050 -2.29 43.34 -38.62
CA TYR A 1050 -2.45 43.90 -39.96
C TYR A 1050 -2.28 42.79 -40.98
N VAL A 1051 -3.21 42.68 -41.92
CA VAL A 1051 -3.17 41.60 -42.91
C VAL A 1051 -3.31 42.16 -44.32
N PRO A 1052 -2.41 41.83 -45.23
CA PRO A 1052 -2.54 42.29 -46.61
C PRO A 1052 -3.69 41.58 -47.33
N ALA A 1053 -4.15 42.21 -48.41
CA ALA A 1053 -5.24 41.67 -49.20
C ALA A 1053 -5.31 42.43 -50.53
N GLN A 1054 -6.00 41.83 -51.49
CA GLN A 1054 -6.13 42.42 -52.85
C GLN A 1054 -4.73 42.53 -53.46
N GLU A 1055 -4.13 41.38 -53.78
CA GLU A 1055 -2.77 41.36 -54.40
C GLU A 1055 -2.90 41.61 -55.90
N LYS A 1056 -1.78 41.93 -56.56
CA LYS A 1056 -1.78 42.19 -58.02
C LYS A 1056 -0.42 41.82 -58.60
N ASN A 1057 -0.38 41.31 -59.84
CA ASN A 1057 0.89 40.89 -60.47
C ASN A 1057 1.68 42.08 -60.99
N PHE A 1058 3.01 41.97 -61.00
CA PHE A 1058 3.86 43.05 -61.54
C PHE A 1058 5.18 42.44 -62.02
N THR A 1059 5.61 42.75 -63.24
CA THR A 1059 6.92 42.25 -63.73
C THR A 1059 8.00 43.01 -62.94
N THR A 1060 9.08 42.33 -62.56
CA THR A 1060 10.09 43.00 -61.70
C THR A 1060 11.49 42.86 -62.26
N ALA A 1061 12.46 43.51 -61.63
CA ALA A 1061 13.87 43.44 -62.03
C ALA A 1061 14.73 43.68 -60.82
N PRO A 1062 15.90 43.05 -60.71
CA PRO A 1062 16.73 43.25 -59.52
C PRO A 1062 17.37 44.62 -59.44
N ALA A 1063 17.91 45.13 -60.55
CA ALA A 1063 18.55 46.43 -60.57
C ALA A 1063 18.31 47.06 -61.93
N ILE A 1064 18.52 48.36 -62.02
CA ILE A 1064 18.21 49.12 -63.23
C ILE A 1064 19.49 49.74 -63.78
N CYS A 1065 19.72 49.58 -65.08
CA CYS A 1065 20.95 50.05 -65.70
C CYS A 1065 20.68 51.37 -66.42
N HIS A 1066 21.44 52.40 -66.08
CA HIS A 1066 21.31 53.71 -66.68
C HIS A 1066 22.67 54.36 -66.78
N ASP A 1067 23.01 54.85 -67.98
CA ASP A 1067 24.26 55.58 -68.23
C ASP A 1067 25.47 54.75 -67.81
N GLY A 1068 25.40 53.44 -68.05
CA GLY A 1068 26.50 52.57 -67.69
C GLY A 1068 26.68 52.35 -66.21
N LYS A 1069 25.65 52.58 -65.41
CA LYS A 1069 25.72 52.38 -63.97
C LYS A 1069 24.50 51.58 -63.52
N ALA A 1070 24.67 50.86 -62.41
CA ALA A 1070 23.62 50.03 -61.84
C ALA A 1070 23.03 50.71 -60.61
N HIS A 1071 21.70 50.86 -60.61
CA HIS A 1071 20.99 51.47 -59.50
C HIS A 1071 20.14 50.40 -58.81
N PHE A 1072 20.18 50.39 -57.48
CA PHE A 1072 19.42 49.53 -56.61
C PHE A 1072 18.51 50.36 -55.72
N PRO A 1073 17.33 49.85 -55.39
CA PRO A 1073 16.41 50.63 -54.54
C PRO A 1073 16.94 50.76 -53.12
N ARG A 1074 16.56 51.87 -52.48
CA ARG A 1074 16.93 52.06 -51.08
C ARG A 1074 16.10 51.20 -50.15
N GLU A 1075 14.77 51.30 -50.28
CA GLU A 1075 13.86 50.52 -49.44
C GLU A 1075 12.73 49.87 -50.22
N GLY A 1076 12.55 50.17 -51.49
CA GLY A 1076 11.44 49.68 -52.27
C GLY A 1076 11.82 48.58 -53.23
N VAL A 1077 10.93 48.32 -54.19
CA VAL A 1077 11.10 47.30 -55.20
C VAL A 1077 10.81 47.93 -56.55
N PHE A 1078 11.56 47.52 -57.57
CA PHE A 1078 11.30 47.92 -58.95
C PHE A 1078 10.15 47.09 -59.48
N VAL A 1079 9.08 47.76 -59.93
CA VAL A 1079 7.92 47.10 -60.48
C VAL A 1079 7.59 47.75 -61.81
N SER A 1080 6.83 47.03 -62.63
CA SER A 1080 6.45 47.53 -63.94
C SER A 1080 5.06 47.02 -64.29
N ASN A 1081 4.16 47.94 -64.59
CA ASN A 1081 2.82 47.59 -65.03
C ASN A 1081 2.77 47.24 -66.51
N GLY A 1082 3.89 47.33 -67.21
CA GLY A 1082 3.99 46.81 -68.56
C GLY A 1082 4.70 47.74 -69.52
N THR A 1083 4.73 49.04 -69.18
CA THR A 1083 5.34 50.01 -70.07
C THR A 1083 6.30 50.91 -69.32
N HIS A 1084 6.09 51.08 -68.02
CA HIS A 1084 6.85 52.03 -67.22
C HIS A 1084 7.29 51.36 -65.92
N TRP A 1085 8.37 51.87 -65.35
CA TRP A 1085 8.98 51.31 -64.15
C TRP A 1085 8.83 52.27 -62.98
N PHE A 1086 8.57 51.72 -61.79
CA PHE A 1086 8.40 52.50 -60.58
C PHE A 1086 9.05 51.77 -59.41
N VAL A 1087 9.13 52.47 -58.28
CA VAL A 1087 9.56 51.89 -57.01
C VAL A 1087 8.38 51.89 -56.06
N THR A 1088 8.18 50.78 -55.35
CA THR A 1088 7.06 50.64 -54.44
C THR A 1088 7.55 50.11 -53.10
N GLN A 1089 6.73 50.31 -52.07
CA GLN A 1089 6.98 49.61 -50.81
C GLN A 1089 6.66 48.13 -50.98
N ARG A 1090 7.29 47.30 -50.15
CA ARG A 1090 7.10 45.86 -50.27
C ARG A 1090 5.75 45.40 -49.76
N ASN A 1091 5.18 46.09 -48.77
CA ASN A 1091 3.94 45.65 -48.14
C ASN A 1091 2.72 46.45 -48.61
N PHE A 1092 2.90 47.41 -49.51
CA PHE A 1092 1.77 48.22 -49.97
C PHE A 1092 2.14 48.84 -51.31
N TYR A 1093 1.22 48.76 -52.28
CA TYR A 1093 1.50 49.25 -53.62
C TYR A 1093 1.33 50.75 -53.67
N GLU A 1094 2.43 51.47 -53.88
CA GLU A 1094 2.40 52.93 -54.02
C GLU A 1094 3.47 53.33 -55.02
N PRO A 1095 3.15 53.27 -56.31
CA PRO A 1095 4.18 53.52 -57.34
C PRO A 1095 4.73 54.94 -57.25
N GLN A 1096 6.02 55.07 -57.55
CA GLN A 1096 6.71 56.34 -57.51
C GLN A 1096 7.77 56.36 -58.60
N ILE A 1097 7.97 57.53 -59.21
CA ILE A 1097 8.93 57.65 -60.30
C ILE A 1097 10.34 57.45 -59.78
N ILE A 1098 11.14 56.68 -60.52
CA ILE A 1098 12.49 56.36 -60.08
C ILE A 1098 13.40 57.57 -60.25
N THR A 1099 14.03 58.00 -59.17
CA THR A 1099 14.97 59.11 -59.19
C THR A 1099 16.28 58.70 -58.53
N THR A 1100 17.17 59.66 -58.31
CA THR A 1100 18.42 59.42 -57.60
C THR A 1100 18.26 59.51 -56.09
N ASP A 1101 17.07 59.82 -55.59
CA ASP A 1101 16.87 59.91 -54.14
C ASP A 1101 16.52 58.56 -53.54
N ASN A 1102 15.72 57.75 -54.24
CA ASN A 1102 15.29 56.46 -53.74
C ASN A 1102 16.16 55.31 -54.22
N THR A 1103 17.19 55.59 -55.03
CA THR A 1103 18.09 54.55 -55.54
C THR A 1103 19.53 54.95 -55.29
N PHE A 1104 20.40 53.95 -55.16
CA PHE A 1104 21.82 54.15 -54.97
C PHE A 1104 22.60 53.34 -55.99
N VAL A 1105 23.81 53.80 -56.29
CA VAL A 1105 24.62 53.30 -57.39
C VAL A 1105 25.73 52.42 -56.84
N SER A 1106 25.95 51.27 -57.48
CA SER A 1106 27.03 50.37 -57.09
C SER A 1106 27.45 49.56 -58.32
N GLY A 1107 28.59 49.93 -58.91
CA GLY A 1107 29.15 49.18 -60.00
C GLY A 1107 28.55 49.53 -61.35
N ASN A 1108 28.78 48.63 -62.30
CA ASN A 1108 28.28 48.77 -63.67
C ASN A 1108 27.22 47.71 -63.95
N CYS A 1109 26.76 47.68 -65.20
CA CYS A 1109 25.59 46.91 -65.57
C CYS A 1109 25.87 45.45 -65.93
N ASP A 1110 27.13 45.03 -65.96
CA ASP A 1110 27.44 43.70 -66.48
C ASP A 1110 27.54 42.62 -65.40
N VAL A 1111 27.74 42.99 -64.14
CA VAL A 1111 27.95 41.99 -63.10
C VAL A 1111 26.64 41.26 -62.77
N VAL A 1112 25.56 42.02 -62.56
CA VAL A 1112 24.33 41.42 -62.08
C VAL A 1112 23.62 40.70 -63.22
N ILE A 1113 22.75 39.75 -62.84
CA ILE A 1113 22.04 38.89 -63.78
C ILE A 1113 20.57 39.29 -63.78
N GLY A 1114 20.03 39.55 -64.97
CA GLY A 1114 18.64 39.95 -65.10
C GLY A 1114 18.39 41.43 -65.06
N ILE A 1115 19.42 42.25 -65.25
CA ILE A 1115 19.24 43.69 -65.17
C ILE A 1115 18.50 44.21 -66.39
N VAL A 1116 17.51 45.06 -66.14
CA VAL A 1116 16.83 45.78 -67.20
C VAL A 1116 17.39 47.20 -67.26
N ASN A 1117 17.08 47.92 -68.34
CA ASN A 1117 17.78 49.15 -68.64
C ASN A 1117 16.72 50.23 -68.90
N ASN A 1118 16.87 51.38 -68.27
CA ASN A 1118 15.82 52.39 -68.34
C ASN A 1118 16.36 53.70 -67.77
N THR A 1119 15.70 54.80 -68.15
CA THR A 1119 16.15 56.10 -67.72
C THR A 1119 15.87 56.30 -66.22
N VAL A 1120 16.70 57.12 -65.60
CA VAL A 1120 16.56 57.49 -64.19
C VAL A 1120 16.48 59.00 -64.11
N TYR A 1121 15.40 59.52 -63.57
CA TYR A 1121 15.17 60.96 -63.51
C TYR A 1121 16.03 61.61 -62.44
N ASP A 1122 16.48 62.82 -62.73
CA ASP A 1122 17.29 63.59 -61.80
C ASP A 1122 16.50 64.79 -61.29
N PRO A 1123 16.22 64.88 -59.99
CA PRO A 1123 15.43 66.02 -59.49
C PRO A 1123 16.09 67.36 -59.70
N LEU A 1124 17.43 67.42 -59.65
CA LEU A 1124 18.14 68.69 -59.77
C LEU A 1124 18.17 69.20 -61.20
N GLN A 1125 17.97 68.33 -62.20
CA GLN A 1125 18.10 68.75 -63.58
C GLN A 1125 17.06 69.79 -64.00
N PRO A 1126 15.76 69.61 -63.75
CA PRO A 1126 14.81 70.68 -64.12
C PRO A 1126 15.08 71.99 -63.42
N GLU A 1127 15.51 71.93 -62.16
CA GLU A 1127 15.86 73.14 -61.42
C GLU A 1127 17.05 73.86 -62.04
N LEU A 1128 18.07 73.11 -62.45
CA LEU A 1128 19.24 73.73 -63.07
C LEU A 1128 18.90 74.25 -64.46
N ASP A 1129 18.03 73.56 -65.19
CA ASP A 1129 17.65 74.02 -66.52
C ASP A 1129 16.90 75.34 -66.47
N SER A 1130 16.00 75.49 -65.50
CA SER A 1130 15.24 76.72 -65.34
C SER A 1130 16.10 77.83 -64.75
N GLN B 1 38.91 -59.06 -0.48
CA GLN B 1 40.19 -58.98 -1.16
C GLN B 1 40.56 -57.53 -1.49
N CYS B 2 40.33 -56.64 -0.52
CA CYS B 2 40.67 -55.24 -0.70
C CYS B 2 42.18 -55.07 -0.64
N VAL B 3 42.79 -54.71 -1.77
CA VAL B 3 44.24 -54.62 -1.90
C VAL B 3 44.60 -53.20 -2.31
N ASN B 4 45.57 -52.62 -1.60
CA ASN B 4 46.06 -51.28 -1.92
C ASN B 4 47.06 -51.38 -3.06
N LEU B 5 46.78 -50.68 -4.17
CA LEU B 5 47.54 -50.89 -5.39
C LEU B 5 48.02 -49.58 -6.03
N ILE B 6 47.30 -48.49 -5.78
CA ILE B 6 47.45 -47.26 -6.55
C ILE B 6 48.19 -46.23 -5.72
N THR B 7 49.18 -45.57 -6.35
CA THR B 7 49.82 -44.40 -5.78
C THR B 7 49.38 -43.18 -6.57
N ARG B 8 49.00 -42.11 -5.85
CA ARG B 8 48.37 -40.95 -6.46
C ARG B 8 49.24 -39.71 -6.25
N THR B 9 49.50 -38.99 -7.33
CA THR B 9 50.21 -37.71 -7.29
C THR B 9 49.29 -36.60 -7.76
N GLN B 10 49.52 -35.39 -7.24
CA GLN B 10 48.66 -34.26 -7.53
C GLN B 10 49.47 -33.08 -8.06
N SER B 11 48.88 -32.37 -9.02
CA SER B 11 49.42 -31.13 -9.56
C SER B 11 48.30 -30.11 -9.62
N TYR B 12 48.66 -28.85 -9.84
CA TYR B 12 47.69 -27.76 -9.90
C TYR B 12 47.72 -27.10 -11.26
N THR B 13 46.55 -26.70 -11.75
CA THR B 13 46.45 -26.12 -13.08
C THR B 13 45.22 -25.22 -13.10
N ASN B 14 45.07 -24.43 -14.16
CA ASN B 14 43.96 -23.51 -14.32
C ASN B 14 42.76 -24.21 -14.93
N SER B 15 41.57 -23.87 -14.43
CA SER B 15 40.35 -24.48 -14.93
C SER B 15 39.93 -23.91 -16.28
N PHE B 16 40.41 -22.72 -16.63
CA PHE B 16 40.09 -22.05 -17.91
C PHE B 16 38.58 -21.82 -17.95
N THR B 17 37.89 -22.18 -19.03
CA THR B 17 36.48 -21.86 -19.22
C THR B 17 35.60 -23.11 -19.19
N ARG B 18 35.89 -24.04 -18.28
CA ARG B 18 35.13 -25.27 -18.15
C ARG B 18 34.30 -25.23 -16.86
N GLY B 19 33.37 -26.17 -16.76
CA GLY B 19 32.48 -26.25 -15.62
C GLY B 19 31.10 -25.70 -15.83
N VAL B 20 30.62 -25.65 -17.07
CA VAL B 20 29.31 -25.11 -17.37
C VAL B 20 28.37 -26.25 -17.74
N TYR B 21 27.08 -26.04 -17.50
CA TYR B 21 26.06 -27.03 -17.79
C TYR B 21 24.71 -26.33 -17.88
N TYR B 22 23.72 -27.06 -18.40
CA TYR B 22 22.36 -26.52 -18.47
C TYR B 22 21.72 -26.58 -17.09
N PRO B 23 21.32 -25.44 -16.52
CA PRO B 23 20.80 -25.46 -15.14
C PRO B 23 19.37 -25.94 -15.01
N ASP B 24 18.59 -25.92 -16.09
CA ASP B 24 17.19 -26.29 -16.01
C ASP B 24 16.77 -26.93 -17.33
N LYS B 25 15.47 -27.13 -17.51
CA LYS B 25 14.89 -27.80 -18.67
C LYS B 25 13.99 -26.86 -19.47
N VAL B 26 14.45 -25.63 -19.69
CA VAL B 26 13.68 -24.62 -20.39
C VAL B 26 14.44 -24.20 -21.64
N PHE B 27 13.77 -24.26 -22.79
CA PHE B 27 14.38 -23.82 -24.04
C PHE B 27 14.41 -22.29 -24.11
N ARG B 28 15.52 -21.76 -24.62
CA ARG B 28 15.68 -20.33 -24.79
C ARG B 28 16.49 -20.09 -26.07
N SER B 29 16.15 -19.03 -26.79
CA SER B 29 16.78 -18.72 -28.06
C SER B 29 17.15 -17.25 -28.12
N SER B 30 18.41 -16.97 -28.46
CA SER B 30 18.91 -15.61 -28.70
C SER B 30 18.64 -14.70 -27.51
N VAL B 31 18.97 -15.17 -26.31
CA VAL B 31 18.75 -14.42 -25.09
C VAL B 31 20.00 -14.46 -24.23
N LEU B 32 19.99 -13.62 -23.19
CA LEU B 32 21.04 -13.57 -22.18
C LEU B 32 20.40 -13.81 -20.83
N HIS B 33 20.58 -15.00 -20.28
CA HIS B 33 19.91 -15.41 -19.04
C HIS B 33 20.92 -15.48 -17.91
N SER B 34 20.61 -14.80 -16.81
CA SER B 34 21.48 -14.77 -15.64
C SER B 34 20.86 -15.63 -14.54
N THR B 35 21.65 -16.54 -13.99
CA THR B 35 21.16 -17.43 -12.95
C THR B 35 22.23 -17.65 -11.89
N GLN B 36 21.77 -17.84 -10.66
CA GLN B 36 22.64 -18.16 -9.53
C GLN B 36 22.56 -19.66 -9.28
N ASP B 37 23.70 -20.34 -9.33
CA ASP B 37 23.72 -21.79 -9.21
C ASP B 37 25.13 -22.23 -8.84
N LEU B 38 25.27 -23.49 -8.47
CA LEU B 38 26.57 -24.05 -8.14
C LEU B 38 27.37 -24.29 -9.42
N PHE B 39 28.52 -23.64 -9.54
CA PHE B 39 29.30 -23.67 -10.76
C PHE B 39 30.79 -23.80 -10.44
N LEU B 40 31.57 -24.07 -11.48
CA LEU B 40 33.03 -24.06 -11.40
C LEU B 40 33.55 -22.74 -11.93
N PRO B 41 34.20 -21.92 -11.12
CA PRO B 41 34.61 -20.59 -11.58
C PRO B 41 35.64 -20.65 -12.70
N PHE B 42 35.61 -19.63 -13.55
CA PHE B 42 36.60 -19.51 -14.60
C PHE B 42 37.98 -19.20 -14.02
N PHE B 43 39.01 -19.79 -14.61
CA PHE B 43 40.40 -19.52 -14.25
C PHE B 43 40.67 -19.80 -12.77
N SER B 44 40.27 -20.97 -12.31
CA SER B 44 40.42 -21.33 -10.91
C SER B 44 41.43 -22.47 -10.73
N ASN B 45 41.74 -22.76 -9.47
CA ASN B 45 42.43 -24.00 -9.12
C ASN B 45 41.64 -25.23 -9.53
N VAL B 46 42.13 -25.95 -10.54
CA VAL B 46 41.73 -27.32 -10.80
C VAL B 46 42.91 -28.21 -10.44
N THR B 47 42.63 -29.39 -9.90
CA THR B 47 43.70 -30.26 -9.44
C THR B 47 43.78 -31.49 -10.34
N TRP B 48 44.97 -31.74 -10.87
CA TRP B 48 45.21 -32.84 -11.79
C TRP B 48 45.77 -34.01 -10.99
N PHE B 49 45.03 -35.12 -10.98
CA PHE B 49 45.43 -36.34 -10.30
C PHE B 49 46.00 -37.33 -11.29
N HIS B 50 47.14 -37.92 -10.93
CA HIS B 50 47.78 -38.98 -11.70
C HIS B 50 47.87 -40.21 -10.81
N ALA B 51 47.14 -41.25 -11.17
CA ALA B 51 47.08 -42.49 -10.41
C ALA B 51 47.84 -43.57 -11.14
N ILE B 52 48.80 -44.19 -10.46
CA ILE B 52 49.71 -45.16 -11.09
C ILE B 52 49.66 -46.45 -10.29
N HIS B 53 49.51 -47.57 -11.01
CA HIS B 53 49.65 -48.89 -10.43
C HIS B 53 50.81 -49.59 -11.11
N VAL B 54 51.72 -50.13 -10.31
CA VAL B 54 52.93 -50.79 -10.81
C VAL B 54 52.85 -52.28 -10.47
N SER B 55 53.13 -53.11 -11.48
CA SER B 55 53.10 -54.55 -11.29
C SER B 55 54.42 -55.07 -10.75
N ARG B 62 50.82 -49.97 -0.23
CA ARG B 62 50.27 -49.10 0.80
C ARG B 62 49.08 -48.29 0.28
N PHE B 63 48.33 -47.70 1.20
CA PHE B 63 47.16 -46.89 0.84
C PHE B 63 47.62 -45.48 0.49
N ASP B 64 47.35 -45.06 -0.74
CA ASP B 64 47.79 -43.75 -1.22
C ASP B 64 46.71 -43.06 -2.04
N ASN B 65 45.45 -43.42 -1.83
CA ASN B 65 44.32 -42.83 -2.56
C ASN B 65 43.24 -42.40 -1.57
N PRO B 66 43.47 -41.32 -0.84
CA PRO B 66 42.45 -40.84 0.11
C PRO B 66 41.20 -40.39 -0.63
N ALA B 67 40.06 -40.53 0.05
CA ALA B 67 38.78 -40.19 -0.55
C ALA B 67 38.62 -38.67 -0.59
N LEU B 68 38.37 -38.14 -1.78
CA LEU B 68 38.20 -36.70 -1.95
C LEU B 68 36.80 -36.28 -1.51
N PRO B 69 36.68 -35.27 -0.64
CA PRO B 69 35.35 -34.88 -0.16
C PRO B 69 34.48 -34.33 -1.29
N PHE B 70 33.17 -34.58 -1.16
CA PHE B 70 32.22 -34.11 -2.17
C PHE B 70 32.04 -32.60 -2.11
N ASN B 71 31.88 -32.06 -0.89
CA ASN B 71 31.61 -30.63 -0.67
C ASN B 71 30.31 -30.30 -1.41
N ASP B 72 30.25 -29.21 -2.17
CA ASP B 72 29.01 -28.77 -2.81
C ASP B 72 28.78 -29.39 -4.18
N GLY B 73 29.70 -30.22 -4.65
CA GLY B 73 29.58 -30.81 -5.98
C GLY B 73 30.95 -31.14 -6.52
N VAL B 74 30.95 -31.89 -7.62
CA VAL B 74 32.22 -32.36 -8.17
C VAL B 74 32.21 -32.20 -9.69
N TYR B 75 33.29 -31.67 -10.25
CA TYR B 75 33.52 -31.66 -11.68
C TYR B 75 34.69 -32.57 -11.98
N PHE B 76 34.45 -33.59 -12.81
CA PHE B 76 35.45 -34.58 -13.17
C PHE B 76 35.74 -34.45 -14.66
N ALA B 77 37.03 -34.53 -15.00
CA ALA B 77 37.43 -34.50 -16.40
C ALA B 77 38.46 -35.59 -16.65
N SER B 78 38.43 -36.17 -17.85
CA SER B 78 39.37 -37.22 -18.17
C SER B 78 39.59 -37.28 -19.68
N THR B 79 40.86 -37.27 -20.08
CA THR B 79 41.22 -37.46 -21.49
C THR B 79 41.53 -38.91 -21.83
N GLU B 80 41.51 -39.80 -20.84
CA GLU B 80 41.79 -41.21 -21.09
C GLU B 80 40.63 -41.86 -21.85
N LYS B 81 40.93 -43.03 -22.42
CA LYS B 81 39.90 -43.76 -23.14
C LYS B 81 38.88 -44.35 -22.15
N SER B 82 37.73 -44.75 -22.70
CA SER B 82 36.60 -45.13 -21.86
C SER B 82 36.88 -46.39 -21.04
N ASN B 83 37.77 -47.26 -21.52
CA ASN B 83 38.00 -48.53 -20.83
C ASN B 83 38.78 -48.35 -19.54
N ILE B 84 39.69 -47.38 -19.50
CA ILE B 84 40.57 -47.23 -18.34
C ILE B 84 39.79 -46.78 -17.12
N ILE B 85 38.94 -45.77 -17.27
CA ILE B 85 38.13 -45.23 -16.17
C ILE B 85 36.70 -45.73 -16.33
N ARG B 86 36.18 -46.37 -15.28
CA ARG B 86 34.93 -47.12 -15.40
C ARG B 86 33.89 -46.81 -14.32
N GLY B 87 34.28 -46.39 -13.12
CA GLY B 87 33.31 -46.32 -12.04
C GLY B 87 33.50 -45.14 -11.13
N TRP B 88 32.42 -44.81 -10.43
CA TRP B 88 32.39 -43.76 -9.42
C TRP B 88 31.76 -44.31 -8.15
N ILE B 89 32.27 -43.85 -7.00
CA ILE B 89 31.82 -44.30 -5.69
C ILE B 89 31.47 -43.07 -4.86
N PHE B 90 30.21 -42.96 -4.46
CA PHE B 90 29.71 -41.80 -3.73
C PHE B 90 29.11 -42.23 -2.40
N GLY B 91 29.26 -41.38 -1.39
CA GLY B 91 28.69 -41.66 -0.09
C GLY B 91 29.22 -40.69 0.95
N THR B 92 28.92 -41.01 2.21
CA THR B 92 29.38 -40.22 3.35
C THR B 92 30.50 -40.92 4.10
N THR B 93 30.29 -42.17 4.52
CA THR B 93 31.31 -42.94 5.22
C THR B 93 31.86 -44.09 4.38
N LEU B 94 31.24 -44.40 3.24
CA LEU B 94 31.71 -45.45 2.34
C LEU B 94 31.81 -46.80 3.05
N ASP B 95 30.80 -47.12 3.85
CA ASP B 95 30.73 -48.39 4.55
C ASP B 95 29.31 -48.91 4.49
N SER B 96 29.09 -50.11 5.03
CA SER B 96 27.78 -50.73 4.98
C SER B 96 26.77 -50.07 5.91
N LYS B 97 27.25 -49.27 6.87
CA LYS B 97 26.32 -48.62 7.81
C LYS B 97 25.43 -47.61 7.11
N THR B 98 25.97 -46.87 6.14
CA THR B 98 25.24 -45.84 5.43
C THR B 98 25.05 -46.21 3.97
N GLN B 99 23.98 -45.70 3.38
CA GLN B 99 23.69 -45.96 1.98
C GLN B 99 24.75 -45.34 1.08
N SER B 100 24.98 -45.98 -0.07
CA SER B 100 26.08 -45.62 -0.95
C SER B 100 25.67 -45.75 -2.42
N LEU B 101 26.32 -44.93 -3.25
CA LEU B 101 26.12 -44.89 -4.69
C LEU B 101 27.30 -45.56 -5.37
N LEU B 102 27.03 -46.47 -6.29
CA LEU B 102 28.07 -47.06 -7.12
C LEU B 102 27.65 -46.98 -8.58
N ILE B 103 28.48 -46.35 -9.40
CA ILE B 103 28.22 -46.20 -10.83
C ILE B 103 29.29 -47.00 -11.57
N VAL B 104 28.86 -47.93 -12.40
CA VAL B 104 29.78 -48.80 -13.15
C VAL B 104 29.42 -48.72 -14.63
N ASN B 105 30.43 -48.55 -15.47
CA ASN B 105 30.24 -48.46 -16.91
C ASN B 105 31.04 -49.55 -17.61
N ASN B 106 30.42 -50.16 -18.61
CA ASN B 106 31.10 -51.10 -19.50
C ASN B 106 30.73 -50.76 -20.93
N ALA B 107 31.19 -51.59 -21.87
CA ALA B 107 30.88 -51.37 -23.27
C ALA B 107 29.39 -51.52 -23.54
N THR B 108 28.76 -52.52 -22.91
CA THR B 108 27.36 -52.82 -23.22
C THR B 108 26.43 -51.72 -22.71
N ASN B 109 26.57 -51.32 -21.46
CA ASN B 109 25.62 -50.40 -20.83
C ASN B 109 26.27 -49.79 -19.60
N VAL B 110 25.45 -49.10 -18.79
CA VAL B 110 25.89 -48.52 -17.53
C VAL B 110 24.88 -48.87 -16.45
N VAL B 111 25.39 -49.24 -15.28
CA VAL B 111 24.57 -49.63 -14.14
C VAL B 111 24.90 -48.70 -12.97
N ILE B 112 23.89 -47.98 -12.49
CA ILE B 112 23.96 -47.17 -11.29
C ILE B 112 23.14 -47.84 -10.21
N LYS B 113 23.77 -48.15 -9.08
CA LYS B 113 23.14 -48.94 -8.03
C LYS B 113 23.34 -48.25 -6.69
N VAL B 114 22.24 -48.05 -5.97
CA VAL B 114 22.26 -47.46 -4.63
C VAL B 114 22.00 -48.59 -3.65
N CYS B 115 23.05 -48.97 -2.92
CA CYS B 115 23.01 -50.05 -1.95
C CYS B 115 23.91 -49.65 -0.79
N GLU B 116 23.81 -50.37 0.32
CA GLU B 116 24.74 -50.15 1.44
C GLU B 116 26.02 -50.96 1.20
N PHE B 117 26.79 -50.49 0.23
CA PHE B 117 28.06 -51.15 -0.12
C PHE B 117 29.06 -51.00 1.02
N GLN B 118 29.85 -52.05 1.24
CA GLN B 118 31.00 -51.99 2.14
C GLN B 118 32.25 -51.82 1.28
N PHE B 119 32.51 -50.57 0.90
CA PHE B 119 33.56 -50.27 -0.06
C PHE B 119 34.94 -50.53 0.54
N CYS B 120 35.85 -51.01 -0.30
CA CYS B 120 37.22 -51.26 0.12
C CYS B 120 38.01 -49.95 0.18
N ASN B 121 39.17 -50.01 0.83
CA ASN B 121 40.05 -48.84 0.91
C ASN B 121 40.58 -48.46 -0.46
N ASP B 122 40.91 -49.46 -1.29
CA ASP B 122 41.41 -49.24 -2.65
C ASP B 122 40.52 -50.03 -3.61
N PRO B 123 39.33 -49.51 -3.90
CA PRO B 123 38.42 -50.23 -4.80
C PRO B 123 38.80 -50.03 -6.25
N PHE B 124 38.65 -51.10 -7.03
CA PHE B 124 38.90 -51.06 -8.46
C PHE B 124 38.18 -52.22 -9.13
N LEU B 125 38.03 -52.12 -10.45
CA LEU B 125 37.36 -53.15 -11.23
C LEU B 125 38.41 -53.95 -12.00
N ASP B 126 38.48 -55.25 -11.75
CA ASP B 126 39.45 -56.12 -12.38
C ASP B 126 38.78 -56.84 -13.54
N VAL B 127 39.37 -56.73 -14.73
CA VAL B 127 38.82 -57.38 -15.92
C VAL B 127 39.60 -58.66 -16.21
N MET B 136 35.76 -61.33 -18.16
CA MET B 136 34.66 -60.88 -17.32
C MET B 136 35.08 -59.70 -16.44
N GLU B 137 34.12 -59.12 -15.72
CA GLU B 137 34.38 -58.00 -14.83
C GLU B 137 33.86 -58.35 -13.44
N SER B 138 34.69 -58.15 -12.43
CA SER B 138 34.36 -58.48 -11.05
C SER B 138 34.21 -57.20 -10.25
N GLU B 139 33.05 -57.04 -9.62
CA GLU B 139 32.76 -55.89 -8.76
C GLU B 139 33.10 -56.14 -7.30
N PHE B 140 33.45 -57.38 -6.93
CA PHE B 140 33.72 -57.70 -5.54
C PHE B 140 34.96 -56.98 -5.02
N ARG B 141 35.92 -56.68 -5.91
CA ARG B 141 37.07 -55.87 -5.51
C ARG B 141 36.65 -54.48 -5.10
N VAL B 142 35.59 -53.95 -5.71
CA VAL B 142 35.14 -52.59 -5.39
C VAL B 142 34.59 -52.53 -3.97
N TYR B 143 33.72 -53.46 -3.61
CA TYR B 143 33.14 -53.50 -2.28
C TYR B 143 33.06 -54.94 -1.79
N SER B 144 33.34 -55.14 -0.50
CA SER B 144 33.29 -56.49 0.05
C SER B 144 31.87 -57.04 0.05
N SER B 145 30.88 -56.21 0.38
CA SER B 145 29.49 -56.67 0.45
C SER B 145 28.55 -55.51 0.20
N ALA B 146 27.31 -55.85 -0.13
CA ALA B 146 26.25 -54.88 -0.36
C ALA B 146 24.94 -55.43 0.17
N ASN B 147 24.29 -54.67 1.05
CA ASN B 147 23.02 -55.08 1.65
C ASN B 147 22.08 -53.88 1.67
N ASN B 148 20.81 -54.16 1.98
CA ASN B 148 19.77 -53.12 2.08
C ASN B 148 19.72 -52.26 0.83
N CYS B 149 19.96 -52.88 -0.32
CA CYS B 149 20.01 -52.14 -1.57
C CYS B 149 18.62 -51.64 -1.95
N THR B 150 18.55 -50.39 -2.41
CA THR B 150 17.27 -49.76 -2.68
C THR B 150 17.14 -49.13 -4.07
N PHE B 151 18.18 -49.17 -4.91
CA PHE B 151 18.01 -48.60 -6.25
C PHE B 151 18.88 -49.33 -7.25
N GLU B 152 18.29 -49.68 -8.40
CA GLU B 152 19.03 -50.18 -9.55
C GLU B 152 18.55 -49.46 -10.81
N TYR B 153 19.50 -49.08 -11.65
CA TYR B 153 19.16 -48.36 -12.89
C TYR B 153 20.18 -48.76 -13.96
N VAL B 154 19.69 -49.22 -15.10
CA VAL B 154 20.55 -49.67 -16.20
C VAL B 154 20.13 -48.92 -17.46
N SER B 155 21.11 -48.35 -18.16
CA SER B 155 20.79 -47.62 -19.39
C SER B 155 22.00 -47.61 -20.31
N GLN B 156 21.91 -46.84 -21.39
CA GLN B 156 22.98 -46.77 -22.36
C GLN B 156 24.23 -46.14 -21.73
N PRO B 157 25.42 -46.64 -22.06
CA PRO B 157 26.63 -46.10 -21.45
C PRO B 157 26.89 -44.67 -21.89
N PHE B 158 27.58 -43.92 -21.03
CA PHE B 158 27.97 -42.55 -21.33
C PHE B 158 29.49 -42.40 -21.47
N LEU B 159 30.20 -43.49 -21.72
CA LEU B 159 31.64 -43.46 -21.95
C LEU B 159 31.91 -44.17 -23.28
N MET B 160 31.83 -43.41 -24.38
CA MET B 160 32.10 -43.93 -25.71
C MET B 160 33.44 -43.38 -26.20
N ASP B 161 34.09 -44.15 -27.06
CA ASP B 161 35.36 -43.73 -27.65
C ASP B 161 35.13 -42.78 -28.83
N LYS B 170 42.66 -38.01 -26.87
CA LYS B 170 42.11 -37.47 -28.10
C LYS B 170 40.77 -36.80 -27.85
N ASN B 171 40.02 -37.32 -26.86
CA ASN B 171 38.71 -36.78 -26.51
C ASN B 171 38.64 -36.57 -25.01
N LEU B 172 38.30 -35.35 -24.60
CA LEU B 172 37.99 -35.06 -23.21
C LEU B 172 36.56 -35.48 -22.90
N ARG B 173 36.39 -36.14 -21.76
CA ARG B 173 35.06 -36.44 -21.23
C ARG B 173 34.91 -35.66 -19.93
N GLU B 174 33.86 -34.85 -19.86
CA GLU B 174 33.60 -34.00 -18.71
C GLU B 174 32.27 -34.39 -18.08
N PHE B 175 32.29 -34.54 -16.76
CA PHE B 175 31.09 -34.85 -15.99
C PHE B 175 31.00 -33.88 -14.82
N VAL B 176 29.78 -33.57 -14.42
CA VAL B 176 29.55 -32.77 -13.23
C VAL B 176 28.42 -33.41 -12.43
N PHE B 177 28.64 -33.54 -11.13
CA PHE B 177 27.75 -34.23 -10.20
C PHE B 177 27.31 -33.26 -9.11
N LYS B 178 26.00 -33.21 -8.88
CA LYS B 178 25.39 -32.33 -7.90
C LYS B 178 24.38 -33.11 -7.08
N ASN B 179 24.20 -32.71 -5.82
CA ASN B 179 23.25 -33.34 -4.90
C ASN B 179 22.47 -32.23 -4.20
N ILE B 180 21.26 -31.94 -4.68
CA ILE B 180 20.46 -30.84 -4.16
C ILE B 180 19.07 -31.37 -3.80
N ASP B 181 18.61 -31.06 -2.59
CA ASP B 181 17.27 -31.40 -2.07
C ASP B 181 16.92 -32.87 -2.28
N GLY B 182 17.90 -33.75 -2.07
CA GLY B 182 17.67 -35.18 -2.20
C GLY B 182 17.64 -35.68 -3.62
N TYR B 183 17.94 -34.85 -4.60
CA TYR B 183 17.96 -35.20 -6.00
C TYR B 183 19.40 -35.11 -6.50
N PHE B 184 19.85 -36.14 -7.21
CA PHE B 184 21.22 -36.27 -7.63
C PHE B 184 21.30 -36.14 -9.15
N LYS B 185 22.17 -35.27 -9.64
CA LYS B 185 22.21 -34.88 -11.04
C LYS B 185 23.60 -35.13 -11.61
N ILE B 186 23.61 -35.79 -12.77
CA ILE B 186 24.83 -36.09 -13.52
C ILE B 186 24.69 -35.45 -14.90
N TYR B 187 25.60 -34.55 -15.23
CA TYR B 187 25.70 -33.96 -16.56
C TYR B 187 27.02 -34.39 -17.18
N SER B 188 27.03 -34.55 -18.51
CA SER B 188 28.22 -35.04 -19.17
C SER B 188 28.32 -34.47 -20.57
N LYS B 189 29.54 -34.48 -21.10
CA LYS B 189 29.81 -34.02 -22.47
C LYS B 189 31.13 -34.62 -22.93
N HIS B 190 31.24 -34.80 -24.25
CA HIS B 190 32.43 -35.35 -24.89
C HIS B 190 32.91 -34.34 -25.93
N THR B 191 34.11 -33.80 -25.72
CA THR B 191 34.67 -32.79 -26.61
C THR B 191 36.00 -33.28 -27.17
N PRO B 192 36.16 -33.40 -28.49
CA PRO B 192 37.47 -33.76 -29.04
C PRO B 192 38.51 -32.71 -28.69
N ILE B 193 39.71 -33.17 -28.36
CA ILE B 193 40.80 -32.30 -27.93
C ILE B 193 42.04 -32.58 -28.75
N ASN B 194 42.71 -31.53 -29.20
CA ASN B 194 43.92 -31.61 -29.99
C ASN B 194 45.15 -31.60 -29.09
N LEU B 195 46.32 -31.38 -29.68
CA LEU B 195 47.58 -31.38 -28.94
C LEU B 195 47.60 -30.36 -27.82
N GLU B 196 46.69 -29.38 -27.84
CA GLU B 196 46.59 -28.40 -26.77
C GLU B 196 46.39 -29.10 -25.42
N ARG B 197 46.59 -28.32 -24.35
CA ARG B 197 46.40 -28.85 -23.00
C ARG B 197 45.00 -29.41 -22.85
N ASP B 198 44.89 -30.48 -22.05
CA ASP B 198 43.64 -31.23 -21.97
C ASP B 198 42.47 -30.39 -21.46
N LEU B 199 42.75 -29.23 -20.84
CA LEU B 199 41.73 -28.23 -20.56
C LEU B 199 41.96 -27.06 -21.51
N PRO B 200 41.47 -27.14 -22.75
CA PRO B 200 41.76 -26.10 -23.74
C PRO B 200 40.82 -24.92 -23.60
N GLN B 201 40.96 -23.98 -24.54
CA GLN B 201 40.10 -22.80 -24.58
C GLN B 201 38.80 -23.16 -25.27
N GLY B 202 38.00 -22.14 -25.60
CA GLY B 202 36.70 -22.37 -26.20
C GLY B 202 35.65 -22.69 -25.14
N PHE B 203 34.48 -23.09 -25.63
CA PHE B 203 33.34 -23.39 -24.76
C PHE B 203 32.71 -24.71 -25.17
N SER B 204 32.15 -25.40 -24.17
CA SER B 204 31.46 -26.67 -24.41
C SER B 204 30.47 -26.87 -23.27
N ALA B 205 29.18 -26.73 -23.57
CA ALA B 205 28.15 -26.91 -22.55
C ALA B 205 27.98 -28.39 -22.22
N LEU B 206 27.74 -28.67 -20.95
CA LEU B 206 27.56 -30.04 -20.47
C LEU B 206 26.07 -30.34 -20.41
N GLU B 207 25.61 -31.20 -21.32
CA GLU B 207 24.21 -31.58 -21.34
C GLU B 207 23.87 -32.43 -20.12
N PRO B 208 22.61 -32.38 -19.66
CA PRO B 208 22.20 -33.25 -18.55
C PRO B 208 21.85 -34.65 -19.01
N LEU B 209 22.37 -35.63 -18.26
CA LEU B 209 22.26 -37.03 -18.62
C LEU B 209 21.39 -37.84 -17.66
N VAL B 210 21.67 -37.77 -16.36
CA VAL B 210 21.07 -38.69 -15.40
C VAL B 210 20.49 -37.90 -14.24
N ASP B 211 19.21 -38.10 -13.96
CA ASP B 211 18.52 -37.46 -12.83
C ASP B 211 17.94 -38.56 -11.94
N LEU B 212 18.39 -38.63 -10.68
CA LEU B 212 18.03 -39.73 -9.79
C LEU B 212 17.47 -39.19 -8.47
N PRO B 213 16.27 -39.59 -8.07
CA PRO B 213 15.75 -39.22 -6.74
C PRO B 213 16.22 -40.18 -5.65
N ILE B 214 17.47 -39.98 -5.23
CA ILE B 214 18.07 -40.87 -4.23
C ILE B 214 17.68 -40.44 -2.82
N GLY B 215 17.88 -39.16 -2.50
CA GLY B 215 17.49 -38.63 -1.19
C GLY B 215 18.29 -39.14 -0.01
N ILE B 216 19.61 -39.26 -0.15
CA ILE B 216 20.50 -39.63 0.94
C ILE B 216 21.59 -38.59 1.06
N ASN B 217 22.50 -38.81 2.01
CA ASN B 217 23.59 -37.89 2.30
C ASN B 217 24.88 -38.38 1.67
N ILE B 218 25.58 -37.47 0.99
CA ILE B 218 26.88 -37.77 0.37
C ILE B 218 27.85 -36.65 0.75
N THR B 219 29.03 -37.04 1.23
CA THR B 219 30.07 -36.07 1.59
C THR B 219 31.45 -36.40 1.01
N ARG B 220 31.69 -37.62 0.56
CA ARG B 220 32.98 -38.00 0.01
C ARG B 220 32.76 -38.82 -1.26
N PHE B 221 33.77 -38.83 -2.13
CA PHE B 221 33.68 -39.56 -3.39
C PHE B 221 35.05 -40.12 -3.74
N GLN B 222 35.03 -41.13 -4.61
CA GLN B 222 36.25 -41.81 -5.04
C GLN B 222 36.05 -42.31 -6.47
N THR B 223 37.11 -42.24 -7.26
CA THR B 223 37.07 -42.62 -8.66
C THR B 223 37.60 -44.04 -8.83
N LEU B 224 36.82 -44.88 -9.51
CA LEU B 224 37.25 -46.26 -9.76
C LEU B 224 38.19 -46.30 -10.95
N LEU B 225 39.04 -47.32 -10.97
CA LEU B 225 40.02 -47.52 -12.04
C LEU B 225 39.95 -48.97 -12.50
N ALA B 226 39.99 -49.16 -13.82
CA ALA B 226 39.96 -50.50 -14.41
C ALA B 226 41.37 -51.05 -14.49
N LEU B 227 41.54 -52.30 -14.03
CA LEU B 227 42.83 -52.97 -14.05
C LEU B 227 42.67 -54.32 -14.73
N HIS B 228 43.58 -54.63 -15.65
CA HIS B 228 43.58 -55.90 -16.36
C HIS B 228 44.53 -56.87 -15.69
N ARG B 229 44.07 -58.09 -15.46
CA ARG B 229 44.92 -59.11 -14.86
C ARG B 229 46.11 -59.39 -15.77
N SER B 230 47.30 -59.43 -15.16
CA SER B 230 48.51 -59.70 -15.95
C SER B 230 48.49 -61.11 -16.52
N TYR B 231 47.97 -62.08 -15.76
CA TYR B 231 47.90 -63.48 -16.19
C TYR B 231 49.29 -64.01 -16.53
N LEU B 232 50.29 -63.62 -15.75
CA LEU B 232 51.66 -64.07 -15.97
C LEU B 232 52.41 -64.19 -14.64
N SER B 239 52.22 -59.16 -8.73
CA SER B 239 52.10 -58.49 -10.01
C SER B 239 51.02 -59.14 -10.87
N GLY B 240 49.90 -59.48 -10.23
CA GLY B 240 48.78 -60.06 -10.94
C GLY B 240 47.94 -59.09 -11.74
N TRP B 241 48.22 -57.80 -11.63
CA TRP B 241 47.49 -56.75 -12.32
C TRP B 241 48.47 -55.92 -13.13
N THR B 242 48.14 -55.67 -14.39
CA THR B 242 49.04 -54.94 -15.28
C THR B 242 49.20 -53.50 -14.83
N ALA B 243 50.43 -52.98 -14.94
CA ALA B 243 50.71 -51.60 -14.57
C ALA B 243 49.93 -50.64 -15.47
N GLY B 244 49.44 -49.56 -14.89
CA GLY B 244 48.65 -48.60 -15.63
C GLY B 244 48.69 -47.23 -15.00
N ALA B 245 48.54 -46.20 -15.84
CA ALA B 245 48.53 -44.82 -15.40
C ALA B 245 47.27 -44.14 -15.90
N ALA B 246 46.57 -43.45 -15.00
CA ALA B 246 45.34 -42.75 -15.33
C ALA B 246 45.45 -41.30 -14.89
N ALA B 247 45.12 -40.38 -15.78
CA ALA B 247 45.18 -38.95 -15.51
C ALA B 247 43.78 -38.36 -15.56
N TYR B 248 43.38 -37.68 -14.50
CA TYR B 248 42.06 -37.05 -14.45
C TYR B 248 42.16 -35.72 -13.70
N TYR B 249 41.07 -34.98 -13.72
CA TYR B 249 41.03 -33.62 -13.17
C TYR B 249 39.80 -33.45 -12.31
N VAL B 250 40.02 -32.82 -11.15
CA VAL B 250 38.99 -32.58 -10.15
C VAL B 250 38.84 -31.07 -9.96
N GLY B 251 37.60 -30.59 -10.06
CA GLY B 251 37.27 -29.23 -9.70
C GLY B 251 36.06 -29.22 -8.78
N TYR B 252 35.95 -28.13 -8.02
CA TYR B 252 34.88 -27.99 -7.04
C TYR B 252 33.95 -26.86 -7.44
N LEU B 253 32.68 -27.02 -7.08
CA LEU B 253 31.63 -26.06 -7.43
C LEU B 253 31.23 -25.27 -6.20
N GLN B 254 30.98 -23.98 -6.40
CA GLN B 254 30.52 -23.07 -5.36
C GLN B 254 29.38 -22.24 -5.91
N PRO B 255 28.56 -21.65 -5.03
CA PRO B 255 27.44 -20.81 -5.52
C PRO B 255 27.93 -19.55 -6.21
N ARG B 256 27.72 -19.46 -7.52
CA ARG B 256 28.12 -18.31 -8.31
C ARG B 256 26.99 -17.90 -9.22
N THR B 257 26.99 -16.63 -9.61
CA THR B 257 26.04 -16.09 -10.56
C THR B 257 26.70 -16.08 -11.94
N PHE B 258 26.07 -16.74 -12.90
CA PHE B 258 26.60 -16.85 -14.26
C PHE B 258 25.59 -16.28 -15.24
N LEU B 259 26.08 -15.56 -16.25
CA LEU B 259 25.23 -15.09 -17.33
C LEU B 259 25.56 -15.88 -18.59
N LEU B 260 24.57 -16.59 -19.11
CA LEU B 260 24.77 -17.50 -20.24
C LEU B 260 24.02 -16.97 -21.46
N LYS B 261 24.62 -17.17 -22.64
CA LYS B 261 24.02 -16.68 -23.90
C LYS B 261 23.42 -17.85 -24.68
N TYR B 262 22.12 -18.13 -24.53
CA TYR B 262 21.47 -19.18 -25.34
C TYR B 262 21.43 -18.71 -26.79
N ASN B 263 21.81 -19.55 -27.75
CA ASN B 263 21.88 -19.11 -29.17
C ASN B 263 20.54 -19.35 -29.87
N GLU B 264 20.53 -19.31 -31.20
CA GLU B 264 19.27 -19.51 -31.98
C GLU B 264 18.76 -20.94 -31.78
N ASN B 265 19.65 -21.91 -31.58
CA ASN B 265 19.24 -23.33 -31.45
C ASN B 265 19.27 -23.74 -29.97
N GLY B 266 19.15 -22.78 -29.06
CA GLY B 266 19.12 -23.10 -27.61
C GLY B 266 20.42 -23.74 -27.14
N THR B 267 21.56 -23.23 -27.62
CA THR B 267 22.88 -23.79 -27.22
C THR B 267 23.70 -22.71 -26.50
N ILE B 268 24.22 -23.03 -25.31
CA ILE B 268 25.03 -22.05 -24.53
C ILE B 268 26.39 -21.87 -25.21
N THR B 269 26.52 -20.88 -26.09
CA THR B 269 27.76 -20.60 -26.79
C THR B 269 28.75 -19.79 -25.98
N ASP B 270 28.29 -19.00 -25.02
CA ASP B 270 29.18 -18.17 -24.23
C ASP B 270 28.58 -17.96 -22.85
N ALA B 271 29.44 -17.61 -21.90
CA ALA B 271 29.01 -17.33 -20.54
C ALA B 271 30.04 -16.44 -19.87
N VAL B 272 29.59 -15.69 -18.87
CA VAL B 272 30.45 -14.82 -18.08
C VAL B 272 30.19 -15.06 -16.60
N ASP B 273 31.27 -15.05 -15.82
CA ASP B 273 31.21 -15.17 -14.37
C ASP B 273 31.00 -13.78 -13.79
N CYS B 274 29.92 -13.61 -13.02
CA CYS B 274 29.51 -12.29 -12.58
C CYS B 274 30.40 -11.71 -11.48
N ALA B 275 31.32 -12.50 -10.92
CA ALA B 275 32.16 -12.03 -9.82
C ALA B 275 33.63 -12.35 -10.05
N LEU B 276 34.06 -12.44 -11.32
CA LEU B 276 35.46 -12.74 -11.61
C LEU B 276 36.32 -11.48 -11.54
N ASP B 277 36.05 -10.52 -12.42
CA ASP B 277 36.79 -9.28 -12.51
C ASP B 277 35.81 -8.13 -12.73
N PRO B 278 36.22 -6.89 -12.45
CA PRO B 278 35.27 -5.77 -12.58
C PRO B 278 34.62 -5.65 -13.94
N LEU B 279 35.36 -5.94 -15.02
CA LEU B 279 34.74 -5.88 -16.35
C LEU B 279 33.59 -6.87 -16.47
N SER B 280 33.78 -8.08 -15.95
CA SER B 280 32.68 -9.03 -15.93
C SER B 280 31.54 -8.55 -15.05
N GLU B 281 31.84 -7.81 -13.99
CA GLU B 281 30.77 -7.24 -13.16
C GLU B 281 29.95 -6.22 -13.94
N THR B 282 30.62 -5.37 -14.74
CA THR B 282 29.88 -4.43 -15.58
C THR B 282 29.06 -5.15 -16.63
N LYS B 283 29.62 -6.20 -17.23
CA LYS B 283 28.86 -7.00 -18.19
C LYS B 283 27.64 -7.63 -17.54
N CYS B 284 27.80 -8.10 -16.30
CA CYS B 284 26.69 -8.66 -15.54
C CYS B 284 25.62 -7.60 -15.28
N THR B 285 26.04 -6.39 -14.92
CA THR B 285 25.08 -5.33 -14.62
C THR B 285 24.32 -4.90 -15.86
N LEU B 286 25.00 -4.76 -17.00
CA LEU B 286 24.35 -4.26 -18.21
C LEU B 286 23.65 -5.35 -19.02
N LYS B 287 23.75 -6.61 -18.60
CA LYS B 287 23.10 -7.73 -19.30
C LYS B 287 23.50 -7.77 -20.78
N SER B 288 24.79 -7.56 -21.04
CA SER B 288 25.28 -7.57 -22.41
C SER B 288 26.73 -8.03 -22.43
N PHE B 289 27.15 -8.53 -23.59
CA PHE B 289 28.52 -8.98 -23.78
C PHE B 289 29.44 -7.88 -24.28
N THR B 290 28.90 -6.72 -24.66
CA THR B 290 29.69 -5.59 -25.13
C THR B 290 29.36 -4.37 -24.29
N VAL B 291 30.41 -3.62 -23.92
CA VAL B 291 30.27 -2.44 -23.08
C VAL B 291 30.83 -1.25 -23.84
N GLU B 292 30.01 -0.20 -23.98
CA GLU B 292 30.45 1.02 -24.65
C GLU B 292 31.33 1.85 -23.73
N LYS B 293 32.03 2.81 -24.32
CA LYS B 293 32.90 3.69 -23.55
C LYS B 293 32.08 4.50 -22.55
N GLY B 294 32.56 4.56 -21.32
CA GLY B 294 31.89 5.30 -20.28
C GLY B 294 32.26 4.79 -18.91
N ILE B 295 31.66 5.42 -17.91
CA ILE B 295 31.85 5.05 -16.51
C ILE B 295 30.54 4.51 -15.97
N TYR B 296 30.57 3.29 -15.42
CA TYR B 296 29.38 2.62 -14.92
C TYR B 296 29.52 2.35 -13.43
N GLN B 297 28.40 2.40 -12.73
CA GLN B 297 28.33 2.06 -11.32
C GLN B 297 27.85 0.61 -11.19
N THR B 298 28.64 -0.20 -10.50
CA THR B 298 28.39 -1.64 -10.43
C THR B 298 27.94 -2.09 -9.05
N SER B 299 28.71 -1.82 -8.01
CA SER B 299 28.42 -2.35 -6.68
C SER B 299 28.91 -1.38 -5.62
N ASN B 300 28.80 -1.81 -4.37
CA ASN B 300 29.28 -1.05 -3.22
C ASN B 300 30.30 -1.88 -2.46
N PHE B 301 31.47 -1.31 -2.24
CA PHE B 301 32.53 -1.95 -1.47
C PHE B 301 32.36 -1.63 0.01
N ARG B 302 32.56 -2.63 0.85
CA ARG B 302 32.53 -2.47 2.29
C ARG B 302 33.44 -3.51 2.93
N VAL B 303 34.07 -3.12 4.04
CA VAL B 303 35.03 -3.98 4.71
C VAL B 303 34.32 -4.78 5.80
N GLN B 304 34.56 -6.09 5.83
CA GLN B 304 33.88 -7.00 6.74
C GLN B 304 34.54 -6.98 8.12
N PRO B 305 33.76 -7.27 9.17
CA PRO B 305 34.36 -7.38 10.51
C PRO B 305 35.28 -8.59 10.62
N THR B 306 36.24 -8.48 11.54
CA THR B 306 37.24 -9.53 11.70
C THR B 306 36.81 -10.60 12.71
N GLU B 307 36.27 -10.19 13.85
CA GLU B 307 35.87 -11.14 14.89
C GLU B 307 34.81 -10.50 15.77
N SER B 308 34.14 -11.33 16.56
CA SER B 308 33.05 -10.92 17.42
C SER B 308 33.48 -10.94 18.87
N ILE B 309 33.03 -9.93 19.63
CA ILE B 309 33.29 -9.84 21.06
C ILE B 309 31.97 -9.59 21.77
N VAL B 310 31.88 -10.08 23.01
CA VAL B 310 30.67 -9.94 23.83
C VAL B 310 31.07 -9.40 25.19
N ARG B 311 30.33 -8.39 25.66
CA ARG B 311 30.58 -7.76 26.95
C ARG B 311 29.33 -7.86 27.81
N PHE B 312 29.45 -8.45 28.98
CA PHE B 312 28.24 -8.67 29.83
C PHE B 312 28.55 -8.24 31.26
N PRO B 313 27.54 -8.14 32.16
CA PRO B 313 27.77 -7.68 33.53
C PRO B 313 28.72 -8.58 34.34
N ASN B 314 29.12 -8.12 35.52
CA ASN B 314 30.10 -8.86 36.36
C ASN B 314 29.39 -9.79 37.34
N ILE B 315 28.12 -9.50 37.66
CA ILE B 315 27.39 -10.31 38.69
C ILE B 315 27.44 -11.79 38.33
N THR B 316 27.53 -12.66 39.34
CA THR B 316 27.57 -14.13 39.11
C THR B 316 26.41 -14.79 39.86
N ASN B 317 25.81 -14.07 40.82
CA ASN B 317 24.70 -14.64 41.63
C ASN B 317 23.61 -15.16 40.70
N LEU B 318 23.10 -16.37 40.97
CA LEU B 318 21.98 -16.91 40.16
C LEU B 318 20.69 -16.18 40.55
N CYS B 319 19.54 -16.63 40.06
CA CYS B 319 18.29 -16.01 40.46
C CYS B 319 17.27 -17.06 40.87
N PRO B 320 16.50 -16.82 41.93
CA PRO B 320 15.57 -17.84 42.45
C PRO B 320 14.28 -17.94 41.64
N PHE B 321 14.38 -18.55 40.46
CA PHE B 321 13.18 -18.91 39.72
C PHE B 321 12.50 -20.13 40.34
N HIS B 322 13.28 -20.99 41.02
CA HIS B 322 12.71 -22.18 41.63
C HIS B 322 11.71 -21.81 42.72
N GLU B 323 11.97 -20.74 43.47
CA GLU B 323 11.06 -20.33 44.52
C GLU B 323 9.67 -20.07 43.97
N VAL B 324 9.60 -19.37 42.83
CA VAL B 324 8.30 -19.15 42.19
C VAL B 324 7.76 -20.43 41.60
N PHE B 325 8.63 -21.26 41.01
CA PHE B 325 8.16 -22.37 40.20
C PHE B 325 8.03 -23.69 40.95
N ASN B 326 8.34 -23.74 42.25
CA ASN B 326 8.02 -24.92 43.04
C ASN B 326 7.39 -24.54 44.38
N ALA B 327 6.81 -23.35 44.49
CA ALA B 327 6.12 -22.97 45.71
C ALA B 327 4.90 -23.85 45.93
N THR B 328 4.68 -24.23 47.19
CA THR B 328 3.63 -25.18 47.50
C THR B 328 2.24 -24.62 47.18
N THR B 329 1.98 -23.39 47.61
CA THR B 329 0.67 -22.77 47.45
C THR B 329 0.81 -21.44 46.73
N PHE B 330 -0.07 -21.20 45.76
CA PHE B 330 -0.22 -19.89 45.13
C PHE B 330 -1.53 -19.25 45.60
N ALA B 331 -1.71 -17.99 45.22
CA ALA B 331 -2.88 -17.24 45.63
C ALA B 331 -3.98 -17.34 44.57
N SER B 332 -5.14 -16.78 44.88
CA SER B 332 -6.25 -16.76 43.95
C SER B 332 -5.98 -15.80 42.79
N VAL B 333 -6.77 -15.95 41.73
CA VAL B 333 -6.54 -15.13 40.53
C VAL B 333 -6.84 -13.66 40.82
N TYR B 334 -7.85 -13.39 41.66
CA TYR B 334 -8.14 -12.00 42.01
C TYR B 334 -7.13 -11.44 43.01
N ALA B 335 -6.31 -12.29 43.61
CA ALA B 335 -5.27 -11.88 44.55
C ALA B 335 -3.91 -12.39 44.11
N TRP B 336 -3.64 -12.30 42.80
CA TRP B 336 -2.40 -12.85 42.24
C TRP B 336 -1.18 -12.23 42.90
N ASN B 337 -0.10 -13.01 42.96
CA ASN B 337 1.11 -12.60 43.67
C ASN B 337 2.20 -12.25 42.66
N ARG B 338 2.88 -11.13 42.88
CA ARG B 338 3.98 -10.71 42.03
C ARG B 338 5.27 -10.60 42.84
N LYS B 339 6.38 -10.94 42.20
CA LYS B 339 7.70 -10.84 42.79
C LYS B 339 8.65 -10.17 41.79
N ARG B 340 9.38 -9.17 42.26
CA ARG B 340 10.34 -8.47 41.40
C ARG B 340 11.66 -9.23 41.40
N ILE B 341 12.21 -9.45 40.22
CA ILE B 341 13.47 -10.16 40.03
C ILE B 341 14.48 -9.21 39.43
N SER B 342 15.64 -9.09 40.07
CA SER B 342 16.68 -8.19 39.58
C SER B 342 18.01 -8.62 40.19
N ASN B 343 19.09 -8.15 39.56
CA ASN B 343 20.47 -8.43 40.00
C ASN B 343 20.71 -9.93 40.13
N CYS B 344 20.63 -10.62 38.98
CA CYS B 344 20.91 -12.04 38.91
C CYS B 344 21.59 -12.34 37.58
N VAL B 345 21.79 -13.63 37.32
CA VAL B 345 22.02 -14.14 35.97
C VAL B 345 20.88 -15.10 35.67
N ALA B 346 20.26 -14.94 34.51
CA ALA B 346 19.04 -15.66 34.17
C ALA B 346 19.38 -16.86 33.28
N ASP B 347 19.17 -18.05 33.82
CA ASP B 347 19.24 -19.29 33.04
C ASP B 347 17.88 -19.96 33.09
N TYR B 348 17.27 -20.15 31.93
CA TYR B 348 15.93 -20.70 31.84
C TYR B 348 15.94 -22.21 31.64
N SER B 349 17.10 -22.85 31.77
CA SER B 349 17.16 -24.31 31.76
C SER B 349 16.47 -24.90 32.99
N VAL B 350 16.64 -24.25 34.14
CA VAL B 350 15.95 -24.70 35.35
C VAL B 350 14.44 -24.58 35.17
N ILE B 351 14.00 -23.65 34.31
CA ILE B 351 12.58 -23.55 33.99
C ILE B 351 12.11 -24.80 33.28
N TYR B 352 12.91 -25.29 32.33
CA TYR B 352 12.61 -26.50 31.59
C TYR B 352 12.94 -27.77 32.39
N ASN B 353 13.54 -27.65 33.56
CA ASN B 353 13.72 -28.81 34.43
C ASN B 353 12.37 -29.39 34.83
N PHE B 354 11.56 -28.61 35.55
CA PHE B 354 10.19 -28.97 35.87
C PHE B 354 9.34 -28.46 34.70
N ALA B 355 9.11 -29.33 33.72
CA ALA B 355 8.51 -28.93 32.45
C ALA B 355 7.42 -29.89 31.97
N PRO B 356 6.35 -30.10 32.76
CA PRO B 356 5.14 -30.66 32.17
C PRO B 356 4.16 -29.58 31.75
N PHE B 357 4.61 -28.55 31.04
CA PHE B 357 3.74 -27.42 30.75
C PHE B 357 2.69 -27.80 29.71
N PHE B 358 1.46 -27.34 29.95
CA PHE B 358 0.42 -27.44 28.93
C PHE B 358 0.60 -26.37 27.86
N ALA B 359 1.05 -25.18 28.26
CA ALA B 359 1.25 -24.07 27.31
C ALA B 359 2.47 -23.27 27.75
N PHE B 360 3.41 -23.07 26.82
CA PHE B 360 4.61 -22.28 27.06
C PHE B 360 4.82 -21.26 25.95
N LYS B 361 3.71 -20.78 25.37
CA LYS B 361 3.82 -19.81 24.28
C LYS B 361 4.40 -18.50 24.77
N CYS B 362 5.27 -17.90 23.95
CA CYS B 362 5.88 -16.61 24.28
C CYS B 362 5.58 -15.60 23.18
N TYR B 363 5.31 -14.36 23.60
CA TYR B 363 4.72 -13.36 22.72
C TYR B 363 5.78 -12.49 22.05
N GLY B 364 6.57 -11.77 22.83
CA GLY B 364 7.52 -10.82 22.28
C GLY B 364 8.93 -11.35 22.14
N VAL B 365 9.20 -12.51 22.75
CA VAL B 365 10.53 -13.11 22.73
C VAL B 365 10.42 -14.57 22.33
N SER B 366 11.39 -15.03 21.57
CA SER B 366 11.47 -16.45 21.25
C SER B 366 12.03 -17.22 22.44
N PRO B 367 11.35 -18.26 22.92
CA PRO B 367 11.84 -18.97 24.11
C PRO B 367 13.22 -19.57 23.94
N THR B 368 13.58 -20.00 22.72
CA THR B 368 14.89 -20.61 22.52
C THR B 368 16.03 -19.60 22.67
N LYS B 369 15.76 -18.32 22.45
CA LYS B 369 16.77 -17.28 22.53
C LYS B 369 16.71 -16.50 23.84
N LEU B 370 16.01 -17.03 24.85
CA LEU B 370 15.83 -16.29 26.10
C LEU B 370 17.14 -16.10 26.86
N ASN B 371 18.15 -16.93 26.59
CA ASN B 371 19.44 -16.80 27.25
C ASN B 371 20.39 -15.85 26.52
N ASP B 372 19.96 -15.27 25.40
CA ASP B 372 20.82 -14.44 24.58
C ASP B 372 20.58 -12.94 24.78
N LEU B 373 19.75 -12.56 25.75
CA LEU B 373 19.38 -11.17 25.94
C LEU B 373 19.58 -10.75 27.39
N CYS B 374 19.61 -9.44 27.60
CA CYS B 374 19.68 -8.85 28.93
C CYS B 374 18.34 -8.19 29.25
N PHE B 375 17.87 -8.38 30.48
CA PHE B 375 16.55 -7.95 30.88
C PHE B 375 16.62 -7.01 32.07
N THR B 376 15.60 -6.16 32.19
CA THR B 376 15.44 -5.28 33.34
C THR B 376 13.96 -5.02 33.56
N ASN B 377 13.61 -4.64 34.78
CA ASN B 377 12.22 -4.62 35.26
C ASN B 377 11.52 -5.94 34.95
N VAL B 378 11.99 -6.99 35.62
CA VAL B 378 11.46 -8.33 35.47
C VAL B 378 10.54 -8.62 36.65
N TYR B 379 9.31 -9.06 36.35
CA TYR B 379 8.34 -9.43 37.37
C TYR B 379 7.81 -10.82 37.08
N ALA B 380 7.61 -11.61 38.13
CA ALA B 380 7.05 -12.95 38.03
C ALA B 380 5.75 -12.98 38.82
N ASP B 381 4.66 -13.34 38.14
CA ASP B 381 3.35 -13.39 38.77
C ASP B 381 2.92 -14.85 38.93
N SER B 382 1.93 -15.06 39.79
CA SER B 382 1.47 -16.40 40.11
C SER B 382 0.01 -16.36 40.53
N PHE B 383 -0.78 -17.28 39.99
CA PHE B 383 -2.16 -17.49 40.40
C PHE B 383 -2.64 -18.84 39.85
N VAL B 384 -3.91 -19.14 40.08
CA VAL B 384 -4.52 -20.40 39.67
C VAL B 384 -5.89 -20.11 39.08
N ILE B 385 -6.18 -20.72 37.93
CA ILE B 385 -7.44 -20.52 37.22
C ILE B 385 -7.97 -21.87 36.74
N ARG B 386 -9.08 -21.84 36.02
CA ARG B 386 -9.70 -23.03 35.45
C ARG B 386 -8.93 -23.46 34.19
N GLY B 387 -9.14 -24.71 33.79
CA GLY B 387 -8.41 -25.25 32.66
C GLY B 387 -8.73 -24.54 31.35
N ASN B 388 -9.99 -24.16 31.16
CA ASN B 388 -10.39 -23.51 29.92
C ASN B 388 -10.07 -22.03 29.87
N GLU B 389 -9.62 -21.45 30.99
CA GLU B 389 -9.36 -20.02 31.08
C GLU B 389 -7.92 -19.67 30.73
N VAL B 390 -7.07 -20.67 30.47
CA VAL B 390 -5.69 -20.39 30.10
C VAL B 390 -5.62 -19.64 28.77
N SER B 391 -6.58 -19.89 27.87
CA SER B 391 -6.63 -19.14 26.62
C SER B 391 -6.97 -17.67 26.87
N GLN B 392 -7.67 -17.38 27.95
CA GLN B 392 -8.07 -16.00 28.24
C GLN B 392 -6.89 -15.16 28.71
N ILE B 393 -5.82 -15.78 29.21
CA ILE B 393 -4.65 -15.03 29.63
C ILE B 393 -3.85 -14.69 28.38
N ALA B 394 -4.15 -13.54 27.79
CA ALA B 394 -3.57 -13.09 26.54
C ALA B 394 -3.86 -11.61 26.34
N PRO B 395 -2.99 -10.88 25.64
CA PRO B 395 -3.28 -9.45 25.40
C PRO B 395 -4.55 -9.27 24.60
N GLY B 396 -5.36 -8.30 25.01
CA GLY B 396 -6.58 -7.96 24.30
C GLY B 396 -7.57 -9.09 24.16
N GLN B 397 -7.80 -9.84 25.23
CA GLN B 397 -8.74 -10.95 25.23
C GLN B 397 -9.90 -10.64 26.18
N THR B 398 -11.12 -10.85 25.69
CA THR B 398 -12.32 -10.53 26.45
C THR B 398 -12.74 -11.74 27.28
N GLY B 399 -13.02 -11.49 28.57
CA GLY B 399 -13.48 -12.54 29.44
C GLY B 399 -13.66 -12.00 30.85
N ASN B 400 -14.45 -12.72 31.62
CA ASN B 400 -14.76 -12.28 32.98
C ASN B 400 -13.50 -12.20 33.83
N ILE B 401 -12.66 -13.23 33.76
CA ILE B 401 -11.41 -13.22 34.52
C ILE B 401 -10.48 -12.13 34.00
N ALA B 402 -10.40 -11.98 32.67
CA ALA B 402 -9.61 -10.88 32.11
C ALA B 402 -10.18 -9.53 32.51
N ASP B 403 -11.52 -9.42 32.55
CA ASP B 403 -12.14 -8.13 32.82
C ASP B 403 -11.94 -7.70 34.27
N TYR B 404 -12.19 -8.60 35.22
CA TYR B 404 -12.29 -8.22 36.61
C TYR B 404 -11.20 -8.79 37.50
N ASN B 405 -10.31 -9.63 36.98
CA ASN B 405 -9.28 -10.25 37.81
C ASN B 405 -7.86 -9.93 37.36
N TYR B 406 -7.57 -10.07 36.07
CA TYR B 406 -6.20 -9.90 35.58
C TYR B 406 -6.24 -9.40 34.15
N LYS B 407 -5.66 -8.22 33.91
CA LYS B 407 -5.60 -7.64 32.59
C LYS B 407 -4.17 -7.63 32.07
N LEU B 408 -4.02 -7.93 30.77
CA LEU B 408 -2.74 -7.88 30.10
C LEU B 408 -2.73 -6.76 29.08
N PRO B 409 -1.70 -5.91 29.06
CA PRO B 409 -1.68 -4.81 28.09
C PRO B 409 -1.57 -5.33 26.66
N ASP B 410 -2.08 -4.51 25.73
CA ASP B 410 -2.09 -4.91 24.33
C ASP B 410 -0.69 -5.10 23.78
N ASP B 411 0.28 -4.36 24.30
CA ASP B 411 1.68 -4.46 23.89
C ASP B 411 2.52 -5.30 24.84
N PHE B 412 1.88 -6.20 25.59
CA PHE B 412 2.58 -6.97 26.61
C PHE B 412 3.72 -7.78 26.02
N THR B 413 4.88 -7.73 26.67
CA THR B 413 6.04 -8.50 26.31
C THR B 413 6.45 -9.37 27.48
N GLY B 414 7.01 -10.53 27.17
CA GLY B 414 7.14 -11.62 28.11
C GLY B 414 6.20 -12.76 27.70
N CYS B 415 5.99 -13.68 28.64
CA CYS B 415 5.09 -14.77 28.30
C CYS B 415 4.55 -15.47 29.54
N VAL B 416 3.46 -16.22 29.31
CA VAL B 416 2.72 -16.91 30.35
C VAL B 416 3.03 -18.39 30.27
N ILE B 417 2.89 -19.08 31.40
CA ILE B 417 3.04 -20.53 31.46
C ILE B 417 1.90 -21.07 32.32
N ALA B 418 1.27 -22.15 31.86
CA ALA B 418 0.17 -22.77 32.57
C ALA B 418 0.34 -24.28 32.55
N TRP B 419 0.02 -24.92 33.67
CA TRP B 419 0.12 -26.38 33.74
C TRP B 419 -0.92 -26.93 34.70
N ASN B 420 -1.39 -28.14 34.40
CA ASN B 420 -2.45 -28.76 35.18
C ASN B 420 -1.97 -29.05 36.61
N SER B 421 -2.89 -28.90 37.56
CA SER B 421 -2.57 -29.07 38.98
C SER B 421 -3.64 -29.89 39.68
N ASN B 422 -4.09 -30.98 39.04
CA ASN B 422 -5.06 -31.86 39.69
C ASN B 422 -4.46 -32.54 40.91
N LYS B 423 -3.19 -32.93 40.85
CA LYS B 423 -2.58 -33.68 41.94
C LYS B 423 -2.51 -32.85 43.22
N LEU B 424 -2.13 -31.58 43.10
CA LEU B 424 -1.91 -30.73 44.26
C LEU B 424 -3.06 -29.77 44.55
N ASP B 425 -3.51 -29.02 43.54
CA ASP B 425 -4.50 -27.98 43.75
C ASP B 425 -5.94 -28.47 43.56
N SER B 426 -6.18 -29.76 43.77
CA SER B 426 -7.53 -30.31 43.72
C SER B 426 -7.74 -31.26 44.90
N LYS B 427 -8.95 -31.27 45.42
CA LYS B 427 -9.31 -32.12 46.55
C LYS B 427 -10.56 -32.92 46.24
N PRO B 428 -10.64 -34.16 46.72
CA PRO B 428 -11.85 -34.97 46.47
C PRO B 428 -13.12 -34.32 47.00
N SER B 429 -13.04 -33.65 48.15
CA SER B 429 -14.17 -32.89 48.67
C SER B 429 -14.34 -31.55 47.98
N GLY B 430 -13.39 -31.16 47.13
CA GLY B 430 -13.46 -29.89 46.43
C GLY B 430 -12.47 -28.87 46.95
N ASN B 431 -11.51 -28.49 46.12
CA ASN B 431 -10.57 -27.43 46.47
C ASN B 431 -11.17 -26.08 46.09
N TYR B 432 -11.45 -25.26 47.11
CA TYR B 432 -12.13 -23.99 46.90
C TYR B 432 -11.38 -22.82 47.50
N ASN B 433 -10.11 -23.00 47.89
CA ASN B 433 -9.33 -21.91 48.46
C ASN B 433 -9.05 -20.81 47.45
N TYR B 434 -9.28 -21.05 46.17
CA TYR B 434 -9.03 -20.08 45.10
C TYR B 434 -10.35 -19.43 44.70
N LEU B 435 -10.38 -18.10 44.74
CA LEU B 435 -11.58 -17.33 44.47
C LEU B 435 -11.35 -16.39 43.30
N TYR B 436 -12.42 -16.11 42.57
CA TYR B 436 -12.36 -15.22 41.41
C TYR B 436 -13.43 -14.15 41.54
N ARG B 437 -13.07 -12.93 41.11
CA ARG B 437 -14.00 -11.81 41.10
C ARG B 437 -14.85 -11.87 39.83
N LEU B 438 -16.18 -11.91 39.99
CA LEU B 438 -17.08 -11.98 38.84
C LEU B 438 -17.99 -10.76 38.71
N PHE B 439 -18.16 -9.97 39.76
CA PHE B 439 -18.78 -8.64 39.65
C PHE B 439 -17.73 -7.56 39.87
N ARG B 440 -17.79 -6.52 39.03
CA ARG B 440 -16.98 -5.33 39.20
C ARG B 440 -17.52 -4.25 38.26
N LYS B 441 -17.51 -3.00 38.74
CA LYS B 441 -18.18 -1.92 38.02
C LYS B 441 -17.54 -1.66 36.67
N SER B 442 -16.21 -1.59 36.61
CA SER B 442 -15.50 -1.15 35.43
C SER B 442 -14.33 -2.06 35.11
N LYS B 443 -13.93 -2.04 33.84
CA LYS B 443 -12.79 -2.84 33.42
C LYS B 443 -11.51 -2.40 34.12
N LEU B 444 -10.70 -3.38 34.52
CA LEU B 444 -9.49 -3.08 35.25
C LEU B 444 -8.36 -2.66 34.31
N LYS B 445 -7.39 -1.95 34.86
CA LYS B 445 -6.21 -1.55 34.12
C LYS B 445 -5.23 -2.71 34.03
N PRO B 446 -4.36 -2.72 33.02
CA PRO B 446 -3.35 -3.77 32.93
C PRO B 446 -2.44 -3.77 34.15
N PHE B 447 -2.08 -4.98 34.60
CA PHE B 447 -1.20 -5.18 35.74
C PHE B 447 -1.71 -4.45 36.98
N GLU B 448 -3.02 -4.51 37.20
CA GLU B 448 -3.65 -3.92 38.37
C GLU B 448 -4.48 -4.97 39.08
N ARG B 449 -4.40 -4.98 40.40
CA ARG B 449 -5.13 -5.93 41.23
C ARG B 449 -6.21 -5.22 42.03
N ASP B 450 -7.35 -5.88 42.17
CA ASP B 450 -8.47 -5.38 42.97
C ASP B 450 -8.58 -6.23 44.22
N ILE B 451 -8.57 -5.58 45.38
CA ILE B 451 -8.43 -6.29 46.65
C ILE B 451 -9.66 -6.06 47.52
N SER B 452 -10.34 -4.93 47.32
CA SER B 452 -11.45 -4.57 48.18
C SER B 452 -12.57 -5.59 48.09
N THR B 453 -12.90 -6.19 49.23
CA THR B 453 -13.96 -7.20 49.31
C THR B 453 -15.30 -6.59 49.67
N GLU B 454 -15.71 -5.55 48.94
CA GLU B 454 -17.02 -4.96 49.15
C GLU B 454 -18.12 -5.91 48.69
N ILE B 455 -19.19 -6.00 49.48
CA ILE B 455 -20.31 -6.86 49.12
C ILE B 455 -21.04 -6.26 47.92
N TYR B 456 -21.25 -7.07 46.90
CA TYR B 456 -21.86 -6.61 45.64
C TYR B 456 -23.35 -6.92 45.62
N GLN B 457 -24.12 -5.99 45.07
CA GLN B 457 -25.56 -6.14 44.94
C GLN B 457 -25.86 -6.82 43.62
N ALA B 458 -26.16 -8.11 43.67
CA ALA B 458 -26.35 -8.94 42.47
C ALA B 458 -27.78 -8.81 41.93
N GLY B 459 -28.20 -7.57 41.75
CA GLY B 459 -29.53 -7.32 41.26
C GLY B 459 -30.05 -5.99 41.78
N ASN B 460 -31.37 -5.94 41.97
CA ASN B 460 -32.05 -4.73 42.42
C ASN B 460 -32.40 -4.78 43.91
N LYS B 461 -31.94 -5.79 44.63
CA LYS B 461 -32.18 -5.87 46.07
C LYS B 461 -30.93 -5.39 46.79
N PRO B 462 -30.95 -4.23 47.45
CA PRO B 462 -29.72 -3.72 48.06
C PRO B 462 -29.24 -4.61 49.20
N CYS B 463 -27.92 -4.75 49.32
CA CYS B 463 -27.36 -5.55 50.38
C CYS B 463 -27.52 -4.87 51.74
N ASN B 464 -27.16 -3.58 51.82
CA ASN B 464 -27.13 -2.85 53.09
C ASN B 464 -26.31 -3.59 54.12
N GLY B 465 -25.20 -4.20 53.67
CA GLY B 465 -24.40 -5.04 54.53
C GLY B 465 -24.98 -6.41 54.77
N VAL B 466 -25.99 -6.83 54.02
CA VAL B 466 -26.63 -8.12 54.18
C VAL B 466 -26.54 -8.85 52.85
N ALA B 467 -25.77 -9.93 52.81
CA ALA B 467 -25.69 -10.75 51.61
C ALA B 467 -26.85 -11.75 51.60
N GLY B 468 -27.53 -11.84 50.46
CA GLY B 468 -28.68 -12.70 50.33
C GLY B 468 -29.26 -12.68 48.93
N PRO B 469 -30.58 -12.55 48.82
CA PRO B 469 -31.22 -12.52 47.50
C PRO B 469 -30.74 -11.32 46.68
N ASN B 470 -30.22 -11.61 45.49
CA ASN B 470 -29.66 -10.59 44.59
C ASN B 470 -28.55 -9.80 45.28
N CYS B 471 -27.83 -10.46 46.19
CA CYS B 471 -26.68 -9.84 46.88
C CYS B 471 -25.68 -10.96 47.17
N TYR B 472 -24.71 -11.11 46.27
CA TYR B 472 -23.64 -12.07 46.43
C TYR B 472 -22.30 -11.35 46.31
N SER B 473 -21.29 -11.90 46.99
CA SER B 473 -19.97 -11.30 46.96
C SER B 473 -19.40 -11.37 45.55
N PRO B 474 -18.60 -10.39 45.15
CA PRO B 474 -17.93 -10.48 43.85
C PRO B 474 -16.96 -11.65 43.76
N LEU B 475 -16.53 -12.19 44.89
CA LEU B 475 -15.61 -13.31 44.90
C LEU B 475 -16.36 -14.63 45.09
N GLN B 476 -16.15 -15.56 44.18
CA GLN B 476 -16.72 -16.89 44.27
C GLN B 476 -15.61 -17.93 44.19
N SER B 477 -15.81 -19.04 44.90
CA SER B 477 -14.79 -20.08 45.02
C SER B 477 -14.95 -21.11 43.90
N TYR B 478 -13.81 -21.53 43.35
CA TYR B 478 -13.81 -22.55 42.31
C TYR B 478 -14.11 -23.92 42.91
N GLY B 479 -14.94 -24.69 42.22
CA GLY B 479 -15.24 -26.04 42.64
C GLY B 479 -14.32 -27.07 42.01
N PHE B 480 -13.06 -27.08 42.41
CA PHE B 480 -12.06 -27.95 41.81
C PHE B 480 -12.12 -29.33 42.44
N ARG B 481 -12.41 -30.35 41.61
CA ARG B 481 -12.46 -31.74 42.05
C ARG B 481 -11.68 -32.60 41.07
N PRO B 482 -11.02 -33.66 41.56
CA PRO B 482 -10.23 -34.51 40.64
C PRO B 482 -11.09 -35.28 39.66
N THR B 483 -12.39 -35.43 39.91
CA THR B 483 -13.25 -36.19 39.00
C THR B 483 -13.45 -35.45 37.68
N TYR B 484 -13.34 -34.12 37.67
CA TYR B 484 -13.54 -33.36 36.46
C TYR B 484 -12.44 -33.64 35.44
N GLY B 485 -12.81 -33.56 34.16
CA GLY B 485 -11.87 -33.75 33.07
C GLY B 485 -11.17 -32.46 32.71
N VAL B 486 -10.43 -32.53 31.60
CA VAL B 486 -9.72 -31.35 31.12
C VAL B 486 -10.71 -30.26 30.74
N GLY B 487 -10.29 -29.01 30.95
CA GLY B 487 -11.15 -27.86 30.77
C GLY B 487 -11.81 -27.38 32.04
N HIS B 488 -11.86 -28.21 33.07
CA HIS B 488 -12.37 -27.82 34.37
C HIS B 488 -11.41 -28.13 35.52
N GLN B 489 -10.36 -28.89 35.28
CA GLN B 489 -9.37 -29.16 36.32
C GLN B 489 -8.61 -27.88 36.67
N PRO B 490 -8.14 -27.76 37.91
CA PRO B 490 -7.36 -26.58 38.29
C PRO B 490 -6.06 -26.49 37.49
N TYR B 491 -5.68 -25.27 37.14
CA TYR B 491 -4.46 -25.00 36.40
C TYR B 491 -3.69 -23.88 37.07
N ARG B 492 -2.38 -24.04 37.16
CA ARG B 492 -1.49 -23.05 37.75
C ARG B 492 -0.87 -22.21 36.65
N VAL B 493 -0.87 -20.90 36.83
CA VAL B 493 -0.40 -19.96 35.82
C VAL B 493 0.63 -19.04 36.46
N VAL B 494 1.78 -18.92 35.79
CA VAL B 494 2.87 -18.02 36.18
C VAL B 494 3.30 -17.24 34.94
N VAL B 495 3.31 -15.92 35.05
CA VAL B 495 3.61 -15.06 33.90
C VAL B 495 4.90 -14.29 34.19
N LEU B 496 5.72 -14.13 33.16
CA LEU B 496 6.95 -13.36 33.24
C LEU B 496 6.83 -12.15 32.33
N SER B 497 7.19 -10.98 32.84
CA SER B 497 6.90 -9.72 32.17
C SER B 497 8.17 -8.93 31.86
N PHE B 498 9.17 -9.59 31.27
CA PHE B 498 10.39 -8.89 30.90
C PHE B 498 10.07 -7.64 30.08
N GLU B 499 10.85 -6.59 30.28
CA GLU B 499 10.77 -5.39 29.47
C GLU B 499 12.11 -5.19 28.78
N LEU B 500 12.08 -5.06 27.46
CA LEU B 500 13.29 -4.95 26.65
C LEU B 500 13.43 -3.55 26.08
N LEU B 501 14.66 -3.07 26.06
CA LEU B 501 15.00 -1.77 25.48
C LEU B 501 16.44 -1.82 25.01
N HIS B 502 16.94 -0.69 24.53
CA HIS B 502 18.38 -0.50 24.32
C HIS B 502 18.93 0.11 25.61
N ALA B 503 19.09 -0.74 26.61
CA ALA B 503 19.50 -0.32 27.95
C ALA B 503 20.48 -1.32 28.52
N PRO B 504 21.37 -0.88 29.42
CA PRO B 504 22.32 -1.83 30.01
C PRO B 504 21.66 -2.93 30.81
N ALA B 505 20.51 -2.64 31.43
CA ALA B 505 19.74 -3.61 32.21
C ALA B 505 20.51 -4.15 33.40
N THR B 506 19.88 -5.03 34.18
CA THR B 506 20.52 -5.67 35.32
C THR B 506 20.49 -7.19 35.24
N VAL B 507 19.42 -7.77 34.73
CA VAL B 507 19.35 -9.22 34.54
C VAL B 507 19.89 -9.55 33.16
N CYS B 508 20.76 -10.56 33.10
CA CYS B 508 21.42 -10.93 31.85
C CYS B 508 21.57 -12.44 31.78
N GLY B 509 21.86 -12.92 30.57
CA GLY B 509 22.03 -14.33 30.34
C GLY B 509 23.36 -14.84 30.87
N PRO B 510 23.52 -16.16 30.80
CA PRO B 510 24.73 -16.80 31.34
C PRO B 510 25.95 -16.73 30.44
N LYS B 511 25.91 -15.99 29.33
CA LYS B 511 27.02 -15.97 28.40
C LYS B 511 28.25 -15.31 29.02
N LYS B 512 29.42 -15.79 28.61
CA LYS B 512 30.68 -15.32 29.15
C LYS B 512 31.11 -14.02 28.46
N SER B 513 32.00 -13.29 29.13
CA SER B 513 32.55 -12.04 28.61
C SER B 513 33.84 -12.29 27.84
N THR B 514 34.26 -11.26 27.10
CA THR B 514 35.41 -11.36 26.23
C THR B 514 36.12 -10.01 26.19
N ASN B 515 37.45 -10.04 26.07
CA ASN B 515 38.24 -8.82 26.04
C ASN B 515 37.85 -7.97 24.83
N LEU B 516 38.01 -6.66 24.97
CA LEU B 516 37.66 -5.71 23.92
C LEU B 516 38.86 -5.41 23.02
N VAL B 517 38.58 -4.76 21.90
CA VAL B 517 39.60 -4.37 20.94
C VAL B 517 39.37 -2.92 20.53
N LYS B 518 40.41 -2.31 19.94
CA LYS B 518 40.36 -0.92 19.54
C LYS B 518 40.88 -0.77 18.10
N ASN B 519 40.34 0.22 17.41
CA ASN B 519 40.80 0.62 16.07
C ASN B 519 40.79 -0.55 15.10
N LYS B 520 39.72 -1.35 15.15
CA LYS B 520 39.57 -2.47 14.22
C LYS B 520 38.09 -2.73 14.02
N CYS B 521 37.69 -2.92 12.76
CA CYS B 521 36.29 -3.15 12.41
C CYS B 521 35.87 -4.51 12.95
N VAL B 522 35.09 -4.50 14.04
CA VAL B 522 34.61 -5.72 14.68
C VAL B 522 33.12 -5.59 14.94
N ASN B 523 32.47 -6.73 15.12
CA ASN B 523 31.07 -6.77 15.52
C ASN B 523 31.01 -7.08 17.02
N PHE B 524 30.20 -6.31 17.74
CA PHE B 524 30.18 -6.33 19.19
C PHE B 524 28.76 -6.53 19.70
N ASN B 525 28.67 -7.09 20.90
CA ASN B 525 27.42 -7.25 21.62
C ASN B 525 27.58 -6.67 23.02
N PHE B 526 26.82 -5.62 23.31
CA PHE B 526 26.84 -4.95 24.60
C PHE B 526 25.46 -5.09 25.23
N ASN B 527 25.34 -5.98 26.22
CA ASN B 527 24.12 -6.15 27.00
C ASN B 527 22.89 -6.32 26.10
N GLY B 528 23.06 -7.07 25.01
CA GLY B 528 21.97 -7.36 24.10
C GLY B 528 21.93 -6.52 22.85
N LEU B 529 22.69 -5.43 22.79
CA LEU B 529 22.72 -4.60 21.59
C LEU B 529 23.87 -5.06 20.70
N THR B 530 23.55 -5.39 19.45
CA THR B 530 24.52 -5.93 18.50
C THR B 530 24.79 -4.91 17.41
N GLY B 531 26.06 -4.64 17.15
CA GLY B 531 26.43 -3.67 16.14
C GLY B 531 27.83 -3.89 15.63
N THR B 532 28.02 -3.60 14.34
CA THR B 532 29.32 -3.74 13.69
C THR B 532 29.92 -2.36 13.48
N GLY B 533 31.18 -2.20 13.87
CA GLY B 533 31.85 -0.92 13.71
C GLY B 533 33.24 -0.94 14.30
N VAL B 534 33.84 0.24 14.33
CA VAL B 534 35.18 0.45 14.88
C VAL B 534 35.04 1.12 16.24
N LEU B 535 35.76 0.60 17.22
CA LEU B 535 35.72 1.09 18.58
C LEU B 535 36.91 2.01 18.80
N THR B 536 36.64 3.25 19.21
CA THR B 536 37.71 4.23 19.42
C THR B 536 37.53 4.91 20.77
N GLU B 537 38.57 5.62 21.20
CA GLU B 537 38.53 6.36 22.45
C GLU B 537 37.60 7.56 22.33
N SER B 538 37.18 8.08 23.48
CA SER B 538 36.19 9.13 23.56
C SER B 538 36.73 10.35 24.28
N ASN B 539 36.43 11.53 23.75
CA ASN B 539 36.60 12.79 24.47
C ASN B 539 35.28 13.36 24.94
N LYS B 540 34.17 12.67 24.71
CA LYS B 540 32.86 13.16 25.12
C LYS B 540 32.72 13.12 26.63
N LYS B 541 32.18 14.19 27.20
CA LYS B 541 31.98 14.28 28.64
C LYS B 541 30.67 13.58 28.97
N PHE B 542 30.74 12.27 29.16
CA PHE B 542 29.57 11.50 29.55
C PHE B 542 29.23 11.77 31.01
N LEU B 543 27.97 12.09 31.27
CA LEU B 543 27.52 12.24 32.64
C LEU B 543 27.50 10.87 33.32
N PRO B 544 27.77 10.82 34.63
CA PRO B 544 27.86 9.52 35.31
C PRO B 544 26.60 8.67 35.18
N PHE B 545 25.42 9.30 35.22
CA PHE B 545 24.19 8.55 35.07
C PHE B 545 23.95 8.11 33.62
N GLN B 546 24.54 8.80 32.66
CA GLN B 546 24.33 8.47 31.26
C GLN B 546 25.09 7.21 30.88
N GLN B 547 24.56 6.48 29.89
CA GLN B 547 25.15 5.24 29.42
C GLN B 547 25.54 5.29 27.96
N PHE B 548 24.67 5.79 27.09
CA PHE B 548 24.94 5.86 25.66
C PHE B 548 24.93 7.31 25.18
N GLY B 549 25.28 7.46 23.91
CA GLY B 549 25.15 8.73 23.23
C GLY B 549 24.49 8.54 21.89
N ARG B 550 23.71 9.53 21.48
CA ARG B 550 23.04 9.51 20.20
C ARG B 550 23.33 10.80 19.44
N ASP B 551 23.42 10.67 18.12
CA ASP B 551 23.76 11.78 17.24
C ASP B 551 22.48 12.53 16.86
N ILE B 552 22.60 13.42 15.87
CA ILE B 552 21.45 14.18 15.40
C ILE B 552 20.41 13.25 14.78
N ALA B 553 20.86 12.19 14.11
CA ALA B 553 19.97 11.25 13.43
C ALA B 553 19.47 10.15 14.36
N ASP B 554 19.71 10.27 15.67
CA ASP B 554 19.26 9.29 16.66
C ASP B 554 19.84 7.90 16.36
N THR B 555 21.16 7.82 16.42
CA THR B 555 21.89 6.58 16.24
C THR B 555 22.93 6.43 17.34
N THR B 556 23.16 5.19 17.75
CA THR B 556 24.14 4.92 18.82
C THR B 556 25.54 5.32 18.35
N ASP B 557 26.11 6.32 19.01
CA ASP B 557 27.43 6.85 18.67
C ASP B 557 28.48 6.57 19.73
N ALA B 558 28.11 6.56 21.00
CA ALA B 558 29.05 6.24 22.08
C ALA B 558 28.36 5.30 23.06
N VAL B 559 29.15 4.43 23.68
CA VAL B 559 28.63 3.44 24.62
C VAL B 559 29.58 3.31 25.79
N ARG B 560 29.03 3.11 26.98
CA ARG B 560 29.82 2.88 28.19
C ARG B 560 29.82 1.38 28.49
N ASP B 561 31.01 0.78 28.52
CA ASP B 561 31.11 -0.65 28.77
C ASP B 561 30.66 -0.97 30.19
N PRO B 562 29.86 -2.02 30.38
CA PRO B 562 29.38 -2.32 31.74
C PRO B 562 30.46 -2.86 32.66
N GLN B 563 31.34 -3.73 32.15
CA GLN B 563 32.35 -4.34 33.00
C GLN B 563 33.41 -3.34 33.43
N THR B 564 33.85 -2.48 32.50
CA THR B 564 34.79 -1.41 32.80
C THR B 564 34.17 -0.10 32.35
N LEU B 565 34.05 0.85 33.28
CA LEU B 565 33.33 2.09 33.03
C LEU B 565 34.20 3.00 32.18
N GLU B 566 34.10 2.82 30.86
CA GLU B 566 34.79 3.67 29.89
C GLU B 566 33.85 3.96 28.74
N ILE B 567 34.03 5.12 28.12
CA ILE B 567 33.20 5.56 27.00
C ILE B 567 33.95 5.28 25.71
N LEU B 568 33.30 4.59 24.78
CA LEU B 568 33.89 4.20 23.51
C LEU B 568 33.00 4.66 22.36
N ASP B 569 33.64 5.20 21.32
CA ASP B 569 32.94 5.64 20.13
C ASP B 569 32.80 4.52 19.11
N ILE B 570 31.61 4.44 18.53
CA ILE B 570 31.29 3.48 17.47
C ILE B 570 31.35 4.24 16.16
N THR B 571 32.16 3.74 15.22
CA THR B 571 32.26 4.35 13.89
C THR B 571 32.11 3.25 12.84
N PRO B 572 31.02 3.21 12.09
CA PRO B 572 30.79 2.10 11.16
C PRO B 572 31.94 1.97 10.16
N CYS B 573 32.25 0.73 9.81
CA CYS B 573 33.41 0.45 8.97
C CYS B 573 33.25 1.07 7.59
N SER B 574 34.39 1.39 6.98
CA SER B 574 34.39 2.16 5.74
C SER B 574 33.65 1.43 4.63
N PHE B 575 32.89 2.22 3.85
CA PHE B 575 32.13 1.69 2.72
C PHE B 575 31.91 2.80 1.72
N GLY B 576 31.64 2.41 0.47
CA GLY B 576 31.37 3.37 -0.56
C GLY B 576 31.16 2.70 -1.90
N GLY B 577 30.55 3.46 -2.81
CA GLY B 577 30.27 2.92 -4.13
C GLY B 577 31.53 2.71 -4.96
N VAL B 578 31.41 1.81 -5.93
CA VAL B 578 32.50 1.47 -6.83
C VAL B 578 32.04 1.72 -8.26
N SER B 579 32.83 2.46 -9.02
CA SER B 579 32.55 2.72 -10.42
C SER B 579 33.68 2.18 -11.27
N VAL B 580 33.34 1.72 -12.48
CA VAL B 580 34.31 1.14 -13.40
C VAL B 580 34.42 2.05 -14.61
N ILE B 581 35.61 2.61 -14.81
CA ILE B 581 35.89 3.43 -15.98
C ILE B 581 36.55 2.54 -17.04
N THR B 582 35.89 2.38 -18.16
CA THR B 582 36.40 1.53 -19.23
C THR B 582 36.10 2.18 -20.59
N PRO B 583 36.98 2.00 -21.55
CA PRO B 583 36.65 2.32 -22.93
C PRO B 583 35.77 1.22 -23.51
N GLY B 584 35.46 1.34 -24.81
CA GLY B 584 34.68 0.31 -25.45
C GLY B 584 35.41 -1.02 -25.43
N THR B 585 34.65 -2.10 -25.22
CA THR B 585 35.23 -3.43 -25.24
C THR B 585 35.84 -3.74 -26.60
N ASN B 586 35.33 -3.10 -27.66
CA ASN B 586 35.94 -3.26 -28.97
C ASN B 586 37.37 -2.73 -28.99
N THR B 587 37.61 -1.59 -28.34
CA THR B 587 38.95 -1.01 -28.36
C THR B 587 39.92 -1.80 -27.50
N SER B 588 39.51 -2.14 -26.27
CA SER B 588 40.40 -2.83 -25.34
C SER B 588 39.55 -3.41 -24.21
N ASN B 589 40.23 -4.12 -23.30
CA ASN B 589 39.58 -4.72 -22.14
C ASN B 589 40.09 -4.18 -20.81
N GLN B 590 41.03 -3.22 -20.84
CA GLN B 590 41.53 -2.65 -19.60
C GLN B 590 40.46 -1.80 -18.93
N VAL B 591 40.49 -1.80 -17.59
CA VAL B 591 39.54 -1.04 -16.80
C VAL B 591 40.26 -0.32 -15.66
N ALA B 592 39.62 0.70 -15.12
CA ALA B 592 40.07 1.38 -13.93
C ALA B 592 38.91 1.42 -12.94
N VAL B 593 39.23 1.51 -11.65
CA VAL B 593 38.23 1.40 -10.59
C VAL B 593 38.30 2.65 -9.74
N LEU B 594 37.14 3.27 -9.51
CA LEU B 594 37.02 4.46 -8.68
C LEU B 594 36.17 4.13 -7.47
N TYR B 595 36.78 4.23 -6.29
CA TYR B 595 36.07 4.10 -5.02
C TYR B 595 35.60 5.49 -4.61
N GLN B 596 34.29 5.68 -4.57
CA GLN B 596 33.73 7.02 -4.37
C GLN B 596 33.81 7.41 -2.90
N GLY B 597 34.29 8.63 -2.64
CA GLY B 597 34.30 9.18 -1.29
C GLY B 597 35.08 8.36 -0.29
N VAL B 598 36.23 7.82 -0.69
CA VAL B 598 37.06 7.00 0.18
C VAL B 598 38.51 7.45 0.03
N ASN B 599 39.16 7.72 1.15
CA ASN B 599 40.57 8.07 1.13
C ASN B 599 41.40 6.87 0.66
N CYS B 600 42.45 7.15 -0.12
CA CYS B 600 43.21 6.09 -0.75
C CYS B 600 43.95 5.21 0.23
N THR B 601 44.08 5.61 1.49
CA THR B 601 44.79 4.83 2.49
C THR B 601 43.88 3.81 3.19
N GLU B 602 42.59 3.77 2.86
CA GLU B 602 41.65 2.86 3.49
C GLU B 602 41.16 1.77 2.55
N VAL B 603 41.92 1.46 1.50
CA VAL B 603 41.53 0.43 0.56
C VAL B 603 42.65 -0.59 0.38
N ASN B 624 49.72 2.52 -9.73
CA ASN B 624 48.89 3.61 -10.24
C ASN B 624 47.72 3.89 -9.31
N VAL B 625 47.99 4.66 -8.25
CA VAL B 625 46.99 5.06 -7.27
C VAL B 625 46.92 6.58 -7.26
N PHE B 626 45.72 7.13 -7.47
CA PHE B 626 45.53 8.56 -7.52
C PHE B 626 44.43 8.97 -6.55
N GLN B 627 44.61 10.12 -5.91
CA GLN B 627 43.65 10.64 -4.95
C GLN B 627 42.99 11.88 -5.55
N THR B 628 41.69 11.78 -5.83
CA THR B 628 40.91 12.88 -6.38
C THR B 628 39.84 13.29 -5.38
N ARG B 629 39.23 14.44 -5.64
CA ARG B 629 38.14 14.91 -4.79
C ARG B 629 36.93 13.99 -4.85
N ALA B 630 36.75 13.26 -5.95
CA ALA B 630 35.65 12.31 -6.05
C ALA B 630 35.92 11.04 -5.25
N GLY B 631 37.16 10.60 -5.21
CA GLY B 631 37.49 9.37 -4.49
C GLY B 631 38.88 8.90 -4.81
N CYS B 632 39.07 7.58 -4.70
CA CYS B 632 40.36 6.94 -4.96
C CYS B 632 40.30 6.22 -6.30
N LEU B 633 41.27 6.51 -7.17
CA LEU B 633 41.31 5.96 -8.51
C LEU B 633 42.46 4.97 -8.63
N ILE B 634 42.16 3.77 -9.11
CA ILE B 634 43.14 2.70 -9.26
C ILE B 634 43.14 2.26 -10.72
N GLY B 635 44.33 2.15 -11.30
CA GLY B 635 44.48 1.68 -12.65
C GLY B 635 44.67 2.75 -13.71
N ALA B 636 44.79 4.02 -13.32
CA ALA B 636 44.99 5.11 -14.26
C ALA B 636 46.16 5.97 -13.79
N GLU B 637 46.89 6.52 -14.77
CA GLU B 637 48.07 7.33 -14.49
C GLU B 637 47.75 8.79 -14.74
N TYR B 638 48.15 9.65 -13.81
CA TYR B 638 47.90 11.08 -13.92
C TYR B 638 48.89 11.72 -14.89
N VAL B 639 48.38 12.60 -15.73
CA VAL B 639 49.18 13.27 -16.77
C VAL B 639 49.00 14.77 -16.62
N ASN B 640 50.11 15.50 -16.67
CA ASN B 640 50.05 16.96 -16.54
C ASN B 640 49.43 17.63 -17.77
N ASN B 641 49.37 16.93 -18.90
CA ASN B 641 48.76 17.50 -20.09
C ASN B 641 47.25 17.66 -19.92
N SER B 642 46.66 18.50 -20.75
CA SER B 642 45.23 18.78 -20.71
C SER B 642 44.62 18.50 -22.08
N TYR B 643 43.47 17.84 -22.07
CA TYR B 643 42.73 17.52 -23.29
C TYR B 643 41.26 17.77 -23.04
N GLU B 644 40.44 17.45 -24.05
CA GLU B 644 39.00 17.49 -23.87
C GLU B 644 38.55 16.30 -23.00
N CYS B 645 37.43 16.48 -22.33
CA CYS B 645 36.91 15.43 -21.47
C CYS B 645 36.32 14.30 -22.30
N ASP B 646 36.78 13.08 -22.05
CA ASP B 646 36.29 11.90 -22.74
C ASP B 646 35.38 11.07 -21.86
N ILE B 647 35.86 10.64 -20.70
CA ILE B 647 35.04 9.94 -19.71
C ILE B 647 35.03 10.79 -18.45
N PRO B 648 33.94 11.49 -18.14
CA PRO B 648 33.93 12.35 -16.96
C PRO B 648 34.05 11.54 -15.67
N ILE B 649 34.88 12.02 -14.76
CA ILE B 649 35.06 11.42 -13.45
C ILE B 649 34.55 12.35 -12.35
N GLY B 650 34.94 13.62 -12.40
CA GLY B 650 34.40 14.61 -11.50
C GLY B 650 35.46 15.53 -10.94
N ALA B 651 35.01 16.65 -10.38
CA ALA B 651 35.89 17.67 -9.79
C ALA B 651 36.93 18.16 -10.79
N GLY B 652 36.53 18.25 -12.06
CA GLY B 652 37.44 18.67 -13.10
C GLY B 652 38.37 17.61 -13.61
N ILE B 653 38.21 16.37 -13.17
CA ILE B 653 39.08 15.26 -13.58
C ILE B 653 38.32 14.39 -14.57
N CYS B 654 38.96 14.09 -15.70
CA CYS B 654 38.41 13.22 -16.72
C CYS B 654 39.45 12.19 -17.13
N ALA B 655 38.98 11.01 -17.53
CA ALA B 655 39.85 9.92 -17.92
C ALA B 655 39.64 9.55 -19.38
N SER B 656 40.69 9.03 -20.01
CA SER B 656 40.62 8.65 -21.42
C SER B 656 41.65 7.57 -21.69
N TYR B 657 41.50 6.90 -22.82
CA TYR B 657 42.37 5.82 -23.25
C TYR B 657 43.21 6.29 -24.42
N GLN B 658 44.53 6.17 -24.30
CA GLN B 658 45.43 6.56 -25.38
C GLN B 658 46.42 5.44 -25.70
N SER B 674 47.34 2.55 -22.60
CA SER B 674 46.91 2.55 -21.21
C SER B 674 45.87 3.65 -20.96
N ILE B 675 45.32 3.67 -19.76
CA ILE B 675 44.29 4.62 -19.37
C ILE B 675 44.95 5.73 -18.56
N ILE B 676 44.65 6.98 -18.94
CA ILE B 676 45.23 8.15 -18.29
C ILE B 676 44.12 9.01 -17.72
N ALA B 677 44.44 9.74 -16.66
CA ALA B 677 43.52 10.68 -16.02
C ALA B 677 44.16 12.06 -16.00
N TYR B 678 43.36 13.08 -16.28
CA TYR B 678 43.89 14.43 -16.44
C TYR B 678 42.84 15.44 -16.01
N THR B 679 43.22 16.71 -16.07
CA THR B 679 42.33 17.83 -15.82
C THR B 679 41.86 18.39 -17.15
N MET B 680 40.54 18.48 -17.32
CA MET B 680 39.97 18.89 -18.59
C MET B 680 40.36 20.33 -18.92
N SER B 681 40.53 20.60 -20.21
CA SER B 681 40.87 21.92 -20.71
C SER B 681 39.61 22.62 -21.18
N LEU B 682 39.42 23.87 -20.73
CA LEU B 682 38.22 24.61 -21.09
C LEU B 682 38.16 24.88 -22.59
N GLY B 683 39.28 25.28 -23.19
CA GLY B 683 39.31 25.57 -24.60
C GLY B 683 40.61 26.22 -24.99
N ALA B 684 40.74 26.47 -26.29
CA ALA B 684 41.94 27.09 -26.82
C ALA B 684 42.06 28.53 -26.35
N GLU B 685 43.26 28.92 -25.92
CA GLU B 685 43.50 30.27 -25.47
C GLU B 685 43.55 31.23 -26.65
N ASN B 686 42.99 32.42 -26.45
CA ASN B 686 42.95 33.44 -27.50
C ASN B 686 42.95 34.80 -26.85
N SER B 687 43.92 35.64 -27.21
CA SER B 687 44.01 37.01 -26.71
C SER B 687 43.69 37.94 -27.87
N VAL B 688 42.51 38.54 -27.85
CA VAL B 688 42.09 39.46 -28.90
C VAL B 688 42.88 40.76 -28.72
N ALA B 689 43.44 41.26 -29.82
CA ALA B 689 44.26 42.46 -29.78
C ALA B 689 43.36 43.69 -29.73
N TYR B 690 42.72 43.87 -28.58
CA TYR B 690 41.93 45.08 -28.36
C TYR B 690 42.87 46.27 -28.42
N SER B 691 42.42 47.31 -29.14
CA SER B 691 43.26 48.45 -29.42
C SER B 691 42.49 49.71 -29.11
N ASN B 692 43.05 50.85 -29.50
CA ASN B 692 42.62 52.09 -28.88
C ASN B 692 41.90 52.99 -29.87
N ASN B 693 42.31 53.00 -31.15
CA ASN B 693 41.58 53.62 -32.23
C ASN B 693 41.57 52.70 -33.45
N SER B 694 41.47 51.40 -33.22
CA SER B 694 41.60 50.40 -34.28
C SER B 694 40.38 49.49 -34.35
N ILE B 695 40.08 49.03 -35.56
CA ILE B 695 38.90 48.21 -35.82
C ILE B 695 39.29 47.06 -36.74
N ALA B 696 38.44 46.04 -36.76
CA ALA B 696 38.61 44.90 -37.67
C ALA B 696 37.32 44.72 -38.46
N ILE B 697 37.45 44.62 -39.78
CA ILE B 697 36.31 44.56 -40.68
C ILE B 697 36.41 43.29 -41.50
N PRO B 698 35.35 42.50 -41.62
CA PRO B 698 35.40 41.31 -42.49
C PRO B 698 35.46 41.69 -43.96
N THR B 699 36.05 40.80 -44.76
CA THR B 699 36.15 41.00 -46.20
C THR B 699 35.59 39.83 -46.99
N ASN B 700 35.01 38.84 -46.34
CA ASN B 700 34.47 37.68 -47.02
C ASN B 700 33.42 37.05 -46.11
N PHE B 701 32.64 36.11 -46.67
CA PHE B 701 31.59 35.48 -45.89
C PHE B 701 31.57 33.98 -46.17
N THR B 702 30.70 33.28 -45.43
CA THR B 702 30.51 31.85 -45.60
C THR B 702 29.06 31.52 -45.25
N ILE B 703 28.44 30.69 -46.08
CA ILE B 703 27.08 30.23 -45.82
C ILE B 703 27.18 28.87 -45.14
N SER B 704 26.62 28.77 -43.93
CA SER B 704 26.74 27.56 -43.13
C SER B 704 25.36 26.98 -42.84
N VAL B 705 25.23 25.67 -43.01
CA VAL B 705 23.99 24.96 -42.75
C VAL B 705 24.22 24.02 -41.60
N THR B 706 23.40 24.13 -40.55
CA THR B 706 23.52 23.32 -39.35
C THR B 706 22.22 22.59 -39.08
N THR B 707 22.30 21.54 -38.27
CA THR B 707 21.16 20.70 -37.95
C THR B 707 20.74 20.86 -36.50
N GLU B 708 19.44 20.73 -36.26
CA GLU B 708 18.91 20.70 -34.89
C GLU B 708 17.78 19.68 -34.82
N ILE B 709 17.87 18.74 -33.89
CA ILE B 709 16.91 17.65 -33.77
C ILE B 709 16.07 17.88 -32.52
N LEU B 710 14.75 17.77 -32.66
CA LEU B 710 13.86 17.98 -31.53
C LEU B 710 12.77 16.92 -31.49
N PRO B 711 12.65 16.16 -30.41
CA PRO B 711 11.52 15.24 -30.27
C PRO B 711 10.21 16.00 -30.14
N VAL B 712 9.12 15.38 -30.61
CA VAL B 712 7.81 16.00 -30.64
C VAL B 712 6.78 15.17 -29.88
N SER B 713 6.73 13.87 -30.14
CA SER B 713 5.72 13.01 -29.53
C SER B 713 6.34 11.65 -29.22
N MET B 714 5.72 10.96 -28.26
CA MET B 714 6.14 9.63 -27.85
C MET B 714 4.99 8.64 -28.08
N THR B 715 5.22 7.39 -27.68
CA THR B 715 4.27 6.33 -27.96
C THR B 715 3.01 6.49 -27.12
N LYS B 716 1.86 6.26 -27.75
CA LYS B 716 0.57 6.30 -27.06
C LYS B 716 0.24 4.90 -26.55
N THR B 717 0.07 4.77 -25.23
CA THR B 717 -0.10 3.48 -24.59
C THR B 717 -1.40 3.47 -23.79
N SER B 718 -2.13 2.36 -23.90
CA SER B 718 -3.35 2.12 -23.14
C SER B 718 -3.19 0.87 -22.29
N VAL B 719 -3.85 0.86 -21.13
CA VAL B 719 -3.72 -0.21 -20.16
C VAL B 719 -5.10 -0.73 -19.79
N ASP B 720 -5.14 -1.97 -19.31
CA ASP B 720 -6.33 -2.57 -18.73
C ASP B 720 -5.98 -3.01 -17.31
N CYS B 721 -6.55 -2.33 -16.33
CA CYS B 721 -6.19 -2.58 -14.93
C CYS B 721 -6.56 -4.00 -14.51
N THR B 722 -7.81 -4.40 -14.76
CA THR B 722 -8.28 -5.71 -14.33
C THR B 722 -7.49 -6.82 -15.00
N MET B 723 -7.27 -6.70 -16.31
CA MET B 723 -6.52 -7.73 -17.03
C MET B 723 -5.11 -7.85 -16.50
N TYR B 724 -4.46 -6.72 -16.23
CA TYR B 724 -3.06 -6.76 -15.80
C TYR B 724 -2.93 -7.35 -14.40
N ILE B 725 -3.75 -6.88 -13.45
CA ILE B 725 -3.54 -7.24 -12.06
C ILE B 725 -4.38 -8.44 -11.61
N CYS B 726 -5.23 -8.98 -12.48
CA CYS B 726 -6.04 -10.12 -12.07
C CYS B 726 -6.14 -11.24 -13.10
N GLY B 727 -5.76 -11.02 -14.36
CA GLY B 727 -5.93 -12.07 -15.35
C GLY B 727 -7.38 -12.42 -15.55
N ASP B 728 -7.65 -13.71 -15.76
CA ASP B 728 -9.00 -14.21 -15.96
C ASP B 728 -9.71 -14.62 -14.67
N SER B 729 -9.01 -14.57 -13.55
CA SER B 729 -9.61 -14.98 -12.28
C SER B 729 -10.70 -13.99 -11.86
N THR B 730 -11.80 -14.53 -11.33
CA THR B 730 -12.91 -13.69 -10.89
C THR B 730 -12.81 -13.31 -9.42
N GLU B 731 -12.21 -14.17 -8.59
CA GLU B 731 -12.00 -13.83 -7.18
C GLU B 731 -11.08 -12.62 -7.05
N CYS B 732 -10.06 -12.54 -7.91
CA CYS B 732 -9.18 -11.38 -7.88
C CYS B 732 -9.94 -10.10 -8.23
N SER B 733 -10.82 -10.17 -9.23
CA SER B 733 -11.60 -8.99 -9.59
C SER B 733 -12.54 -8.58 -8.46
N ASN B 734 -13.18 -9.56 -7.82
CA ASN B 734 -14.06 -9.25 -6.70
C ASN B 734 -13.29 -8.60 -5.55
N LEU B 735 -12.08 -9.10 -5.26
CA LEU B 735 -11.26 -8.49 -4.22
C LEU B 735 -10.82 -7.08 -4.62
N LEU B 736 -10.46 -6.90 -5.89
CA LEU B 736 -10.01 -5.60 -6.36
C LEU B 736 -11.13 -4.56 -6.31
N LEU B 737 -12.37 -4.99 -6.49
CA LEU B 737 -13.49 -4.05 -6.45
C LEU B 737 -13.58 -3.30 -5.13
N GLN B 738 -13.00 -3.85 -4.06
CA GLN B 738 -12.99 -3.17 -2.77
C GLN B 738 -12.06 -1.97 -2.74
N TYR B 739 -11.10 -1.88 -3.65
CA TYR B 739 -10.07 -0.86 -3.58
C TYR B 739 -10.48 0.49 -4.15
N GLY B 740 -11.69 0.61 -4.69
CA GLY B 740 -12.17 1.92 -5.12
C GLY B 740 -11.97 2.21 -6.59
N SER B 741 -11.53 3.42 -6.90
CA SER B 741 -11.46 3.93 -8.27
C SER B 741 -10.03 4.26 -8.68
N PHE B 742 -9.07 3.40 -8.35
CA PHE B 742 -7.69 3.64 -8.77
C PHE B 742 -7.52 3.39 -10.27
N CYS B 743 -8.09 2.28 -10.76
CA CYS B 743 -7.94 1.94 -12.18
C CYS B 743 -8.56 3.00 -13.07
N THR B 744 -9.66 3.61 -12.64
CA THR B 744 -10.27 4.69 -13.40
C THR B 744 -9.31 5.87 -13.54
N GLN B 745 -8.64 6.24 -12.44
CA GLN B 745 -7.66 7.31 -12.50
C GLN B 745 -6.52 6.97 -13.45
N LEU B 746 -6.03 5.74 -13.38
CA LEU B 746 -4.93 5.34 -14.26
C LEU B 746 -5.32 5.43 -15.73
N LYS B 747 -6.51 4.91 -16.06
CA LYS B 747 -6.97 4.94 -17.44
C LYS B 747 -7.21 6.37 -17.92
N ARG B 748 -7.73 7.23 -17.03
CA ARG B 748 -7.94 8.62 -17.40
C ARG B 748 -6.64 9.33 -17.69
N ALA B 749 -5.62 9.11 -16.85
CA ALA B 749 -4.31 9.73 -17.08
C ALA B 749 -3.71 9.24 -18.40
N LEU B 750 -3.80 7.94 -18.67
CA LEU B 750 -3.24 7.43 -19.91
C LEU B 750 -3.96 7.99 -21.13
N THR B 751 -5.29 8.12 -21.05
CA THR B 751 -6.04 8.71 -22.15
C THR B 751 -5.63 10.17 -22.37
N GLY B 752 -5.44 10.92 -21.28
CA GLY B 752 -4.98 12.28 -21.41
C GLY B 752 -3.64 12.38 -22.12
N ILE B 753 -2.69 11.51 -21.73
CA ILE B 753 -1.39 11.50 -22.40
C ILE B 753 -1.56 11.17 -23.88
N ALA B 754 -2.41 10.19 -24.19
CA ALA B 754 -2.59 9.76 -25.57
C ALA B 754 -3.12 10.90 -26.43
N VAL B 755 -4.10 11.65 -25.94
CA VAL B 755 -4.61 12.76 -26.74
C VAL B 755 -3.59 13.90 -26.81
N GLU B 756 -2.81 14.09 -25.74
CA GLU B 756 -1.81 15.15 -25.75
C GLU B 756 -0.74 14.91 -26.81
N GLN B 757 -0.39 13.64 -27.07
CA GLN B 757 0.60 13.37 -28.11
C GLN B 757 0.13 13.85 -29.48
N ASP B 758 -1.12 13.55 -29.83
CA ASP B 758 -1.66 14.00 -31.11
C ASP B 758 -1.76 15.52 -31.15
N LYS B 759 -2.14 16.13 -30.02
CA LYS B 759 -2.17 17.59 -29.97
C LYS B 759 -0.79 18.18 -30.23
N ASN B 760 0.26 17.58 -29.65
CA ASN B 760 1.62 18.06 -29.86
C ASN B 760 2.00 17.98 -31.34
N THR B 761 1.73 16.83 -31.97
CA THR B 761 2.08 16.69 -33.38
C THR B 761 1.33 17.71 -34.24
N GLN B 762 0.04 17.90 -33.98
CA GLN B 762 -0.74 18.85 -34.75
C GLN B 762 -0.23 20.27 -34.58
N GLU B 763 0.12 20.65 -33.34
CA GLU B 763 0.64 21.99 -33.10
C GLU B 763 1.96 22.19 -33.83
N VAL B 764 2.84 21.19 -33.81
CA VAL B 764 4.16 21.36 -34.43
C VAL B 764 4.03 21.47 -35.94
N PHE B 765 3.27 20.57 -36.57
CA PHE B 765 3.32 20.47 -38.03
C PHE B 765 2.19 21.19 -38.74
N ALA B 766 0.95 21.09 -38.26
CA ALA B 766 -0.19 21.68 -38.96
C ALA B 766 -0.21 23.20 -38.75
N GLN B 767 0.77 23.86 -39.36
CA GLN B 767 0.91 25.30 -39.24
C GLN B 767 0.19 26.06 -40.35
N VAL B 768 0.08 25.47 -41.53
CA VAL B 768 -0.57 26.11 -42.68
C VAL B 768 -1.73 25.23 -43.12
N LYS B 769 -2.88 25.85 -43.36
CA LYS B 769 -4.07 25.14 -43.80
C LYS B 769 -4.28 25.25 -45.31
N GLN B 770 -3.19 25.29 -46.07
CA GLN B 770 -3.27 25.33 -47.53
C GLN B 770 -2.04 24.63 -48.07
N ILE B 771 -2.25 23.53 -48.80
CA ILE B 771 -1.15 22.67 -49.26
C ILE B 771 -0.58 23.29 -50.53
N TYR B 772 0.57 23.95 -50.41
CA TYR B 772 1.26 24.47 -51.57
C TYR B 772 2.08 23.37 -52.25
N LYS B 773 2.48 23.63 -53.48
CA LYS B 773 3.32 22.70 -54.22
C LYS B 773 4.30 23.46 -55.10
N THR B 774 5.51 22.91 -55.24
CA THR B 774 6.56 23.56 -56.01
C THR B 774 6.23 23.49 -57.50
N PRO B 775 6.67 24.49 -58.27
CA PRO B 775 6.41 24.45 -59.72
C PRO B 775 7.16 23.32 -60.39
N PRO B 776 6.67 22.82 -61.52
CA PRO B 776 7.35 21.70 -62.18
C PRO B 776 8.78 21.99 -62.61
N ILE B 777 9.07 23.23 -63.03
CA ILE B 777 10.40 23.61 -63.49
C ILE B 777 11.17 24.07 -62.25
N LYS B 778 12.05 23.20 -61.75
CA LYS B 778 12.74 23.45 -60.49
C LYS B 778 14.08 24.13 -60.74
N TYR B 779 13.99 25.40 -61.13
CA TYR B 779 15.15 26.27 -61.26
C TYR B 779 14.91 27.51 -60.41
N PHE B 780 15.82 27.77 -59.48
CA PHE B 780 15.68 28.86 -58.51
C PHE B 780 16.93 29.72 -58.49
N GLY B 781 17.41 30.08 -59.67
CA GLY B 781 18.58 30.95 -59.78
C GLY B 781 19.87 30.34 -59.32
N GLY B 782 20.10 29.06 -59.62
CA GLY B 782 21.33 28.39 -59.26
C GLY B 782 21.29 27.64 -57.95
N PHE B 783 20.27 27.85 -57.13
CA PHE B 783 20.17 27.13 -55.87
C PHE B 783 19.59 25.75 -56.12
N ASN B 784 20.16 24.74 -55.47
CA ASN B 784 19.81 23.34 -55.68
C ASN B 784 19.13 22.78 -54.43
N PHE B 785 17.83 22.52 -54.53
CA PHE B 785 17.04 22.07 -53.39
C PHE B 785 16.67 20.59 -53.47
N SER B 786 17.41 19.81 -54.27
CA SER B 786 17.03 18.43 -54.50
C SER B 786 17.10 17.58 -53.24
N GLN B 787 18.05 17.87 -52.34
CA GLN B 787 18.23 17.07 -51.15
C GLN B 787 17.10 17.23 -50.13
N ILE B 788 16.23 18.21 -50.31
CA ILE B 788 15.14 18.44 -49.36
C ILE B 788 13.76 18.35 -50.01
N LEU B 789 13.65 18.46 -51.32
CA LEU B 789 12.36 18.33 -51.98
C LEU B 789 11.96 16.87 -52.08
N PRO B 790 10.66 16.58 -52.16
CA PRO B 790 10.22 15.19 -52.24
C PRO B 790 10.76 14.49 -53.48
N ASP B 791 11.01 13.19 -53.34
CA ASP B 791 11.55 12.39 -54.43
C ASP B 791 10.42 11.60 -55.07
N PRO B 792 10.06 11.88 -56.32
CA PRO B 792 8.96 11.14 -56.96
C PRO B 792 9.21 9.65 -57.09
N SER B 793 10.47 9.24 -57.27
CA SER B 793 10.77 7.83 -57.50
C SER B 793 10.42 6.99 -56.27
N LYS B 794 10.72 7.48 -55.08
CA LYS B 794 10.41 6.74 -53.87
C LYS B 794 8.90 6.68 -53.68
N PRO B 795 8.32 5.50 -53.46
CA PRO B 795 6.87 5.40 -53.28
C PRO B 795 6.34 6.21 -52.09
N SER B 796 7.14 6.39 -51.04
CA SER B 796 6.68 7.12 -49.87
C SER B 796 6.76 8.63 -50.05
N LYS B 797 7.32 9.11 -51.16
CA LYS B 797 7.40 10.55 -51.45
C LYS B 797 8.16 11.29 -50.35
N ARG B 798 9.36 10.81 -50.03
CA ARG B 798 10.20 11.39 -49.00
C ARG B 798 11.49 11.89 -49.61
N SER B 799 11.98 13.02 -49.09
CA SER B 799 13.24 13.57 -49.54
C SER B 799 14.40 12.66 -49.11
N PRO B 800 15.52 12.72 -49.81
CA PRO B 800 16.65 11.84 -49.45
C PRO B 800 17.11 12.00 -48.01
N ILE B 801 17.13 13.24 -47.49
CA ILE B 801 17.51 13.43 -46.09
C ILE B 801 16.46 12.83 -45.17
N GLU B 802 15.19 12.99 -45.53
CA GLU B 802 14.12 12.37 -44.74
C GLU B 802 14.24 10.84 -44.78
N ASP B 803 14.58 10.29 -45.93
CA ASP B 803 14.78 8.84 -46.04
C ASP B 803 15.93 8.38 -45.15
N LEU B 804 17.04 9.12 -45.16
CA LEU B 804 18.17 8.76 -44.30
C LEU B 804 17.79 8.82 -42.83
N LEU B 805 17.06 9.87 -42.43
CA LEU B 805 16.64 9.99 -41.04
C LEU B 805 15.69 8.86 -40.65
N PHE B 806 14.78 8.49 -41.54
CA PHE B 806 13.86 7.39 -41.27
C PHE B 806 14.61 6.08 -41.13
N ASN B 807 15.64 5.86 -41.95
CA ASN B 807 16.40 4.61 -41.89
C ASN B 807 17.32 4.56 -40.67
N LYS B 808 17.79 5.71 -40.19
CA LYS B 808 18.78 5.73 -39.12
C LYS B 808 18.17 5.55 -37.73
N VAL B 809 16.85 5.47 -37.60
CA VAL B 809 16.18 5.30 -36.32
C VAL B 809 15.44 3.97 -36.35
N THR B 810 15.73 3.10 -35.38
CA THR B 810 15.09 1.79 -35.31
C THR B 810 14.15 1.70 -34.12
N LEU B 832 9.50 -8.71 -29.34
CA LEU B 832 9.24 -7.97 -28.11
C LEU B 832 7.80 -7.49 -28.02
N ILE B 833 7.28 -6.96 -29.14
CA ILE B 833 5.99 -6.28 -29.13
C ILE B 833 4.90 -7.22 -28.60
N CYS B 834 4.90 -8.46 -29.08
CA CYS B 834 3.90 -9.42 -28.63
C CYS B 834 3.99 -9.68 -27.13
N ALA B 835 5.20 -9.65 -26.57
CA ALA B 835 5.37 -9.95 -25.15
C ALA B 835 4.61 -8.97 -24.28
N GLN B 836 4.80 -7.66 -24.50
CA GLN B 836 4.06 -6.68 -23.73
C GLN B 836 2.60 -6.59 -24.17
N LYS B 837 2.30 -6.93 -25.43
CA LYS B 837 0.91 -6.93 -25.87
C LYS B 837 0.09 -7.98 -25.13
N PHE B 838 0.69 -9.12 -24.84
CA PHE B 838 -0.05 -10.28 -24.35
C PHE B 838 -0.66 -10.09 -22.97
N ASN B 839 -0.24 -9.08 -22.20
CA ASN B 839 -0.66 -8.96 -20.81
C ASN B 839 -1.54 -7.73 -20.55
N GLY B 840 -2.23 -7.23 -21.57
CA GLY B 840 -3.14 -6.13 -21.39
C GLY B 840 -2.60 -4.76 -21.74
N LEU B 841 -1.37 -4.68 -22.25
CA LEU B 841 -0.80 -3.42 -22.69
C LEU B 841 -1.03 -3.27 -24.19
N THR B 842 -1.54 -2.10 -24.59
CA THR B 842 -1.80 -1.84 -26.01
C THR B 842 -1.10 -0.55 -26.41
N VAL B 843 -0.68 -0.50 -27.67
CA VAL B 843 -0.11 0.71 -28.25
C VAL B 843 -1.04 1.19 -29.34
N LEU B 844 -1.40 2.48 -29.28
CA LEU B 844 -2.35 3.02 -30.23
C LEU B 844 -1.64 3.74 -31.36
N PRO B 845 -2.09 3.54 -32.60
CA PRO B 845 -1.41 4.18 -33.72
C PRO B 845 -1.60 5.69 -33.68
N PRO B 846 -0.64 6.45 -34.17
CA PRO B 846 -0.81 7.91 -34.23
C PRO B 846 -1.90 8.30 -35.20
N LEU B 847 -2.55 9.43 -34.92
CA LEU B 847 -3.61 9.92 -35.79
C LEU B 847 -3.07 10.27 -37.17
N LEU B 848 -1.92 10.94 -37.22
CA LEU B 848 -1.32 11.37 -38.48
C LEU B 848 -0.23 10.37 -38.89
N THR B 849 -0.42 9.73 -40.03
CA THR B 849 0.59 8.82 -40.54
C THR B 849 1.82 9.59 -40.99
N ASP B 850 2.92 8.86 -41.17
CA ASP B 850 4.17 9.49 -41.58
C ASP B 850 4.04 10.18 -42.94
N GLU B 851 3.21 9.63 -43.83
CA GLU B 851 3.01 10.25 -45.13
C GLU B 851 2.39 11.64 -44.99
N MET B 852 1.43 11.79 -44.09
CA MET B 852 0.80 13.10 -43.89
C MET B 852 1.78 14.10 -43.30
N ILE B 853 2.65 13.66 -42.39
CA ILE B 853 3.68 14.54 -41.85
C ILE B 853 4.63 15.00 -42.96
N ALA B 854 5.03 14.05 -43.82
CA ALA B 854 5.91 14.40 -44.93
C ALA B 854 5.22 15.39 -45.87
N GLN B 855 3.92 15.20 -46.13
CA GLN B 855 3.18 16.11 -46.98
C GLN B 855 3.12 17.51 -46.37
N TYR B 856 2.91 17.59 -45.05
CA TYR B 856 2.90 18.89 -44.38
C TYR B 856 4.25 19.59 -44.51
N THR B 857 5.34 18.84 -44.28
CA THR B 857 6.67 19.44 -44.40
C THR B 857 6.94 19.89 -45.83
N SER B 858 6.52 19.09 -46.82
CA SER B 858 6.73 19.48 -48.21
C SER B 858 5.95 20.74 -48.55
N ALA B 859 4.72 20.86 -48.03
CA ALA B 859 3.93 22.06 -48.27
C ALA B 859 4.61 23.28 -47.66
N LEU B 860 5.10 23.15 -46.43
CA LEU B 860 5.80 24.27 -45.79
C LEU B 860 7.05 24.66 -46.58
N LEU B 861 7.81 23.66 -47.04
CA LEU B 861 9.04 23.95 -47.78
C LEU B 861 8.74 24.64 -49.10
N ALA B 862 7.73 24.17 -49.83
CA ALA B 862 7.35 24.82 -51.08
C ALA B 862 6.88 26.24 -50.85
N GLY B 863 6.09 26.45 -49.79
CA GLY B 863 5.64 27.80 -49.47
C GLY B 863 6.79 28.74 -49.16
N THR B 864 7.77 28.27 -48.38
CA THR B 864 8.89 29.12 -48.03
C THR B 864 9.86 29.30 -49.20
N ILE B 865 9.85 28.41 -50.17
CA ILE B 865 10.72 28.60 -51.34
C ILE B 865 10.09 29.59 -52.31
N THR B 866 8.79 29.46 -52.57
CA THR B 866 8.16 30.23 -53.64
C THR B 866 7.59 31.57 -53.20
N SER B 867 7.44 31.81 -51.90
CA SER B 867 6.77 33.02 -51.43
C SER B 867 7.47 33.71 -50.27
N GLY B 868 8.64 33.24 -49.86
CA GLY B 868 9.34 33.89 -48.75
C GLY B 868 8.56 33.76 -47.46
N TRP B 869 8.54 34.83 -46.68
CA TRP B 869 7.84 34.85 -45.41
C TRP B 869 6.41 35.37 -45.52
N THR B 870 5.96 35.73 -46.74
CA THR B 870 4.66 36.35 -46.89
C THR B 870 3.52 35.39 -46.56
N PHE B 871 3.67 34.12 -46.95
CA PHE B 871 2.58 33.17 -46.76
C PHE B 871 2.32 32.85 -45.29
N GLY B 872 3.25 33.18 -44.40
CA GLY B 872 3.04 32.93 -42.98
C GLY B 872 2.18 33.96 -42.28
N ALA B 873 1.94 35.11 -42.91
CA ALA B 873 1.18 36.19 -42.31
C ALA B 873 0.01 36.65 -43.17
N GLY B 874 -0.42 35.81 -44.11
CA GLY B 874 -1.52 36.16 -44.98
C GLY B 874 -1.49 35.40 -46.29
N PRO B 875 -2.01 36.00 -47.35
CA PRO B 875 -1.97 35.34 -48.66
C PRO B 875 -0.54 35.20 -49.16
N ALA B 876 -0.32 34.14 -49.93
CA ALA B 876 1.01 33.85 -50.46
C ALA B 876 1.28 34.71 -51.70
N LEU B 877 2.38 35.46 -51.66
CA LEU B 877 2.78 36.32 -52.77
C LEU B 877 4.10 35.81 -53.31
N GLN B 878 4.14 35.53 -54.61
CA GLN B 878 5.36 34.98 -55.21
C GLN B 878 6.43 36.06 -55.33
N ILE B 879 7.67 35.60 -55.43
CA ILE B 879 8.83 36.48 -55.56
C ILE B 879 10.00 35.64 -56.08
N PRO B 880 10.82 36.18 -56.98
CA PRO B 880 12.01 35.42 -57.41
C PRO B 880 12.94 35.15 -56.24
N PHE B 881 13.55 33.97 -56.25
CA PHE B 881 14.39 33.57 -55.12
C PHE B 881 15.59 34.49 -54.89
N PRO B 882 16.34 34.93 -55.91
CA PRO B 882 17.44 35.88 -55.62
C PRO B 882 16.98 37.15 -54.94
N MET B 883 15.79 37.66 -55.28
CA MET B 883 15.30 38.86 -54.63
C MET B 883 14.94 38.58 -53.17
N GLN B 884 14.40 37.40 -52.89
CA GLN B 884 14.15 37.02 -51.50
C GLN B 884 15.45 36.91 -50.72
N MET B 885 16.49 36.35 -51.34
CA MET B 885 17.78 36.28 -50.69
C MET B 885 18.36 37.67 -50.44
N ALA B 886 18.12 38.60 -51.37
CA ALA B 886 18.55 39.97 -51.15
C ALA B 886 17.80 40.60 -49.98
N TYR B 887 16.49 40.33 -49.88
CA TYR B 887 15.73 40.76 -48.72
C TYR B 887 16.37 40.25 -47.43
N ARG B 888 16.65 38.95 -47.38
CA ARG B 888 17.19 38.37 -46.15
C ARG B 888 18.60 38.87 -45.86
N PHE B 889 19.36 39.23 -46.90
CA PHE B 889 20.64 39.90 -46.69
C PHE B 889 20.45 41.28 -46.08
N ASN B 890 19.47 42.03 -46.57
CA ASN B 890 19.14 43.31 -45.94
C ASN B 890 18.70 43.13 -44.50
N GLY B 891 18.13 41.97 -44.17
CA GLY B 891 17.70 41.73 -42.80
C GLY B 891 18.83 41.73 -41.80
N ILE B 892 20.01 41.26 -42.20
CA ILE B 892 21.14 41.12 -41.28
C ILE B 892 22.10 42.30 -41.37
N GLY B 893 21.72 43.36 -42.07
CA GLY B 893 22.53 44.56 -42.12
C GLY B 893 23.54 44.63 -43.24
N VAL B 894 23.38 43.86 -44.30
CA VAL B 894 24.26 43.89 -45.46
C VAL B 894 23.45 44.37 -46.65
N THR B 895 23.99 45.34 -47.38
CA THR B 895 23.30 45.90 -48.53
C THR B 895 23.05 44.82 -49.59
N GLN B 896 21.92 44.95 -50.27
CA GLN B 896 21.48 43.88 -51.17
C GLN B 896 22.41 43.69 -52.35
N ASN B 897 23.11 44.74 -52.77
CA ASN B 897 23.98 44.62 -53.94
C ASN B 897 25.05 43.55 -53.73
N VAL B 898 25.48 43.36 -52.49
CA VAL B 898 26.47 42.32 -52.19
C VAL B 898 25.98 40.96 -52.66
N LEU B 899 24.67 40.70 -52.49
CA LEU B 899 24.11 39.44 -52.96
C LEU B 899 24.24 39.30 -54.47
N TYR B 900 24.00 40.39 -55.21
CA TYR B 900 23.88 40.29 -56.66
C TYR B 900 25.24 40.12 -57.33
N GLU B 901 26.29 40.75 -56.81
CA GLU B 901 27.61 40.58 -57.40
C GLU B 901 28.13 39.16 -57.19
N ASN B 902 27.78 38.54 -56.07
CA ASN B 902 28.30 37.23 -55.69
C ASN B 902 27.21 36.17 -55.64
N GLN B 903 26.27 36.21 -56.59
CA GLN B 903 25.17 35.26 -56.59
C GLN B 903 25.67 33.84 -56.81
N LYS B 904 26.54 33.65 -57.81
CA LYS B 904 27.01 32.30 -58.14
C LYS B 904 27.81 31.69 -57.00
N LEU B 905 28.68 32.49 -56.38
CA LEU B 905 29.50 31.98 -55.28
C LEU B 905 28.62 31.57 -54.09
N ILE B 906 27.61 32.39 -53.77
CA ILE B 906 26.71 32.07 -52.66
C ILE B 906 25.93 30.80 -52.97
N ALA B 907 25.45 30.66 -54.21
CA ALA B 907 24.73 29.45 -54.59
C ALA B 907 25.63 28.21 -54.46
N ASN B 908 26.88 28.33 -54.91
CA ASN B 908 27.79 27.20 -54.81
C ASN B 908 28.07 26.83 -53.35
N GLN B 909 28.26 27.83 -52.49
CA GLN B 909 28.49 27.56 -51.07
C GLN B 909 27.27 26.88 -50.44
N PHE B 910 26.07 27.35 -50.78
CA PHE B 910 24.86 26.71 -50.24
C PHE B 910 24.75 25.27 -50.69
N ASN B 911 25.02 25.00 -51.97
CA ASN B 911 24.96 23.63 -52.46
C ASN B 911 25.98 22.75 -51.77
N SER B 912 27.20 23.26 -51.56
CA SER B 912 28.23 22.48 -50.90
C SER B 912 27.83 22.15 -49.45
N ALA B 913 27.28 23.14 -48.73
CA ALA B 913 26.85 22.88 -47.35
C ALA B 913 25.72 21.85 -47.30
N ILE B 914 24.75 21.98 -48.21
CA ILE B 914 23.65 21.02 -48.25
C ILE B 914 24.18 19.62 -48.54
N GLY B 915 25.13 19.50 -49.46
CA GLY B 915 25.72 18.21 -49.73
C GLY B 915 26.46 17.63 -48.53
N LYS B 916 27.20 18.48 -47.80
CA LYS B 916 27.93 18.01 -46.63
C LYS B 916 27.00 17.55 -45.52
N ILE B 917 25.79 18.13 -45.45
CA ILE B 917 24.89 17.82 -44.33
C ILE B 917 24.52 16.35 -44.31
N GLN B 918 24.21 15.78 -45.48
CA GLN B 918 23.79 14.38 -45.53
C GLN B 918 24.91 13.45 -45.07
N ASP B 919 26.14 13.70 -45.53
CA ASP B 919 27.26 12.87 -45.11
C ASP B 919 27.52 13.02 -43.62
N SER B 920 27.39 14.24 -43.10
CA SER B 920 27.58 14.45 -41.67
C SER B 920 26.56 13.66 -40.85
N LEU B 921 25.30 13.66 -41.30
CA LEU B 921 24.28 12.88 -40.61
C LEU B 921 24.55 11.38 -40.71
N SER B 922 24.96 10.91 -41.89
CA SER B 922 25.11 9.48 -42.11
C SER B 922 26.31 8.92 -41.34
N SER B 923 27.42 9.66 -41.30
CA SER B 923 28.65 9.12 -40.76
C SER B 923 28.71 9.16 -39.23
N THR B 924 27.76 9.82 -38.56
CA THR B 924 27.77 9.91 -37.12
C THR B 924 26.58 9.14 -36.55
N PRO B 925 26.81 8.05 -35.80
CA PRO B 925 25.67 7.29 -35.26
C PRO B 925 25.01 7.93 -34.06
N SER B 926 25.68 8.86 -33.37
CA SER B 926 25.14 9.49 -32.18
C SER B 926 24.43 10.80 -32.47
N ALA B 927 24.25 11.15 -33.74
CA ALA B 927 23.60 12.42 -34.07
C ALA B 927 22.13 12.42 -33.68
N LEU B 928 21.45 11.30 -33.85
CA LEU B 928 20.01 11.19 -33.61
C LEU B 928 19.70 10.57 -32.24
N GLY B 929 20.49 10.91 -31.23
CA GLY B 929 20.37 10.24 -29.95
C GLY B 929 19.06 10.50 -29.22
N LYS B 930 18.43 11.65 -29.45
CA LYS B 930 17.26 12.02 -28.67
C LYS B 930 16.05 11.14 -29.01
N LEU B 931 15.76 10.97 -30.31
CA LEU B 931 14.63 10.15 -30.71
C LEU B 931 14.85 8.69 -30.34
N GLN B 932 16.07 8.20 -30.54
CA GLN B 932 16.41 6.84 -30.13
C GLN B 932 16.25 6.67 -28.63
N ASP B 933 16.61 7.70 -27.86
CA ASP B 933 16.43 7.66 -26.42
C ASP B 933 14.96 7.59 -26.05
N VAL B 934 14.11 8.34 -26.75
CA VAL B 934 12.67 8.27 -26.50
C VAL B 934 12.16 6.85 -26.71
N VAL B 935 12.52 6.26 -27.85
CA VAL B 935 12.07 4.91 -28.17
C VAL B 935 12.58 3.91 -27.13
N ASN B 936 13.86 4.02 -26.76
CA ASN B 936 14.44 3.11 -25.79
C ASN B 936 13.78 3.24 -24.42
N HIS B 937 13.50 4.47 -24.00
CA HIS B 937 12.85 4.68 -22.71
C HIS B 937 11.47 4.03 -22.69
N ASN B 938 10.69 4.23 -23.76
CA ASN B 938 9.35 3.63 -23.79
C ASN B 938 9.44 2.12 -23.76
N ALA B 939 10.32 1.54 -24.58
CA ALA B 939 10.42 0.08 -24.65
C ALA B 939 10.88 -0.50 -23.31
N GLN B 940 11.86 0.15 -22.67
CA GLN B 940 12.37 -0.34 -21.40
C GLN B 940 11.31 -0.25 -20.30
N ALA B 941 10.54 0.84 -20.28
CA ALA B 941 9.47 0.96 -19.30
C ALA B 941 8.44 -0.15 -19.48
N LEU B 942 8.04 -0.41 -20.72
CA LEU B 942 7.08 -1.49 -20.96
C LEU B 942 7.66 -2.84 -20.55
N ASN B 943 8.93 -3.08 -20.85
CA ASN B 943 9.55 -4.34 -20.49
C ASN B 943 9.59 -4.53 -18.98
N THR B 944 9.93 -3.47 -18.23
CA THR B 944 9.95 -3.58 -16.78
C THR B 944 8.55 -3.83 -16.23
N LEU B 945 7.54 -3.14 -16.77
CA LEU B 945 6.18 -3.36 -16.31
C LEU B 945 5.76 -4.80 -16.54
N VAL B 946 6.10 -5.37 -17.69
CA VAL B 946 5.76 -6.77 -17.95
C VAL B 946 6.53 -7.70 -17.00
N LYS B 947 7.82 -7.43 -16.80
CA LYS B 947 8.63 -8.27 -15.92
C LYS B 947 8.11 -8.26 -14.49
N GLN B 948 7.45 -7.17 -14.08
CA GLN B 948 6.95 -7.09 -12.71
C GLN B 948 5.94 -8.18 -12.36
N LEU B 949 5.32 -8.81 -13.36
CA LEU B 949 4.28 -9.80 -13.08
C LEU B 949 4.83 -11.09 -12.50
N SER B 950 6.13 -11.32 -12.59
CA SER B 950 6.73 -12.58 -12.13
C SER B 950 7.18 -12.53 -10.69
N SER B 951 6.94 -11.42 -9.97
CA SER B 951 7.38 -11.27 -8.60
C SER B 951 6.28 -11.69 -7.64
N LYS B 952 6.66 -12.39 -6.57
CA LYS B 952 5.70 -12.89 -5.59
C LYS B 952 5.18 -11.82 -4.66
N PHE B 953 5.92 -10.73 -4.47
CA PHE B 953 5.52 -9.63 -3.59
C PHE B 953 5.26 -10.12 -2.17
N GLY B 954 6.03 -11.10 -1.71
CA GLY B 954 5.89 -11.62 -0.37
C GLY B 954 4.85 -12.72 -0.20
N ALA B 955 4.13 -13.08 -1.25
CA ALA B 955 3.17 -14.16 -1.18
C ALA B 955 3.90 -15.50 -1.33
N ILE B 956 3.14 -16.58 -1.48
CA ILE B 956 3.75 -17.91 -1.62
C ILE B 956 3.90 -18.35 -3.07
N SER B 957 3.26 -17.64 -4.02
CA SER B 957 3.37 -17.99 -5.42
C SER B 957 3.13 -16.75 -6.27
N SER B 958 3.75 -16.72 -7.44
CA SER B 958 3.62 -15.62 -8.38
C SER B 958 2.53 -15.85 -9.41
N VAL B 959 1.80 -16.95 -9.33
CA VAL B 959 0.74 -17.28 -10.27
C VAL B 959 -0.54 -17.52 -9.50
N LEU B 960 -1.65 -16.96 -10.01
CA LEU B 960 -2.91 -16.97 -9.27
C LEU B 960 -3.57 -18.33 -9.26
N ASN B 961 -3.43 -19.12 -10.34
CA ASN B 961 -4.08 -20.42 -10.39
C ASN B 961 -3.53 -21.37 -9.34
N ASP B 962 -2.20 -21.35 -9.14
CA ASP B 962 -1.61 -22.25 -8.15
C ASP B 962 -2.07 -21.92 -6.75
N ILE B 963 -2.08 -20.64 -6.39
CA ILE B 963 -2.51 -20.27 -5.04
C ILE B 963 -4.00 -20.53 -4.86
N LEU B 964 -4.80 -20.35 -5.92
CA LEU B 964 -6.21 -20.71 -5.82
C LEU B 964 -6.39 -22.20 -5.59
N SER B 965 -5.63 -23.03 -6.29
CA SER B 965 -5.82 -24.48 -6.21
C SER B 965 -5.24 -25.06 -4.91
N ARG B 966 -4.10 -24.55 -4.47
CA ARG B 966 -3.34 -25.16 -3.38
C ARG B 966 -3.72 -24.65 -1.99
N LEU B 967 -4.74 -23.79 -1.87
CA LEU B 967 -5.04 -23.19 -0.60
C LEU B 967 -6.55 -22.96 -0.51
N ASP B 968 -7.08 -22.99 0.71
CA ASP B 968 -8.48 -22.70 0.94
C ASP B 968 -8.73 -21.20 0.92
N PRO B 969 -9.98 -20.77 0.67
CA PRO B 969 -10.27 -19.34 0.43
C PRO B 969 -9.78 -18.41 1.53
N PRO B 970 -9.89 -18.78 2.85
CA PRO B 970 -9.49 -17.82 3.90
C PRO B 970 -8.11 -17.19 3.71
N GLU B 971 -7.06 -18.01 3.63
CA GLU B 971 -5.72 -17.47 3.45
C GLU B 971 -5.42 -17.12 1.99
N ALA B 972 -6.13 -17.74 1.05
CA ALA B 972 -6.00 -17.35 -0.35
C ALA B 972 -6.37 -15.89 -0.53
N GLU B 973 -7.35 -15.40 0.24
CA GLU B 973 -7.70 -13.99 0.18
C GLU B 973 -6.51 -13.11 0.54
N VAL B 974 -5.79 -13.46 1.61
CA VAL B 974 -4.63 -12.68 2.01
C VAL B 974 -3.54 -12.72 0.93
N GLN B 975 -3.29 -13.90 0.38
CA GLN B 975 -2.24 -14.04 -0.62
C GLN B 975 -2.56 -13.21 -1.87
N ILE B 976 -3.79 -13.33 -2.37
CA ILE B 976 -4.16 -12.55 -3.55
C ILE B 976 -4.22 -11.07 -3.22
N ASP B 977 -4.48 -10.71 -1.96
CA ASP B 977 -4.41 -9.31 -1.57
C ASP B 977 -2.99 -8.77 -1.69
N ARG B 978 -2.00 -9.55 -1.25
CA ARG B 978 -0.61 -9.14 -1.40
C ARG B 978 -0.25 -8.98 -2.88
N LEU B 979 -0.67 -9.95 -3.70
CA LEU B 979 -0.39 -9.83 -5.13
C LEU B 979 -1.04 -8.58 -5.73
N ILE B 980 -2.28 -8.30 -5.32
CA ILE B 980 -3.02 -7.17 -5.86
C ILE B 980 -2.33 -5.86 -5.50
N THR B 981 -1.92 -5.72 -4.24
CA THR B 981 -1.29 -4.46 -3.83
C THR B 981 0.06 -4.28 -4.51
N GLY B 982 0.83 -5.36 -4.70
CA GLY B 982 2.09 -5.24 -5.41
C GLY B 982 1.90 -4.79 -6.86
N ARG B 983 0.94 -5.42 -7.55
CA ARG B 983 0.71 -5.05 -8.94
C ARG B 983 0.14 -3.64 -9.07
N LEU B 984 -0.69 -3.22 -8.12
CA LEU B 984 -1.18 -1.85 -8.12
C LEU B 984 -0.04 -0.85 -7.94
N GLN B 985 0.91 -1.15 -7.05
CA GLN B 985 2.06 -0.26 -6.89
C GLN B 985 2.86 -0.18 -8.18
N SER B 986 3.07 -1.31 -8.85
CA SER B 986 3.81 -1.29 -10.11
C SER B 986 3.11 -0.43 -11.15
N LEU B 987 1.79 -0.59 -11.27
CA LEU B 987 1.03 0.18 -12.26
C LEU B 987 1.09 1.67 -11.96
N GLN B 988 0.96 2.05 -10.68
CA GLN B 988 1.00 3.46 -10.33
C GLN B 988 2.37 4.06 -10.63
N THR B 989 3.44 3.32 -10.33
CA THR B 989 4.77 3.82 -10.65
C THR B 989 4.93 4.05 -12.15
N TYR B 990 4.47 3.09 -12.96
CA TYR B 990 4.56 3.25 -14.41
C TYR B 990 3.80 4.47 -14.88
N VAL B 991 2.59 4.68 -14.36
CA VAL B 991 1.77 5.80 -14.79
C VAL B 991 2.43 7.13 -14.43
N THR B 992 2.99 7.22 -13.21
CA THR B 992 3.64 8.46 -12.81
C THR B 992 4.85 8.77 -13.69
N GLN B 993 5.66 7.76 -13.98
CA GLN B 993 6.81 7.98 -14.86
C GLN B 993 6.36 8.43 -16.24
N GLN B 994 5.29 7.83 -16.76
CA GLN B 994 4.78 8.25 -18.06
C GLN B 994 4.30 9.69 -18.03
N LEU B 995 3.64 10.10 -16.94
CA LEU B 995 3.18 11.49 -16.83
C LEU B 995 4.34 12.47 -16.87
N ILE B 996 5.40 12.18 -16.10
CA ILE B 996 6.55 13.10 -16.08
C ILE B 996 7.21 13.17 -17.46
N ARG B 997 7.40 12.03 -18.10
CA ARG B 997 8.02 12.03 -19.42
C ARG B 997 7.14 12.76 -20.43
N ALA B 998 5.82 12.64 -20.31
CA ALA B 998 4.92 13.36 -21.19
C ALA B 998 5.04 14.86 -21.01
N ALA B 999 5.19 15.31 -19.75
CA ALA B 999 5.38 16.74 -19.52
C ALA B 999 6.66 17.24 -20.20
N GLU B 1000 7.75 16.48 -20.05
CA GLU B 1000 9.00 16.87 -20.69
C GLU B 1000 8.85 16.92 -22.21
N ILE B 1001 8.19 15.91 -22.78
CA ILE B 1001 8.01 15.86 -24.23
C ILE B 1001 7.14 17.02 -24.70
N ARG B 1002 6.13 17.40 -23.91
CA ARG B 1002 5.29 18.54 -24.27
C ARG B 1002 6.10 19.83 -24.28
N ALA B 1003 6.99 20.00 -23.31
CA ALA B 1003 7.86 21.18 -23.33
C ALA B 1003 8.72 21.21 -24.58
N SER B 1004 9.30 20.06 -24.93
CA SER B 1004 10.10 19.99 -26.16
C SER B 1004 9.28 20.31 -27.39
N ALA B 1005 8.04 19.81 -27.44
CA ALA B 1005 7.17 20.06 -28.59
C ALA B 1005 6.80 21.53 -28.70
N ASN B 1006 6.56 22.19 -27.56
CA ASN B 1006 6.29 23.63 -27.60
C ASN B 1006 7.50 24.40 -28.12
N LEU B 1007 8.69 24.02 -27.69
CA LEU B 1007 9.89 24.65 -28.22
C LEU B 1007 10.01 24.43 -29.73
N ALA B 1008 9.72 23.22 -30.19
CA ALA B 1008 9.80 22.94 -31.62
C ALA B 1008 8.78 23.76 -32.41
N ALA B 1009 7.56 23.91 -31.87
CA ALA B 1009 6.55 24.71 -32.54
C ALA B 1009 6.98 26.17 -32.63
N THR B 1010 7.56 26.70 -31.56
CA THR B 1010 8.05 28.07 -31.60
C THR B 1010 9.16 28.23 -32.62
N LYS B 1011 10.07 27.26 -32.69
CA LYS B 1011 11.15 27.31 -33.67
C LYS B 1011 10.60 27.27 -35.09
N MET B 1012 9.60 26.42 -35.34
CA MET B 1012 9.00 26.36 -36.66
C MET B 1012 8.32 27.67 -37.03
N SER B 1013 7.63 28.29 -36.07
CA SER B 1013 6.93 29.54 -36.35
C SER B 1013 7.89 30.69 -36.60
N GLU B 1014 9.03 30.73 -35.89
CA GLU B 1014 9.88 31.91 -35.94
C GLU B 1014 11.06 31.78 -36.90
N CYS B 1015 11.66 30.61 -37.04
CA CYS B 1015 12.81 30.47 -37.92
C CYS B 1015 12.41 30.09 -39.35
N VAL B 1016 11.36 29.29 -39.51
CA VAL B 1016 10.96 28.83 -40.84
C VAL B 1016 10.01 29.82 -41.51
N LEU B 1017 8.97 30.26 -40.79
CA LEU B 1017 7.97 31.15 -41.37
C LEU B 1017 8.46 32.59 -41.48
N GLY B 1018 9.64 32.90 -40.94
CA GLY B 1018 10.18 34.24 -41.04
C GLY B 1018 11.63 34.26 -40.64
N GLN B 1019 12.22 35.45 -40.68
CA GLN B 1019 13.61 35.64 -40.29
C GLN B 1019 13.67 36.15 -38.85
N SER B 1020 14.55 35.56 -38.06
CA SER B 1020 14.63 35.82 -36.63
C SER B 1020 15.86 36.64 -36.30
N LYS B 1021 15.70 37.59 -35.38
CA LYS B 1021 16.80 38.42 -34.90
C LYS B 1021 17.39 37.92 -33.58
N ARG B 1022 16.77 36.92 -32.96
CA ARG B 1022 17.28 36.39 -31.70
C ARG B 1022 18.59 35.66 -31.93
N VAL B 1023 19.55 35.89 -31.03
CA VAL B 1023 20.89 35.34 -31.19
C VAL B 1023 20.88 33.87 -30.81
N ASP B 1024 21.47 33.03 -31.68
CA ASP B 1024 21.65 31.60 -31.47
C ASP B 1024 20.35 30.84 -31.34
N PHE B 1025 19.21 31.48 -31.61
CA PHE B 1025 17.94 30.75 -31.57
C PHE B 1025 17.79 29.82 -32.76
N CYS B 1026 18.15 30.29 -33.95
CA CYS B 1026 17.99 29.49 -35.15
C CYS B 1026 19.35 29.24 -35.82
N GLY B 1027 20.34 28.87 -35.04
CA GLY B 1027 21.64 28.52 -35.59
C GLY B 1027 22.71 29.53 -35.20
N LYS B 1028 23.96 29.06 -35.20
CA LYS B 1028 25.09 29.91 -34.87
C LYS B 1028 25.43 30.82 -36.05
N GLY B 1029 25.47 32.11 -35.79
CA GLY B 1029 25.70 33.10 -36.83
C GLY B 1029 24.47 33.96 -37.05
N TYR B 1030 24.53 34.75 -38.11
CA TYR B 1030 23.40 35.60 -38.48
C TYR B 1030 22.41 34.78 -39.29
N HIS B 1031 21.17 34.70 -38.80
CA HIS B 1031 20.18 33.81 -39.39
C HIS B 1031 19.76 34.31 -40.77
N LEU B 1032 19.71 33.39 -41.74
CA LEU B 1032 19.18 33.67 -43.06
C LEU B 1032 17.86 32.96 -43.31
N MET B 1033 17.80 31.66 -43.12
CA MET B 1033 16.53 30.94 -43.24
C MET B 1033 16.66 29.57 -42.59
N SER B 1034 15.60 28.77 -42.73
CA SER B 1034 15.58 27.42 -42.18
C SER B 1034 14.66 26.55 -43.03
N PHE B 1035 14.89 25.24 -42.93
CA PHE B 1035 14.11 24.25 -43.67
C PHE B 1035 13.73 23.11 -42.73
N PRO B 1036 12.46 22.69 -42.71
CA PRO B 1036 12.05 21.58 -41.84
C PRO B 1036 12.09 20.24 -42.53
N GLN B 1037 12.34 19.21 -41.73
CA GLN B 1037 12.29 17.82 -42.17
C GLN B 1037 11.67 16.99 -41.06
N SER B 1038 10.98 15.91 -41.45
CA SER B 1038 10.34 15.03 -40.49
C SER B 1038 11.27 13.88 -40.14
N ALA B 1039 11.11 13.37 -38.92
CA ALA B 1039 11.86 12.21 -38.46
C ALA B 1039 10.97 11.43 -37.51
N PRO B 1040 11.24 10.12 -37.33
CA PRO B 1040 10.43 9.34 -36.39
C PRO B 1040 10.37 9.98 -35.01
N HIS B 1041 9.17 10.41 -34.63
CA HIS B 1041 8.91 11.04 -33.32
C HIS B 1041 9.66 12.37 -33.17
N GLY B 1042 9.84 13.13 -34.25
CA GLY B 1042 10.50 14.40 -34.08
C GLY B 1042 10.68 15.16 -35.38
N VAL B 1043 11.32 16.32 -35.27
CA VAL B 1043 11.53 17.23 -36.38
C VAL B 1043 12.99 17.66 -36.40
N VAL B 1044 13.51 17.84 -37.61
CA VAL B 1044 14.90 18.24 -37.82
C VAL B 1044 14.90 19.55 -38.60
N PHE B 1045 15.55 20.56 -38.05
CA PHE B 1045 15.67 21.86 -38.67
C PHE B 1045 17.05 22.03 -39.29
N LEU B 1046 17.08 22.51 -40.53
CA LEU B 1046 18.31 22.88 -41.22
C LEU B 1046 18.38 24.39 -41.24
N HIS B 1047 19.26 24.95 -40.43
CA HIS B 1047 19.41 26.40 -40.32
C HIS B 1047 20.50 26.86 -41.28
N VAL B 1048 20.16 27.79 -42.18
CA VAL B 1048 21.10 28.40 -43.10
C VAL B 1048 21.42 29.79 -42.58
N THR B 1049 22.69 30.01 -42.24
CA THR B 1049 23.15 31.24 -41.60
C THR B 1049 24.37 31.79 -42.32
N TYR B 1050 24.68 33.04 -42.02
CA TYR B 1050 25.74 33.82 -42.65
C TYR B 1050 26.84 34.08 -41.63
N VAL B 1051 28.08 33.77 -41.99
CA VAL B 1051 29.20 33.91 -41.05
C VAL B 1051 30.30 34.75 -41.69
N PRO B 1052 30.75 35.83 -41.04
CA PRO B 1052 31.86 36.61 -41.60
C PRO B 1052 33.17 35.85 -41.56
N ALA B 1053 34.10 36.26 -42.41
CA ALA B 1053 35.39 35.62 -42.50
C ALA B 1053 36.37 36.54 -43.21
N GLN B 1054 37.66 36.27 -43.01
CA GLN B 1054 38.76 37.03 -43.60
C GLN B 1054 38.70 38.50 -43.18
N GLU B 1055 38.83 38.71 -41.87
CA GLU B 1055 38.82 40.04 -41.32
C GLU B 1055 40.15 40.75 -41.58
N LYS B 1056 40.14 42.07 -41.38
CA LYS B 1056 41.28 42.91 -41.73
C LYS B 1056 41.36 44.09 -40.77
N ASN B 1057 42.60 44.45 -40.42
CA ASN B 1057 42.88 45.62 -39.59
C ASN B 1057 42.52 46.91 -40.31
N PHE B 1058 42.10 47.91 -39.53
CA PHE B 1058 41.90 49.26 -40.05
C PHE B 1058 42.00 50.24 -38.88
N THR B 1059 42.28 51.50 -39.20
CA THR B 1059 42.34 52.54 -38.17
C THR B 1059 41.06 53.37 -38.23
N THR B 1060 40.35 53.46 -37.10
CA THR B 1060 39.03 54.08 -37.08
C THR B 1060 39.05 55.39 -36.31
N ALA B 1061 38.00 56.17 -36.52
CA ALA B 1061 37.78 57.45 -35.86
C ALA B 1061 36.30 57.59 -35.55
N PRO B 1062 35.96 58.31 -34.48
CA PRO B 1062 34.53 58.47 -34.14
C PRO B 1062 33.80 59.43 -35.07
N ALA B 1063 34.44 60.52 -35.48
CA ALA B 1063 33.79 61.51 -36.33
C ALA B 1063 34.87 62.24 -37.11
N ILE B 1064 34.44 62.98 -38.13
CA ILE B 1064 35.34 63.68 -39.03
C ILE B 1064 35.11 65.18 -38.90
N CYS B 1065 36.17 65.93 -38.61
CA CYS B 1065 36.07 67.38 -38.55
C CYS B 1065 36.32 67.96 -39.92
N HIS B 1066 35.55 68.99 -40.29
CA HIS B 1066 35.72 69.66 -41.57
C HIS B 1066 35.03 71.01 -41.52
N ASP B 1067 35.78 72.06 -41.85
CA ASP B 1067 35.25 73.43 -41.87
C ASP B 1067 34.63 73.81 -40.52
N GLY B 1068 35.24 73.32 -39.44
CA GLY B 1068 34.72 73.60 -38.12
C GLY B 1068 33.43 72.89 -37.78
N LYS B 1069 33.13 71.77 -38.45
CA LYS B 1069 31.91 71.02 -38.20
C LYS B 1069 32.26 69.54 -38.03
N ALA B 1070 31.41 68.84 -37.27
CA ALA B 1070 31.62 67.43 -36.98
C ALA B 1070 30.63 66.61 -37.82
N HIS B 1071 31.16 65.66 -38.58
CA HIS B 1071 30.37 64.78 -39.42
C HIS B 1071 30.44 63.36 -38.84
N PHE B 1072 29.29 62.72 -38.75
CA PHE B 1072 29.16 61.35 -38.28
C PHE B 1072 28.57 60.48 -39.38
N PRO B 1073 28.95 59.21 -39.45
CA PRO B 1073 28.40 58.32 -40.48
C PRO B 1073 26.92 58.10 -40.27
N ARG B 1074 26.20 57.92 -41.38
CA ARG B 1074 24.77 57.67 -41.31
C ARG B 1074 24.47 56.21 -40.96
N GLU B 1075 25.02 55.28 -41.73
CA GLU B 1075 24.84 53.85 -41.46
C GLU B 1075 26.13 53.06 -41.41
N GLY B 1076 27.26 53.64 -41.80
CA GLY B 1076 28.52 52.93 -41.87
C GLY B 1076 29.45 53.29 -40.73
N VAL B 1077 30.75 53.21 -41.00
CA VAL B 1077 31.79 53.51 -40.02
C VAL B 1077 33.00 54.04 -40.77
N PHE B 1078 33.75 54.92 -40.11
CA PHE B 1078 34.94 55.51 -40.69
C PHE B 1078 36.12 54.56 -40.55
N VAL B 1079 36.80 54.28 -41.65
CA VAL B 1079 37.98 53.42 -41.64
C VAL B 1079 39.09 54.11 -42.41
N SER B 1080 40.32 53.70 -42.09
CA SER B 1080 41.51 54.24 -42.73
C SER B 1080 42.51 53.13 -42.94
N ASN B 1081 43.06 53.09 -44.15
CA ASN B 1081 44.09 52.16 -44.59
C ASN B 1081 45.49 52.72 -44.51
N GLY B 1082 45.66 53.95 -44.03
CA GLY B 1082 46.98 54.49 -43.78
C GLY B 1082 47.16 55.91 -44.28
N THR B 1083 46.48 56.25 -45.37
CA THR B 1083 46.58 57.57 -45.97
C THR B 1083 45.24 58.23 -46.25
N HIS B 1084 44.16 57.47 -46.42
CA HIS B 1084 42.87 58.02 -46.80
C HIS B 1084 41.79 57.49 -45.86
N TRP B 1085 40.64 58.13 -45.88
CA TRP B 1085 39.51 57.77 -45.04
C TRP B 1085 38.31 57.40 -45.89
N PHE B 1086 37.58 56.38 -45.46
CA PHE B 1086 36.40 55.91 -46.18
C PHE B 1086 35.31 55.55 -45.18
N VAL B 1087 34.11 55.31 -45.70
CA VAL B 1087 32.98 54.81 -44.93
C VAL B 1087 32.65 53.41 -45.43
N THR B 1088 32.40 52.50 -44.50
CA THR B 1088 32.12 51.12 -44.84
C THR B 1088 30.92 50.61 -44.04
N GLN B 1089 30.28 49.57 -44.57
CA GLN B 1089 29.33 48.83 -43.76
C GLN B 1089 30.07 48.06 -42.69
N ARG B 1090 29.39 47.80 -41.57
CA ARG B 1090 30.05 47.17 -40.44
C ARG B 1090 30.29 45.69 -40.67
N ASN B 1091 29.51 45.04 -41.53
CA ASN B 1091 29.60 43.60 -41.71
C ASN B 1091 30.29 43.19 -43.02
N PHE B 1092 30.73 44.14 -43.83
CA PHE B 1092 31.38 43.82 -45.09
C PHE B 1092 32.19 45.00 -45.55
N TYR B 1093 33.46 44.78 -45.88
CA TYR B 1093 34.36 45.87 -46.23
C TYR B 1093 34.07 46.34 -47.65
N GLU B 1094 33.46 47.50 -47.78
CA GLU B 1094 33.21 48.14 -49.07
C GLU B 1094 33.57 49.62 -48.95
N PRO B 1095 34.85 49.96 -49.15
CA PRO B 1095 35.27 51.36 -48.96
C PRO B 1095 34.55 52.29 -49.92
N GLN B 1096 34.25 53.49 -49.44
CA GLN B 1096 33.52 54.47 -50.21
C GLN B 1096 33.97 55.86 -49.80
N ILE B 1097 34.14 56.73 -50.79
CA ILE B 1097 34.61 58.09 -50.52
C ILE B 1097 33.57 58.86 -49.74
N ILE B 1098 34.00 59.54 -48.69
CA ILE B 1098 33.08 60.25 -47.80
C ILE B 1098 32.55 61.49 -48.49
N THR B 1099 31.24 61.70 -48.40
CA THR B 1099 30.58 62.87 -48.98
C THR B 1099 29.59 63.39 -47.94
N THR B 1100 28.72 64.30 -48.37
CA THR B 1100 27.64 64.79 -47.52
C THR B 1100 26.42 63.89 -47.53
N ASP B 1101 26.36 62.92 -48.46
CA ASP B 1101 25.20 62.03 -48.53
C ASP B 1101 25.24 60.96 -47.44
N ASN B 1102 26.43 60.42 -47.15
CA ASN B 1102 26.56 59.35 -46.18
C ASN B 1102 26.91 59.82 -44.78
N THR B 1103 27.09 61.13 -44.58
CA THR B 1103 27.43 61.69 -43.28
C THR B 1103 26.46 62.80 -42.92
N PHE B 1104 26.25 63.00 -41.62
CA PHE B 1104 25.39 64.05 -41.13
C PHE B 1104 26.14 64.89 -40.09
N VAL B 1105 25.75 66.16 -39.99
CA VAL B 1105 26.47 67.17 -39.22
C VAL B 1105 25.73 67.44 -37.92
N SER B 1106 26.48 67.51 -36.82
CA SER B 1106 25.89 67.85 -35.53
C SER B 1106 26.99 68.46 -34.64
N GLY B 1107 26.97 69.78 -34.51
CA GLY B 1107 27.89 70.46 -33.62
C GLY B 1107 29.22 70.82 -34.28
N ASN B 1108 30.17 71.20 -33.43
CA ASN B 1108 31.50 71.58 -33.84
C ASN B 1108 32.50 70.48 -33.43
N CYS B 1109 33.79 70.76 -33.64
CA CYS B 1109 34.84 69.77 -33.51
C CYS B 1109 35.46 69.72 -32.10
N ASP B 1110 34.86 70.40 -31.12
CA ASP B 1110 35.48 70.52 -29.81
C ASP B 1110 34.96 69.50 -28.80
N VAL B 1111 33.69 69.11 -28.90
CA VAL B 1111 33.07 68.31 -27.84
C VAL B 1111 33.61 66.89 -27.85
N VAL B 1112 33.69 66.26 -29.03
CA VAL B 1112 33.98 64.84 -29.11
C VAL B 1112 35.48 64.60 -28.89
N ILE B 1113 35.80 63.37 -28.50
CA ILE B 1113 37.18 62.95 -28.24
C ILE B 1113 37.59 61.99 -29.34
N GLY B 1114 38.77 62.22 -29.91
CA GLY B 1114 39.23 61.43 -31.03
C GLY B 1114 38.87 61.98 -32.39
N ILE B 1115 38.40 63.24 -32.46
CA ILE B 1115 38.04 63.85 -33.73
C ILE B 1115 39.26 63.92 -34.64
N VAL B 1116 39.07 63.59 -35.90
CA VAL B 1116 40.11 63.65 -36.92
C VAL B 1116 39.57 64.46 -38.08
N ASN B 1117 40.44 65.25 -38.70
CA ASN B 1117 40.01 66.05 -39.86
C ASN B 1117 40.74 65.77 -41.17
N ASN B 1118 39.97 65.19 -42.08
CA ASN B 1118 40.15 65.00 -43.51
C ASN B 1118 39.24 65.99 -44.24
N THR B 1119 39.13 65.87 -45.56
CA THR B 1119 38.27 66.71 -46.36
C THR B 1119 37.01 65.97 -46.77
N VAL B 1120 35.85 66.60 -46.58
CA VAL B 1120 34.56 66.01 -46.92
C VAL B 1120 34.14 66.51 -48.29
N TYR B 1121 33.94 65.60 -49.23
CA TYR B 1121 33.55 65.94 -50.59
C TYR B 1121 32.08 66.36 -50.65
N ASP B 1122 31.76 67.17 -51.65
CA ASP B 1122 30.40 67.64 -51.88
C ASP B 1122 29.94 67.23 -53.28
N PRO B 1123 28.91 66.39 -53.42
CA PRO B 1123 28.48 65.98 -54.76
C PRO B 1123 27.98 67.12 -55.64
N LEU B 1124 27.36 68.13 -55.04
CA LEU B 1124 26.81 69.25 -55.81
C LEU B 1124 27.87 70.29 -56.16
N GLN B 1125 29.05 70.21 -55.54
CA GLN B 1125 30.08 71.24 -55.77
C GLN B 1125 30.51 71.33 -57.23
N PRO B 1126 30.89 70.25 -57.93
CA PRO B 1126 31.32 70.42 -59.33
C PRO B 1126 30.14 70.65 -60.27
N GLU B 1127 28.97 70.13 -59.91
CA GLU B 1127 27.77 70.39 -60.69
C GLU B 1127 27.44 71.88 -60.72
N LEU B 1128 27.53 72.54 -59.57
CA LEU B 1128 27.31 73.98 -59.52
C LEU B 1128 28.49 74.74 -60.11
N ASP B 1129 29.71 74.26 -59.87
CA ASP B 1129 30.90 74.94 -60.37
C ASP B 1129 30.96 74.94 -61.89
N SER B 1130 30.60 73.82 -62.51
CA SER B 1130 30.61 73.72 -63.97
C SER B 1130 29.38 74.37 -64.58
N GLN C 1 5.44 11.57 71.59
CA GLN C 1 6.19 12.83 71.56
C GLN C 1 5.75 13.70 70.39
N CYS C 2 4.46 13.63 70.05
CA CYS C 2 3.91 14.41 68.95
C CYS C 2 3.40 15.74 69.49
N VAL C 3 4.01 16.83 69.06
CA VAL C 3 3.67 18.18 69.51
C VAL C 3 3.48 19.07 68.30
N ASN C 4 2.45 19.92 68.34
CA ASN C 4 2.18 20.88 67.28
C ASN C 4 2.89 22.18 67.62
N LEU C 5 3.88 22.55 66.81
CA LEU C 5 4.77 23.67 67.13
C LEU C 5 5.04 24.60 65.95
N ILE C 6 4.46 24.35 64.78
CA ILE C 6 4.75 25.09 63.56
C ILE C 6 3.48 25.77 63.09
N THR C 7 3.56 27.07 62.81
CA THR C 7 2.48 27.79 62.16
C THR C 7 2.96 28.33 60.82
N ARG C 8 2.15 28.15 59.79
CA ARG C 8 2.60 28.33 58.41
C ARG C 8 1.76 29.39 57.71
N THR C 9 2.42 30.18 56.87
CA THR C 9 1.77 31.19 56.04
C THR C 9 2.05 30.90 54.57
N GLN C 10 1.10 31.25 53.72
CA GLN C 10 1.17 30.96 52.30
C GLN C 10 1.13 32.26 51.48
N SER C 11 1.96 32.30 50.45
CA SER C 11 1.93 33.35 49.43
C SER C 11 1.95 32.68 48.07
N TYR C 12 1.64 33.45 47.02
CA TYR C 12 1.61 32.90 45.68
C TYR C 12 2.55 33.71 44.80
N THR C 13 3.31 33.01 43.96
CA THR C 13 4.36 33.64 43.18
C THR C 13 4.40 33.03 41.79
N ASN C 14 5.24 33.61 40.93
CA ASN C 14 5.44 33.17 39.57
C ASN C 14 6.74 32.38 39.50
N SER C 15 6.69 31.20 38.87
CA SER C 15 7.82 30.27 38.89
C SER C 15 8.88 30.57 37.84
N PHE C 16 8.59 31.44 36.88
CA PHE C 16 9.53 31.80 35.80
C PHE C 16 9.86 30.52 35.04
N THR C 17 11.13 30.23 34.76
CA THR C 17 11.49 29.08 33.92
C THR C 17 12.39 28.11 34.69
N ARG C 18 12.04 27.80 35.92
CA ARG C 18 12.78 26.86 36.74
C ARG C 18 12.13 25.47 36.68
N GLY C 19 12.92 24.46 37.06
CA GLY C 19 12.39 23.12 37.20
C GLY C 19 12.52 22.25 35.97
N VAL C 20 13.68 22.29 35.31
CA VAL C 20 13.96 21.48 34.13
C VAL C 20 15.04 20.47 34.48
N TYR C 21 14.80 19.20 34.20
CA TYR C 21 15.72 18.12 34.52
C TYR C 21 16.02 17.32 33.26
N TYR C 22 16.95 16.39 33.38
CA TYR C 22 17.28 15.50 32.26
C TYR C 22 16.28 14.36 32.19
N PRO C 23 15.50 14.25 31.11
CA PRO C 23 14.44 13.22 31.07
C PRO C 23 14.95 11.80 31.15
N ASP C 24 16.12 11.50 30.59
CA ASP C 24 16.61 10.14 30.50
C ASP C 24 18.11 10.14 30.76
N LYS C 25 18.76 9.03 30.45
CA LYS C 25 20.19 8.88 30.67
C LYS C 25 20.93 8.62 29.36
N VAL C 26 20.60 9.40 28.33
CA VAL C 26 21.24 9.29 27.02
C VAL C 26 21.96 10.61 26.74
N PHE C 27 23.22 10.50 26.31
CA PHE C 27 24.03 11.67 26.02
C PHE C 27 23.69 12.22 24.63
N ARG C 28 23.41 13.51 24.56
CA ARG C 28 23.13 14.18 23.30
C ARG C 28 23.87 15.51 23.26
N SER C 29 24.24 15.93 22.05
CA SER C 29 24.99 17.16 21.87
C SER C 29 24.54 17.87 20.60
N SER C 30 24.37 19.19 20.69
CA SER C 30 24.03 20.04 19.55
C SER C 30 22.77 19.57 18.84
N VAL C 31 21.71 19.34 19.61
CA VAL C 31 20.44 18.89 19.07
C VAL C 31 19.29 19.63 19.74
N LEU C 32 18.11 19.51 19.15
CA LEU C 32 16.86 20.02 19.72
C LEU C 32 15.92 18.83 19.84
N HIS C 33 15.73 18.35 21.07
CA HIS C 33 14.99 17.11 21.31
C HIS C 33 13.66 17.44 21.95
N SER C 34 12.58 16.87 21.41
CA SER C 34 11.23 17.08 21.92
C SER C 34 10.82 15.88 22.76
N THR C 35 10.45 16.14 24.02
CA THR C 35 10.07 15.09 24.94
C THR C 35 8.70 15.38 25.54
N GLN C 36 8.01 14.31 25.94
CA GLN C 36 6.75 14.40 26.66
C GLN C 36 6.96 13.76 28.03
N ASP C 37 6.90 14.56 29.08
CA ASP C 37 7.21 14.05 30.42
C ASP C 37 6.56 14.96 31.46
N LEU C 38 6.72 14.59 32.72
CA LEU C 38 6.16 15.36 33.83
C LEU C 38 7.08 16.54 34.12
N PHE C 39 6.68 17.73 33.67
CA PHE C 39 7.46 18.94 33.85
C PHE C 39 6.64 19.97 34.62
N LEU C 40 7.33 20.87 35.30
CA LEU C 40 6.67 22.00 35.91
C LEU C 40 6.41 23.07 34.86
N PRO C 41 5.16 23.46 34.62
CA PRO C 41 4.88 24.40 33.53
C PRO C 41 5.55 25.74 33.74
N PHE C 42 5.91 26.37 32.62
CA PHE C 42 6.59 27.67 32.67
C PHE C 42 5.67 28.72 33.25
N PHE C 43 6.23 29.63 34.05
CA PHE C 43 5.49 30.73 34.66
C PHE C 43 4.32 30.21 35.49
N SER C 44 4.62 29.32 36.42
CA SER C 44 3.58 28.59 37.11
C SER C 44 2.98 29.39 38.27
N ASN C 45 1.83 28.91 38.71
CA ASN C 45 0.99 29.54 39.73
C ASN C 45 1.45 29.05 41.11
N VAL C 46 2.73 29.28 41.41
CA VAL C 46 3.44 28.50 42.40
C VAL C 46 3.19 29.02 43.81
N THR C 47 3.41 28.17 44.81
CA THR C 47 3.05 28.49 46.20
C THR C 47 4.31 28.58 47.07
N TRP C 48 4.49 29.73 47.70
CA TRP C 48 5.60 29.98 48.62
C TRP C 48 5.12 29.76 50.05
N PHE C 49 5.81 28.89 50.78
CA PHE C 49 5.45 28.57 52.16
C PHE C 49 6.48 29.19 53.10
N HIS C 50 5.98 29.83 54.16
CA HIS C 50 6.81 30.45 55.19
C HIS C 50 6.35 29.87 56.53
N ALA C 51 7.12 28.93 57.08
CA ALA C 51 6.75 28.25 58.30
C ALA C 51 7.57 28.82 59.45
N ILE C 52 6.89 29.29 60.49
CA ILE C 52 7.52 29.94 61.64
C ILE C 52 7.15 29.14 62.89
N HIS C 53 8.15 28.90 63.73
CA HIS C 53 7.97 28.33 65.06
C HIS C 53 8.34 29.39 66.08
N VAL C 54 7.46 29.64 67.03
CA VAL C 54 7.65 30.64 68.08
C VAL C 54 7.83 29.93 69.41
N SER C 55 8.85 30.37 70.16
CA SER C 55 9.12 29.80 71.47
C SER C 55 8.38 30.55 72.57
N ARG C 62 -1.42 24.91 68.51
CA ARG C 62 -2.40 24.08 67.81
C ARG C 62 -1.81 23.51 66.53
N PHE C 63 -2.58 22.64 65.87
CA PHE C 63 -2.15 22.03 64.62
C PHE C 63 -2.39 23.01 63.48
N ASP C 64 -1.29 23.52 62.91
CA ASP C 64 -1.39 24.47 61.81
C ASP C 64 -0.44 24.12 60.67
N ASN C 65 -0.02 22.86 60.56
CA ASN C 65 0.90 22.42 59.51
C ASN C 65 0.35 21.14 58.86
N PRO C 66 -0.73 21.25 58.09
CA PRO C 66 -1.27 20.07 57.42
C PRO C 66 -0.36 19.60 56.30
N ALA C 67 -0.50 18.32 55.97
CA ALA C 67 0.28 17.75 54.89
C ALA C 67 -0.27 18.16 53.53
N LEU C 68 0.53 17.97 52.49
CA LEU C 68 0.19 18.40 51.15
C LEU C 68 0.02 17.20 50.23
N PRO C 69 -0.96 17.22 49.33
CA PRO C 69 -1.12 16.11 48.40
C PRO C 69 0.06 16.00 47.45
N PHE C 70 0.39 14.76 47.08
CA PHE C 70 1.51 14.52 46.18
C PHE C 70 1.14 14.84 44.74
N ASN C 71 -0.10 14.58 44.34
CA ASN C 71 -0.59 14.74 42.97
C ASN C 71 0.26 13.85 42.07
N ASP C 72 0.99 14.39 41.09
CA ASP C 72 1.79 13.59 40.19
C ASP C 72 3.29 13.78 40.39
N GLY C 73 3.67 14.49 41.43
CA GLY C 73 5.08 14.80 41.68
C GLY C 73 5.20 16.14 42.38
N VAL C 74 6.41 16.41 42.85
CA VAL C 74 6.65 17.62 43.63
C VAL C 74 7.96 18.26 43.17
N TYR C 75 7.93 19.56 42.91
CA TYR C 75 9.12 20.36 42.71
C TYR C 75 9.35 21.20 43.96
N PHE C 76 10.55 21.11 44.52
CA PHE C 76 10.90 21.75 45.77
C PHE C 76 12.09 22.67 45.55
N ALA C 77 12.08 23.83 46.17
CA ALA C 77 13.19 24.76 46.05
C ALA C 77 13.33 25.54 47.35
N SER C 78 14.58 25.78 47.74
CA SER C 78 14.82 26.49 48.99
C SER C 78 16.15 27.25 48.91
N THR C 79 16.14 28.48 49.43
CA THR C 79 17.34 29.29 49.55
C THR C 79 17.91 29.29 50.97
N GLU C 80 17.25 28.61 51.90
CA GLU C 80 17.71 28.58 53.28
C GLU C 80 18.96 27.72 53.42
N LYS C 81 19.56 27.78 54.60
CA LYS C 81 20.81 27.06 54.84
C LYS C 81 20.58 25.56 54.91
N SER C 82 21.68 24.81 54.80
CA SER C 82 21.59 23.36 54.72
C SER C 82 21.00 22.75 56.00
N ASN C 83 21.41 23.26 57.16
CA ASN C 83 20.98 22.69 58.43
C ASN C 83 19.52 22.95 58.74
N ILE C 84 18.83 23.79 57.98
CA ILE C 84 17.46 24.15 58.30
C ILE C 84 16.50 23.05 57.88
N ILE C 85 16.46 22.72 56.59
CA ILE C 85 15.61 21.67 56.06
C ILE C 85 16.40 20.38 56.00
N ARG C 86 15.88 19.32 56.60
CA ARG C 86 16.64 18.09 56.80
C ARG C 86 15.81 16.85 56.48
N GLY C 87 15.13 16.87 55.33
CA GLY C 87 14.48 15.68 54.81
C GLY C 87 13.01 15.89 54.54
N TRP C 88 12.37 14.80 54.10
CA TRP C 88 10.97 14.81 53.73
C TRP C 88 10.34 13.46 54.07
N ILE C 89 9.01 13.42 54.02
CA ILE C 89 8.23 12.23 54.35
C ILE C 89 7.14 12.08 53.31
N PHE C 90 6.92 10.85 52.84
CA PHE C 90 5.93 10.57 51.82
C PHE C 90 5.12 9.34 52.20
N GLY C 91 3.86 9.33 51.80
CA GLY C 91 3.01 8.18 52.07
C GLY C 91 1.62 8.40 51.53
N THR C 92 0.68 7.58 51.98
CA THR C 92 -0.72 7.67 51.58
C THR C 92 -1.60 8.11 52.73
N THR C 93 -1.58 7.38 53.84
CA THR C 93 -2.33 7.74 55.03
C THR C 93 -1.43 8.20 56.17
N LEU C 94 -0.12 8.22 55.97
CA LEU C 94 0.85 8.75 56.93
C LEU C 94 0.85 7.99 58.25
N ASP C 95 0.41 6.73 58.24
CA ASP C 95 0.29 5.94 59.46
C ASP C 95 0.69 4.50 59.14
N SER C 96 0.33 3.59 60.06
CA SER C 96 0.72 2.19 59.93
C SER C 96 0.07 1.52 58.73
N LYS C 97 -1.14 1.94 58.37
CA LYS C 97 -1.91 1.23 57.34
C LYS C 97 -1.24 1.28 55.98
N THR C 98 -0.27 2.18 55.77
CA THR C 98 0.45 2.28 54.52
C THR C 98 1.94 2.38 54.79
N GLN C 99 2.73 1.85 53.85
CA GLN C 99 4.18 2.01 53.93
C GLN C 99 4.55 3.48 53.79
N SER C 100 5.58 3.90 54.52
CA SER C 100 5.97 5.30 54.59
C SER C 100 7.43 5.46 54.20
N LEU C 101 7.70 6.40 53.30
CA LEU C 101 9.06 6.69 52.85
C LEU C 101 9.57 7.91 53.61
N LEU C 102 10.80 7.81 54.12
CA LEU C 102 11.40 8.87 54.92
C LEU C 102 12.80 9.14 54.40
N ILE C 103 13.13 10.42 54.24
CA ILE C 103 14.47 10.86 53.85
C ILE C 103 14.96 11.86 54.88
N VAL C 104 16.03 11.50 55.59
CA VAL C 104 16.66 12.38 56.58
C VAL C 104 18.08 12.63 56.11
N ASN C 105 18.34 13.83 55.63
CA ASN C 105 19.66 14.18 55.12
C ASN C 105 20.41 14.94 56.22
N ASN C 106 21.40 14.29 56.82
CA ASN C 106 22.18 14.89 57.89
C ASN C 106 23.40 15.59 57.29
N ALA C 107 24.35 15.96 58.15
CA ALA C 107 25.52 16.72 57.71
C ALA C 107 26.55 15.87 56.97
N THR C 108 26.38 14.54 56.91
CA THR C 108 27.41 13.70 56.31
C THR C 108 26.89 12.64 55.34
N ASN C 109 25.61 12.31 55.32
CA ASN C 109 25.09 11.26 54.44
C ASN C 109 23.58 11.39 54.37
N VAL C 110 22.93 10.37 53.79
CA VAL C 110 21.48 10.28 53.76
C VAL C 110 21.08 8.88 54.23
N VAL C 111 19.99 8.82 54.99
CA VAL C 111 19.43 7.55 55.46
C VAL C 111 18.00 7.50 54.94
N ILE C 112 17.83 6.91 53.76
CA ILE C 112 16.50 6.74 53.18
C ILE C 112 15.91 5.44 53.71
N LYS C 113 14.72 5.52 54.28
CA LYS C 113 14.12 4.36 54.93
C LYS C 113 12.67 4.22 54.51
N VAL C 114 12.31 3.04 54.00
CA VAL C 114 10.94 2.76 53.60
C VAL C 114 10.38 1.82 54.66
N CYS C 115 9.69 2.37 55.65
CA CYS C 115 9.19 1.57 56.75
C CYS C 115 7.85 2.08 57.25
N GLU C 116 7.33 1.39 58.26
CA GLU C 116 6.10 1.77 58.92
C GLU C 116 6.39 2.84 59.97
N PHE C 117 5.59 3.90 59.98
CA PHE C 117 5.78 4.96 60.95
C PHE C 117 4.42 5.51 61.37
N GLN C 118 4.23 5.70 62.68
CA GLN C 118 3.07 6.44 63.19
C GLN C 118 3.47 7.90 63.25
N PHE C 119 3.42 8.55 62.09
CA PHE C 119 3.92 9.91 61.95
C PHE C 119 3.08 10.89 62.75
N CYS C 120 3.75 11.84 63.40
CA CYS C 120 3.06 12.85 64.17
C CYS C 120 2.34 13.85 63.25
N ASN C 121 1.37 14.56 63.82
CA ASN C 121 0.66 15.57 63.06
C ASN C 121 1.59 16.69 62.61
N ASP C 122 2.54 17.06 63.47
CA ASP C 122 3.53 18.09 63.17
C ASP C 122 4.92 17.49 63.39
N PRO C 123 5.40 16.68 62.45
CA PRO C 123 6.70 16.02 62.64
C PRO C 123 7.86 16.95 62.34
N PHE C 124 8.92 16.82 63.12
CA PHE C 124 10.13 17.61 62.94
C PHE C 124 11.29 16.89 63.60
N LEU C 125 12.50 17.26 63.20
CA LEU C 125 13.73 16.67 63.73
C LEU C 125 14.34 17.63 64.74
N ASP C 126 14.41 17.20 65.99
CA ASP C 126 14.98 18.00 67.06
C ASP C 126 16.45 17.65 67.24
N VAL C 127 17.31 18.66 67.17
CA VAL C 127 18.75 18.45 67.32
C VAL C 127 19.17 18.74 68.76
N MET C 136 23.47 15.66 68.38
CA MET C 136 22.69 14.45 68.07
C MET C 136 21.38 14.82 67.38
N GLU C 137 20.77 13.85 66.71
CA GLU C 137 19.50 14.03 66.02
C GLU C 137 18.49 13.04 66.56
N SER C 138 17.28 13.52 66.82
CA SER C 138 16.20 12.72 67.40
C SER C 138 15.06 12.60 66.39
N GLU C 139 14.56 11.38 66.21
CA GLU C 139 13.47 11.11 65.29
C GLU C 139 12.17 10.75 65.99
N PHE C 140 12.12 10.87 67.32
CA PHE C 140 10.90 10.53 68.04
C PHE C 140 9.80 11.56 67.82
N ARG C 141 10.16 12.81 67.56
CA ARG C 141 9.15 13.80 67.20
C ARG C 141 8.60 13.56 65.80
N VAL C 142 9.35 12.85 64.96
CA VAL C 142 8.88 12.51 63.63
C VAL C 142 7.77 11.47 63.69
N TYR C 143 7.93 10.47 64.56
CA TYR C 143 7.15 9.24 64.53
C TYR C 143 7.30 8.51 65.84
N SER C 144 6.50 7.44 66.01
CA SER C 144 6.51 6.67 67.25
C SER C 144 7.01 5.24 67.09
N SER C 145 6.44 4.44 66.19
CA SER C 145 6.76 3.02 66.13
C SER C 145 7.08 2.59 64.71
N ALA C 146 8.19 1.87 64.56
CA ALA C 146 8.66 1.38 63.26
C ALA C 146 8.98 -0.10 63.37
N ASN C 147 8.47 -0.88 62.42
CA ASN C 147 8.73 -2.32 62.37
C ASN C 147 8.24 -2.83 61.02
N ASN C 148 8.65 -4.07 60.70
CA ASN C 148 8.14 -4.80 59.54
C ASN C 148 8.37 -4.02 58.23
N CYS C 149 9.63 -3.74 57.93
CA CYS C 149 9.94 -2.93 56.76
C CYS C 149 11.09 -3.53 55.97
N THR C 150 11.23 -3.05 54.72
CA THR C 150 11.94 -3.79 53.70
C THR C 150 13.14 -3.07 53.08
N PHE C 151 13.23 -1.74 53.16
CA PHE C 151 14.24 -1.05 52.35
C PHE C 151 14.93 0.01 53.18
N GLU C 152 16.26 -0.08 53.22
CA GLU C 152 17.14 0.95 53.78
C GLU C 152 18.21 1.28 52.75
N TYR C 153 18.54 2.56 52.63
CA TYR C 153 19.52 3.03 51.65
C TYR C 153 20.38 4.11 52.29
N VAL C 154 21.69 4.04 52.07
CA VAL C 154 22.64 4.99 52.61
C VAL C 154 23.58 5.43 51.50
N SER C 155 23.82 6.73 51.38
CA SER C 155 24.73 7.27 50.38
C SER C 155 25.12 8.69 50.78
N GLN C 156 25.87 9.34 49.89
CA GLN C 156 26.33 10.70 50.13
C GLN C 156 25.15 11.66 50.15
N PRO C 157 25.25 12.76 50.90
CA PRO C 157 24.15 13.73 50.94
C PRO C 157 24.03 14.48 49.62
N PHE C 158 22.82 14.98 49.37
CA PHE C 158 22.51 15.71 48.15
C PHE C 158 22.27 17.19 48.40
N LEU C 159 22.58 17.70 49.60
CA LEU C 159 22.26 19.07 49.99
C LEU C 159 23.46 19.63 50.74
N MET C 160 24.35 20.29 50.01
CA MET C 160 25.48 21.00 50.59
C MET C 160 25.19 22.50 50.62
N ASP C 161 26.17 23.26 51.10
CA ASP C 161 26.10 24.72 51.08
C ASP C 161 26.89 25.26 49.89
N LYS C 170 21.33 32.50 49.59
CA LYS C 170 22.40 32.81 48.66
C LYS C 170 22.46 31.79 47.53
N ASN C 171 22.35 30.51 47.88
CA ASN C 171 22.39 29.42 46.92
C ASN C 171 21.07 28.67 46.95
N LEU C 172 20.37 28.67 45.83
CA LEU C 172 19.13 27.90 45.69
C LEU C 172 19.47 26.42 45.57
N ARG C 173 18.71 25.59 46.28
CA ARG C 173 18.74 24.15 46.12
C ARG C 173 17.40 23.71 45.57
N GLU C 174 17.43 22.98 44.45
CA GLU C 174 16.22 22.58 43.73
C GLU C 174 16.19 21.06 43.62
N PHE C 175 15.01 20.49 43.89
CA PHE C 175 14.79 19.05 43.83
C PHE C 175 13.48 18.77 43.11
N VAL C 176 13.41 17.60 42.49
CA VAL C 176 12.20 17.09 41.87
C VAL C 176 12.02 15.64 42.29
N PHE C 177 10.82 15.32 42.79
CA PHE C 177 10.47 13.96 43.18
C PHE C 177 9.27 13.49 42.37
N LYS C 178 9.40 12.32 41.76
CA LYS C 178 8.28 11.64 41.14
C LYS C 178 8.33 10.16 41.48
N ASN C 179 7.13 9.56 41.54
CA ASN C 179 6.95 8.14 41.85
C ASN C 179 6.23 7.51 40.67
N ILE C 180 6.99 6.93 39.75
CA ILE C 180 6.44 6.41 38.50
C ILE C 180 6.79 4.93 38.38
N ASP C 181 5.79 4.12 38.06
CA ASP C 181 5.88 2.67 37.84
C ASP C 181 6.86 1.98 38.78
N GLY C 182 6.71 2.25 40.08
CA GLY C 182 7.46 1.56 41.11
C GLY C 182 8.83 2.12 41.41
N TYR C 183 9.21 3.22 40.79
CA TYR C 183 10.50 3.86 40.99
C TYR C 183 10.29 5.25 41.55
N PHE C 184 11.13 5.62 42.52
CA PHE C 184 11.07 6.93 43.18
C PHE C 184 12.29 7.72 42.75
N LYS C 185 12.14 8.53 41.71
CA LYS C 185 13.25 9.29 41.18
C LYS C 185 13.50 10.54 42.02
N ILE C 186 14.76 10.98 42.07
CA ILE C 186 15.12 12.24 42.72
C ILE C 186 16.07 12.99 41.80
N TYR C 187 15.74 14.25 41.52
CA TYR C 187 16.60 15.13 40.74
C TYR C 187 16.98 16.31 41.61
N SER C 188 18.23 16.77 41.51
CA SER C 188 18.70 17.83 42.39
C SER C 188 19.72 18.71 41.68
N LYS C 189 19.84 19.94 42.18
CA LYS C 189 20.82 20.88 41.64
C LYS C 189 20.99 22.04 42.62
N HIS C 190 22.19 22.63 42.60
CA HIS C 190 22.52 23.81 43.40
C HIS C 190 22.91 24.95 42.47
N THR C 191 22.46 26.17 42.79
CA THR C 191 22.77 27.32 41.95
C THR C 191 22.88 28.59 42.77
N PRO C 192 24.02 29.27 42.76
CA PRO C 192 24.13 30.55 43.47
C PRO C 192 23.33 31.64 42.76
N ILE C 193 22.80 32.57 43.56
CA ILE C 193 22.02 33.70 43.06
C ILE C 193 22.42 34.95 43.85
N ASN C 194 22.02 36.10 43.33
CA ASN C 194 22.23 37.37 43.99
C ASN C 194 20.99 37.71 44.83
N LEU C 195 20.93 38.94 45.33
CA LEU C 195 19.83 39.37 46.21
C LEU C 195 18.72 39.98 45.37
N GLU C 196 17.89 39.11 44.81
CA GLU C 196 16.71 39.51 44.04
C GLU C 196 15.59 38.55 44.41
N ARG C 197 14.54 38.52 43.59
CA ARG C 197 13.52 37.49 43.71
C ARG C 197 14.17 36.12 43.69
N ASP C 198 13.78 35.27 44.65
CA ASP C 198 14.49 34.01 44.86
C ASP C 198 14.46 33.11 43.63
N LEU C 199 13.37 33.13 42.88
CA LEU C 199 13.31 32.39 41.63
C LEU C 199 13.77 33.29 40.49
N PRO C 200 15.02 33.17 40.03
CA PRO C 200 15.54 34.11 39.05
C PRO C 200 15.26 33.70 37.62
N GLN C 201 15.77 34.48 36.67
CA GLN C 201 15.68 34.11 35.26
C GLN C 201 16.79 33.12 34.92
N GLY C 202 16.90 32.80 33.64
CA GLY C 202 17.91 31.86 33.19
C GLY C 202 17.48 30.42 33.39
N PHE C 203 18.36 29.51 33.00
CA PHE C 203 18.09 28.08 33.04
C PHE C 203 19.21 27.36 33.79
N SER C 204 18.83 26.32 34.52
CA SER C 204 19.79 25.48 35.23
C SER C 204 19.20 24.07 35.27
N ALA C 205 19.62 23.21 34.35
CA ALA C 205 19.07 21.88 34.26
C ALA C 205 19.39 21.07 35.51
N LEU C 206 18.38 20.40 36.05
CA LEU C 206 18.57 19.60 37.26
C LEU C 206 19.12 18.23 36.88
N GLU C 207 20.03 17.71 37.72
CA GLU C 207 20.69 16.46 37.41
C GLU C 207 20.13 15.33 38.25
N PRO C 208 20.00 14.13 37.70
CA PRO C 208 19.53 12.99 38.49
C PRO C 208 20.59 12.51 39.46
N LEU C 209 20.16 12.21 40.67
CA LEU C 209 21.15 11.83 41.68
C LEU C 209 20.81 10.54 42.41
N VAL C 210 19.52 10.22 42.57
CA VAL C 210 19.11 9.00 43.26
C VAL C 210 17.93 8.37 42.53
N ASP C 211 18.00 7.05 42.35
CA ASP C 211 16.88 6.25 41.89
C ASP C 211 16.55 5.22 42.97
N LEU C 212 15.26 4.94 43.13
CA LEU C 212 14.80 4.09 44.23
C LEU C 212 13.73 3.12 43.77
N PRO C 213 14.00 1.81 43.81
CA PRO C 213 12.96 0.80 43.53
C PRO C 213 12.10 0.52 44.76
N ILE C 214 11.11 1.37 44.99
CA ILE C 214 10.29 1.31 46.19
C ILE C 214 9.03 0.51 45.90
N GLY C 215 8.22 0.98 44.95
CA GLY C 215 6.98 0.30 44.59
C GLY C 215 5.88 0.40 45.62
N ILE C 216 5.65 1.59 46.16
CA ILE C 216 4.53 1.85 47.06
C ILE C 216 3.70 2.99 46.46
N ASN C 217 2.54 3.23 47.07
CA ASN C 217 1.64 4.28 46.65
C ASN C 217 1.78 5.50 47.56
N ILE C 218 1.94 6.67 46.94
CA ILE C 218 2.13 7.92 47.67
C ILE C 218 1.14 8.94 47.11
N THR C 219 0.31 9.50 47.99
CA THR C 219 -0.62 10.56 47.61
C THR C 219 -0.57 11.74 48.58
N ARG C 220 0.40 11.76 49.50
CA ARG C 220 0.41 12.80 50.53
C ARG C 220 1.81 12.84 51.15
N PHE C 221 2.39 14.03 51.19
CA PHE C 221 3.76 14.20 51.65
C PHE C 221 3.84 15.39 52.60
N GLN C 222 4.93 15.43 53.37
CA GLN C 222 5.20 16.53 54.29
C GLN C 222 6.70 16.78 54.30
N THR C 223 7.08 17.99 54.70
CA THR C 223 8.47 18.39 54.75
C THR C 223 8.95 18.42 56.20
N LEU C 224 10.17 17.95 56.41
CA LEU C 224 10.78 18.00 57.73
C LEU C 224 11.47 19.35 57.95
N LEU C 225 11.59 19.72 59.22
CA LEU C 225 12.21 20.99 59.59
C LEU C 225 13.04 20.78 60.84
N ALA C 226 14.31 21.16 60.78
CA ALA C 226 15.21 20.99 61.92
C ALA C 226 14.93 22.05 62.97
N LEU C 227 14.78 21.62 64.21
CA LEU C 227 14.52 22.51 65.33
C LEU C 227 15.59 22.31 66.38
N HIS C 228 16.20 23.41 66.82
CA HIS C 228 17.25 23.37 67.83
C HIS C 228 16.62 23.58 69.21
N ARG C 229 16.98 22.71 70.15
CA ARG C 229 16.47 22.83 71.51
C ARG C 229 16.89 24.15 72.12
N SER C 230 15.94 24.85 72.75
CA SER C 230 16.23 26.14 73.34
C SER C 230 17.24 26.02 74.48
N TYR C 231 17.10 24.97 75.30
CA TYR C 231 17.98 24.75 76.46
C TYR C 231 17.97 25.95 77.40
N LEU C 232 16.79 26.55 77.58
CA LEU C 232 16.65 27.70 78.45
C LEU C 232 15.27 27.71 79.12
N SER C 239 8.40 26.64 75.66
CA SER C 239 9.44 27.13 74.79
C SER C 239 10.68 26.24 74.86
N GLY C 240 10.48 24.95 74.64
CA GLY C 240 11.57 24.00 74.64
C GLY C 240 12.38 23.93 73.37
N TRP C 241 11.99 24.69 72.35
CA TRP C 241 12.69 24.71 71.07
C TRP C 241 12.92 26.16 70.65
N THR C 242 14.04 26.38 69.98
CA THR C 242 14.37 27.72 69.51
C THR C 242 13.43 28.16 68.41
N ALA C 243 13.01 29.43 68.46
CA ALA C 243 12.15 29.99 67.44
C ALA C 243 12.90 30.14 66.12
N GLY C 244 12.19 29.95 65.01
CA GLY C 244 12.81 30.07 63.71
C GLY C 244 11.85 30.04 62.55
N ALA C 245 12.24 30.64 61.43
CA ALA C 245 11.41 30.73 60.24
C ALA C 245 12.13 30.13 59.05
N ALA C 246 11.40 29.34 58.26
CA ALA C 246 11.93 28.70 57.07
C ALA C 246 11.03 29.01 55.88
N ALA C 247 11.65 29.31 54.74
CA ALA C 247 10.94 29.64 53.52
C ALA C 247 11.28 28.63 52.43
N TYR C 248 10.25 28.05 51.82
CA TYR C 248 10.46 27.13 50.72
C TYR C 248 9.32 27.29 49.71
N TYR C 249 9.38 26.54 48.63
CA TYR C 249 8.41 26.65 47.55
C TYR C 249 7.95 25.26 47.14
N VAL C 250 6.67 25.16 46.76
CA VAL C 250 6.07 23.87 46.40
C VAL C 250 5.36 24.04 45.06
N GLY C 251 5.91 23.44 44.01
CA GLY C 251 5.23 23.34 42.74
C GLY C 251 4.56 22.00 42.57
N TYR C 252 3.98 21.79 41.39
CA TYR C 252 3.33 20.53 41.07
C TYR C 252 3.49 20.28 39.57
N LEU C 253 4.23 19.24 39.22
CA LEU C 253 4.48 18.94 37.82
C LEU C 253 3.22 18.42 37.14
N GLN C 254 3.18 18.60 35.83
CA GLN C 254 2.08 18.18 34.98
C GLN C 254 2.64 17.53 33.73
N PRO C 255 1.88 16.68 33.07
CA PRO C 255 2.35 16.09 31.80
C PRO C 255 2.42 17.13 30.69
N ARG C 256 3.63 17.50 30.30
CA ARG C 256 3.85 18.54 29.32
C ARG C 256 4.85 18.07 28.27
N THR C 257 4.77 18.68 27.09
CA THR C 257 5.71 18.45 26.01
C THR C 257 6.67 19.62 25.92
N PHE C 258 7.94 19.35 26.17
CA PHE C 258 8.99 20.36 26.11
C PHE C 258 9.87 20.12 24.90
N LEU C 259 10.49 21.18 24.42
CA LEU C 259 11.56 21.08 23.42
C LEU C 259 12.83 21.61 24.08
N LEU C 260 13.78 20.70 24.31
CA LEU C 260 15.02 21.01 25.01
C LEU C 260 16.16 21.17 24.02
N LYS C 261 17.10 22.04 24.36
CA LYS C 261 18.25 22.36 23.53
C LYS C 261 19.49 21.77 24.18
N TYR C 262 20.06 20.75 23.55
CA TYR C 262 21.33 20.19 23.99
C TYR C 262 22.45 20.89 23.23
N ASN C 263 23.33 21.58 23.96
CA ASN C 263 24.43 22.28 23.32
C ASN C 263 25.51 21.27 22.93
N GLU C 264 26.64 21.77 22.46
CA GLU C 264 27.73 20.90 22.02
C GLU C 264 28.41 20.19 23.17
N ASN C 265 28.01 20.48 24.41
CA ASN C 265 28.78 20.14 25.60
C ASN C 265 28.10 19.08 26.46
N GLY C 266 26.88 18.66 26.10
CA GLY C 266 26.11 17.72 26.88
C GLY C 266 25.19 18.34 27.91
N THR C 267 25.12 19.66 27.96
CA THR C 267 24.32 20.38 28.94
C THR C 267 23.07 20.98 28.30
N ILE C 268 21.99 21.03 29.08
CA ILE C 268 20.76 21.66 28.64
C ILE C 268 20.81 23.13 29.02
N THR C 269 20.66 24.01 28.03
CA THR C 269 20.74 25.44 28.25
C THR C 269 19.46 26.19 27.92
N ASP C 270 18.52 25.57 27.23
CA ASP C 270 17.30 26.25 26.82
C ASP C 270 16.20 25.23 26.61
N ALA C 271 14.96 25.69 26.77
CA ALA C 271 13.80 24.84 26.55
C ALA C 271 12.59 25.71 26.28
N VAL C 272 11.65 25.17 25.52
CA VAL C 272 10.39 25.85 25.23
C VAL C 272 9.24 24.93 25.58
N ASP C 273 8.23 25.49 26.26
CA ASP C 273 7.00 24.78 26.60
C ASP C 273 6.04 24.96 25.43
N CYS C 274 5.83 23.89 24.67
CA CYS C 274 5.10 23.98 23.41
C CYS C 274 3.60 24.21 23.60
N ALA C 275 3.08 24.17 24.83
CA ALA C 275 1.67 24.38 25.08
C ALA C 275 1.42 25.58 25.98
N LEU C 276 2.25 26.62 25.85
CA LEU C 276 2.12 27.82 26.68
C LEU C 276 1.42 28.96 25.95
N ASP C 277 1.96 29.38 24.81
CA ASP C 277 1.42 30.48 24.03
C ASP C 277 1.64 30.18 22.56
N PRO C 278 0.90 30.85 21.66
CA PRO C 278 1.04 30.51 20.23
C PRO C 278 2.46 30.65 19.70
N LEU C 279 3.23 31.63 20.17
CA LEU C 279 4.60 31.77 19.70
C LEU C 279 5.43 30.54 20.03
N SER C 280 5.26 30.00 21.25
CA SER C 280 5.93 28.76 21.59
C SER C 280 5.44 27.59 20.75
N GLU C 281 4.16 27.61 20.35
CA GLU C 281 3.65 26.57 19.45
C GLU C 281 4.38 26.61 18.11
N THR C 282 4.55 27.80 17.55
CA THR C 282 5.30 27.91 16.29
C THR C 282 6.76 27.50 16.49
N LYS C 283 7.36 27.90 17.61
CA LYS C 283 8.74 27.51 17.87
C LYS C 283 8.88 26.00 17.93
N CYS C 284 7.95 25.33 18.59
CA CYS C 284 7.99 23.88 18.68
C CYS C 284 7.71 23.23 17.33
N THR C 285 6.85 23.83 16.51
CA THR C 285 6.54 23.25 15.21
C THR C 285 7.73 23.34 14.26
N LEU C 286 8.40 24.49 14.22
CA LEU C 286 9.53 24.66 13.31
C LEU C 286 10.80 24.00 13.83
N LYS C 287 10.81 23.48 15.05
CA LYS C 287 11.99 22.88 15.65
C LYS C 287 13.18 23.84 15.64
N SER C 288 12.90 25.09 16.01
CA SER C 288 13.94 26.11 16.06
C SER C 288 13.59 27.12 17.15
N PHE C 289 14.61 27.81 17.64
CA PHE C 289 14.43 28.82 18.68
C PHE C 289 14.28 30.23 18.14
N THR C 290 14.44 30.42 16.83
CA THR C 290 14.27 31.71 16.20
C THR C 290 13.28 31.56 15.05
N VAL C 291 12.36 32.52 14.94
CA VAL C 291 11.31 32.49 13.93
C VAL C 291 11.46 33.72 13.06
N GLU C 292 11.52 33.50 11.74
CA GLU C 292 11.59 34.61 10.80
C GLU C 292 10.20 35.21 10.59
N LYS C 293 10.18 36.41 10.01
CA LYS C 293 8.91 37.09 9.75
C LYS C 293 8.09 36.33 8.74
N GLY C 294 6.80 36.17 9.02
CA GLY C 294 5.91 35.48 8.12
C GLY C 294 4.71 34.94 8.86
N ILE C 295 3.90 34.17 8.13
CA ILE C 295 2.71 33.52 8.66
C ILE C 295 2.90 32.01 8.56
N TYR C 296 2.71 31.32 9.68
CA TYR C 296 2.94 29.89 9.76
C TYR C 296 1.66 29.20 10.24
N GLN C 297 1.27 28.15 9.53
CA GLN C 297 0.14 27.32 9.97
C GLN C 297 0.65 26.36 11.04
N THR C 298 0.06 26.42 12.23
CA THR C 298 0.65 25.75 13.38
C THR C 298 -0.27 24.76 14.09
N SER C 299 -1.59 24.83 13.89
CA SER C 299 -2.45 23.89 14.61
C SER C 299 -3.78 23.76 13.87
N ASN C 300 -4.67 22.94 14.44
CA ASN C 300 -6.03 22.80 13.95
C ASN C 300 -7.00 23.02 15.11
N PHE C 301 -7.99 23.87 14.88
CA PHE C 301 -9.03 24.15 15.86
C PHE C 301 -10.28 23.36 15.52
N ARG C 302 -10.88 22.75 16.54
CA ARG C 302 -12.04 21.90 16.36
C ARG C 302 -13.01 22.11 17.51
N VAL C 303 -14.30 22.18 17.19
CA VAL C 303 -15.33 22.37 18.19
C VAL C 303 -15.63 21.02 18.84
N GLN C 304 -15.42 20.93 20.15
CA GLN C 304 -15.62 19.67 20.87
C GLN C 304 -17.11 19.40 21.06
N PRO C 305 -17.55 18.16 20.89
CA PRO C 305 -18.95 17.84 21.18
C PRO C 305 -19.27 18.00 22.65
N THR C 306 -20.53 18.36 22.92
CA THR C 306 -20.97 18.68 24.28
C THR C 306 -21.73 17.53 24.94
N GLU C 307 -22.76 17.00 24.29
CA GLU C 307 -23.57 15.93 24.87
C GLU C 307 -23.64 14.77 23.90
N SER C 308 -23.90 13.59 24.45
CA SER C 308 -24.05 12.36 23.68
C SER C 308 -25.53 11.98 23.61
N ILE C 309 -25.99 11.66 22.41
CA ILE C 309 -27.40 11.36 22.16
C ILE C 309 -27.49 10.02 21.45
N VAL C 310 -28.34 9.13 21.97
CA VAL C 310 -28.65 7.87 21.31
C VAL C 310 -30.16 7.76 21.17
N ARG C 311 -30.63 7.49 19.95
CA ARG C 311 -32.05 7.37 19.66
C ARG C 311 -32.34 6.01 19.03
N PHE C 312 -33.39 5.34 19.51
CA PHE C 312 -33.76 4.01 18.94
C PHE C 312 -35.28 3.96 18.76
N PRO C 313 -35.83 2.96 18.03
CA PRO C 313 -37.27 2.89 17.77
C PRO C 313 -38.08 2.72 19.06
N ASN C 314 -39.38 3.06 19.02
CA ASN C 314 -40.26 2.93 20.21
C ASN C 314 -40.10 1.52 20.79
N ILE C 315 -39.97 1.42 22.11
CA ILE C 315 -39.79 0.11 22.79
C ILE C 315 -41.18 -0.52 23.00
N THR C 316 -41.45 -1.65 22.33
CA THR C 316 -42.76 -2.33 22.44
C THR C 316 -42.60 -3.82 22.13
N ASN C 317 -43.73 -4.53 22.00
CA ASN C 317 -43.68 -5.99 21.68
C ASN C 317 -42.68 -6.68 22.60
N LEU C 318 -42.56 -6.21 23.85
CA LEU C 318 -41.69 -6.91 24.79
C LEU C 318 -41.99 -8.40 24.84
N CYS C 319 -40.97 -9.18 25.21
CA CYS C 319 -41.17 -10.62 25.34
C CYS C 319 -42.13 -10.91 26.48
N PRO C 320 -43.04 -11.89 26.32
CA PRO C 320 -44.06 -12.15 27.35
C PRO C 320 -43.50 -12.86 28.59
N PHE C 321 -42.60 -12.18 29.28
CA PHE C 321 -42.08 -12.72 30.54
C PHE C 321 -43.15 -12.76 31.61
N HIS C 322 -44.10 -11.81 31.58
CA HIS C 322 -45.19 -11.81 32.55
C HIS C 322 -46.13 -13.00 32.38
N GLU C 323 -46.07 -13.68 31.23
CA GLU C 323 -46.89 -14.86 31.01
C GLU C 323 -46.17 -16.16 31.37
N VAL C 324 -44.93 -16.08 31.86
CA VAL C 324 -44.16 -17.25 32.27
C VAL C 324 -44.00 -17.30 33.78
N PHE C 325 -43.37 -16.29 34.38
CA PHE C 325 -43.20 -16.26 35.82
C PHE C 325 -44.54 -16.05 36.52
N ASN C 326 -45.42 -15.23 35.94
CA ASN C 326 -46.73 -14.92 36.51
C ASN C 326 -47.77 -15.77 35.79
N ALA C 327 -47.97 -16.99 36.28
CA ALA C 327 -48.91 -17.93 35.69
C ALA C 327 -49.85 -18.45 36.76
N THR C 328 -51.13 -18.60 36.41
CA THR C 328 -52.11 -19.09 37.37
C THR C 328 -51.79 -20.52 37.81
N THR C 329 -51.44 -21.38 36.87
CA THR C 329 -51.12 -22.77 37.16
C THR C 329 -49.80 -23.13 36.48
N PHE C 330 -48.91 -23.79 37.22
CA PHE C 330 -47.64 -24.24 36.67
C PHE C 330 -47.76 -25.69 36.22
N ALA C 331 -46.64 -26.25 35.77
CA ALA C 331 -46.59 -27.62 35.28
C ALA C 331 -45.67 -28.46 36.15
N SER C 332 -45.91 -29.77 36.14
CA SER C 332 -45.07 -30.68 36.88
C SER C 332 -43.66 -30.72 36.29
N VAL C 333 -42.71 -31.18 37.11
CA VAL C 333 -41.31 -31.15 36.68
C VAL C 333 -41.06 -32.13 35.55
N TYR C 334 -41.70 -33.32 35.60
CA TYR C 334 -41.51 -34.29 34.53
C TYR C 334 -42.04 -33.76 33.21
N ALA C 335 -43.21 -33.13 33.22
CA ALA C 335 -43.73 -32.43 32.05
C ALA C 335 -43.47 -30.92 32.18
N TRP C 336 -42.18 -30.58 32.22
CA TRP C 336 -41.78 -29.19 32.37
C TRP C 336 -42.18 -28.38 31.15
N ASN C 337 -42.76 -27.21 31.37
CA ASN C 337 -43.29 -26.41 30.27
C ASN C 337 -42.18 -25.62 29.60
N ARG C 338 -42.01 -25.82 28.30
CA ARG C 338 -40.99 -25.14 27.52
C ARG C 338 -41.65 -24.13 26.59
N LYS C 339 -41.20 -22.88 26.66
CA LYS C 339 -41.69 -21.81 25.81
C LYS C 339 -40.54 -21.22 25.02
N ARG C 340 -40.74 -21.09 23.71
CA ARG C 340 -39.74 -20.49 22.84
C ARG C 340 -39.96 -18.98 22.76
N ILE C 341 -38.89 -18.23 22.92
CA ILE C 341 -38.93 -16.77 22.93
C ILE C 341 -38.07 -16.26 21.79
N SER C 342 -38.69 -15.50 20.89
CA SER C 342 -38.04 -14.95 19.72
C SER C 342 -38.85 -13.76 19.23
N ASN C 343 -38.25 -12.98 18.33
CA ASN C 343 -38.85 -11.79 17.72
C ASN C 343 -39.58 -10.93 18.74
N CYS C 344 -38.89 -10.63 19.83
CA CYS C 344 -39.42 -9.76 20.87
C CYS C 344 -38.27 -9.16 21.65
N VAL C 345 -38.57 -8.12 22.41
CA VAL C 345 -37.59 -7.45 23.26
C VAL C 345 -37.63 -8.09 24.64
N ALA C 346 -36.49 -8.63 25.07
CA ALA C 346 -36.41 -9.32 26.36
C ALA C 346 -36.04 -8.30 27.43
N ASP C 347 -37.02 -7.91 28.24
CA ASP C 347 -36.81 -6.97 29.35
C ASP C 347 -36.67 -7.77 30.63
N TYR C 348 -35.44 -7.98 31.07
CA TYR C 348 -35.18 -8.72 32.28
C TYR C 348 -35.46 -7.92 33.55
N SER C 349 -35.75 -6.63 33.42
CA SER C 349 -36.04 -5.80 34.59
C SER C 349 -37.28 -6.29 35.33
N VAL C 350 -38.33 -6.65 34.59
CA VAL C 350 -39.53 -7.18 35.23
C VAL C 350 -39.24 -8.55 35.84
N ILE C 351 -38.32 -9.32 35.25
CA ILE C 351 -37.94 -10.60 35.84
C ILE C 351 -37.25 -10.37 37.18
N TYR C 352 -36.34 -9.41 37.24
CA TYR C 352 -35.62 -9.13 38.47
C TYR C 352 -36.55 -8.68 39.58
N ASN C 353 -37.54 -7.83 39.25
CA ASN C 353 -38.42 -7.22 40.23
C ASN C 353 -39.73 -7.98 40.41
N PHE C 354 -39.85 -9.18 39.85
CA PHE C 354 -41.10 -9.92 39.97
C PHE C 354 -41.40 -10.28 41.43
N ALA C 355 -40.43 -10.88 42.12
CA ALA C 355 -40.61 -11.33 43.49
C ALA C 355 -39.23 -11.73 44.04
N PRO C 356 -39.08 -11.77 45.36
CA PRO C 356 -37.84 -12.32 45.93
C PRO C 356 -37.65 -13.76 45.49
N PHE C 357 -36.41 -14.09 45.15
CA PHE C 357 -36.08 -15.38 44.56
C PHE C 357 -35.10 -16.13 45.45
N PHE C 358 -35.39 -17.40 45.71
CA PHE C 358 -34.46 -18.23 46.47
C PHE C 358 -33.15 -18.39 45.74
N ALA C 359 -33.20 -18.58 44.42
CA ALA C 359 -31.99 -18.76 43.63
C ALA C 359 -32.10 -17.96 42.34
N PHE C 360 -31.02 -17.27 41.99
CA PHE C 360 -30.91 -16.55 40.72
C PHE C 360 -29.55 -16.83 40.08
N LYS C 361 -29.23 -18.12 39.96
CA LYS C 361 -27.87 -18.54 39.60
C LYS C 361 -27.72 -18.60 38.08
N CYS C 362 -26.73 -17.87 37.56
CA CYS C 362 -26.48 -17.79 36.14
C CYS C 362 -25.18 -18.50 35.80
N TYR C 363 -25.24 -19.42 34.83
CA TYR C 363 -24.09 -20.19 34.39
C TYR C 363 -23.75 -19.80 32.97
N GLY C 364 -22.52 -19.33 32.75
CA GLY C 364 -22.02 -19.00 31.44
C GLY C 364 -22.22 -17.56 31.02
N VAL C 365 -23.13 -16.84 31.67
CA VAL C 365 -23.40 -15.44 31.35
C VAL C 365 -23.64 -14.67 32.64
N SER C 366 -23.08 -13.47 32.71
CA SER C 366 -23.32 -12.63 33.89
C SER C 366 -24.73 -12.05 33.82
N PRO C 367 -25.42 -11.93 34.96
CA PRO C 367 -26.77 -11.36 34.94
C PRO C 367 -26.82 -9.93 34.43
N THR C 368 -25.79 -9.13 34.71
CA THR C 368 -25.82 -7.72 34.32
C THR C 368 -25.77 -7.55 32.80
N LYS C 369 -24.92 -8.32 32.13
CA LYS C 369 -24.74 -8.17 30.69
C LYS C 369 -25.94 -8.64 29.88
N LEU C 370 -26.86 -9.38 30.50
CA LEU C 370 -28.01 -9.93 29.76
C LEU C 370 -28.79 -8.83 29.07
N ASN C 371 -28.93 -7.67 29.71
CA ASN C 371 -29.63 -6.55 29.10
C ASN C 371 -28.92 -6.08 27.84
N ASP C 372 -27.59 -5.99 27.88
CA ASP C 372 -26.82 -5.51 26.74
C ASP C 372 -26.40 -6.62 25.79
N LEU C 373 -26.75 -7.87 26.08
CA LEU C 373 -26.45 -9.00 25.21
C LEU C 373 -27.72 -9.40 24.49
N CYS C 374 -27.66 -9.44 23.15
CA CYS C 374 -28.78 -9.83 22.32
C CYS C 374 -28.56 -11.26 21.83
N PHE C 375 -29.54 -12.13 22.09
CA PHE C 375 -29.45 -13.54 21.78
C PHE C 375 -30.30 -13.87 20.56
N THR C 376 -30.09 -15.08 20.03
CA THR C 376 -30.87 -15.54 18.88
C THR C 376 -32.21 -16.12 19.34
N ASN C 377 -32.18 -17.09 20.25
CA ASN C 377 -33.39 -17.70 20.76
C ASN C 377 -33.29 -17.89 22.27
N VAL C 378 -34.44 -17.80 22.95
CA VAL C 378 -34.52 -18.00 24.38
C VAL C 378 -35.48 -19.14 24.64
N TYR C 379 -35.20 -19.94 25.67
CA TYR C 379 -36.08 -21.03 26.08
C TYR C 379 -36.40 -20.86 27.55
N ALA C 380 -37.68 -20.77 27.88
CA ALA C 380 -38.15 -20.63 29.25
C ALA C 380 -38.77 -21.96 29.67
N ASP C 381 -38.11 -22.65 30.61
CA ASP C 381 -38.57 -23.93 31.12
C ASP C 381 -39.10 -23.71 32.54
N SER C 382 -40.41 -23.85 32.71
CA SER C 382 -41.06 -23.62 33.98
C SER C 382 -41.52 -24.95 34.58
N PHE C 383 -41.27 -25.11 35.88
CA PHE C 383 -41.74 -26.29 36.60
C PHE C 383 -41.79 -25.96 38.08
N VAL C 384 -42.25 -26.94 38.87
CA VAL C 384 -42.37 -26.79 40.33
C VAL C 384 -41.69 -27.99 40.98
N ILE C 385 -40.78 -27.71 41.91
CA ILE C 385 -40.04 -28.76 42.62
C ILE C 385 -39.95 -28.38 44.09
N ARG C 386 -39.62 -29.37 44.91
CA ARG C 386 -39.40 -29.09 46.32
C ARG C 386 -38.10 -28.30 46.51
N GLY C 387 -38.02 -27.62 47.66
CA GLY C 387 -36.86 -26.76 47.91
C GLY C 387 -35.56 -27.52 47.96
N ASN C 388 -35.57 -28.77 48.46
CA ASN C 388 -34.34 -29.54 48.57
C ASN C 388 -33.76 -29.88 47.21
N GLU C 389 -34.61 -30.01 46.19
CA GLU C 389 -34.15 -30.39 44.84
C GLU C 389 -33.87 -29.19 43.96
N VAL C 390 -33.93 -27.98 44.49
CA VAL C 390 -33.61 -26.79 43.70
C VAL C 390 -32.16 -26.82 43.27
N SER C 391 -31.26 -27.19 44.18
CA SER C 391 -29.83 -27.23 43.86
C SER C 391 -29.51 -28.28 42.80
N GLN C 392 -30.38 -29.26 42.60
CA GLN C 392 -30.15 -30.27 41.58
C GLN C 392 -30.25 -29.72 40.17
N ILE C 393 -30.89 -28.56 39.99
CA ILE C 393 -31.06 -27.97 38.65
C ILE C 393 -29.83 -27.12 38.40
N ALA C 394 -28.77 -27.77 37.92
CA ALA C 394 -27.51 -27.12 37.60
C ALA C 394 -26.62 -28.10 36.82
N PRO C 395 -25.74 -27.60 35.96
CA PRO C 395 -24.83 -28.50 35.23
C PRO C 395 -23.95 -29.28 36.19
N GLY C 396 -23.71 -30.55 35.85
CA GLY C 396 -22.87 -31.39 36.67
C GLY C 396 -23.48 -31.84 37.97
N GLN C 397 -24.80 -31.80 38.08
CA GLN C 397 -25.50 -32.21 39.30
C GLN C 397 -26.20 -33.54 39.08
N THR C 398 -26.39 -34.27 40.17
CA THR C 398 -27.01 -35.58 40.15
C THR C 398 -28.18 -35.63 41.13
N GLY C 399 -29.15 -36.46 40.82
CA GLY C 399 -30.33 -36.59 41.65
C GLY C 399 -31.49 -37.14 40.84
N ASN C 400 -32.60 -37.33 41.54
CA ASN C 400 -33.81 -37.85 40.88
C ASN C 400 -34.30 -36.87 39.82
N ILE C 401 -34.40 -35.59 40.16
CA ILE C 401 -34.88 -34.59 39.23
C ILE C 401 -33.91 -34.45 38.05
N ALA C 402 -32.61 -34.38 38.34
CA ALA C 402 -31.62 -34.20 37.28
C ALA C 402 -31.59 -35.40 36.34
N ASP C 403 -31.63 -36.62 36.89
CA ASP C 403 -31.50 -37.82 36.07
C ASP C 403 -32.77 -38.15 35.31
N TYR C 404 -33.94 -37.97 35.93
CA TYR C 404 -35.18 -38.48 35.37
C TYR C 404 -36.22 -37.43 35.03
N ASN C 405 -36.07 -36.19 35.50
CA ASN C 405 -37.07 -35.16 35.27
C ASN C 405 -36.56 -34.04 34.37
N TYR C 406 -35.44 -33.41 34.72
CA TYR C 406 -34.92 -32.29 33.94
C TYR C 406 -33.40 -32.28 34.06
N LYS C 407 -32.71 -32.44 32.94
CA LYS C 407 -31.26 -32.48 32.89
C LYS C 407 -30.73 -31.27 32.13
N LEU C 408 -29.67 -30.66 32.66
CA LEU C 408 -29.04 -29.52 32.01
C LEU C 408 -27.65 -29.89 31.49
N PRO C 409 -27.27 -29.37 30.33
CA PRO C 409 -25.93 -29.68 29.79
C PRO C 409 -24.83 -29.06 30.62
N ASP C 410 -23.64 -29.65 30.51
CA ASP C 410 -22.48 -29.13 31.23
C ASP C 410 -22.12 -27.73 30.77
N ASP C 411 -22.21 -27.48 29.45
CA ASP C 411 -21.91 -26.17 28.88
C ASP C 411 -23.15 -25.28 28.77
N PHE C 412 -24.13 -25.47 29.66
CA PHE C 412 -25.35 -24.69 29.61
C PHE C 412 -25.07 -23.21 29.81
N THR C 413 -25.64 -22.38 28.93
CA THR C 413 -25.51 -20.93 29.02
C THR C 413 -26.89 -20.37 29.31
N GLY C 414 -27.06 -19.82 30.51
CA GLY C 414 -28.36 -19.29 30.91
C GLY C 414 -28.41 -19.03 32.40
N CYS C 415 -29.64 -19.09 32.94
CA CYS C 415 -29.86 -18.83 34.36
C CYS C 415 -30.99 -19.72 34.87
N VAL C 416 -30.98 -19.92 36.19
CA VAL C 416 -32.03 -20.63 36.90
C VAL C 416 -32.53 -19.73 38.02
N ILE C 417 -33.86 -19.53 38.06
CA ILE C 417 -34.50 -18.67 39.04
C ILE C 417 -35.56 -19.48 39.77
N ALA C 418 -35.42 -19.58 41.09
CA ALA C 418 -36.32 -20.36 41.93
C ALA C 418 -36.86 -19.50 43.06
N TRP C 419 -38.18 -19.53 43.23
CA TRP C 419 -38.83 -18.74 44.27
C TRP C 419 -39.94 -19.55 44.93
N ASN C 420 -40.22 -19.21 46.19
CA ASN C 420 -41.22 -19.92 46.97
C ASN C 420 -42.63 -19.69 46.41
N SER C 421 -43.46 -20.73 46.48
CA SER C 421 -44.84 -20.67 45.99
C SER C 421 -45.77 -21.39 46.97
N ASN C 422 -45.61 -21.12 48.26
CA ASN C 422 -46.44 -21.79 49.26
C ASN C 422 -47.91 -21.41 49.11
N LYS C 423 -48.20 -20.13 48.86
CA LYS C 423 -49.59 -19.70 48.76
C LYS C 423 -50.29 -20.33 47.57
N LEU C 424 -49.58 -20.53 46.46
CA LEU C 424 -50.19 -21.02 45.24
C LEU C 424 -50.18 -22.54 45.14
N ASP C 425 -49.09 -23.19 45.56
CA ASP C 425 -48.90 -24.62 45.30
C ASP C 425 -49.05 -25.49 46.54
N SER C 426 -49.58 -24.96 47.64
CA SER C 426 -49.80 -25.73 48.85
C SER C 426 -51.26 -25.64 49.26
N LYS C 427 -51.82 -26.78 49.66
CA LYS C 427 -53.18 -26.86 50.17
C LYS C 427 -53.18 -27.64 51.48
N PRO C 428 -54.00 -27.24 52.44
CA PRO C 428 -54.09 -28.01 53.69
C PRO C 428 -54.53 -29.45 53.47
N SER C 429 -55.40 -29.69 52.47
CA SER C 429 -55.76 -31.06 52.12
C SER C 429 -54.59 -31.77 51.45
N GLY C 430 -53.82 -31.05 50.65
CA GLY C 430 -52.71 -31.65 49.93
C GLY C 430 -52.84 -31.51 48.43
N ASN C 431 -51.90 -30.80 47.81
CA ASN C 431 -51.91 -30.57 46.37
C ASN C 431 -51.23 -31.74 45.67
N TYR C 432 -52.01 -32.57 44.97
CA TYR C 432 -51.49 -33.73 44.28
C TYR C 432 -51.33 -33.48 42.77
N ASN C 433 -51.49 -32.25 42.32
CA ASN C 433 -51.38 -31.92 40.90
C ASN C 433 -49.94 -31.91 40.40
N TYR C 434 -48.96 -31.94 41.29
CA TYR C 434 -47.56 -31.89 40.90
C TYR C 434 -46.94 -33.28 41.02
N LEU C 435 -46.31 -33.73 39.94
CA LEU C 435 -45.75 -35.08 39.86
C LEU C 435 -44.31 -35.02 39.42
N TYR C 436 -43.53 -36.03 39.82
CA TYR C 436 -42.13 -36.13 39.45
C TYR C 436 -41.83 -37.58 39.07
N ARG C 437 -40.90 -37.73 38.12
CA ARG C 437 -40.49 -39.05 37.66
C ARG C 437 -39.46 -39.61 38.62
N LEU C 438 -39.81 -40.67 39.34
CA LEU C 438 -38.92 -41.27 40.32
C LEU C 438 -38.12 -42.43 39.74
N PHE C 439 -38.74 -43.25 38.88
CA PHE C 439 -38.10 -44.42 38.30
C PHE C 439 -38.03 -44.26 36.78
N ARG C 440 -36.85 -44.46 36.22
CA ARG C 440 -36.66 -44.42 34.78
C ARG C 440 -35.54 -45.38 34.41
N LYS C 441 -35.65 -45.96 33.22
CA LYS C 441 -34.67 -46.95 32.77
C LYS C 441 -33.29 -46.31 32.58
N SER C 442 -33.25 -45.10 32.01
CA SER C 442 -31.99 -44.43 31.74
C SER C 442 -32.10 -42.96 32.14
N LYS C 443 -30.95 -42.34 32.40
CA LYS C 443 -30.91 -40.94 32.75
C LYS C 443 -31.34 -40.08 31.56
N LEU C 444 -32.06 -39.00 31.86
CA LEU C 444 -32.53 -38.11 30.81
C LEU C 444 -31.37 -37.32 30.22
N LYS C 445 -31.39 -37.18 28.89
CA LYS C 445 -30.42 -36.33 28.21
C LYS C 445 -30.73 -34.86 28.51
N PRO C 446 -29.75 -33.98 28.36
CA PRO C 446 -30.02 -32.55 28.55
C PRO C 446 -31.10 -32.06 27.59
N PHE C 447 -31.98 -31.20 28.11
CA PHE C 447 -33.09 -30.64 27.35
C PHE C 447 -33.96 -31.73 26.73
N GLU C 448 -34.22 -32.78 27.51
CA GLU C 448 -35.06 -33.88 27.08
C GLU C 448 -36.19 -34.09 28.10
N ARG C 449 -37.36 -34.46 27.61
CA ARG C 449 -38.53 -34.70 28.45
C ARG C 449 -39.08 -36.09 28.19
N ASP C 450 -39.65 -36.69 29.23
CA ASP C 450 -40.29 -37.99 29.13
C ASP C 450 -41.71 -37.89 29.68
N ILE C 451 -42.69 -38.29 28.88
CA ILE C 451 -44.09 -38.23 29.27
C ILE C 451 -44.74 -39.60 29.33
N SER C 452 -43.98 -40.68 29.13
CA SER C 452 -44.55 -42.01 29.16
C SER C 452 -44.96 -42.39 30.59
N THR C 453 -46.11 -43.05 30.70
CA THR C 453 -46.62 -43.53 31.98
C THR C 453 -46.46 -45.04 32.12
N GLU C 454 -45.58 -45.65 31.34
CA GLU C 454 -45.39 -47.09 31.41
C GLU C 454 -44.82 -47.48 32.76
N ILE C 455 -45.34 -48.59 33.31
CA ILE C 455 -44.89 -49.04 34.62
C ILE C 455 -43.43 -49.45 34.56
N TYR C 456 -42.64 -48.99 35.53
CA TYR C 456 -41.23 -49.31 35.58
C TYR C 456 -41.04 -50.79 35.89
N GLN C 457 -40.20 -51.46 35.10
CA GLN C 457 -39.95 -52.89 35.24
C GLN C 457 -38.61 -53.08 35.96
N ALA C 458 -38.67 -53.28 37.28
CA ALA C 458 -37.48 -53.48 38.09
C ALA C 458 -37.17 -54.94 38.34
N GLY C 459 -37.95 -55.87 37.76
CA GLY C 459 -37.74 -57.28 37.98
C GLY C 459 -37.72 -58.04 36.67
N ASN C 460 -37.27 -59.29 36.75
CA ASN C 460 -37.21 -60.15 35.56
C ASN C 460 -38.60 -60.41 35.00
N LYS C 461 -39.57 -60.65 35.87
CA LYS C 461 -40.93 -60.94 35.42
C LYS C 461 -41.54 -59.68 34.80
N PRO C 462 -42.13 -59.79 33.60
CA PRO C 462 -42.73 -58.60 32.98
C PRO C 462 -43.89 -58.06 33.81
N CYS C 463 -44.03 -56.73 33.79
CA CYS C 463 -45.11 -56.08 34.52
C CYS C 463 -46.45 -56.25 33.83
N ASN C 464 -46.45 -56.52 32.52
CA ASN C 464 -47.67 -56.69 31.71
C ASN C 464 -48.52 -55.43 31.70
N GLY C 465 -47.96 -54.29 32.08
CA GLY C 465 -48.69 -53.04 32.14
C GLY C 465 -49.58 -52.89 33.35
N VAL C 466 -49.60 -53.87 34.25
CA VAL C 466 -50.48 -53.87 35.42
C VAL C 466 -49.61 -53.79 36.67
N ALA C 467 -49.94 -52.85 37.55
CA ALA C 467 -49.15 -52.65 38.76
C ALA C 467 -49.21 -53.89 39.65
N GLY C 468 -48.05 -54.25 40.20
CA GLY C 468 -47.93 -55.41 41.05
C GLY C 468 -46.59 -55.46 41.74
N PRO C 469 -46.22 -56.64 42.26
CA PRO C 469 -44.92 -56.78 42.92
C PRO C 469 -43.78 -56.48 41.95
N ASN C 470 -42.74 -55.80 42.46
CA ASN C 470 -41.56 -55.42 41.70
C ASN C 470 -41.90 -54.53 40.51
N CYS C 471 -43.08 -53.92 40.50
CA CYS C 471 -43.52 -53.02 39.43
C CYS C 471 -44.12 -51.79 40.07
N TYR C 472 -43.52 -50.63 39.80
CA TYR C 472 -43.95 -49.38 40.41
C TYR C 472 -44.20 -48.33 39.35
N SER C 473 -45.16 -47.45 39.61
CA SER C 473 -45.44 -46.35 38.69
C SER C 473 -44.30 -45.36 38.72
N PRO C 474 -43.76 -44.98 37.55
CA PRO C 474 -42.63 -44.04 37.54
C PRO C 474 -42.95 -42.68 38.13
N LEU C 475 -44.20 -42.22 38.00
CA LEU C 475 -44.59 -40.89 38.46
C LEU C 475 -45.08 -40.96 39.90
N GLN C 476 -44.57 -40.07 40.74
CA GLN C 476 -44.99 -39.95 42.12
C GLN C 476 -45.48 -38.53 42.38
N SER C 477 -46.50 -38.41 43.22
CA SER C 477 -47.14 -37.14 43.47
C SER C 477 -46.40 -36.35 44.55
N TYR C 478 -46.24 -35.06 44.31
CA TYR C 478 -45.62 -34.13 45.27
C TYR C 478 -46.72 -33.62 46.20
N GLY C 479 -46.90 -34.32 47.32
CA GLY C 479 -47.94 -33.96 48.27
C GLY C 479 -47.62 -32.72 49.08
N PHE C 480 -47.60 -31.57 48.42
CA PHE C 480 -47.24 -30.33 49.09
C PHE C 480 -48.31 -29.94 50.11
N ARG C 481 -47.85 -29.46 51.27
CA ARG C 481 -48.71 -28.98 52.33
C ARG C 481 -48.11 -27.72 52.93
N PRO C 482 -48.95 -26.81 53.44
CA PRO C 482 -48.42 -25.55 54.00
C PRO C 482 -47.56 -25.75 55.24
N THR C 483 -47.69 -26.87 55.94
CA THR C 483 -46.96 -27.11 57.18
C THR C 483 -45.64 -27.85 56.96
N TYR C 484 -45.25 -28.08 55.72
CA TYR C 484 -44.02 -28.80 55.44
C TYR C 484 -42.80 -27.96 55.81
N GLY C 485 -41.68 -28.66 56.01
CA GLY C 485 -40.43 -27.96 56.28
C GLY C 485 -39.93 -27.21 55.05
N VAL C 486 -39.04 -26.25 55.32
CA VAL C 486 -38.58 -25.33 54.27
C VAL C 486 -37.94 -26.08 53.11
N GLY C 487 -37.30 -27.21 53.38
CA GLY C 487 -36.70 -27.99 52.30
C GLY C 487 -37.71 -28.68 51.42
N HIS C 488 -38.91 -28.93 51.94
CA HIS C 488 -39.95 -29.64 51.21
C HIS C 488 -41.05 -28.74 50.69
N GLN C 489 -40.98 -27.44 50.95
CA GLN C 489 -42.01 -26.54 50.46
C GLN C 489 -41.93 -26.42 48.94
N PRO C 490 -43.06 -26.29 48.25
CA PRO C 490 -43.03 -26.15 46.79
C PRO C 490 -42.33 -24.86 46.37
N TYR C 491 -41.62 -24.92 45.26
CA TYR C 491 -40.89 -23.79 44.72
C TYR C 491 -41.06 -23.80 43.21
N ARG C 492 -41.37 -22.63 42.65
CA ARG C 492 -41.49 -22.47 41.22
C ARG C 492 -40.12 -22.11 40.65
N VAL C 493 -39.68 -22.86 39.64
CA VAL C 493 -38.37 -22.71 39.04
C VAL C 493 -38.54 -22.45 37.55
N VAL C 494 -37.91 -21.38 37.07
CA VAL C 494 -37.86 -21.03 35.66
C VAL C 494 -36.40 -21.02 35.23
N VAL C 495 -36.12 -21.76 34.16
CA VAL C 495 -34.78 -21.87 33.60
C VAL C 495 -34.78 -21.14 32.26
N LEU C 496 -33.91 -20.14 32.14
CA LEU C 496 -33.74 -19.41 30.89
C LEU C 496 -32.49 -19.94 30.19
N SER C 497 -32.67 -20.47 28.98
CA SER C 497 -31.57 -20.98 28.17
C SER C 497 -31.43 -20.09 26.94
N PHE C 498 -30.25 -19.52 26.74
CA PHE C 498 -29.99 -18.61 25.64
C PHE C 498 -29.14 -19.32 24.61
N GLU C 499 -29.59 -19.32 23.36
CA GLU C 499 -28.85 -19.98 22.28
C GLU C 499 -28.63 -19.01 21.13
N LEU C 500 -27.45 -19.08 20.53
CA LEU C 500 -27.07 -18.26 19.38
C LEU C 500 -26.78 -19.18 18.21
N LEU C 501 -27.37 -18.88 17.06
CA LEU C 501 -27.21 -19.69 15.86
C LEU C 501 -26.78 -18.80 14.70
N HIS C 502 -26.54 -19.43 13.55
CA HIS C 502 -26.18 -18.69 12.35
C HIS C 502 -27.29 -17.75 11.89
N ALA C 503 -28.54 -18.05 12.24
CA ALA C 503 -29.64 -17.14 11.94
C ALA C 503 -29.45 -15.84 12.73
N PRO C 504 -29.91 -14.72 12.18
CA PRO C 504 -29.70 -13.43 12.86
C PRO C 504 -30.37 -13.42 14.23
N ALA C 505 -29.69 -12.79 15.19
CA ALA C 505 -30.23 -12.69 16.54
C ALA C 505 -31.47 -11.80 16.54
N THR C 506 -32.53 -12.25 17.20
CA THR C 506 -33.79 -11.54 17.22
C THR C 506 -34.30 -11.27 18.63
N VAL C 507 -33.59 -11.70 19.67
CA VAL C 507 -33.97 -11.46 21.05
C VAL C 507 -32.89 -10.59 21.67
N CYS C 508 -33.18 -9.30 21.84
CA CYS C 508 -32.24 -8.35 22.41
C CYS C 508 -32.93 -7.58 23.54
N GLY C 509 -32.13 -6.88 24.33
CA GLY C 509 -32.64 -6.13 25.46
C GLY C 509 -33.30 -4.84 25.03
N PRO C 510 -33.90 -4.17 26.01
CA PRO C 510 -34.56 -2.88 25.71
C PRO C 510 -33.55 -1.83 25.28
N LYS C 511 -34.02 -0.90 24.46
CA LYS C 511 -33.19 0.18 23.93
C LYS C 511 -33.61 1.50 24.55
N LYS C 512 -32.62 2.30 24.96
CA LYS C 512 -32.88 3.55 25.67
C LYS C 512 -33.08 4.67 24.66
N SER C 513 -34.22 5.35 24.74
CA SER C 513 -34.53 6.44 23.82
C SER C 513 -33.77 7.71 24.15
N THR C 514 -33.49 7.97 25.43
CA THR C 514 -32.79 9.17 25.90
C THR C 514 -33.60 10.39 25.45
N ASN C 515 -32.99 11.38 24.81
CA ASN C 515 -33.70 12.58 24.41
C ASN C 515 -33.01 13.19 23.20
N LEU C 516 -33.63 14.22 22.64
CA LEU C 516 -33.15 14.88 21.43
C LEU C 516 -32.81 16.33 21.74
N VAL C 517 -31.61 16.75 21.36
CA VAL C 517 -31.15 18.12 21.51
C VAL C 517 -30.73 18.63 20.13
N LYS C 518 -31.07 19.88 19.84
CA LYS C 518 -30.85 20.46 18.52
C LYS C 518 -29.99 21.71 18.62
N ASN C 519 -29.42 22.09 17.47
CA ASN C 519 -28.63 23.31 17.29
C ASN C 519 -27.34 23.32 18.10
N LYS C 520 -26.86 22.15 18.55
CA LYS C 520 -25.60 22.06 19.26
C LYS C 520 -24.80 20.89 18.71
N CYS C 521 -23.48 21.06 18.63
CA CYS C 521 -22.60 20.00 18.15
C CYS C 521 -22.58 18.88 19.18
N VAL C 522 -23.27 17.78 18.85
CA VAL C 522 -23.45 16.66 19.77
C VAL C 522 -23.03 15.38 19.09
N ASN C 523 -22.71 14.39 19.92
CA ASN C 523 -22.45 13.04 19.45
C ASN C 523 -23.77 12.30 19.38
N PHE C 524 -24.14 11.83 18.18
CA PHE C 524 -25.44 11.22 17.94
C PHE C 524 -25.28 9.78 17.50
N ASN C 525 -26.31 8.99 17.83
CA ASN C 525 -26.39 7.56 17.51
C ASN C 525 -27.84 7.28 17.08
N PHE C 526 -28.07 7.24 15.78
CA PHE C 526 -29.40 7.00 15.22
C PHE C 526 -29.45 5.59 14.65
N ASN C 527 -30.17 4.70 15.33
CA ASN C 527 -30.43 3.34 14.86
C ASN C 527 -29.14 2.63 14.43
N GLY C 528 -28.07 2.86 15.18
CA GLY C 528 -26.81 2.19 14.93
C GLY C 528 -25.78 3.00 14.16
N LEU C 529 -26.17 4.09 13.50
CA LEU C 529 -25.18 4.94 12.84
C LEU C 529 -24.73 6.00 13.82
N THR C 530 -23.42 6.06 14.07
CA THR C 530 -22.83 6.99 15.01
C THR C 530 -22.18 8.15 14.28
N GLY C 531 -22.05 9.26 14.99
CA GLY C 531 -21.35 10.40 14.42
C GLY C 531 -21.37 11.58 15.35
N THR C 532 -20.93 12.72 14.82
CA THR C 532 -20.86 13.96 15.61
C THR C 532 -21.24 15.11 14.69
N GLY C 533 -22.22 15.90 15.10
CA GLY C 533 -22.65 17.01 14.26
C GLY C 533 -23.73 17.81 14.93
N VAL C 534 -24.28 18.76 14.16
CA VAL C 534 -25.37 19.62 14.61
C VAL C 534 -26.64 19.16 13.89
N LEU C 535 -27.67 18.84 14.67
CA LEU C 535 -28.94 18.37 14.15
C LEU C 535 -29.91 19.54 14.14
N THR C 536 -30.16 20.08 12.95
CA THR C 536 -31.08 21.19 12.78
C THR C 536 -32.33 20.73 12.04
N GLU C 537 -33.32 21.61 11.96
CA GLU C 537 -34.54 21.31 11.22
C GLU C 537 -34.22 21.17 9.74
N SER C 538 -34.95 20.28 9.07
CA SER C 538 -34.73 19.98 7.67
C SER C 538 -36.02 20.16 6.89
N ASN C 539 -35.94 20.88 5.77
CA ASN C 539 -37.07 21.04 4.87
C ASN C 539 -37.16 19.94 3.82
N LYS C 540 -36.16 19.06 3.76
CA LYS C 540 -36.20 17.94 2.83
C LYS C 540 -37.31 16.97 3.22
N LYS C 541 -37.95 16.39 2.21
CA LYS C 541 -39.01 15.41 2.41
C LYS C 541 -38.49 14.01 2.09
N PHE C 542 -38.86 13.06 2.94
CA PHE C 542 -38.40 11.69 2.83
C PHE C 542 -39.54 10.78 2.42
N LEU C 543 -39.24 9.82 1.54
CA LEU C 543 -40.21 8.78 1.24
C LEU C 543 -40.40 7.90 2.46
N PRO C 544 -41.59 7.31 2.63
CA PRO C 544 -41.89 6.60 3.89
C PRO C 544 -40.90 5.50 4.22
N PHE C 545 -40.42 4.75 3.23
CA PHE C 545 -39.48 3.68 3.52
C PHE C 545 -38.07 4.19 3.77
N GLN C 546 -37.68 5.28 3.12
CA GLN C 546 -36.31 5.77 3.23
C GLN C 546 -36.01 6.28 4.63
N GLN C 547 -34.80 5.99 5.11
CA GLN C 547 -34.36 6.37 6.45
C GLN C 547 -33.31 7.47 6.46
N PHE C 548 -32.31 7.39 5.58
CA PHE C 548 -31.21 8.34 5.58
C PHE C 548 -31.13 9.05 4.23
N GLY C 549 -30.40 10.15 4.21
CA GLY C 549 -30.12 10.86 2.97
C GLY C 549 -28.63 11.10 2.82
N ARG C 550 -28.15 10.98 1.59
CA ARG C 550 -26.73 11.07 1.31
C ARG C 550 -26.45 12.19 0.31
N ASP C 551 -25.27 12.79 0.44
CA ASP C 551 -24.85 13.88 -0.42
C ASP C 551 -24.36 13.32 -1.75
N ILE C 552 -23.87 14.20 -2.63
CA ILE C 552 -23.32 13.77 -3.91
C ILE C 552 -22.09 12.90 -3.69
N ALA C 553 -21.25 13.27 -2.73
CA ALA C 553 -20.02 12.55 -2.44
C ALA C 553 -20.23 11.37 -1.49
N ASP C 554 -21.46 10.87 -1.38
CA ASP C 554 -21.79 9.68 -0.60
C ASP C 554 -21.44 9.87 0.87
N THR C 555 -22.00 10.92 1.46
CA THR C 555 -21.90 11.17 2.90
C THR C 555 -23.28 11.56 3.42
N THR C 556 -23.61 11.06 4.61
CA THR C 556 -24.93 11.29 5.17
C THR C 556 -25.11 12.76 5.53
N ASP C 557 -26.25 13.33 5.13
CA ASP C 557 -26.58 14.71 5.45
C ASP C 557 -27.97 14.90 6.04
N ALA C 558 -28.85 13.91 5.94
CA ALA C 558 -30.16 13.98 6.56
C ALA C 558 -30.47 12.65 7.23
N VAL C 559 -31.20 12.72 8.33
CA VAL C 559 -31.58 11.53 9.10
C VAL C 559 -33.04 11.64 9.51
N ARG C 560 -33.61 10.51 9.89
CA ARG C 560 -35.00 10.44 10.33
C ARG C 560 -35.06 9.86 11.73
N ASP C 561 -35.72 10.57 12.64
CA ASP C 561 -35.80 10.14 14.03
C ASP C 561 -36.71 8.92 14.14
N PRO C 562 -36.24 7.82 14.73
CA PRO C 562 -37.11 6.64 14.86
C PRO C 562 -38.29 6.86 15.80
N GLN C 563 -38.09 7.57 16.91
CA GLN C 563 -39.17 7.75 17.88
C GLN C 563 -40.32 8.54 17.28
N THR C 564 -40.03 9.71 16.70
CA THR C 564 -41.03 10.54 16.06
C THR C 564 -40.57 10.84 14.65
N LEU C 565 -41.53 10.87 13.71
CA LEU C 565 -41.20 10.91 12.28
C LEU C 565 -40.97 12.36 11.84
N GLU C 566 -39.73 12.81 12.00
CA GLU C 566 -39.28 14.08 11.45
C GLU C 566 -37.98 13.86 10.70
N ILE C 567 -37.59 14.86 9.91
CA ILE C 567 -36.36 14.84 9.13
C ILE C 567 -35.42 15.90 9.70
N LEU C 568 -34.19 15.50 10.00
CA LEU C 568 -33.21 16.38 10.61
C LEU C 568 -31.97 16.50 9.71
N ASP C 569 -31.49 17.72 9.55
CA ASP C 569 -30.29 17.99 8.77
C ASP C 569 -29.06 17.92 9.67
N ILE C 570 -28.03 17.24 9.19
CA ILE C 570 -26.78 17.07 9.93
C ILE C 570 -25.74 18.01 9.34
N THR C 571 -25.15 18.84 10.18
CA THR C 571 -24.11 19.77 9.75
C THR C 571 -22.82 19.48 10.51
N PRO C 572 -21.68 19.38 9.83
CA PRO C 572 -20.43 19.11 10.54
C PRO C 572 -20.10 20.22 11.52
N CYS C 573 -19.54 19.84 12.66
CA CYS C 573 -19.09 20.82 13.64
C CYS C 573 -17.92 21.62 13.09
N SER C 574 -17.84 22.89 13.49
CA SER C 574 -16.87 23.80 12.91
C SER C 574 -15.45 23.36 13.22
N PHE C 575 -14.58 23.46 12.21
CA PHE C 575 -13.16 23.19 12.38
C PHE C 575 -12.39 24.01 11.35
N GLY C 576 -11.11 24.20 11.63
CA GLY C 576 -10.30 25.00 10.73
C GLY C 576 -8.83 24.94 11.13
N GLY C 577 -8.03 25.69 10.40
CA GLY C 577 -6.59 25.77 10.65
C GLY C 577 -6.25 27.02 11.46
N VAL C 578 -5.37 26.85 12.43
CA VAL C 578 -4.90 27.94 13.27
C VAL C 578 -3.49 28.30 12.80
N SER C 579 -3.34 29.51 12.30
CA SER C 579 -2.07 30.04 11.83
C SER C 579 -1.66 31.21 12.70
N VAL C 580 -0.34 31.44 12.78
CA VAL C 580 0.21 32.49 13.63
C VAL C 580 0.94 33.49 12.75
N ILE C 581 0.54 34.75 12.83
CA ILE C 581 1.21 35.85 12.16
C ILE C 581 2.19 36.47 13.12
N THR C 582 3.46 36.56 12.71
CA THR C 582 4.47 37.11 13.60
C THR C 582 5.57 37.79 12.81
N PRO C 583 6.09 38.92 13.30
CA PRO C 583 7.38 39.41 12.80
C PRO C 583 8.49 38.55 13.37
N GLY C 584 9.73 38.80 12.96
CA GLY C 584 10.84 38.03 13.47
C GLY C 584 10.96 38.14 14.98
N THR C 585 11.35 37.03 15.62
CA THR C 585 11.54 37.05 17.07
C THR C 585 12.62 38.04 17.47
N ASN C 586 13.55 38.35 16.56
CA ASN C 586 14.52 39.40 16.83
C ASN C 586 13.84 40.76 16.97
N THR C 587 12.86 41.04 16.11
CA THR C 587 12.20 42.34 16.15
C THR C 587 11.32 42.48 17.40
N SER C 588 10.47 41.49 17.67
CA SER C 588 9.53 41.57 18.76
C SER C 588 9.00 40.17 19.06
N ASN C 589 8.12 40.08 20.07
CA ASN C 589 7.51 38.83 20.46
C ASN C 589 5.99 38.81 20.30
N GLN C 590 5.36 39.92 19.95
CA GLN C 590 3.92 39.94 19.76
C GLN C 590 3.52 39.10 18.55
N VAL C 591 2.34 38.49 18.65
CA VAL C 591 1.83 37.63 17.59
C VAL C 591 0.34 37.90 17.39
N ALA C 592 -0.18 37.44 16.27
CA ALA C 592 -1.60 37.43 15.98
C ALA C 592 -2.01 36.02 15.55
N VAL C 593 -3.27 35.70 15.74
CA VAL C 593 -3.78 34.35 15.48
C VAL C 593 -4.89 34.44 14.44
N LEU C 594 -4.80 33.62 13.39
CA LEU C 594 -5.80 33.55 12.35
C LEU C 594 -6.45 32.18 12.37
N TYR C 595 -7.78 32.17 12.53
CA TYR C 595 -8.58 30.96 12.43
C TYR C 595 -9.18 30.93 11.04
N GLN C 596 -8.74 29.99 10.20
CA GLN C 596 -9.15 29.96 8.81
C GLN C 596 -10.56 29.40 8.66
N GLY C 597 -11.39 30.12 7.92
CA GLY C 597 -12.73 29.65 7.62
C GLY C 597 -13.62 29.46 8.84
N VAL C 598 -13.48 30.31 9.85
CA VAL C 598 -14.27 30.21 11.07
C VAL C 598 -14.90 31.57 11.34
N ASN C 599 -16.20 31.57 11.60
CA ASN C 599 -16.89 32.80 11.96
C ASN C 599 -16.40 33.28 13.32
N CYS C 600 -16.24 34.60 13.44
CA CYS C 600 -15.70 35.17 14.68
C CYS C 600 -16.63 34.98 15.87
N THR C 601 -17.91 34.71 15.63
CA THR C 601 -18.89 34.63 16.70
C THR C 601 -18.90 33.29 17.42
N GLU C 602 -18.12 32.31 16.96
CA GLU C 602 -18.15 30.97 17.54
C GLU C 602 -16.78 30.48 17.99
N VAL C 603 -15.76 31.33 17.99
CA VAL C 603 -14.45 30.96 18.47
C VAL C 603 -14.37 31.13 19.99
N ASN C 624 -10.07 43.44 20.18
CA ASN C 624 -9.23 43.33 18.99
C ASN C 624 -9.54 42.05 18.23
N VAL C 625 -10.78 41.95 17.73
CA VAL C 625 -11.22 40.82 16.92
C VAL C 625 -11.74 41.35 15.60
N PHE C 626 -11.21 40.85 14.50
CA PHE C 626 -11.57 41.30 13.17
C PHE C 626 -12.06 40.13 12.35
N GLN C 627 -13.07 40.38 11.51
CA GLN C 627 -13.66 39.36 10.66
C GLN C 627 -13.24 39.60 9.22
N THR C 628 -12.57 38.63 8.62
CA THR C 628 -12.11 38.71 7.24
C THR C 628 -12.73 37.59 6.43
N ARG C 629 -12.59 37.71 5.10
CA ARG C 629 -13.05 36.64 4.22
C ARG C 629 -12.26 35.37 4.44
N ALA C 630 -10.98 35.50 4.79
CA ALA C 630 -10.14 34.32 5.03
C ALA C 630 -10.53 33.63 6.34
N GLY C 631 -10.87 34.41 7.36
CA GLY C 631 -11.22 33.83 8.64
C GLY C 631 -11.32 34.90 9.72
N CYS C 632 -11.09 34.47 10.95
CA CYS C 632 -11.16 35.36 12.11
C CYS C 632 -9.75 35.71 12.57
N LEU C 633 -9.48 37.00 12.70
CA LEU C 633 -8.15 37.49 13.06
C LEU C 633 -8.20 38.07 14.47
N ILE C 634 -7.29 37.62 15.33
CA ILE C 634 -7.25 38.02 16.73
C ILE C 634 -5.87 38.56 17.04
N GLY C 635 -5.82 39.73 17.66
CA GLY C 635 -4.56 40.35 18.05
C GLY C 635 -4.05 41.42 17.12
N ALA C 636 -4.83 41.79 16.10
CA ALA C 636 -4.43 42.82 15.15
C ALA C 636 -5.52 43.86 15.03
N GLU C 637 -5.12 45.11 14.82
CA GLU C 637 -6.03 46.24 14.72
C GLU C 637 -6.14 46.68 13.27
N TYR C 638 -7.37 46.80 12.77
CA TYR C 638 -7.59 47.22 11.40
C TYR C 638 -7.36 48.72 11.26
N VAL C 639 -6.74 49.11 10.15
CA VAL C 639 -6.40 50.51 9.87
C VAL C 639 -6.95 50.88 8.50
N ASN C 640 -7.55 52.07 8.41
CA ASN C 640 -8.11 52.52 7.14
C ASN C 640 -7.04 52.85 6.11
N ASN C 641 -5.80 53.08 6.53
CA ASN C 641 -4.73 53.39 5.60
C ASN C 641 -4.40 52.17 4.74
N SER C 642 -3.60 52.41 3.70
CA SER C 642 -3.20 51.37 2.76
C SER C 642 -1.70 51.46 2.53
N TYR C 643 -1.03 50.31 2.62
CA TYR C 643 0.41 50.25 2.36
C TYR C 643 0.72 49.07 1.45
N GLU C 644 2.00 48.79 1.23
CA GLU C 644 2.38 47.58 0.51
C GLU C 644 2.19 46.36 1.39
N CYS C 645 1.94 45.22 0.77
CA CYS C 645 1.72 43.99 1.52
C CYS C 645 3.03 43.53 2.15
N ASP C 646 2.97 43.22 3.45
CA ASP C 646 4.13 42.75 4.19
C ASP C 646 4.00 41.28 4.57
N ILE C 647 2.94 40.92 5.28
CA ILE C 647 2.61 39.54 5.59
C ILE C 647 1.22 39.25 5.04
N PRO C 648 1.12 38.54 3.92
CA PRO C 648 -0.19 38.31 3.30
C PRO C 648 -1.11 37.51 4.21
N ILE C 649 -2.38 37.90 4.23
CA ILE C 649 -3.42 37.18 4.97
C ILE C 649 -4.42 36.55 4.01
N GLY C 650 -4.92 37.32 3.07
CA GLY C 650 -5.81 36.79 2.04
C GLY C 650 -6.96 37.74 1.74
N ALA C 651 -7.56 37.55 0.57
CA ALA C 651 -8.70 38.35 0.12
C ALA C 651 -8.38 39.84 0.13
N GLY C 652 -7.16 40.18 -0.25
CA GLY C 652 -6.72 41.56 -0.25
C GLY C 652 -6.31 42.13 1.08
N ILE C 653 -6.31 41.31 2.13
CA ILE C 653 -5.93 41.75 3.48
C ILE C 653 -4.50 41.29 3.75
N CYS C 654 -3.68 42.22 4.23
CA CYS C 654 -2.31 41.94 4.63
C CYS C 654 -2.10 42.47 6.04
N ALA C 655 -1.00 42.06 6.67
CA ALA C 655 -0.68 42.47 8.03
C ALA C 655 0.77 42.90 8.11
N SER C 656 1.07 43.79 9.05
CA SER C 656 2.41 44.30 9.22
C SER C 656 2.61 44.78 10.64
N TYR C 657 3.86 44.97 11.03
CA TYR C 657 4.24 45.44 12.35
C TYR C 657 4.82 46.84 12.23
N GLN C 658 4.22 47.79 12.92
CA GLN C 658 4.68 49.18 12.87
C GLN C 658 5.09 49.68 14.25
N SER C 674 2.78 47.65 17.69
CA SER C 674 1.65 46.74 17.55
C SER C 674 1.54 46.20 16.14
N ILE C 675 0.66 45.23 15.95
CA ILE C 675 0.45 44.57 14.66
C ILE C 675 -0.86 45.07 14.08
N ILE C 676 -0.82 45.50 12.81
CA ILE C 676 -1.97 46.09 12.15
C ILE C 676 -2.31 45.29 10.90
N ALA C 677 -3.58 45.30 10.53
CA ALA C 677 -4.08 44.64 9.33
C ALA C 677 -4.77 45.67 8.45
N TYR C 678 -4.53 45.58 7.14
CA TYR C 678 -5.02 46.59 6.22
C TYR C 678 -5.25 45.99 4.85
N THR C 679 -6.07 46.69 4.06
CA THR C 679 -6.25 46.35 2.65
C THR C 679 -5.09 46.96 1.86
N MET C 680 -4.29 46.10 1.23
CA MET C 680 -3.07 46.57 0.60
C MET C 680 -3.37 47.45 -0.60
N SER C 681 -2.43 48.33 -0.92
CA SER C 681 -2.57 49.29 -2.00
C SER C 681 -1.87 48.76 -3.25
N LEU C 682 -2.59 48.78 -4.37
CA LEU C 682 -2.01 48.28 -5.62
C LEU C 682 -0.82 49.12 -6.06
N GLY C 683 -0.93 50.44 -5.96
CA GLY C 683 0.15 51.31 -6.38
C GLY C 683 -0.27 52.77 -6.29
N ALA C 684 0.71 53.63 -6.50
CA ALA C 684 0.47 55.07 -6.45
C ALA C 684 -0.43 55.50 -7.59
N GLU C 685 -1.38 56.36 -7.29
CA GLU C 685 -2.32 56.84 -8.29
C GLU C 685 -1.65 57.89 -9.18
N ASN C 686 -1.83 57.74 -10.48
CA ASN C 686 -1.26 58.67 -11.44
C ASN C 686 -2.22 58.81 -12.62
N SER C 687 -2.40 60.04 -13.09
CA SER C 687 -3.27 60.34 -14.22
C SER C 687 -2.47 61.08 -15.27
N VAL C 688 -2.30 60.45 -16.43
CA VAL C 688 -1.57 61.07 -17.53
C VAL C 688 -2.48 62.04 -18.26
N ALA C 689 -1.96 63.24 -18.55
CA ALA C 689 -2.75 64.29 -19.19
C ALA C 689 -2.79 64.03 -20.70
N TYR C 690 -3.63 63.07 -21.08
CA TYR C 690 -3.80 62.75 -22.48
C TYR C 690 -4.48 63.89 -23.22
N SER C 691 -4.00 64.17 -24.42
CA SER C 691 -4.61 65.15 -25.30
C SER C 691 -4.47 64.65 -26.73
N ASN C 692 -4.76 65.55 -27.67
CA ASN C 692 -4.88 65.22 -29.08
C ASN C 692 -4.17 66.22 -30.00
N ASN C 693 -3.37 67.13 -29.43
CA ASN C 693 -2.34 67.84 -30.18
C ASN C 693 -1.10 68.06 -29.32
N SER C 694 -0.85 67.20 -28.34
CA SER C 694 0.21 67.39 -27.38
C SER C 694 1.05 66.12 -27.27
N ILE C 695 2.35 66.31 -27.11
CA ILE C 695 3.31 65.21 -26.97
C ILE C 695 4.25 65.54 -25.83
N ALA C 696 4.92 64.51 -25.31
CA ALA C 696 5.90 64.67 -24.26
C ALA C 696 7.22 64.08 -24.73
N ILE C 697 8.27 64.89 -24.73
CA ILE C 697 9.57 64.45 -25.23
C ILE C 697 10.60 64.46 -24.10
N PRO C 698 11.38 63.40 -23.95
CA PRO C 698 12.44 63.42 -22.93
C PRO C 698 13.55 64.38 -23.31
N THR C 699 14.23 64.88 -22.27
CA THR C 699 15.38 65.76 -22.45
C THR C 699 16.64 65.25 -21.78
N ASN C 700 16.57 64.18 -21.00
CA ASN C 700 17.75 63.63 -20.34
C ASN C 700 17.56 62.13 -20.21
N PHE C 701 18.61 61.44 -19.78
CA PHE C 701 18.56 59.99 -19.67
C PHE C 701 19.25 59.54 -18.39
N THR C 702 19.14 58.25 -18.12
CA THR C 702 19.76 57.63 -16.95
C THR C 702 20.16 56.21 -17.31
N ILE C 703 21.41 55.86 -17.04
CA ILE C 703 21.88 54.49 -17.22
C ILE C 703 21.63 53.72 -15.94
N SER C 704 20.88 52.63 -16.02
CA SER C 704 20.48 51.88 -14.84
C SER C 704 20.97 50.44 -14.96
N VAL C 705 21.52 49.91 -13.87
CA VAL C 705 21.99 48.55 -13.81
C VAL C 705 21.14 47.79 -12.80
N THR C 706 20.61 46.65 -13.22
CA THR C 706 19.76 45.82 -12.37
C THR C 706 20.31 44.41 -12.32
N THR C 707 19.83 43.64 -11.36
CA THR C 707 20.31 42.28 -11.13
C THR C 707 19.18 41.27 -11.34
N GLU C 708 19.56 40.08 -11.83
CA GLU C 708 18.62 38.99 -11.98
C GLU C 708 19.30 37.68 -11.60
N ILE C 709 18.68 36.93 -10.70
CA ILE C 709 19.27 35.70 -10.16
C ILE C 709 18.50 34.51 -10.71
N LEU C 710 19.24 33.52 -11.23
CA LEU C 710 18.60 32.33 -11.78
C LEU C 710 19.32 31.06 -11.33
N PRO C 711 18.62 30.14 -10.67
CA PRO C 711 19.22 28.85 -10.37
C PRO C 711 19.45 28.03 -11.63
N VAL C 712 20.48 27.18 -11.59
CA VAL C 712 20.90 26.40 -12.74
C VAL C 712 20.90 24.91 -12.45
N SER C 713 21.56 24.50 -11.37
CA SER C 713 21.71 23.09 -11.04
C SER C 713 21.50 22.87 -9.56
N MET C 714 21.02 21.67 -9.22
CA MET C 714 20.84 21.26 -7.84
C MET C 714 21.93 20.28 -7.45
N THR C 715 21.83 19.75 -6.22
CA THR C 715 22.84 18.85 -5.70
C THR C 715 22.68 17.46 -6.31
N LYS C 716 23.78 16.93 -6.84
CA LYS C 716 23.80 15.57 -7.36
C LYS C 716 23.86 14.58 -6.20
N THR C 717 22.90 13.66 -6.15
CA THR C 717 22.80 12.71 -5.05
C THR C 717 22.67 11.30 -5.59
N SER C 718 23.05 10.34 -4.75
CA SER C 718 22.96 8.92 -5.08
C SER C 718 22.57 8.14 -3.84
N VAL C 719 21.87 7.03 -4.05
CA VAL C 719 21.34 6.22 -2.97
C VAL C 719 21.75 4.77 -3.19
N ASP C 720 21.79 4.02 -2.08
CA ASP C 720 22.00 2.58 -2.11
C ASP C 720 20.75 1.93 -1.54
N CYS C 721 19.99 1.26 -2.40
CA CYS C 721 18.70 0.72 -1.99
C CYS C 721 18.86 -0.34 -0.92
N THR C 722 19.75 -1.31 -1.15
CA THR C 722 19.88 -2.42 -0.23
C THR C 722 20.43 -1.98 1.13
N MET C 723 21.48 -1.15 1.12
CA MET C 723 22.07 -0.71 2.38
C MET C 723 21.10 0.15 3.18
N TYR C 724 20.37 1.04 2.50
CA TYR C 724 19.41 1.89 3.20
C TYR C 724 18.25 1.07 3.77
N ILE C 725 17.66 0.21 2.95
CA ILE C 725 16.47 -0.51 3.40
C ILE C 725 16.83 -1.55 4.45
N CYS C 726 17.91 -2.30 4.25
CA CYS C 726 18.25 -3.43 5.10
C CYS C 726 19.48 -3.20 5.96
N GLY C 727 20.62 -2.85 5.35
CA GLY C 727 21.84 -2.69 6.11
C GLY C 727 22.75 -3.90 6.00
N ASP C 728 23.40 -4.26 7.11
CA ASP C 728 24.33 -5.38 7.09
C ASP C 728 23.61 -6.72 7.07
N SER C 729 22.33 -6.76 7.41
CA SER C 729 21.60 -8.03 7.48
C SER C 729 21.48 -8.66 6.10
N THR C 730 21.53 -9.99 6.06
CA THR C 730 21.38 -10.73 4.82
C THR C 730 19.99 -11.31 4.62
N GLU C 731 19.28 -11.63 5.71
CA GLU C 731 17.90 -12.10 5.58
C GLU C 731 17.00 -11.03 5.00
N CYS C 732 17.22 -9.78 5.42
CA CYS C 732 16.42 -8.68 4.87
C CYS C 732 16.66 -8.52 3.38
N SER C 733 17.91 -8.70 2.93
CA SER C 733 18.19 -8.63 1.50
C SER C 733 17.45 -9.73 0.74
N ASN C 734 17.43 -10.93 1.30
CA ASN C 734 16.71 -12.03 0.65
C ASN C 734 15.22 -11.74 0.57
N LEU C 735 14.64 -11.18 1.63
CA LEU C 735 13.23 -10.81 1.60
C LEU C 735 12.97 -9.69 0.60
N LEU C 736 13.87 -8.71 0.53
CA LEU C 736 13.71 -7.59 -0.40
C LEU C 736 13.82 -8.04 -1.85
N LEU C 737 14.61 -9.09 -2.11
CA LEU C 737 14.74 -9.60 -3.46
C LEU C 737 13.41 -10.05 -4.04
N GLN C 738 12.43 -10.39 -3.18
CA GLN C 738 11.13 -10.81 -3.68
C GLN C 738 10.38 -9.69 -4.37
N TYR C 739 10.61 -8.44 -3.96
CA TYR C 739 9.81 -7.32 -4.45
C TYR C 739 10.12 -6.94 -5.89
N GLY C 740 11.21 -7.44 -6.46
CA GLY C 740 11.48 -7.19 -7.87
C GLY C 740 12.60 -6.20 -8.14
N SER C 741 12.38 -5.33 -9.13
CA SER C 741 13.42 -4.42 -9.64
C SER C 741 13.16 -2.97 -9.25
N PHE C 742 12.65 -2.74 -8.04
CA PHE C 742 12.41 -1.37 -7.58
C PHE C 742 13.73 -0.60 -7.42
N CYS C 743 14.72 -1.24 -6.80
CA CYS C 743 15.99 -0.57 -6.53
C CYS C 743 16.67 -0.17 -7.83
N THR C 744 16.59 -1.01 -8.85
CA THR C 744 17.16 -0.67 -10.15
C THR C 744 16.51 0.58 -10.71
N GLN C 745 15.18 0.68 -10.62
CA GLN C 745 14.48 1.86 -11.10
C GLN C 745 14.92 3.11 -10.36
N LEU C 746 15.01 3.03 -9.03
CA LEU C 746 15.42 4.20 -8.26
C LEU C 746 16.84 4.63 -8.62
N LYS C 747 17.76 3.67 -8.74
CA LYS C 747 19.13 4.00 -9.10
C LYS C 747 19.20 4.64 -10.48
N ARG C 748 18.44 4.10 -11.43
CA ARG C 748 18.45 4.66 -12.79
C ARG C 748 17.92 6.09 -12.80
N ALA C 749 16.83 6.34 -12.07
CA ALA C 749 16.28 7.70 -12.04
C ALA C 749 17.26 8.68 -11.41
N LEU C 750 17.90 8.28 -10.31
CA LEU C 750 18.87 9.18 -9.67
C LEU C 750 20.07 9.44 -10.56
N THR C 751 20.54 8.42 -11.29
CA THR C 751 21.62 8.62 -12.23
C THR C 751 21.23 9.59 -13.34
N GLY C 752 20.00 9.46 -13.85
CA GLY C 752 19.54 10.39 -14.86
C GLY C 752 19.54 11.83 -14.38
N ILE C 753 19.04 12.05 -13.15
CA ILE C 753 19.05 13.41 -12.59
C ILE C 753 20.48 13.91 -12.44
N ALA C 754 21.38 13.04 -11.97
CA ALA C 754 22.76 13.44 -11.74
C ALA C 754 23.42 13.89 -13.04
N VAL C 755 23.23 13.15 -14.13
CA VAL C 755 23.84 13.57 -15.39
C VAL C 755 23.14 14.81 -15.94
N GLU C 756 21.83 14.96 -15.69
CA GLU C 756 21.12 16.13 -16.18
C GLU C 756 21.65 17.41 -15.54
N GLN C 757 22.07 17.35 -14.27
CA GLN C 757 22.62 18.54 -13.63
C GLN C 757 23.86 19.05 -14.36
N ASP C 758 24.79 18.13 -14.67
CA ASP C 758 25.99 18.51 -15.41
C ASP C 758 25.65 19.03 -16.78
N LYS C 759 24.66 18.41 -17.45
CA LYS C 759 24.23 18.91 -18.75
C LYS C 759 23.71 20.34 -18.64
N ASN C 760 22.94 20.64 -17.59
CA ASN C 760 22.42 21.99 -17.40
C ASN C 760 23.54 22.99 -17.24
N THR C 761 24.52 22.68 -16.38
CA THR C 761 25.62 23.61 -16.17
C THR C 761 26.41 23.84 -17.45
N GLN C 762 26.69 22.76 -18.19
CA GLN C 762 27.45 22.88 -19.44
C GLN C 762 26.68 23.71 -20.46
N GLU C 763 25.37 23.51 -20.55
CA GLU C 763 24.56 24.29 -21.48
C GLU C 763 24.59 25.76 -21.12
N VAL C 764 24.46 26.08 -19.82
CA VAL C 764 24.35 27.48 -19.42
C VAL C 764 25.68 28.20 -19.66
N PHE C 765 26.79 27.62 -19.22
CA PHE C 765 28.05 28.35 -19.20
C PHE C 765 28.93 28.10 -20.41
N ALA C 766 29.16 26.84 -20.77
CA ALA C 766 30.10 26.50 -21.85
C ALA C 766 29.45 26.80 -23.20
N GLN C 767 29.45 28.09 -23.55
CA GLN C 767 28.90 28.54 -24.83
C GLN C 767 29.96 29.06 -25.79
N VAL C 768 31.15 29.37 -25.31
CA VAL C 768 32.26 29.81 -26.15
C VAL C 768 33.40 28.83 -25.98
N LYS C 769 33.93 28.34 -27.09
CA LYS C 769 35.00 27.34 -27.07
C LYS C 769 36.39 27.97 -27.11
N GLN C 770 36.48 29.30 -27.10
CA GLN C 770 37.75 30.01 -27.03
C GLN C 770 37.70 30.97 -25.86
N ILE C 771 38.67 30.87 -24.97
CA ILE C 771 38.73 31.73 -23.78
C ILE C 771 39.52 32.98 -24.12
N TYR C 772 38.94 34.14 -23.82
CA TYR C 772 39.56 35.43 -24.14
C TYR C 772 40.15 36.05 -22.88
N LYS C 773 41.18 36.87 -23.08
CA LYS C 773 41.87 37.55 -22.00
C LYS C 773 41.83 39.06 -22.23
N THR C 774 41.47 39.80 -21.19
CA THR C 774 41.42 41.25 -21.30
C THR C 774 42.83 41.83 -21.44
N PRO C 775 42.97 42.94 -22.16
CA PRO C 775 44.29 43.52 -22.33
C PRO C 775 44.84 44.01 -21.01
N PRO C 776 46.17 44.06 -20.86
CA PRO C 776 46.75 44.47 -19.58
C PRO C 776 46.38 45.88 -19.15
N ILE C 777 46.22 46.81 -20.09
CA ILE C 777 45.89 48.19 -19.77
C ILE C 777 44.36 48.30 -19.70
N LYS C 778 43.84 48.47 -18.49
CA LYS C 778 42.39 48.49 -18.27
C LYS C 778 41.86 49.91 -18.40
N TYR C 779 41.92 50.42 -19.62
CA TYR C 779 41.32 51.70 -19.97
C TYR C 779 40.33 51.49 -21.11
N PHE C 780 39.08 51.89 -20.91
CA PHE C 780 38.02 51.68 -21.89
C PHE C 780 37.23 52.98 -22.08
N GLY C 781 37.94 54.09 -22.22
CA GLY C 781 37.29 55.36 -22.44
C GLY C 781 36.47 55.88 -21.28
N GLY C 782 36.91 55.62 -20.05
CA GLY C 782 36.25 56.10 -18.86
C GLY C 782 35.38 55.09 -18.16
N PHE C 783 34.96 54.03 -18.85
CA PHE C 783 34.19 52.98 -18.21
C PHE C 783 35.12 52.12 -17.37
N ASN C 784 34.67 51.73 -16.19
CA ASN C 784 35.61 51.29 -15.17
C ASN C 784 35.08 50.00 -14.57
N PHE C 785 35.60 48.87 -15.05
CA PHE C 785 34.99 47.55 -14.84
C PHE C 785 35.66 46.75 -13.75
N SER C 786 36.27 47.41 -12.76
CA SER C 786 37.03 46.68 -11.76
C SER C 786 36.15 45.78 -10.91
N GLN C 787 34.86 46.11 -10.78
CA GLN C 787 33.97 45.35 -9.89
C GLN C 787 33.47 44.06 -10.50
N ILE C 788 33.74 43.81 -11.79
CA ILE C 788 33.32 42.58 -12.42
C ILE C 788 34.48 41.80 -13.03
N LEU C 789 35.62 42.43 -13.28
CA LEU C 789 36.78 41.72 -13.80
C LEU C 789 37.42 40.87 -12.70
N PRO C 790 38.12 39.80 -13.07
CA PRO C 790 38.78 38.96 -12.06
C PRO C 790 39.81 39.74 -11.27
N ASP C 791 39.95 39.37 -10.00
CA ASP C 791 40.90 40.03 -9.11
C ASP C 791 42.12 39.13 -8.94
N PRO C 792 43.29 39.50 -9.49
CA PRO C 792 44.47 38.64 -9.34
C PRO C 792 44.91 38.45 -7.89
N SER C 793 44.61 39.40 -7.01
CA SER C 793 45.06 39.31 -5.63
C SER C 793 44.43 38.10 -4.93
N LYS C 794 43.15 37.86 -5.15
CA LYS C 794 42.49 36.73 -4.52
C LYS C 794 43.03 35.43 -5.10
N PRO C 795 43.29 34.43 -4.24
CA PRO C 795 43.74 33.13 -4.77
C PRO C 795 42.72 32.46 -5.67
N SER C 796 41.43 32.69 -5.43
CA SER C 796 40.38 32.04 -6.22
C SER C 796 40.14 32.72 -7.56
N LYS C 797 40.73 33.90 -7.81
CA LYS C 797 40.59 34.63 -9.06
C LYS C 797 39.11 34.92 -9.36
N ARG C 798 38.43 35.54 -8.41
CA ARG C 798 37.03 35.89 -8.54
C ARG C 798 36.86 37.40 -8.41
N SER C 799 35.88 37.93 -9.12
CA SER C 799 35.57 39.34 -9.05
C SER C 799 34.97 39.67 -7.68
N PRO C 800 35.08 40.94 -7.25
CA PRO C 800 34.52 41.29 -5.93
C PRO C 800 33.04 40.98 -5.79
N ILE C 801 32.25 41.19 -6.84
CA ILE C 801 30.83 40.85 -6.78
C ILE C 801 30.65 39.35 -6.68
N GLU C 802 31.45 38.59 -7.44
CA GLU C 802 31.40 37.13 -7.34
C GLU C 802 31.79 36.66 -5.94
N ASP C 803 32.80 37.31 -5.35
CA ASP C 803 33.20 36.96 -3.99
C ASP C 803 32.07 37.24 -3.00
N LEU C 804 31.39 38.39 -3.15
CA LEU C 804 30.27 38.69 -2.27
C LEU C 804 29.15 37.68 -2.42
N LEU C 805 28.83 37.29 -3.66
CA LEU C 805 27.79 36.29 -3.89
C LEU C 805 28.20 34.94 -3.28
N PHE C 806 29.47 34.57 -3.41
CA PHE C 806 29.94 33.33 -2.81
C PHE C 806 29.80 33.35 -1.30
N ASN C 807 30.15 34.49 -0.67
CA ASN C 807 30.08 34.56 0.78
C ASN C 807 28.66 34.64 1.30
N LYS C 808 27.74 35.21 0.51
CA LYS C 808 26.38 35.44 1.00
C LYS C 808 25.49 34.21 0.93
N VAL C 809 25.95 33.11 0.33
CA VAL C 809 25.16 31.90 0.20
C VAL C 809 25.87 30.78 0.96
N THR C 810 25.14 30.14 1.88
CA THR C 810 25.70 29.06 2.68
C THR C 810 24.91 27.77 2.49
N LEU C 832 26.09 16.58 10.81
CA LEU C 832 24.84 16.15 10.18
C LEU C 832 25.13 15.45 8.86
N ILE C 833 26.18 15.93 8.17
CA ILE C 833 26.55 15.33 6.88
C ILE C 833 26.96 13.88 7.06
N CYS C 834 27.69 13.58 8.14
CA CYS C 834 28.13 12.22 8.38
C CYS C 834 26.94 11.28 8.60
N ALA C 835 25.90 11.76 9.26
CA ALA C 835 24.72 10.93 9.49
C ALA C 835 24.06 10.54 8.17
N GLN C 836 23.93 11.49 7.25
CA GLN C 836 23.38 11.18 5.93
C GLN C 836 24.30 10.23 5.16
N LYS C 837 25.61 10.47 5.26
CA LYS C 837 26.57 9.66 4.51
C LYS C 837 26.56 8.20 4.98
N PHE C 838 26.42 8.00 6.29
CA PHE C 838 26.60 6.67 6.87
C PHE C 838 25.45 5.72 6.62
N ASN C 839 24.33 6.20 6.07
CA ASN C 839 23.14 5.37 5.87
C ASN C 839 22.89 5.02 4.41
N GLY C 840 23.88 5.19 3.55
CA GLY C 840 23.74 4.84 2.15
C GLY C 840 23.41 5.99 1.22
N LEU C 841 23.41 7.22 1.71
CA LEU C 841 23.16 8.39 0.88
C LEU C 841 24.47 9.12 0.64
N THR C 842 24.76 9.40 -0.63
CA THR C 842 26.00 10.09 -0.99
C THR C 842 25.68 11.28 -1.88
N VAL C 843 26.55 12.27 -1.84
CA VAL C 843 26.50 13.41 -2.74
C VAL C 843 27.71 13.36 -3.65
N LEU C 844 27.49 13.67 -4.92
CA LEU C 844 28.58 13.57 -5.88
C LEU C 844 29.11 14.94 -6.25
N PRO C 845 30.42 15.10 -6.38
CA PRO C 845 30.96 16.41 -6.72
C PRO C 845 30.57 16.81 -8.13
N PRO C 846 30.36 18.10 -8.38
CA PRO C 846 30.05 18.54 -9.75
C PRO C 846 31.24 18.33 -10.67
N LEU C 847 30.94 18.12 -11.95
CA LEU C 847 32.00 17.92 -12.93
C LEU C 847 32.85 19.18 -13.09
N LEU C 848 32.22 20.35 -13.11
CA LEU C 848 32.92 21.62 -13.28
C LEU C 848 33.11 22.28 -11.92
N THR C 849 34.36 22.54 -11.55
CA THR C 849 34.64 23.23 -10.31
C THR C 849 34.31 24.71 -10.43
N ASP C 850 34.28 25.38 -9.28
CA ASP C 850 33.94 26.81 -9.27
C ASP C 850 34.96 27.64 -10.03
N GLU C 851 36.23 27.25 -9.99
CA GLU C 851 37.26 27.98 -10.72
C GLU C 851 37.00 27.93 -12.22
N MET C 852 36.58 26.78 -12.75
CA MET C 852 36.28 26.68 -14.17
C MET C 852 35.08 27.54 -14.55
N ILE C 853 34.06 27.58 -13.68
CA ILE C 853 32.91 28.43 -13.95
C ILE C 853 33.33 29.90 -13.97
N ALA C 854 34.17 30.30 -13.02
CA ALA C 854 34.66 31.68 -13.00
C ALA C 854 35.48 31.98 -14.25
N GLN C 855 36.28 31.01 -14.69
CA GLN C 855 37.06 31.20 -15.92
C GLN C 855 36.15 31.38 -17.12
N TYR C 856 35.08 30.59 -17.20
CA TYR C 856 34.13 30.72 -18.30
C TYR C 856 33.48 32.11 -18.29
N THR C 857 33.05 32.56 -17.11
CA THR C 857 32.42 33.88 -17.03
C THR C 857 33.41 34.98 -17.39
N SER C 858 34.66 34.86 -16.95
CA SER C 858 35.66 35.87 -17.29
C SER C 858 35.92 35.89 -18.79
N ALA C 859 35.97 34.72 -19.43
CA ALA C 859 36.15 34.67 -20.88
C ALA C 859 35.00 35.35 -21.59
N LEU C 860 33.76 35.05 -21.17
CA LEU C 860 32.60 35.69 -21.80
C LEU C 860 32.63 37.19 -21.62
N LEU C 861 32.98 37.66 -20.42
CA LEU C 861 32.97 39.09 -20.16
C LEU C 861 34.07 39.81 -20.95
N ALA C 862 35.26 39.22 -21.02
CA ALA C 862 36.33 39.82 -21.82
C ALA C 862 35.95 39.85 -23.30
N GLY C 863 35.33 38.78 -23.79
CA GLY C 863 34.91 38.77 -25.18
C GLY C 863 33.86 39.82 -25.48
N THR C 864 32.91 40.01 -24.57
CA THR C 864 31.87 41.02 -24.80
C THR C 864 32.39 42.43 -24.58
N ILE C 865 33.50 42.60 -23.85
CA ILE C 865 34.07 43.93 -23.67
C ILE C 865 34.91 44.32 -24.87
N THR C 866 35.79 43.43 -25.32
CA THR C 866 36.75 43.79 -26.36
C THR C 866 36.15 43.77 -27.76
N SER C 867 35.20 42.87 -28.03
CA SER C 867 34.75 42.63 -29.39
C SER C 867 33.25 42.87 -29.59
N GLY C 868 32.56 43.44 -28.61
CA GLY C 868 31.13 43.67 -28.78
C GLY C 868 30.37 42.37 -28.90
N TRP C 869 29.41 42.34 -29.82
CA TRP C 869 28.61 41.15 -30.06
C TRP C 869 29.15 40.29 -31.20
N THR C 870 30.27 40.68 -31.81
CA THR C 870 30.76 39.98 -32.99
C THR C 870 31.30 38.60 -32.65
N PHE C 871 31.81 38.41 -31.43
CA PHE C 871 32.41 37.13 -31.08
C PHE C 871 31.36 36.03 -30.90
N GLY C 872 30.09 36.39 -30.76
CA GLY C 872 29.05 35.40 -30.61
C GLY C 872 28.53 34.82 -31.90
N ALA C 873 28.82 35.46 -33.03
CA ALA C 873 28.32 35.01 -34.34
C ALA C 873 29.45 34.69 -35.31
N GLY C 874 30.66 34.46 -34.81
CA GLY C 874 31.79 34.18 -35.65
C GLY C 874 33.10 34.57 -35.02
N PRO C 875 34.08 34.94 -35.84
CA PRO C 875 35.36 35.39 -35.30
C PRO C 875 35.21 36.70 -34.54
N ALA C 876 36.08 36.89 -33.54
CA ALA C 876 36.03 38.07 -32.71
C ALA C 876 36.75 39.22 -33.40
N LEU C 877 36.04 40.32 -33.59
CA LEU C 877 36.60 41.51 -34.22
C LEU C 877 36.64 42.64 -33.19
N GLN C 878 37.81 43.24 -33.01
CA GLN C 878 37.96 44.27 -31.99
C GLN C 878 37.27 45.56 -32.41
N ILE C 879 36.91 46.35 -31.40
CA ILE C 879 36.19 47.60 -31.60
C ILE C 879 36.41 48.48 -30.36
N PRO C 880 36.74 49.75 -30.51
CA PRO C 880 36.86 50.62 -29.34
C PRO C 880 35.52 50.70 -28.60
N PHE C 881 35.60 50.73 -27.27
CA PHE C 881 34.37 50.66 -26.47
C PHE C 881 33.42 51.82 -26.72
N PRO C 882 33.85 53.09 -26.84
CA PRO C 882 32.89 54.14 -27.18
C PRO C 882 32.14 53.88 -28.49
N MET C 883 32.81 53.32 -29.49
CA MET C 883 32.12 53.02 -30.74
C MET C 883 31.11 51.91 -30.56
N GLN C 884 31.43 50.91 -29.74
CA GLN C 884 30.45 49.88 -29.42
C GLN C 884 29.25 50.47 -28.70
N MET C 885 29.48 51.40 -27.78
CA MET C 885 28.38 52.08 -27.11
C MET C 885 27.55 52.88 -28.10
N ALA C 886 28.19 53.49 -29.10
CA ALA C 886 27.45 54.20 -30.13
C ALA C 886 26.59 53.26 -30.94
N TYR C 887 27.12 52.08 -31.27
CA TYR C 887 26.32 51.07 -31.97
C TYR C 887 25.10 50.67 -31.13
N ARG C 888 25.32 50.42 -29.84
CA ARG C 888 24.21 50.01 -28.98
C ARG C 888 23.22 51.15 -28.74
N PHE C 889 23.66 52.40 -28.87
CA PHE C 889 22.74 53.52 -28.81
C PHE C 889 21.91 53.62 -30.07
N ASN C 890 22.54 53.43 -31.23
CA ASN C 890 21.79 53.36 -32.48
C ASN C 890 20.79 52.21 -32.46
N GLY C 891 21.09 51.16 -31.70
CA GLY C 891 20.17 50.03 -31.62
C GLY C 891 18.81 50.39 -31.06
N ILE C 892 18.76 51.35 -30.14
CA ILE C 892 17.50 51.71 -29.47
C ILE C 892 16.87 52.96 -30.06
N GLY C 893 17.43 53.51 -31.13
CA GLY C 893 16.84 54.65 -31.79
C GLY C 893 17.40 56.01 -31.41
N VAL C 894 18.57 56.06 -30.77
CA VAL C 894 19.21 57.33 -30.41
C VAL C 894 20.48 57.46 -31.23
N THR C 895 20.70 58.63 -31.81
CA THR C 895 21.82 58.84 -32.70
C THR C 895 23.15 58.83 -31.93
N GLN C 896 24.23 58.66 -32.68
CA GLN C 896 25.56 58.48 -32.08
C GLN C 896 26.05 59.75 -31.41
N ASN C 897 25.72 60.92 -31.97
CA ASN C 897 26.24 62.17 -31.45
C ASN C 897 25.86 62.38 -29.99
N VAL C 898 24.72 61.83 -29.57
CA VAL C 898 24.31 61.95 -28.16
C VAL C 898 25.38 61.34 -27.26
N LEU C 899 25.79 60.10 -27.56
CA LEU C 899 26.83 59.48 -26.75
C LEU C 899 28.17 60.18 -26.94
N TYR C 900 28.52 60.52 -28.17
CA TYR C 900 29.81 61.14 -28.40
C TYR C 900 29.92 62.51 -27.74
N GLU C 901 28.80 63.11 -27.36
CA GLU C 901 28.83 64.38 -26.63
C GLU C 901 28.57 64.24 -25.14
N ASN C 902 28.01 63.11 -24.68
CA ASN C 902 27.76 62.89 -23.26
C ASN C 902 28.51 61.68 -22.72
N GLN C 903 29.65 61.35 -23.34
CA GLN C 903 30.44 60.20 -22.93
C GLN C 903 30.84 60.25 -21.45
N LYS C 904 31.33 61.41 -20.99
CA LYS C 904 31.79 61.51 -19.61
C LYS C 904 30.64 61.29 -18.64
N LEU C 905 29.50 61.92 -18.90
CA LEU C 905 28.34 61.75 -18.03
C LEU C 905 27.87 60.30 -18.01
N ILE C 906 27.84 59.66 -19.19
CA ILE C 906 27.41 58.27 -19.26
C ILE C 906 28.35 57.37 -18.47
N ALA C 907 29.65 57.59 -18.60
CA ALA C 907 30.62 56.77 -17.88
C ALA C 907 30.47 56.95 -16.37
N ASN C 908 30.28 58.20 -15.92
CA ASN C 908 30.11 58.44 -14.49
C ASN C 908 28.85 57.76 -13.97
N GLN C 909 27.75 57.84 -14.73
CA GLN C 909 26.52 57.18 -14.31
C GLN C 909 26.70 55.68 -14.23
N PHE C 910 27.42 55.10 -15.21
CA PHE C 910 27.64 53.65 -15.21
C PHE C 910 28.45 53.22 -13.99
N ASN C 911 29.50 53.96 -13.67
CA ASN C 911 30.32 53.62 -12.50
C ASN C 911 29.51 53.72 -11.22
N SER C 912 28.71 54.79 -11.08
CA SER C 912 27.89 54.94 -9.88
C SER C 912 26.88 53.80 -9.78
N ALA C 913 26.29 53.40 -10.90
CA ALA C 913 25.33 52.30 -10.87
C ALA C 913 26.00 51.00 -10.44
N ILE C 914 27.21 50.73 -10.91
CA ILE C 914 27.91 49.51 -10.53
C ILE C 914 28.19 49.51 -9.02
N GLY C 915 28.68 50.64 -8.50
CA GLY C 915 28.91 50.73 -7.07
C GLY C 915 27.64 50.52 -6.25
N LYS C 916 26.54 51.13 -6.70
CA LYS C 916 25.27 50.93 -6.02
C LYS C 916 24.82 49.48 -6.07
N ILE C 917 25.08 48.79 -7.18
CA ILE C 917 24.73 47.37 -7.26
C ILE C 917 25.48 46.58 -6.21
N GLN C 918 26.78 46.81 -6.08
CA GLN C 918 27.53 46.08 -5.07
C GLN C 918 27.00 46.36 -3.67
N ASP C 919 26.75 47.65 -3.36
CA ASP C 919 26.27 48.00 -2.03
C ASP C 919 24.90 47.38 -1.75
N SER C 920 23.99 47.43 -2.73
CA SER C 920 22.66 46.87 -2.55
C SER C 920 22.70 45.37 -2.34
N LEU C 921 23.54 44.67 -3.11
CA LEU C 921 23.68 43.23 -2.89
C LEU C 921 24.24 42.93 -1.50
N SER C 922 25.21 43.73 -1.04
CA SER C 922 25.82 43.47 0.25
C SER C 922 24.85 43.73 1.40
N SER C 923 24.00 44.76 1.27
CA SER C 923 23.21 45.23 2.39
C SER C 923 21.83 44.58 2.50
N THR C 924 21.50 43.62 1.63
CA THR C 924 20.21 42.97 1.67
C THR C 924 20.38 41.46 1.78
N PRO C 925 19.75 40.81 2.77
CA PRO C 925 19.96 39.36 2.95
C PRO C 925 19.03 38.49 2.11
N SER C 926 17.90 39.06 1.69
CA SER C 926 16.87 38.30 0.97
C SER C 926 17.02 38.39 -0.54
N ALA C 927 18.10 38.99 -1.04
CA ALA C 927 18.27 39.13 -2.48
C ALA C 927 18.49 37.78 -3.15
N LEU C 928 19.23 36.88 -2.50
CA LEU C 928 19.61 35.58 -3.06
C LEU C 928 18.71 34.46 -2.57
N GLY C 929 17.41 34.73 -2.43
CA GLY C 929 16.50 33.76 -1.84
C GLY C 929 16.39 32.46 -2.61
N LYS C 930 16.52 32.51 -3.94
CA LYS C 930 16.23 31.34 -4.76
C LYS C 930 17.29 30.25 -4.58
N LEU C 931 18.57 30.62 -4.62
CA LEU C 931 19.63 29.64 -4.44
C LEU C 931 19.63 29.06 -3.04
N GLN C 932 19.40 29.91 -2.04
CA GLN C 932 19.29 29.43 -0.67
C GLN C 932 18.10 28.50 -0.52
N ASP C 933 17.00 28.78 -1.23
CA ASP C 933 15.85 27.89 -1.22
C ASP C 933 16.20 26.53 -1.81
N VAL C 934 16.97 26.53 -2.89
CA VAL C 934 17.39 25.26 -3.49
C VAL C 934 18.20 24.45 -2.48
N VAL C 935 19.18 25.09 -1.84
CA VAL C 935 20.03 24.40 -0.88
C VAL C 935 19.19 23.86 0.27
N ASN C 936 18.29 24.70 0.80
CA ASN C 936 17.45 24.29 1.93
C ASN C 936 16.54 23.13 1.55
N HIS C 937 15.97 23.17 0.35
CA HIS C 937 15.10 22.09 -0.10
C HIS C 937 15.86 20.77 -0.15
N ASN C 938 17.05 20.78 -0.74
CA ASN C 938 17.84 19.55 -0.82
C ASN C 938 18.18 19.03 0.56
N ALA C 939 18.67 19.91 1.44
CA ALA C 939 19.08 19.48 2.78
C ALA C 939 17.89 18.94 3.56
N GLN C 940 16.74 19.60 3.47
CA GLN C 940 15.56 19.18 4.22
C GLN C 940 15.02 17.85 3.71
N ALA C 941 15.02 17.65 2.39
CA ALA C 941 14.60 16.36 1.85
C ALA C 941 15.51 15.24 2.33
N LEU C 942 16.82 15.47 2.31
CA LEU C 942 17.75 14.45 2.81
C LEU C 942 17.53 14.17 4.30
N ASN C 943 17.31 15.24 5.08
CA ASN C 943 17.08 15.07 6.51
C ASN C 943 15.82 14.25 6.78
N THR C 944 14.75 14.53 6.05
CA THR C 944 13.51 13.76 6.22
C THR C 944 13.73 12.30 5.84
N LEU C 945 14.45 12.05 4.74
CA LEU C 945 14.70 10.68 4.33
C LEU C 945 15.50 9.93 5.40
N VAL C 946 16.49 10.60 6.00
CA VAL C 946 17.24 9.97 7.09
C VAL C 946 16.34 9.71 8.29
N LYS C 947 15.52 10.70 8.65
CA LYS C 947 14.68 10.57 9.84
C LYS C 947 13.65 9.45 9.69
N GLN C 948 13.27 9.13 8.45
CA GLN C 948 12.30 8.05 8.25
C GLN C 948 12.81 6.69 8.71
N LEU C 949 14.13 6.54 8.93
CA LEU C 949 14.66 5.27 9.37
C LEU C 949 14.27 4.91 10.80
N SER C 950 13.86 5.89 11.60
CA SER C 950 13.56 5.67 13.00
C SER C 950 12.11 5.29 13.25
N SER C 951 11.31 5.13 12.21
CA SER C 951 9.89 4.81 12.36
C SER C 951 9.69 3.32 12.52
N LYS C 952 8.82 2.95 13.47
CA LYS C 952 8.53 1.54 13.71
C LYS C 952 7.77 0.91 12.55
N PHE C 953 6.89 1.67 11.90
CA PHE C 953 6.13 1.22 10.73
C PHE C 953 5.24 0.02 11.05
N GLY C 954 4.78 -0.07 12.30
CA GLY C 954 3.92 -1.15 12.72
C GLY C 954 4.61 -2.39 13.24
N ALA C 955 5.94 -2.39 13.29
CA ALA C 955 6.69 -3.52 13.81
C ALA C 955 6.84 -3.38 15.31
N ILE C 956 7.67 -4.23 15.93
CA ILE C 956 7.89 -4.16 17.36
C ILE C 956 9.11 -3.30 17.70
N SER C 957 10.06 -3.18 16.79
CA SER C 957 11.25 -2.36 17.01
C SER C 957 11.69 -1.75 15.70
N SER C 958 12.23 -0.53 15.78
CA SER C 958 12.67 0.19 14.60
C SER C 958 14.07 -0.22 14.14
N VAL C 959 14.77 -1.05 14.91
CA VAL C 959 16.11 -1.50 14.55
C VAL C 959 16.03 -2.97 14.15
N LEU C 960 16.65 -3.29 13.01
CA LEU C 960 16.54 -4.64 12.46
C LEU C 960 17.29 -5.66 13.29
N ASN C 961 18.41 -5.26 13.90
CA ASN C 961 19.24 -6.22 14.63
C ASN C 961 18.51 -6.80 15.82
N ASP C 962 17.76 -5.98 16.56
CA ASP C 962 17.03 -6.48 17.71
C ASP C 962 15.93 -7.45 17.29
N ILE C 963 15.22 -7.15 16.20
CA ILE C 963 14.21 -8.06 15.69
C ILE C 963 14.85 -9.38 15.30
N LEU C 964 16.01 -9.33 14.64
CA LEU C 964 16.69 -10.55 14.23
C LEU C 964 17.14 -11.38 15.43
N SER C 965 17.66 -10.72 16.46
CA SER C 965 18.23 -11.41 17.62
C SER C 965 17.23 -11.67 18.73
N ARG C 966 15.96 -11.29 18.55
CA ARG C 966 14.97 -11.47 19.60
C ARG C 966 13.85 -12.43 19.24
N LEU C 967 13.63 -12.71 17.96
CA LEU C 967 12.48 -13.48 17.51
C LEU C 967 12.92 -14.64 16.64
N ASP C 968 11.96 -15.53 16.34
CA ASP C 968 12.12 -16.68 15.46
C ASP C 968 11.90 -16.27 14.00
N PRO C 969 12.51 -16.98 13.06
CA PRO C 969 12.40 -16.60 11.64
C PRO C 969 10.97 -16.49 11.15
N PRO C 970 10.05 -17.40 11.54
CA PRO C 970 8.69 -17.31 10.99
C PRO C 970 7.99 -15.98 11.28
N GLU C 971 8.29 -15.34 12.39
CA GLU C 971 7.71 -14.02 12.71
C GLU C 971 8.67 -12.87 12.43
N ALA C 972 9.98 -13.14 12.51
CA ALA C 972 10.95 -12.15 12.08
C ALA C 972 10.72 -11.77 10.62
N GLU C 973 10.30 -12.73 9.79
CA GLU C 973 10.00 -12.42 8.41
C GLU C 973 8.87 -11.40 8.30
N VAL C 974 7.84 -11.54 9.12
CA VAL C 974 6.73 -10.59 9.10
C VAL C 974 7.21 -9.20 9.52
N GLN C 975 8.02 -9.15 10.58
CA GLN C 975 8.49 -7.85 11.07
C GLN C 975 9.35 -7.16 10.02
N ILE C 976 10.28 -7.89 9.41
CA ILE C 976 11.11 -7.31 8.35
C ILE C 976 10.25 -6.95 7.14
N ASP C 977 9.16 -7.68 6.91
CA ASP C 977 8.26 -7.32 5.81
C ASP C 977 7.67 -5.93 6.04
N ARG C 978 7.19 -5.67 7.26
CA ARG C 978 6.65 -4.36 7.58
C ARG C 978 7.71 -3.27 7.40
N LEU C 979 8.92 -3.51 7.94
CA LEU C 979 9.97 -2.50 7.82
C LEU C 979 10.34 -2.26 6.36
N ILE C 980 10.41 -3.33 5.57
CA ILE C 980 10.80 -3.22 4.17
C ILE C 980 9.78 -2.40 3.39
N THR C 981 8.49 -2.68 3.60
CA THR C 981 7.48 -1.93 2.85
C THR C 981 7.47 -0.46 3.25
N GLY C 982 7.65 -0.16 4.54
CA GLY C 982 7.71 1.23 4.95
C GLY C 982 8.87 1.97 4.32
N ARG C 983 10.06 1.38 4.36
CA ARG C 983 11.22 2.06 3.80
C ARG C 983 11.15 2.16 2.28
N LEU C 984 10.55 1.17 1.62
CA LEU C 984 10.35 1.27 0.17
C LEU C 984 9.44 2.43 -0.17
N GLN C 985 8.35 2.61 0.59
CA GLN C 985 7.46 3.75 0.35
C GLN C 985 8.21 5.06 0.53
N SER C 986 9.02 5.16 1.59
CA SER C 986 9.78 6.39 1.81
C SER C 986 10.71 6.69 0.64
N LEU C 987 11.43 5.67 0.17
CA LEU C 987 12.37 5.86 -0.93
C LEU C 987 11.65 6.29 -2.21
N GLN C 988 10.50 5.67 -2.50
CA GLN C 988 9.75 6.04 -3.70
C GLN C 988 9.28 7.49 -3.63
N THR C 989 8.80 7.91 -2.46
CA THR C 989 8.37 9.30 -2.31
C THR C 989 9.53 10.26 -2.55
N TYR C 990 10.69 9.96 -1.97
CA TYR C 990 11.85 10.82 -2.17
C TYR C 990 12.22 10.91 -3.64
N VAL C 991 12.22 9.77 -4.33
CA VAL C 991 12.61 9.77 -5.75
C VAL C 991 11.64 10.61 -6.58
N THR C 992 10.34 10.48 -6.31
CA THR C 992 9.36 11.26 -7.07
C THR C 992 9.54 12.76 -6.85
N GLN C 993 9.73 13.16 -5.60
CA GLN C 993 9.94 14.59 -5.33
C GLN C 993 11.19 15.09 -6.03
N GLN C 994 12.26 14.30 -6.01
CA GLN C 994 13.50 14.71 -6.68
C GLN C 994 13.27 14.85 -8.18
N LEU C 995 12.50 13.95 -8.79
CA LEU C 995 12.22 14.05 -10.22
C LEU C 995 11.50 15.34 -10.55
N ILE C 996 10.48 15.69 -9.77
CA ILE C 996 9.71 16.90 -10.05
C ILE C 996 10.61 18.14 -9.90
N ARG C 997 11.39 18.19 -8.82
CA ARG C 997 12.26 19.34 -8.61
C ARG C 997 13.32 19.44 -9.72
N ALA C 998 13.81 18.30 -10.19
CA ALA C 998 14.77 18.30 -11.29
C ALA C 998 14.14 18.87 -12.56
N ALA C 999 12.89 18.53 -12.83
CA ALA C 999 12.22 19.08 -14.01
C ALA C 999 12.11 20.60 -13.90
N GLU C 1000 11.72 21.10 -12.73
CA GLU C 1000 11.61 22.55 -12.56
C GLU C 1000 12.96 23.23 -12.72
N ILE C 1001 14.01 22.64 -12.15
CA ILE C 1001 15.34 23.23 -12.24
C ILE C 1001 15.83 23.22 -13.69
N ARG C 1002 15.50 22.17 -14.44
CA ARG C 1002 15.86 22.12 -15.86
C ARG C 1002 15.19 23.25 -16.63
N ALA C 1003 13.91 23.50 -16.34
CA ALA C 1003 13.23 24.62 -16.99
C ALA C 1003 13.94 25.94 -16.68
N SER C 1004 14.31 26.15 -15.41
CA SER C 1004 15.02 27.36 -15.04
C SER C 1004 16.37 27.47 -15.75
N ALA C 1005 17.07 26.35 -15.88
CA ALA C 1005 18.37 26.35 -16.55
C ALA C 1005 18.24 26.68 -18.03
N ASN C 1006 17.20 26.16 -18.68
CA ASN C 1006 16.96 26.50 -20.08
C ASN C 1006 16.68 28.00 -20.22
N LEU C 1007 15.89 28.56 -19.31
CA LEU C 1007 15.65 30.00 -19.35
C LEU C 1007 16.94 30.78 -19.18
N ALA C 1008 17.80 30.34 -18.25
CA ALA C 1008 19.07 31.02 -18.03
C ALA C 1008 19.97 30.94 -19.27
N ALA C 1009 19.99 29.78 -19.93
CA ALA C 1009 20.78 29.64 -21.15
C ALA C 1009 20.28 30.57 -22.25
N THR C 1010 18.96 30.67 -22.41
CA THR C 1010 18.41 31.58 -23.40
C THR C 1010 18.78 33.03 -23.07
N LYS C 1011 18.69 33.41 -21.80
CA LYS C 1011 19.05 34.77 -21.40
C LYS C 1011 20.52 35.04 -21.68
N MET C 1012 21.40 34.09 -21.39
CA MET C 1012 22.81 34.27 -21.67
C MET C 1012 23.06 34.42 -23.16
N SER C 1013 22.38 33.63 -23.98
CA SER C 1013 22.59 33.69 -25.41
C SER C 1013 22.10 35.01 -26.01
N GLU C 1014 20.97 35.52 -25.50
CA GLU C 1014 20.34 36.68 -26.15
C GLU C 1014 20.73 38.02 -25.55
N CYS C 1015 20.84 38.13 -24.23
CA CYS C 1015 21.16 39.42 -23.61
C CYS C 1015 22.64 39.70 -23.54
N VAL C 1016 23.48 38.67 -23.35
CA VAL C 1016 24.91 38.87 -23.21
C VAL C 1016 25.62 38.88 -24.57
N LEU C 1017 25.35 37.87 -25.39
CA LEU C 1017 26.01 37.75 -26.70
C LEU C 1017 25.38 38.63 -27.76
N GLY C 1018 24.50 39.56 -27.38
CA GLY C 1018 23.87 40.44 -28.34
C GLY C 1018 22.95 41.41 -27.63
N GLN C 1019 22.32 42.26 -28.42
CA GLN C 1019 21.36 43.25 -27.91
C GLN C 1019 19.96 42.79 -28.24
N SER C 1020 19.08 42.83 -27.24
CA SER C 1020 17.74 42.26 -27.34
C SER C 1020 16.71 43.35 -27.52
N LYS C 1021 15.79 43.14 -28.46
CA LYS C 1021 14.66 44.03 -28.67
C LYS C 1021 13.43 43.63 -27.89
N ARG C 1022 13.44 42.48 -27.23
CA ARG C 1022 12.29 42.03 -26.47
C ARG C 1022 12.12 42.87 -25.20
N VAL C 1023 10.88 43.23 -24.91
CA VAL C 1023 10.58 44.12 -23.80
C VAL C 1023 10.68 43.35 -22.49
N ASP C 1024 11.39 43.91 -21.53
CA ASP C 1024 11.54 43.39 -20.16
C ASP C 1024 12.19 42.02 -20.11
N PHE C 1025 12.74 41.54 -21.22
CA PHE C 1025 13.46 40.26 -21.19
C PHE C 1025 14.81 40.40 -20.51
N CYS C 1026 15.52 41.49 -20.80
CA CYS C 1026 16.86 41.69 -20.23
C CYS C 1026 16.91 42.96 -19.40
N GLY C 1027 15.91 43.17 -18.54
CA GLY C 1027 15.90 44.30 -17.63
C GLY C 1027 14.86 45.33 -18.02
N LYS C 1028 14.48 46.14 -17.03
CA LYS C 1028 13.51 47.19 -17.23
C LYS C 1028 14.13 48.35 -17.99
N GLY C 1029 13.44 48.83 -19.01
CA GLY C 1029 13.93 49.90 -19.86
C GLY C 1029 14.42 49.36 -21.19
N TYR C 1030 15.06 50.25 -21.95
CA TYR C 1030 15.63 49.87 -23.23
C TYR C 1030 16.98 49.20 -22.99
N HIS C 1031 17.10 47.94 -23.43
CA HIS C 1031 18.29 47.17 -23.12
C HIS C 1031 19.51 47.73 -23.85
N LEU C 1032 20.62 47.82 -23.12
CA LEU C 1032 21.90 48.20 -23.70
C LEU C 1032 22.87 47.03 -23.75
N MET C 1033 23.11 46.37 -22.62
CA MET C 1033 24.00 45.19 -22.61
C MET C 1033 23.85 44.48 -21.27
N SER C 1034 24.65 43.43 -21.07
CA SER C 1034 24.53 42.63 -19.86
C SER C 1034 25.87 42.00 -19.51
N PHE C 1035 26.01 41.61 -18.24
CA PHE C 1035 27.24 40.99 -17.73
C PHE C 1035 26.87 39.76 -16.91
N PRO C 1036 27.54 38.63 -17.12
CA PRO C 1036 27.28 37.45 -16.29
C PRO C 1036 28.22 37.34 -15.10
N GLN C 1037 27.70 36.74 -14.03
CA GLN C 1037 28.48 36.41 -12.85
C GLN C 1037 28.03 35.06 -12.33
N SER C 1038 28.97 34.28 -11.78
CA SER C 1038 28.64 32.98 -11.25
C SER C 1038 28.25 33.09 -9.78
N ALA C 1039 27.38 32.18 -9.34
CA ALA C 1039 26.96 32.09 -7.95
C ALA C 1039 26.75 30.63 -7.62
N PRO C 1040 26.83 30.26 -6.35
CA PRO C 1040 26.61 28.86 -5.97
C PRO C 1040 25.26 28.36 -6.49
N HIS C 1041 25.32 27.40 -7.40
CA HIS C 1041 24.15 26.78 -8.01
C HIS C 1041 23.33 27.77 -8.83
N GLY C 1042 23.97 28.74 -9.48
CA GLY C 1042 23.21 29.65 -10.31
C GLY C 1042 24.05 30.73 -10.93
N VAL C 1043 23.35 31.63 -11.62
CA VAL C 1043 23.98 32.72 -12.36
C VAL C 1043 23.27 34.03 -12.02
N VAL C 1044 24.02 35.12 -12.05
CA VAL C 1044 23.51 36.46 -11.79
C VAL C 1044 23.82 37.34 -12.99
N PHE C 1045 22.78 37.95 -13.55
CA PHE C 1045 22.92 38.84 -14.69
C PHE C 1045 22.83 40.28 -14.23
N LEU C 1046 23.76 41.10 -14.68
CA LEU C 1046 23.73 42.55 -14.47
C LEU C 1046 23.30 43.17 -15.79
N HIS C 1047 22.07 43.67 -15.84
CA HIS C 1047 21.52 44.27 -17.05
C HIS C 1047 21.75 45.78 -17.00
N VAL C 1048 22.42 46.31 -18.02
CA VAL C 1048 22.63 47.73 -18.18
C VAL C 1048 21.66 48.23 -19.24
N THR C 1049 20.80 49.17 -18.85
CA THR C 1049 19.70 49.66 -19.67
C THR C 1049 19.64 51.18 -19.62
N TYR C 1050 18.86 51.74 -20.55
CA TYR C 1050 18.75 53.18 -20.76
C TYR C 1050 17.32 53.60 -20.45
N VAL C 1051 17.16 54.63 -19.60
CA VAL C 1051 15.85 55.07 -19.14
C VAL C 1051 15.71 56.56 -19.41
N PRO C 1052 14.69 57.00 -20.14
CA PRO C 1052 14.48 58.44 -20.35
C PRO C 1052 14.05 59.14 -19.06
N ALA C 1053 14.30 60.45 -19.03
CA ALA C 1053 13.95 61.25 -17.86
C ALA C 1053 13.89 62.72 -18.25
N GLN C 1054 13.23 63.50 -17.40
CA GLN C 1054 13.05 64.94 -17.60
C GLN C 1054 12.29 65.22 -18.90
N GLU C 1055 11.05 64.75 -18.95
CA GLU C 1055 10.20 64.98 -20.11
C GLU C 1055 9.71 66.41 -20.13
N LYS C 1056 9.18 66.82 -21.29
CA LYS C 1056 8.71 68.18 -21.47
C LYS C 1056 7.55 68.20 -22.45
N ASN C 1057 6.59 69.09 -22.20
CA ASN C 1057 5.43 69.29 -23.05
C ASN C 1057 5.84 69.86 -24.41
N PHE C 1058 5.10 69.48 -25.45
CA PHE C 1058 5.25 70.09 -26.77
C PHE C 1058 3.93 69.95 -27.52
N THR C 1059 3.75 70.81 -28.51
CA THR C 1059 2.59 70.76 -29.39
C THR C 1059 3.00 70.13 -30.71
N THR C 1060 2.23 69.15 -31.17
CA THR C 1060 2.61 68.34 -32.32
C THR C 1060 1.52 68.36 -33.39
N ALA C 1061 1.93 68.03 -34.61
CA ALA C 1061 1.04 67.92 -35.76
C ALA C 1061 1.46 66.72 -36.59
N PRO C 1062 0.51 66.09 -37.30
CA PRO C 1062 0.87 64.90 -38.09
C PRO C 1062 1.66 65.22 -39.35
N ALA C 1063 1.40 66.35 -39.99
CA ALA C 1063 2.06 66.70 -41.24
C ALA C 1063 2.11 68.21 -41.38
N ILE C 1064 2.94 68.68 -42.30
CA ILE C 1064 3.13 70.10 -42.54
C ILE C 1064 2.69 70.41 -43.96
N CYS C 1065 1.78 71.39 -44.10
CA CYS C 1065 1.28 71.78 -45.42
C CYS C 1065 2.10 72.94 -45.95
N HIS C 1066 2.60 72.81 -47.18
CA HIS C 1066 3.45 73.82 -47.80
C HIS C 1066 3.26 73.76 -49.31
N ASP C 1067 2.83 74.87 -49.90
CA ASP C 1067 2.60 74.95 -51.34
C ASP C 1067 1.64 73.88 -51.82
N GLY C 1068 0.63 73.59 -51.00
CA GLY C 1068 -0.33 72.56 -51.34
C GLY C 1068 0.21 71.15 -51.32
N LYS C 1069 1.32 70.92 -50.61
CA LYS C 1069 1.90 69.59 -50.51
C LYS C 1069 2.07 69.24 -49.03
N ALA C 1070 1.86 67.97 -48.70
CA ALA C 1070 1.96 67.49 -47.34
C ALA C 1070 3.33 66.87 -47.12
N HIS C 1071 4.03 67.32 -46.07
CA HIS C 1071 5.34 66.81 -45.71
C HIS C 1071 5.22 66.04 -44.41
N PHE C 1072 5.80 64.84 -44.39
CA PHE C 1072 5.86 63.96 -43.24
C PHE C 1072 7.30 63.74 -42.83
N PRO C 1073 7.56 63.55 -41.53
CA PRO C 1073 8.94 63.33 -41.09
C PRO C 1073 9.49 62.01 -41.59
N ARG C 1074 10.81 61.98 -41.81
CA ARG C 1074 11.46 60.74 -42.21
C ARG C 1074 11.62 59.79 -41.03
N GLU C 1075 12.32 60.24 -39.98
CA GLU C 1075 12.57 59.41 -38.81
C GLU C 1075 12.16 60.06 -37.49
N GLY C 1076 11.78 61.34 -37.50
CA GLY C 1076 11.47 62.02 -36.26
C GLY C 1076 10.00 62.35 -36.08
N VAL C 1077 9.74 63.48 -35.42
CA VAL C 1077 8.39 63.93 -35.13
C VAL C 1077 8.39 65.44 -35.11
N PHE C 1078 7.26 66.03 -35.50
CA PHE C 1078 7.09 67.48 -35.52
C PHE C 1078 6.69 67.96 -34.14
N VAL C 1079 7.42 68.94 -33.63
CA VAL C 1079 7.13 69.54 -32.34
C VAL C 1079 7.10 71.04 -32.47
N SER C 1080 6.48 71.69 -31.50
CA SER C 1080 6.40 73.14 -31.50
C SER C 1080 6.49 73.68 -30.08
N ASN C 1081 7.40 74.61 -29.92
CA ASN C 1081 7.65 75.34 -28.68
C ASN C 1081 6.84 76.60 -28.52
N GLY C 1082 5.93 76.88 -29.45
CA GLY C 1082 4.90 77.87 -29.22
C GLY C 1082 4.76 78.82 -30.39
N THR C 1083 5.87 79.04 -31.08
CA THR C 1083 5.92 79.94 -32.23
C THR C 1083 6.62 79.36 -33.44
N HIS C 1084 7.46 78.35 -33.27
CA HIS C 1084 8.21 77.77 -34.38
C HIS C 1084 8.09 76.25 -34.32
N TRP C 1085 8.29 75.62 -35.48
CA TRP C 1085 8.15 74.19 -35.62
C TRP C 1085 9.50 73.53 -35.91
N PHE C 1086 9.72 72.36 -35.33
CA PHE C 1086 10.98 71.65 -35.49
C PHE C 1086 10.71 70.16 -35.63
N VAL C 1087 11.73 69.44 -36.05
CA VAL C 1087 11.71 67.98 -36.16
C VAL C 1087 12.71 67.42 -35.15
N THR C 1088 12.27 66.46 -34.34
CA THR C 1088 13.12 65.90 -33.30
C THR C 1088 13.09 64.37 -33.37
N GLN C 1089 14.06 63.75 -32.71
CA GLN C 1089 13.97 62.32 -32.49
C GLN C 1089 12.91 62.03 -31.42
N ARG C 1090 12.41 60.80 -31.45
CA ARG C 1090 11.34 60.44 -30.53
C ARG C 1090 11.84 60.20 -29.11
N ASN C 1091 13.06 59.71 -28.95
CA ASN C 1091 13.58 59.34 -27.63
C ASN C 1091 14.50 60.39 -27.02
N PHE C 1092 14.73 61.51 -27.70
CA PHE C 1092 15.61 62.54 -27.16
C PHE C 1092 15.30 63.85 -27.86
N TYR C 1093 15.21 64.93 -27.09
CA TYR C 1093 14.84 66.23 -27.64
C TYR C 1093 16.04 66.86 -28.31
N GLU C 1094 15.94 67.07 -29.62
CA GLU C 1094 17.00 67.73 -30.39
C GLU C 1094 16.36 68.46 -31.54
N PRO C 1095 15.93 69.70 -31.34
CA PRO C 1095 15.20 70.42 -32.39
C PRO C 1095 16.07 70.71 -33.59
N GLN C 1096 15.43 70.69 -34.76
CA GLN C 1096 16.12 70.93 -36.02
C GLN C 1096 15.18 71.66 -36.97
N ILE C 1097 15.77 72.44 -37.87
CA ILE C 1097 14.98 73.18 -38.85
C ILE C 1097 14.37 72.20 -39.85
N ILE C 1098 13.12 72.43 -40.22
CA ILE C 1098 12.43 71.56 -41.18
C ILE C 1098 12.94 71.87 -42.58
N THR C 1099 13.57 70.88 -43.21
CA THR C 1099 14.03 71.02 -44.58
C THR C 1099 13.49 69.88 -45.44
N THR C 1100 13.95 69.79 -46.68
CA THR C 1100 13.55 68.68 -47.54
C THR C 1100 14.38 67.43 -47.31
N ASP C 1101 15.43 67.52 -46.50
CA ASP C 1101 16.25 66.35 -46.21
C ASP C 1101 15.58 65.41 -45.22
N ASN C 1102 14.90 65.96 -44.21
CA ASN C 1102 14.30 65.17 -43.15
C ASN C 1102 12.79 64.96 -43.31
N THR C 1103 12.21 65.44 -44.42
CA THR C 1103 10.79 65.27 -44.68
C THR C 1103 10.58 64.75 -46.08
N PHE C 1104 9.48 64.02 -46.27
CA PHE C 1104 9.10 63.51 -47.58
C PHE C 1104 7.66 63.90 -47.90
N VAL C 1105 7.37 64.02 -49.18
CA VAL C 1105 6.11 64.58 -49.67
C VAL C 1105 5.22 63.46 -50.17
N SER C 1106 3.92 63.55 -49.84
CA SER C 1106 2.96 62.57 -50.32
C SER C 1106 1.58 63.21 -50.36
N GLY C 1107 1.10 63.53 -51.56
CA GLY C 1107 -0.26 64.03 -51.73
C GLY C 1107 -0.38 65.51 -51.45
N ASN C 1108 -1.63 65.94 -51.25
CA ASN C 1108 -1.98 67.32 -50.97
C ASN C 1108 -2.41 67.47 -49.51
N CYS C 1109 -2.84 68.68 -49.16
CA CYS C 1109 -3.04 69.06 -47.77
C CYS C 1109 -4.42 68.72 -47.22
N ASP C 1110 -5.37 68.30 -48.06
CA ASP C 1110 -6.74 68.15 -47.60
C ASP C 1110 -7.08 66.76 -47.09
N VAL C 1111 -6.31 65.73 -47.47
CA VAL C 1111 -6.67 64.36 -47.10
C VAL C 1111 -6.49 64.15 -45.60
N VAL C 1112 -5.36 64.58 -45.05
CA VAL C 1112 -5.04 64.27 -43.66
C VAL C 1112 -5.81 65.20 -42.73
N ILE C 1113 -5.92 64.78 -41.47
CA ILE C 1113 -6.66 65.50 -40.44
C ILE C 1113 -5.68 66.07 -39.43
N GLY C 1114 -5.76 67.37 -39.20
CA GLY C 1114 -4.85 68.03 -38.28
C GLY C 1114 -3.62 68.63 -38.91
N ILE C 1115 -3.59 68.80 -40.23
CA ILE C 1115 -2.42 69.38 -40.88
C ILE C 1115 -2.25 70.82 -40.42
N VAL C 1116 -1.00 71.29 -40.40
CA VAL C 1116 -0.64 72.59 -39.86
C VAL C 1116 0.19 73.34 -40.89
N ASN C 1117 -0.17 74.60 -41.14
CA ASN C 1117 0.60 75.43 -42.06
C ASN C 1117 1.97 75.77 -41.48
N ASN C 1118 2.98 75.78 -42.35
CA ASN C 1118 4.33 76.21 -42.01
C ASN C 1118 5.15 76.22 -43.30
N THR C 1119 6.30 76.87 -43.24
CA THR C 1119 7.22 76.90 -44.36
C THR C 1119 8.27 75.82 -44.20
N VAL C 1120 8.72 75.27 -45.33
CA VAL C 1120 9.72 74.22 -45.37
C VAL C 1120 10.97 74.77 -46.04
N TYR C 1121 12.06 74.84 -45.29
CA TYR C 1121 13.30 75.40 -45.80
C TYR C 1121 13.89 74.49 -46.88
N ASP C 1122 14.48 75.11 -47.91
CA ASP C 1122 15.16 74.38 -48.96
C ASP C 1122 16.66 74.56 -48.79
N PRO C 1123 17.43 73.49 -48.56
CA PRO C 1123 18.88 73.67 -48.35
C PRO C 1123 19.61 74.14 -49.60
N LEU C 1124 19.07 73.87 -50.78
CA LEU C 1124 19.67 74.28 -52.03
C LEU C 1124 19.31 75.72 -52.41
N GLN C 1125 18.39 76.35 -51.68
CA GLN C 1125 17.97 77.70 -52.04
C GLN C 1125 19.09 78.72 -51.91
N PRO C 1126 19.82 78.84 -50.80
CA PRO C 1126 20.98 79.74 -50.80
C PRO C 1126 22.03 79.34 -51.81
N GLU C 1127 22.15 78.04 -52.09
CA GLU C 1127 23.20 77.57 -53.00
C GLU C 1127 22.95 78.07 -54.43
N LEU C 1128 21.74 77.87 -54.96
CA LEU C 1128 21.54 78.37 -56.31
C LEU C 1128 21.30 79.87 -56.33
N ASP C 1129 20.84 80.44 -55.21
CA ASP C 1129 20.60 81.88 -55.17
C ASP C 1129 21.91 82.66 -55.21
N SER C 1130 22.93 82.16 -54.52
CA SER C 1130 24.24 82.82 -54.50
C SER C 1130 25.04 82.48 -55.75
N GLN D 1 -60.56 -23.70 25.58
CA GLN D 1 -61.46 -24.18 26.62
C GLN D 1 -61.70 -25.68 26.45
N VAL D 2 -61.20 -26.47 27.38
CA VAL D 2 -61.36 -27.93 27.37
C VAL D 2 -62.33 -28.30 28.48
N GLN D 3 -63.39 -29.01 28.11
CA GLN D 3 -64.41 -29.46 29.04
C GLN D 3 -64.56 -30.98 28.95
N LEU D 4 -64.57 -31.64 30.09
CA LEU D 4 -64.82 -33.07 30.17
C LEU D 4 -66.12 -33.30 30.94
N GLN D 5 -67.05 -34.02 30.31
CA GLN D 5 -68.34 -34.32 30.91
C GLN D 5 -68.28 -35.71 31.54
N GLU D 6 -68.74 -35.81 32.78
CA GLU D 6 -68.71 -37.05 33.56
C GLU D 6 -70.14 -37.50 33.83
N SER D 7 -70.36 -38.82 33.80
CA SER D 7 -71.67 -39.37 34.07
C SER D 7 -71.53 -40.82 34.51
N GLY D 8 -72.61 -41.35 35.11
CA GLY D 8 -72.68 -42.75 35.45
C GLY D 8 -72.68 -43.08 36.93
N GLY D 9 -72.69 -42.07 37.81
CA GLY D 9 -72.68 -42.31 39.24
C GLY D 9 -74.08 -42.44 39.83
N GLY D 10 -74.11 -42.66 41.13
CA GLY D 10 -75.36 -42.74 41.86
C GLY D 10 -75.26 -43.69 43.04
N LEU D 11 -76.42 -44.12 43.51
CA LEU D 11 -76.53 -45.07 44.60
C LEU D 11 -76.67 -46.49 44.07
N VAL D 12 -76.08 -47.44 44.79
CA VAL D 12 -76.17 -48.84 44.39
C VAL D 12 -75.95 -49.70 45.61
N GLN D 13 -76.64 -50.84 45.66
CA GLN D 13 -76.44 -51.80 46.73
C GLN D 13 -75.10 -52.52 46.55
N ALA D 14 -74.69 -53.22 47.60
CA ALA D 14 -73.42 -53.94 47.56
C ALA D 14 -73.46 -55.04 46.50
N GLY D 15 -72.35 -55.18 45.77
CA GLY D 15 -72.25 -56.16 44.72
C GLY D 15 -72.71 -55.70 43.35
N GLY D 16 -73.13 -54.44 43.22
CA GLY D 16 -73.61 -53.92 41.95
C GLY D 16 -72.48 -53.53 41.02
N SER D 17 -72.87 -53.15 39.80
CA SER D 17 -71.93 -52.74 38.76
C SER D 17 -72.37 -51.39 38.21
N LEU D 18 -71.42 -50.48 38.04
CA LEU D 18 -71.68 -49.14 37.55
C LEU D 18 -70.89 -48.88 36.27
N ARG D 19 -71.31 -47.83 35.55
CA ARG D 19 -70.72 -47.51 34.24
C ARG D 19 -70.45 -46.00 34.21
N LEU D 20 -69.28 -45.60 34.71
CA LEU D 20 -68.87 -44.22 34.62
C LEU D 20 -68.29 -43.93 33.24
N SER D 21 -68.33 -42.66 32.85
CA SER D 21 -67.81 -42.28 31.55
C SER D 21 -67.55 -40.79 31.52
N CYS D 22 -66.44 -40.39 30.92
CA CYS D 22 -66.22 -38.98 30.62
C CYS D 22 -65.81 -38.80 29.17
N ALA D 23 -66.35 -37.73 28.59
CA ALA D 23 -66.07 -37.30 27.22
C ALA D 23 -65.34 -35.97 27.26
N ALA D 24 -64.20 -35.89 26.58
CA ALA D 24 -63.36 -34.71 26.60
C ALA D 24 -63.48 -33.97 25.27
N SER D 25 -63.68 -32.65 25.36
CA SER D 25 -63.77 -31.80 24.18
C SER D 25 -62.91 -30.56 24.39
N GLY D 26 -62.42 -30.01 23.28
CA GLY D 26 -61.55 -28.86 23.34
C GLY D 26 -60.35 -29.00 22.42
N SER D 27 -59.15 -28.75 22.94
CA SER D 27 -57.94 -28.94 22.14
C SER D 27 -57.53 -30.41 22.13
N ILE D 28 -57.18 -30.95 23.30
CA ILE D 28 -56.84 -32.37 23.49
C ILE D 28 -55.89 -32.86 22.42
N PHE D 29 -54.59 -32.61 22.59
CA PHE D 29 -53.60 -33.09 21.65
C PHE D 29 -53.54 -34.62 21.67
N SER D 30 -53.10 -35.18 20.55
CA SER D 30 -53.10 -36.64 20.41
C SER D 30 -52.33 -37.38 21.50
N PRO D 31 -51.12 -36.97 21.90
CA PRO D 31 -50.47 -37.69 23.02
C PRO D 31 -51.10 -37.33 24.36
N ASN D 32 -52.23 -37.95 24.66
CA ASN D 32 -52.99 -37.64 25.87
C ASN D 32 -52.99 -38.83 26.82
N THR D 33 -52.88 -38.55 28.11
CA THR D 33 -52.96 -39.55 29.16
C THR D 33 -54.12 -39.20 30.08
N MET D 34 -54.96 -40.19 30.37
CA MET D 34 -56.22 -39.96 31.07
C MET D 34 -56.34 -40.98 32.19
N GLY D 35 -56.66 -40.52 33.40
CA GLY D 35 -56.78 -41.39 34.55
C GLY D 35 -57.99 -41.04 35.38
N TRP D 36 -58.23 -41.88 36.39
CA TRP D 36 -59.31 -41.68 37.35
C TRP D 36 -58.73 -41.66 38.76
N PHE D 37 -59.27 -40.75 39.58
CA PHE D 37 -58.86 -40.55 40.96
C PHE D 37 -60.09 -40.66 41.86
N ARG D 38 -59.87 -41.12 43.09
CA ARG D 38 -60.91 -41.32 44.09
C ARG D 38 -60.70 -40.35 45.25
N GLN D 39 -61.78 -39.75 45.73
CA GLN D 39 -61.71 -38.87 46.88
C GLN D 39 -62.95 -39.02 47.72
N ALA D 40 -62.78 -39.29 49.01
CA ALA D 40 -63.88 -39.41 49.95
C ALA D 40 -63.85 -38.26 50.95
N LEU D 41 -64.97 -38.06 51.62
CA LEU D 41 -65.08 -37.01 52.63
C LEU D 41 -64.15 -37.35 53.79
N GLY D 42 -63.11 -36.55 53.98
CA GLY D 42 -62.12 -36.78 55.01
C GLY D 42 -60.82 -37.38 54.52
N LYS D 43 -60.77 -37.89 53.29
CA LYS D 43 -59.56 -38.46 52.72
C LYS D 43 -59.18 -37.70 51.44
N GLN D 44 -57.91 -37.79 51.09
CA GLN D 44 -57.36 -37.01 49.99
C GLN D 44 -57.66 -37.72 48.67
N ARG D 45 -57.12 -37.18 47.57
CA ARG D 45 -57.33 -37.76 46.25
C ARG D 45 -56.47 -39.00 46.10
N GLU D 46 -57.12 -40.14 45.83
CA GLU D 46 -56.44 -41.42 45.63
C GLU D 46 -56.64 -41.86 44.20
N GLY D 47 -55.55 -42.12 43.49
CA GLY D 47 -55.63 -42.55 42.12
C GLY D 47 -56.37 -43.86 41.94
N VAL D 48 -57.34 -43.89 41.02
CA VAL D 48 -58.06 -45.11 40.72
C VAL D 48 -57.36 -45.91 39.63
N ALA D 49 -57.04 -45.27 38.52
CA ALA D 49 -56.48 -45.98 37.38
C ALA D 49 -55.91 -44.97 36.37
N PHE D 50 -55.25 -45.50 35.35
CA PHE D 50 -54.68 -44.67 34.30
C PHE D 50 -54.64 -45.45 32.98
N ILE D 51 -54.79 -44.71 31.88
CA ILE D 51 -54.57 -45.22 30.54
C ILE D 51 -53.91 -44.11 29.72
N SER D 52 -52.94 -44.49 28.88
CA SER D 52 -52.22 -43.55 28.04
C SER D 52 -52.58 -43.78 26.58
N SER D 53 -51.90 -43.05 25.70
CA SER D 53 -52.20 -43.13 24.27
C SER D 53 -51.89 -44.50 23.67
N ILE D 54 -51.05 -45.29 24.33
CA ILE D 54 -50.74 -46.64 23.86
C ILE D 54 -51.76 -47.62 24.42
N ALA D 55 -52.82 -47.08 25.04
CA ALA D 55 -53.95 -47.85 25.56
C ALA D 55 -53.55 -48.81 26.67
N SER D 56 -52.40 -48.59 27.30
CA SER D 56 -52.00 -49.41 28.43
C SER D 56 -52.84 -49.07 29.65
N THR D 57 -53.33 -50.10 30.34
CA THR D 57 -54.23 -49.94 31.48
C THR D 57 -53.45 -50.24 32.76
N SER D 58 -53.41 -49.28 33.68
CA SER D 58 -52.76 -49.44 34.97
C SER D 58 -53.76 -49.19 36.08
N TYR D 59 -53.73 -50.03 37.11
CA TYR D 59 -54.66 -49.96 38.22
C TYR D 59 -53.90 -50.00 39.54
N TRP D 60 -54.55 -49.52 40.59
CA TRP D 60 -53.94 -49.43 41.91
C TRP D 60 -54.29 -50.64 42.76
N LEU D 61 -53.56 -50.78 43.87
CA LEU D 61 -53.71 -51.96 44.73
C LEU D 61 -55.10 -52.11 45.34
N PRO D 62 -55.74 -51.08 45.90
CA PRO D 62 -57.05 -51.31 46.55
C PRO D 62 -58.16 -51.70 45.59
N VAL D 63 -57.93 -51.68 44.28
CA VAL D 63 -58.99 -51.94 43.31
C VAL D 63 -58.55 -53.05 42.35
N LYS D 64 -57.73 -53.98 42.84
CA LYS D 64 -57.18 -55.03 41.99
C LYS D 64 -58.29 -55.88 41.38
N GLY D 65 -58.32 -55.93 40.04
CA GLY D 65 -59.22 -56.82 39.34
C GLY D 65 -60.69 -56.56 39.56
N ARG D 66 -61.07 -55.30 39.81
CA ARG D 66 -62.47 -54.96 40.03
C ARG D 66 -62.96 -53.77 39.21
N PHE D 67 -62.08 -52.93 38.68
CA PHE D 67 -62.45 -51.82 37.81
C PHE D 67 -61.72 -51.98 36.48
N THR D 68 -62.43 -51.68 35.38
CA THR D 68 -61.85 -51.80 34.05
C THR D 68 -62.05 -50.49 33.28
N ILE D 69 -61.24 -50.30 32.25
CA ILE D 69 -61.29 -49.09 31.43
C ILE D 69 -61.40 -49.49 29.96
N THR D 70 -62.27 -48.78 29.23
CA THR D 70 -62.36 -48.87 27.78
C THR D 70 -62.18 -47.48 27.19
N ARG D 71 -61.46 -47.42 26.07
CA ARG D 71 -61.13 -46.15 25.41
C ARG D 71 -61.72 -46.15 24.01
N ASP D 72 -62.42 -45.08 23.66
CA ASP D 72 -62.99 -44.91 22.32
C ASP D 72 -62.16 -43.89 21.56
N ASN D 73 -61.52 -44.35 20.48
CA ASN D 73 -60.66 -43.49 19.67
C ASN D 73 -61.45 -42.60 18.72
N THR D 74 -62.60 -43.08 18.23
CA THR D 74 -63.36 -42.31 17.25
C THR D 74 -63.85 -41.00 17.84
N LYS D 75 -64.26 -41.02 19.11
CA LYS D 75 -64.69 -39.82 19.81
C LYS D 75 -63.68 -39.46 20.90
N ASN D 76 -62.78 -40.39 21.24
CA ASN D 76 -61.75 -40.22 22.27
C ASN D 76 -62.36 -40.06 23.66
N THR D 77 -63.30 -40.94 23.99
CA THR D 77 -63.95 -40.96 25.29
C THR D 77 -63.37 -42.07 26.16
N VAL D 78 -63.63 -41.98 27.47
CA VAL D 78 -63.13 -42.99 28.40
C VAL D 78 -64.27 -43.49 29.26
N HIS D 79 -64.46 -44.81 29.28
CA HIS D 79 -65.49 -45.47 30.07
C HIS D 79 -64.82 -46.30 31.15
N LEU D 80 -65.33 -46.20 32.37
CA LEU D 80 -64.81 -46.92 33.52
C LEU D 80 -65.92 -47.82 34.07
N GLN D 81 -65.68 -49.12 34.04
CA GLN D 81 -66.66 -50.12 34.46
C GLN D 81 -66.32 -50.58 35.87
N MET D 82 -67.28 -50.39 36.80
CA MET D 82 -67.17 -50.84 38.17
C MET D 82 -67.91 -52.16 38.32
N ASN D 83 -67.21 -53.18 38.82
CA ASN D 83 -67.81 -54.47 39.13
C ASN D 83 -67.33 -54.93 40.50
N SER D 84 -68.18 -55.68 41.19
CA SER D 84 -67.93 -56.16 42.55
C SER D 84 -67.61 -54.99 43.49
N LEU D 85 -68.59 -54.10 43.61
CA LEU D 85 -68.44 -52.92 44.44
C LEU D 85 -68.52 -53.27 45.93
N ILE D 86 -67.85 -52.47 46.75
CA ILE D 86 -67.84 -52.65 48.20
C ILE D 86 -68.02 -51.28 48.86
N PRO D 87 -68.48 -51.27 50.11
CA PRO D 87 -68.64 -49.98 50.81
C PRO D 87 -67.36 -49.16 50.90
N GLU D 88 -66.19 -49.80 50.80
CA GLU D 88 -64.94 -49.05 50.82
C GLU D 88 -64.84 -48.09 49.63
N ASP D 89 -65.51 -48.42 48.52
CA ASP D 89 -65.48 -47.60 47.31
C ASP D 89 -66.40 -46.39 47.39
N THR D 90 -66.91 -46.05 48.57
CA THR D 90 -67.81 -44.90 48.71
C THR D 90 -67.02 -43.60 48.63
N ALA D 91 -66.92 -43.03 47.44
CA ALA D 91 -66.18 -41.79 47.23
C ALA D 91 -66.54 -41.24 45.85
N VAL D 92 -66.31 -39.95 45.67
CA VAL D 92 -66.51 -39.31 44.38
C VAL D 92 -65.27 -39.48 43.52
N TYR D 93 -65.48 -39.72 42.23
CA TYR D 93 -64.40 -40.01 41.30
C TYR D 93 -64.25 -38.87 40.30
N TYR D 94 -63.00 -38.45 40.09
CA TYR D 94 -62.67 -37.40 39.15
C TYR D 94 -61.75 -37.97 38.08
N CYS D 95 -62.12 -37.78 36.82
CA CYS D 95 -61.29 -38.23 35.70
C CYS D 95 -60.50 -37.05 35.16
N TYR D 96 -59.19 -37.27 34.98
CA TYR D 96 -58.21 -36.22 34.77
C TYR D 96 -57.39 -36.54 33.52
N ALA D 97 -57.22 -35.55 32.66
CA ALA D 97 -56.45 -35.70 31.43
C ALA D 97 -55.10 -35.02 31.59
N VAL D 98 -54.02 -35.80 31.47
CA VAL D 98 -52.68 -35.24 31.57
C VAL D 98 -52.40 -34.32 30.38
N ASP D 99 -52.67 -34.80 29.17
CA ASP D 99 -52.50 -34.04 27.94
C ASP D 99 -51.05 -33.55 27.84
N LYS D 100 -50.85 -32.41 27.17
CA LYS D 100 -49.53 -31.81 27.02
C LYS D 100 -49.46 -30.41 27.63
N SER D 101 -50.57 -29.87 28.09
CA SER D 101 -50.65 -28.49 28.56
C SER D 101 -51.48 -28.48 29.84
N GLN D 102 -51.95 -27.29 30.22
CA GLN D 102 -52.75 -27.08 31.43
C GLN D 102 -53.76 -28.20 31.65
N ASP D 103 -53.75 -28.76 32.85
CA ASP D 103 -54.57 -29.92 33.17
C ASP D 103 -56.00 -29.50 33.52
N TYR D 104 -56.96 -30.31 33.08
CA TYR D 104 -58.37 -30.05 33.31
C TYR D 104 -58.95 -31.17 34.15
N TRP D 105 -59.70 -30.80 35.19
CA TRP D 105 -60.33 -31.75 36.09
C TRP D 105 -61.84 -31.78 35.86
N GLY D 106 -62.53 -32.67 36.57
CA GLY D 106 -63.95 -32.86 36.44
C GLY D 106 -64.74 -32.27 37.60
N GLN D 107 -66.06 -32.41 37.49
CA GLN D 107 -66.98 -31.96 38.52
C GLN D 107 -67.31 -33.05 39.54
N GLY D 108 -66.86 -34.27 39.31
CA GLY D 108 -67.10 -35.36 40.26
C GLY D 108 -68.35 -36.14 39.95
N THR D 109 -68.35 -37.40 40.36
CA THR D 109 -69.49 -38.29 40.20
C THR D 109 -69.78 -38.96 41.53
N GLN D 110 -71.04 -38.90 41.96
CA GLN D 110 -71.45 -39.47 43.24
C GLN D 110 -71.62 -40.97 43.10
N VAL D 111 -70.81 -41.74 43.82
CA VAL D 111 -70.90 -43.19 43.86
C VAL D 111 -71.06 -43.62 45.30
N THR D 112 -72.16 -44.31 45.60
CA THR D 112 -72.46 -44.75 46.96
C THR D 112 -72.77 -46.24 46.93
N VAL D 113 -72.08 -47.00 47.79
CA VAL D 113 -72.30 -48.43 47.95
C VAL D 113 -72.51 -48.69 49.44
N SER D 114 -73.71 -49.13 49.82
CA SER D 114 -74.00 -49.38 51.22
C SER D 114 -75.18 -50.35 51.31
N SER D 115 -75.32 -50.97 52.47
CA SER D 115 -76.40 -51.92 52.71
C SER D 115 -76.90 -51.82 54.15
N GLN E 1 6.73 -16.79 57.42
CA GLN E 1 5.61 -17.70 57.62
C GLN E 1 4.52 -17.02 58.46
N VAL E 2 3.26 -17.38 58.21
CA VAL E 2 2.12 -16.78 58.88
C VAL E 2 1.39 -17.85 59.66
N GLN E 3 1.09 -17.56 60.93
CA GLN E 3 0.36 -18.47 61.80
C GLN E 3 -0.89 -17.78 62.32
N LEU E 4 -2.03 -18.45 62.23
CA LEU E 4 -3.31 -17.92 62.67
C LEU E 4 -3.78 -18.73 63.87
N GLN E 5 -3.62 -18.17 65.07
CA GLN E 5 -4.03 -18.84 66.30
C GLN E 5 -5.52 -18.68 66.49
N GLU E 6 -6.26 -19.78 66.38
CA GLU E 6 -7.70 -19.82 66.56
C GLU E 6 -8.05 -20.46 67.90
N SER E 7 -9.05 -19.91 68.57
CA SER E 7 -9.49 -20.47 69.85
C SER E 7 -10.92 -20.06 70.12
N GLY E 8 -11.54 -20.78 71.07
CA GLY E 8 -12.86 -20.42 71.58
C GLY E 8 -13.98 -21.39 71.27
N GLY E 9 -13.76 -22.40 70.43
CA GLY E 9 -14.81 -23.31 70.04
C GLY E 9 -15.05 -24.43 71.04
N GLY E 10 -16.08 -25.20 70.78
CA GLY E 10 -16.41 -26.35 71.61
C GLY E 10 -17.90 -26.65 71.57
N LEU E 11 -18.35 -27.39 72.59
CA LEU E 11 -19.74 -27.78 72.74
C LEU E 11 -20.46 -26.76 73.61
N VAL E 12 -21.54 -26.17 73.08
CA VAL E 12 -22.33 -25.21 73.84
C VAL E 12 -23.81 -25.51 73.63
N GLN E 13 -24.59 -25.42 74.71
CA GLN E 13 -26.02 -25.65 74.65
C GLN E 13 -26.70 -24.55 73.83
N ALA E 14 -27.88 -24.86 73.30
CA ALA E 14 -28.65 -23.89 72.54
C ALA E 14 -28.96 -22.66 73.38
N GLY E 15 -28.86 -21.49 72.74
CA GLY E 15 -29.02 -20.23 73.46
C GLY E 15 -27.83 -19.81 74.28
N GLY E 16 -26.69 -20.48 74.13
CA GLY E 16 -25.49 -20.17 74.89
C GLY E 16 -24.71 -19.02 74.28
N SER E 17 -23.49 -18.85 74.78
CA SER E 17 -22.62 -17.79 74.32
C SER E 17 -21.17 -18.24 74.44
N LEU E 18 -20.32 -17.68 73.57
CA LEU E 18 -18.89 -17.99 73.60
C LEU E 18 -18.15 -16.90 72.81
N ARG E 19 -16.83 -17.04 72.76
CA ARG E 19 -15.94 -16.02 72.19
C ARG E 19 -14.92 -16.72 71.30
N LEU E 20 -15.16 -16.69 69.98
CA LEU E 20 -14.14 -17.11 69.04
C LEU E 20 -13.10 -16.01 68.91
N SER E 21 -11.86 -16.40 68.62
CA SER E 21 -10.78 -15.44 68.50
C SER E 21 -9.69 -15.99 67.61
N CYS E 22 -9.05 -15.12 66.84
CA CYS E 22 -7.79 -15.50 66.22
C CYS E 22 -6.82 -14.33 66.17
N ALA E 23 -5.56 -14.69 66.40
CA ALA E 23 -4.43 -13.79 66.30
C ALA E 23 -3.60 -14.14 65.07
N ALA E 24 -3.27 -13.12 64.27
CA ALA E 24 -2.45 -13.30 63.08
C ALA E 24 -1.02 -12.90 63.43
N SER E 25 -0.10 -13.86 63.37
CA SER E 25 1.29 -13.63 63.71
C SER E 25 2.18 -14.03 62.54
N GLY E 26 3.36 -13.43 62.46
CA GLY E 26 4.30 -13.75 61.36
C GLY E 26 4.46 -12.59 60.40
N SER E 27 4.40 -12.86 59.09
CA SER E 27 4.64 -11.80 58.09
C SER E 27 3.30 -11.27 57.53
N ILE E 28 2.70 -10.28 58.19
CA ILE E 28 1.46 -9.66 57.64
C ILE E 28 1.86 -8.31 57.06
N PHE E 29 0.95 -7.61 56.38
CA PHE E 29 1.36 -6.34 55.72
C PHE E 29 0.62 -5.15 56.34
N SER E 30 -0.16 -4.40 55.54
CA SER E 30 -0.79 -3.17 56.08
C SER E 30 -2.31 -3.15 55.85
N PRO E 31 -2.84 -3.37 54.63
CA PRO E 31 -4.30 -3.43 54.44
C PRO E 31 -4.90 -4.45 55.40
N ASN E 32 -4.35 -5.66 55.46
CA ASN E 32 -4.80 -6.68 56.45
C ASN E 32 -6.32 -6.76 56.51
N THR E 33 -6.98 -7.20 55.43
CA THR E 33 -8.45 -7.42 55.50
C THR E 33 -8.68 -8.83 56.06
N MET E 34 -9.55 -8.97 57.07
CA MET E 34 -9.75 -10.30 57.72
C MET E 34 -11.23 -10.66 57.75
N GLY E 35 -11.56 -11.86 58.26
CA GLY E 35 -12.96 -12.28 58.31
C GLY E 35 -13.03 -13.72 58.76
N TRP E 36 -14.21 -14.31 58.57
CA TRP E 36 -14.44 -15.69 58.97
C TRP E 36 -15.17 -16.45 57.87
N PHE E 37 -14.93 -17.76 57.82
CA PHE E 37 -15.54 -18.67 56.88
C PHE E 37 -16.12 -19.86 57.62
N ARG E 38 -17.33 -20.25 57.28
CA ARG E 38 -18.03 -21.36 57.90
C ARG E 38 -18.07 -22.56 56.96
N GLN E 39 -17.81 -23.74 57.51
CA GLN E 39 -17.83 -24.99 56.76
C GLN E 39 -18.77 -25.96 57.47
N ALA E 40 -19.93 -26.20 56.85
CA ALA E 40 -20.86 -27.18 57.38
C ALA E 40 -20.36 -28.59 57.11
N LEU E 41 -20.90 -29.54 57.86
CA LEU E 41 -20.47 -30.94 57.74
C LEU E 41 -20.78 -31.48 56.36
N GLY E 42 -19.74 -31.70 55.55
CA GLY E 42 -19.94 -32.25 54.22
C GLY E 42 -20.51 -31.29 53.21
N LYS E 43 -20.53 -30.00 53.51
CA LYS E 43 -21.10 -28.99 52.62
C LYS E 43 -20.03 -27.97 52.24
N GLN E 44 -20.45 -26.95 51.48
CA GLN E 44 -19.55 -25.92 50.98
C GLN E 44 -19.21 -24.93 52.09
N ARG E 45 -18.19 -24.11 51.82
CA ARG E 45 -17.75 -23.09 52.76
C ARG E 45 -18.26 -21.72 52.32
N GLU E 46 -18.81 -20.98 53.27
CA GLU E 46 -19.34 -19.65 53.02
C GLU E 46 -18.69 -18.65 53.97
N GLY E 47 -18.71 -17.38 53.56
CA GLY E 47 -18.11 -16.33 54.38
C GLY E 47 -19.08 -15.88 55.47
N VAL E 48 -18.60 -15.89 56.71
CA VAL E 48 -19.44 -15.47 57.83
C VAL E 48 -19.51 -13.95 57.91
N ALA E 49 -18.36 -13.29 58.08
CA ALA E 49 -18.30 -11.85 58.18
C ALA E 49 -16.89 -11.40 57.84
N PHE E 50 -16.71 -10.09 57.72
CA PHE E 50 -15.41 -9.52 57.37
C PHE E 50 -15.24 -8.18 58.06
N ILE E 51 -14.02 -7.92 58.54
CA ILE E 51 -13.64 -6.67 59.15
C ILE E 51 -12.33 -6.20 58.52
N SER E 52 -12.26 -4.93 58.17
CA SER E 52 -11.09 -4.34 57.55
C SER E 52 -10.29 -3.55 58.58
N SER E 53 -9.26 -2.83 58.12
CA SER E 53 -8.42 -2.04 58.99
C SER E 53 -9.01 -0.67 59.31
N ILE E 54 -10.07 -0.26 58.62
CA ILE E 54 -10.74 1.01 58.89
C ILE E 54 -12.02 0.81 59.71
N ALA E 55 -12.12 -0.31 60.42
CA ALA E 55 -13.27 -0.70 61.23
C ALA E 55 -14.53 -0.93 60.40
N SER E 56 -14.41 -0.95 59.08
CA SER E 56 -15.56 -1.23 58.22
C SER E 56 -15.89 -2.71 58.28
N THR E 57 -17.17 -3.02 58.51
CA THR E 57 -17.63 -4.39 58.64
C THR E 57 -18.56 -4.75 57.49
N SER E 58 -18.43 -5.98 56.99
CA SER E 58 -19.28 -6.50 55.93
C SER E 58 -19.70 -7.91 56.32
N TYR E 59 -20.95 -8.08 56.73
CA TYR E 59 -21.48 -9.38 57.07
C TYR E 59 -22.12 -10.01 55.84
N TRP E 60 -21.74 -11.26 55.54
CA TRP E 60 -22.23 -11.96 54.36
C TRP E 60 -23.39 -12.90 54.69
N LEU E 61 -24.17 -12.57 55.72
CA LEU E 61 -25.27 -13.40 56.16
C LEU E 61 -26.25 -12.54 56.94
N PRO E 62 -27.53 -12.93 57.00
CA PRO E 62 -28.48 -12.25 57.90
C PRO E 62 -28.28 -12.69 59.34
N VAL E 63 -27.15 -12.26 59.91
CA VAL E 63 -26.71 -12.77 61.22
C VAL E 63 -26.36 -11.61 62.14
N LYS E 64 -26.81 -10.40 61.79
CA LYS E 64 -26.55 -9.24 62.63
C LYS E 64 -27.18 -9.41 64.01
N GLY E 65 -26.47 -8.91 65.02
CA GLY E 65 -26.88 -9.10 66.40
C GLY E 65 -26.38 -10.42 66.95
N ARG E 66 -26.52 -11.48 66.15
CA ARG E 66 -25.98 -12.77 66.55
C ARG E 66 -24.46 -12.74 66.63
N PHE E 67 -23.81 -12.24 65.58
CA PHE E 67 -22.36 -12.22 65.50
C PHE E 67 -21.88 -10.78 65.53
N THR E 68 -20.89 -10.50 66.38
CA THR E 68 -20.29 -9.17 66.47
C THR E 68 -18.78 -9.30 66.51
N ILE E 69 -18.11 -8.42 65.77
CA ILE E 69 -16.66 -8.47 65.57
C ILE E 69 -16.02 -7.34 66.38
N THR E 70 -14.97 -7.67 67.13
CA THR E 70 -14.17 -6.69 67.84
C THR E 70 -12.72 -6.79 67.39
N ARG E 71 -12.08 -5.63 67.30
CA ARG E 71 -10.73 -5.49 66.79
C ARG E 71 -9.76 -5.12 67.90
N ASP E 72 -8.56 -5.68 67.84
CA ASP E 72 -7.47 -5.34 68.75
C ASP E 72 -6.35 -4.75 67.89
N ASN E 73 -6.30 -3.41 67.84
CA ASN E 73 -5.30 -2.73 67.02
C ASN E 73 -3.90 -2.84 67.61
N THR E 74 -3.79 -2.85 68.95
CA THR E 74 -2.47 -2.88 69.58
C THR E 74 -1.73 -4.17 69.22
N LYS E 75 -2.44 -5.30 69.21
CA LYS E 75 -1.86 -6.58 68.83
C LYS E 75 -2.42 -7.05 67.48
N ASN E 76 -3.47 -6.38 66.98
CA ASN E 76 -4.04 -6.64 65.65
C ASN E 76 -4.61 -8.06 65.58
N THR E 77 -5.63 -8.31 66.41
CA THR E 77 -6.30 -9.59 66.45
C THR E 77 -7.81 -9.38 66.32
N VAL E 78 -8.53 -10.46 66.00
CA VAL E 78 -9.95 -10.38 65.72
C VAL E 78 -10.71 -11.31 66.65
N HIS E 79 -11.72 -10.78 67.35
CA HIS E 79 -12.60 -11.57 68.18
C HIS E 79 -14.01 -11.55 67.60
N LEU E 80 -14.68 -12.69 67.65
CA LEU E 80 -16.06 -12.84 67.20
C LEU E 80 -16.89 -13.34 68.38
N GLN E 81 -18.06 -12.74 68.59
CA GLN E 81 -18.89 -13.06 69.75
C GLN E 81 -20.09 -13.90 69.33
N MET E 82 -20.18 -15.11 69.88
CA MET E 82 -21.32 -16.00 69.63
C MET E 82 -22.33 -15.80 70.74
N ASN E 83 -23.56 -15.41 70.38
CA ASN E 83 -24.65 -15.32 71.34
C ASN E 83 -25.93 -15.81 70.69
N SER E 84 -26.84 -16.31 71.52
CA SER E 84 -28.14 -16.83 71.08
C SER E 84 -27.97 -17.88 69.98
N LEU E 85 -27.27 -18.95 70.34
CA LEU E 85 -26.95 -19.99 69.37
C LEU E 85 -28.19 -20.78 68.98
N ILE E 86 -28.24 -21.16 67.70
CA ILE E 86 -29.27 -22.06 67.18
C ILE E 86 -28.56 -23.23 66.51
N PRO E 87 -29.19 -24.40 66.40
CA PRO E 87 -28.48 -25.56 65.83
C PRO E 87 -28.04 -25.37 64.39
N GLU E 88 -28.63 -24.43 63.66
CA GLU E 88 -28.32 -24.29 62.23
C GLU E 88 -26.92 -23.78 61.98
N ASP E 89 -26.23 -23.22 62.98
CA ASP E 89 -24.90 -22.67 62.80
C ASP E 89 -23.80 -23.65 63.23
N THR E 90 -24.14 -24.93 63.39
CA THR E 90 -23.15 -25.93 63.77
C THR E 90 -22.20 -26.21 62.61
N ALA E 91 -21.07 -25.52 62.57
CA ALA E 91 -20.12 -25.66 61.48
C ALA E 91 -18.74 -25.24 61.98
N VAL E 92 -17.70 -25.75 61.31
CA VAL E 92 -16.33 -25.40 61.69
C VAL E 92 -15.98 -24.04 61.11
N TYR E 93 -15.23 -23.26 61.87
CA TYR E 93 -14.93 -21.88 61.49
C TYR E 93 -13.44 -21.72 61.25
N TYR E 94 -13.08 -21.10 60.13
CA TYR E 94 -11.71 -20.71 59.84
C TYR E 94 -11.68 -19.24 59.51
N CYS E 95 -10.87 -18.46 60.23
CA CYS E 95 -10.79 -17.05 59.87
C CYS E 95 -9.77 -16.85 58.75
N TYR E 96 -10.03 -15.81 57.96
CA TYR E 96 -9.41 -15.60 56.66
C TYR E 96 -8.74 -14.24 56.64
N ALA E 97 -7.50 -14.19 56.18
CA ALA E 97 -6.74 -12.95 56.08
C ALA E 97 -6.27 -12.81 54.63
N VAL E 98 -7.09 -12.15 53.80
CA VAL E 98 -6.73 -11.98 52.40
C VAL E 98 -5.50 -11.09 52.27
N ASP E 99 -5.45 -10.01 53.04
CA ASP E 99 -4.25 -9.16 53.20
C ASP E 99 -3.91 -8.54 51.84
N LYS E 100 -2.64 -8.53 51.43
CA LYS E 100 -2.19 -7.76 50.27
C LYS E 100 -1.52 -8.61 49.19
N SER E 101 -0.69 -9.57 49.58
CA SER E 101 0.07 -10.36 48.61
C SER E 101 -0.40 -11.80 48.53
N GLN E 102 -0.44 -12.51 49.66
CA GLN E 102 -0.82 -13.91 49.71
C GLN E 102 -1.86 -14.09 50.81
N ASP E 103 -3.01 -14.66 50.47
CA ASP E 103 -4.02 -14.89 51.49
C ASP E 103 -3.72 -16.19 52.25
N TYR E 104 -4.22 -16.25 53.49
CA TYR E 104 -3.93 -17.37 54.37
C TYR E 104 -5.22 -17.91 54.96
N TRP E 105 -5.09 -19.02 55.71
CA TRP E 105 -6.22 -19.70 56.31
C TRP E 105 -5.84 -20.17 57.71
N GLY E 106 -6.87 -20.38 58.53
CA GLY E 106 -6.68 -20.98 59.83
C GLY E 106 -6.68 -22.49 59.77
N GLN E 107 -6.46 -23.11 60.93
CA GLN E 107 -6.44 -24.57 61.00
C GLN E 107 -7.79 -25.17 61.34
N GLY E 108 -8.62 -24.47 62.11
CA GLY E 108 -9.96 -24.95 62.38
C GLY E 108 -10.37 -24.95 63.84
N THR E 109 -11.63 -24.62 64.09
CA THR E 109 -12.21 -24.68 65.43
C THR E 109 -13.59 -25.31 65.32
N GLN E 110 -13.90 -26.23 66.22
CA GLN E 110 -15.16 -26.94 66.21
C GLN E 110 -16.17 -26.21 67.11
N VAL E 111 -17.21 -25.67 66.51
CA VAL E 111 -18.32 -25.05 67.23
C VAL E 111 -19.53 -25.93 67.04
N THR E 112 -20.10 -26.42 68.15
CA THR E 112 -21.21 -27.34 68.12
C THR E 112 -22.29 -26.91 69.09
N VAL E 113 -23.54 -27.03 68.65
CA VAL E 113 -24.71 -26.68 69.45
C VAL E 113 -25.85 -27.59 69.05
N SER E 114 -26.46 -28.24 70.04
CA SER E 114 -27.59 -29.13 69.79
C SER E 114 -28.38 -29.29 71.08
N SER E 115 -29.65 -29.68 70.92
CA SER E 115 -30.53 -29.87 72.06
C SER E 115 -31.37 -31.14 71.90
N GLN F 1 11.91 -67.75 -6.88
CA GLN F 1 11.17 -69.01 -6.72
C GLN F 1 12.05 -70.04 -6.03
N VAL F 2 11.53 -70.64 -4.96
CA VAL F 2 12.30 -71.54 -4.10
C VAL F 2 11.87 -72.98 -4.34
N GLN F 3 12.85 -73.86 -4.48
CA GLN F 3 12.62 -75.29 -4.59
C GLN F 3 13.20 -75.98 -3.35
N LEU F 4 12.38 -76.75 -2.66
CA LEU F 4 12.81 -77.49 -1.47
C LEU F 4 12.89 -78.96 -1.85
N GLN F 5 14.11 -79.47 -2.00
CA GLN F 5 14.33 -80.85 -2.41
C GLN F 5 14.19 -81.76 -1.19
N GLU F 6 13.29 -82.73 -1.29
CA GLU F 6 13.05 -83.70 -0.21
C GLU F 6 13.50 -85.08 -0.67
N SER F 7 14.23 -85.78 0.19
CA SER F 7 14.73 -87.11 -0.15
C SER F 7 14.99 -87.90 1.13
N GLY F 8 15.02 -89.22 0.98
CA GLY F 8 15.38 -90.10 2.07
C GLY F 8 14.25 -90.87 2.73
N GLY F 9 13.07 -90.93 2.12
CA GLY F 9 11.95 -91.65 2.68
C GLY F 9 11.84 -93.07 2.14
N GLY F 10 10.80 -93.76 2.58
CA GLY F 10 10.52 -95.10 2.10
C GLY F 10 10.04 -96.09 3.15
N LEU F 11 10.19 -97.38 2.86
CA LEU F 11 9.73 -98.44 3.75
C LEU F 11 10.88 -98.89 4.64
N VAL F 12 10.66 -98.86 5.96
CA VAL F 12 11.65 -99.30 6.94
C VAL F 12 10.92 -100.11 8.02
N GLN F 13 11.52 -101.23 8.41
CA GLN F 13 10.93 -102.05 9.47
C GLN F 13 11.10 -101.37 10.83
N ALA F 14 10.46 -101.96 11.84
CA ALA F 14 10.48 -101.39 13.18
C ALA F 14 11.91 -101.36 13.73
N GLY F 15 12.27 -100.25 14.36
CA GLY F 15 13.59 -100.10 14.94
C GLY F 15 14.68 -99.74 13.95
N GLY F 16 14.34 -99.40 12.72
CA GLY F 16 15.32 -99.07 11.71
C GLY F 16 15.81 -97.64 11.82
N SER F 17 16.49 -97.20 10.75
CA SER F 17 17.06 -95.87 10.72
C SER F 17 17.02 -95.33 9.29
N LEU F 18 16.93 -94.02 9.17
CA LEU F 18 16.92 -93.34 7.88
C LEU F 18 17.37 -91.90 8.10
N ARG F 19 17.56 -91.18 6.99
CA ARG F 19 18.06 -89.80 7.04
C ARG F 19 17.29 -88.96 6.02
N LEU F 20 16.32 -88.19 6.51
CA LEU F 20 15.62 -87.23 5.67
C LEU F 20 16.51 -86.02 5.40
N SER F 21 16.35 -85.43 4.21
CA SER F 21 17.17 -84.30 3.80
C SER F 21 16.33 -83.30 3.02
N CYS F 22 16.42 -82.03 3.42
CA CYS F 22 15.79 -80.93 2.71
C CYS F 22 16.85 -79.91 2.31
N ALA F 23 16.98 -79.66 1.02
CA ALA F 23 17.91 -78.67 0.48
C ALA F 23 17.10 -77.53 -0.11
N ALA F 24 17.33 -76.31 0.38
CA ALA F 24 16.56 -75.14 -0.01
C ALA F 24 17.36 -74.34 -1.03
N SER F 25 16.96 -74.42 -2.30
CA SER F 25 17.54 -73.62 -3.37
C SER F 25 16.51 -72.63 -3.88
N GLY F 26 16.98 -71.47 -4.31
CA GLY F 26 16.10 -70.40 -4.74
C GLY F 26 16.34 -69.11 -3.99
N SER F 27 15.29 -68.55 -3.39
CA SER F 27 15.43 -67.28 -2.67
C SER F 27 16.07 -67.51 -1.30
N ILE F 28 15.37 -68.23 -0.42
CA ILE F 28 15.83 -68.63 0.92
C ILE F 28 16.69 -67.55 1.57
N PHE F 29 16.06 -66.40 1.86
CA PHE F 29 16.79 -65.22 2.31
C PHE F 29 17.54 -65.50 3.62
N SER F 30 18.46 -64.58 3.95
CA SER F 30 19.51 -64.89 4.92
C SER F 30 19.00 -65.27 6.31
N PRO F 31 18.03 -64.57 6.93
CA PRO F 31 17.62 -64.94 8.30
C PRO F 31 16.59 -66.07 8.29
N ASN F 32 16.97 -67.21 7.73
CA ASN F 32 16.03 -68.30 7.54
C ASN F 32 15.94 -69.17 8.80
N THR F 33 14.77 -69.81 8.96
CA THR F 33 14.57 -70.83 9.97
C THR F 33 13.90 -72.03 9.29
N MET F 34 14.48 -73.21 9.48
CA MET F 34 14.04 -74.42 8.80
C MET F 34 13.37 -75.36 9.80
N GLY F 35 12.27 -75.97 9.38
CA GLY F 35 11.53 -76.87 10.24
C GLY F 35 10.96 -78.05 9.47
N TRP F 36 10.39 -78.97 10.23
CA TRP F 36 9.78 -80.18 9.68
C TRP F 36 8.38 -80.33 10.27
N PHE F 37 7.42 -80.74 9.44
CA PHE F 37 6.06 -80.97 9.87
C PHE F 37 5.67 -82.41 9.59
N ARG F 38 4.69 -82.90 10.35
CA ARG F 38 4.21 -84.27 10.22
C ARG F 38 2.73 -84.28 9.83
N GLN F 39 2.39 -85.13 8.87
CA GLN F 39 1.02 -85.25 8.37
C GLN F 39 0.59 -86.71 8.45
N ALA F 40 -0.09 -87.08 9.53
CA ALA F 40 -0.60 -88.43 9.66
C ALA F 40 -1.75 -88.66 8.69
N LEU F 41 -1.98 -89.92 8.35
CA LEU F 41 -2.98 -90.29 7.34
C LEU F 41 -4.37 -89.82 7.74
N GLY F 42 -4.89 -88.85 7.01
CA GLY F 42 -6.23 -88.32 7.29
C GLY F 42 -6.34 -87.62 8.63
N LYS F 43 -5.27 -86.95 9.07
CA LYS F 43 -5.28 -86.25 10.35
C LYS F 43 -4.71 -84.85 10.20
N GLN F 44 -4.50 -84.16 11.33
CA GLN F 44 -3.97 -82.81 11.31
C GLN F 44 -2.46 -82.84 11.06
N ARG F 45 -1.89 -81.65 10.82
CA ARG F 45 -0.47 -81.51 10.53
C ARG F 45 0.21 -80.84 11.72
N GLU F 46 1.10 -81.58 12.39
CA GLU F 46 1.84 -81.11 13.54
C GLU F 46 3.30 -80.90 13.16
N GLY F 47 4.04 -80.20 14.04
CA GLY F 47 5.41 -79.82 13.76
C GLY F 47 6.42 -80.79 14.35
N VAL F 48 7.24 -81.36 13.48
CA VAL F 48 8.21 -82.38 13.91
C VAL F 48 9.27 -81.74 14.80
N ALA F 49 10.01 -80.77 14.25
CA ALA F 49 11.07 -80.06 14.94
C ALA F 49 11.57 -78.94 14.05
N PHE F 50 12.00 -77.84 14.67
CA PHE F 50 12.46 -76.67 13.94
C PHE F 50 13.88 -76.34 14.35
N ILE F 51 14.72 -76.00 13.37
CA ILE F 51 16.08 -75.54 13.60
C ILE F 51 16.21 -74.13 13.04
N SER F 52 16.86 -73.25 13.81
CA SER F 52 17.04 -71.86 13.42
C SER F 52 18.42 -71.68 12.79
N SER F 53 18.72 -70.44 12.41
CA SER F 53 19.98 -70.10 11.76
C SER F 53 21.10 -69.87 12.76
N ILE F 54 20.80 -69.85 14.06
CA ILE F 54 21.82 -69.65 15.09
C ILE F 54 21.99 -70.97 15.84
N ALA F 55 21.71 -72.08 15.14
CA ALA F 55 21.82 -73.45 15.61
C ALA F 55 20.85 -73.78 16.73
N SER F 56 20.00 -72.85 17.15
CA SER F 56 19.02 -73.13 18.20
C SER F 56 17.95 -74.07 17.66
N THR F 57 17.66 -75.11 18.42
CA THR F 57 16.68 -76.13 18.04
C THR F 57 15.49 -76.07 18.98
N SER F 58 14.29 -76.21 18.42
CA SER F 58 13.05 -76.25 19.18
C SER F 58 12.25 -77.44 18.66
N TYR F 59 12.27 -78.55 19.42
CA TYR F 59 11.49 -79.73 19.07
C TYR F 59 10.07 -79.57 19.63
N TRP F 60 9.07 -79.69 18.74
CA TRP F 60 7.66 -79.53 19.12
C TRP F 60 6.96 -80.85 19.43
N LEU F 61 7.67 -81.84 19.99
CA LEU F 61 7.05 -83.07 20.47
C LEU F 61 8.05 -83.76 21.39
N PRO F 62 7.60 -84.46 22.43
CA PRO F 62 8.57 -85.07 23.37
C PRO F 62 9.33 -86.21 22.72
N VAL F 63 10.28 -85.86 21.86
CA VAL F 63 10.81 -86.80 20.88
C VAL F 63 12.33 -86.78 20.86
N LYS F 64 12.95 -86.07 21.80
CA LYS F 64 14.40 -85.93 21.76
C LYS F 64 15.07 -87.29 21.82
N GLY F 65 16.13 -87.45 21.03
CA GLY F 65 16.75 -88.73 20.81
C GLY F 65 16.26 -89.41 19.54
N ARG F 66 14.96 -89.29 19.25
CA ARG F 66 14.40 -89.87 18.03
C ARG F 66 14.80 -89.06 16.81
N PHE F 67 14.38 -87.79 16.74
CA PHE F 67 14.88 -86.90 15.71
C PHE F 67 16.12 -86.16 16.19
N THR F 68 17.10 -86.04 15.30
CA THR F 68 18.25 -85.15 15.51
C THR F 68 18.46 -84.35 14.23
N ILE F 69 18.68 -83.06 14.37
CA ILE F 69 18.79 -82.14 13.24
C ILE F 69 20.25 -81.78 13.05
N THR F 70 20.75 -81.95 11.83
CA THR F 70 22.10 -81.56 11.45
C THR F 70 22.02 -80.44 10.43
N ARG F 71 22.90 -79.45 10.57
CA ARG F 71 22.89 -78.27 9.72
C ARG F 71 24.15 -78.26 8.84
N ASP F 72 23.97 -77.84 7.60
CA ASP F 72 25.08 -77.71 6.64
C ASP F 72 25.15 -76.24 6.23
N ASN F 73 26.03 -75.48 6.88
CA ASN F 73 26.11 -74.05 6.63
C ASN F 73 26.62 -73.75 5.22
N THR F 74 27.48 -74.61 4.69
CA THR F 74 28.07 -74.34 3.39
C THR F 74 27.03 -74.38 2.27
N LYS F 75 26.03 -75.27 2.39
CA LYS F 75 24.98 -75.38 1.39
C LYS F 75 23.61 -74.97 1.92
N ASN F 76 23.51 -74.58 3.18
CA ASN F 76 22.25 -74.14 3.80
C ASN F 76 21.17 -75.22 3.68
N THR F 77 21.55 -76.45 4.03
CA THR F 77 20.64 -77.59 3.99
C THR F 77 20.46 -78.15 5.38
N VAL F 78 19.39 -78.94 5.55
CA VAL F 78 19.02 -79.52 6.84
C VAL F 78 18.77 -81.01 6.65
N HIS F 79 19.33 -81.81 7.56
CA HIS F 79 19.17 -83.26 7.54
C HIS F 79 18.51 -83.71 8.83
N LEU F 80 17.52 -84.60 8.71
CA LEU F 80 16.84 -85.20 9.85
C LEU F 80 17.27 -86.66 9.98
N GLN F 81 17.88 -87.00 11.11
CA GLN F 81 18.31 -88.36 11.38
C GLN F 81 17.26 -89.08 12.21
N MET F 82 16.80 -90.23 11.72
CA MET F 82 15.75 -91.00 12.36
C MET F 82 16.34 -92.30 12.88
N ASN F 83 16.11 -92.59 14.16
CA ASN F 83 16.56 -93.83 14.77
C ASN F 83 15.51 -94.32 15.78
N SER F 84 15.55 -95.62 16.07
CA SER F 84 14.60 -96.27 16.95
C SER F 84 13.16 -96.00 16.50
N LEU F 85 12.88 -96.42 15.27
CA LEU F 85 11.64 -96.05 14.61
C LEU F 85 10.49 -96.96 15.04
N ILE F 86 9.38 -96.34 15.43
CA ILE F 86 8.22 -97.03 16.02
C ILE F 86 6.98 -96.73 15.19
N PRO F 87 5.96 -97.60 15.20
CA PRO F 87 4.87 -97.48 14.20
C PRO F 87 4.05 -96.20 14.27
N GLU F 88 4.04 -95.49 15.39
CA GLU F 88 3.17 -94.32 15.51
C GLU F 88 3.71 -93.08 14.81
N ASP F 89 4.91 -93.13 14.24
CA ASP F 89 5.42 -92.00 13.46
C ASP F 89 5.22 -92.18 11.96
N THR F 90 4.36 -93.12 11.55
CA THR F 90 4.11 -93.38 10.14
C THR F 90 3.31 -92.26 9.51
N ALA F 91 3.99 -91.28 8.91
CA ALA F 91 3.33 -90.12 8.34
C ALA F 91 4.25 -89.47 7.32
N VAL F 92 3.63 -88.82 6.33
CA VAL F 92 4.40 -88.06 5.36
C VAL F 92 4.94 -86.78 6.01
N TYR F 93 6.08 -86.31 5.51
CA TYR F 93 6.78 -85.19 6.13
C TYR F 93 7.05 -84.10 5.09
N TYR F 94 6.83 -82.86 5.49
CA TYR F 94 7.17 -81.68 4.72
C TYR F 94 8.09 -80.78 5.55
N CYS F 95 9.07 -80.17 4.90
CA CYS F 95 9.91 -79.20 5.58
C CYS F 95 9.44 -77.78 5.30
N TYR F 96 9.63 -76.91 6.29
CA TYR F 96 9.02 -75.58 6.32
C TYR F 96 10.13 -74.54 6.36
N ALA F 97 10.19 -73.68 5.34
CA ALA F 97 11.18 -72.62 5.24
C ALA F 97 10.46 -71.29 5.41
N VAL F 98 10.63 -70.67 6.59
CA VAL F 98 9.95 -69.42 6.88
C VAL F 98 10.56 -68.28 6.05
N ASP F 99 11.86 -68.35 5.77
CA ASP F 99 12.61 -67.28 5.08
C ASP F 99 12.45 -66.03 5.93
N LYS F 100 12.08 -64.88 5.37
CA LYS F 100 11.84 -63.69 6.18
C LYS F 100 10.51 -63.05 5.80
N SER F 101 10.12 -63.19 4.53
CA SER F 101 8.91 -62.54 4.01
C SER F 101 7.81 -63.54 3.66
N GLN F 102 8.12 -64.54 2.84
CA GLN F 102 7.14 -65.50 2.34
C GLN F 102 7.62 -66.91 2.70
N ASP F 103 6.86 -67.60 3.55
CA ASP F 103 7.22 -68.97 3.88
C ASP F 103 6.87 -69.93 2.74
N TYR F 104 7.59 -71.04 2.71
CA TYR F 104 7.45 -72.02 1.63
C TYR F 104 7.12 -73.39 2.22
N TRP F 105 7.00 -74.39 1.33
CA TRP F 105 6.63 -75.73 1.73
C TRP F 105 7.33 -76.72 0.80
N GLY F 106 7.45 -77.97 1.28
CA GLY F 106 8.08 -79.02 0.51
C GLY F 106 7.10 -79.78 -0.37
N GLN F 107 7.61 -80.82 -1.02
CA GLN F 107 6.81 -81.64 -1.90
C GLN F 107 6.25 -82.88 -1.20
N GLY F 108 7.04 -83.51 -0.34
CA GLY F 108 6.56 -84.64 0.43
C GLY F 108 7.43 -85.87 0.35
N THR F 109 7.56 -86.58 1.48
CA THR F 109 8.29 -87.83 1.56
C THR F 109 7.48 -88.83 2.36
N GLN F 110 7.34 -90.04 1.84
CA GLN F 110 6.59 -91.09 2.51
C GLN F 110 7.50 -91.82 3.48
N VAL F 111 7.20 -91.74 4.77
CA VAL F 111 7.91 -92.45 5.82
C VAL F 111 6.95 -93.47 6.41
N THR F 112 7.31 -94.74 6.35
CA THR F 112 6.42 -95.82 6.74
C THR F 112 7.16 -96.85 7.58
N VAL F 113 6.48 -97.40 8.58
CA VAL F 113 7.04 -98.43 9.44
C VAL F 113 5.91 -99.33 9.93
N SER F 114 6.14 -100.64 9.88
CA SER F 114 5.18 -101.62 10.34
C SER F 114 5.91 -102.96 10.48
N SER F 115 5.27 -103.89 11.18
CA SER F 115 5.84 -105.22 11.38
C SER F 115 4.73 -106.24 11.62
C1 NAG G . -9.90 47.89 -48.68
C2 NAG G . -10.62 48.63 -49.81
C3 NAG G . -11.80 49.42 -49.26
C4 NAG G . -12.71 48.52 -48.46
C5 NAG G . -11.92 47.79 -47.37
C6 NAG G . -12.75 46.78 -46.61
C7 NAG G . -9.88 49.76 -51.85
C8 NAG G . -8.86 50.68 -52.46
N2 NAG G . -9.72 49.50 -50.55
O3 NAG G . -12.51 50.03 -50.33
O4 NAG G . -13.72 49.32 -47.83
O5 NAG G . -10.83 47.06 -47.97
O6 NAG G . -11.94 45.73 -46.09
O7 NAG G . -10.80 49.28 -52.50
C1 NAG G . -14.99 49.08 -48.46
C2 NAG G . -16.07 49.54 -47.48
C3 NAG G . -17.45 49.33 -48.09
C4 NAG G . -17.54 50.02 -49.46
C5 NAG G . -16.40 49.56 -50.36
C6 NAG G . -16.35 50.31 -51.67
C7 NAG G . -15.63 49.46 -45.07
C8 NAG G . -15.56 48.59 -43.86
N2 NAG G . -15.96 48.85 -46.21
O3 NAG G . -18.44 49.85 -47.22
O4 NAG G . -18.78 49.72 -50.07
O5 NAG G . -15.14 49.79 -49.71
O6 NAG G . -16.19 51.71 -51.47
O7 NAG G . -15.39 50.67 -45.03
C1 NAG H . -18.83 52.64 -29.44
C2 NAG H . -19.80 53.57 -30.16
C3 NAG H . -21.12 53.65 -29.41
C4 NAG H . -21.69 52.26 -29.16
C5 NAG H . -20.64 51.35 -28.51
C6 NAG H . -21.07 49.91 -28.42
C7 NAG H . -18.90 55.74 -29.35
C8 NAG H . -18.33 57.06 -29.77
N2 NAG H . -19.23 54.90 -30.35
O3 NAG H . -22.05 54.43 -30.16
O4 NAG H . -22.82 52.35 -28.30
O5 NAG H . -19.43 51.37 -29.29
O6 NAG H . -20.61 49.16 -29.52
O7 NAG H . -19.04 55.43 -28.17
C1 NAG H . -24.01 52.00 -29.03
C2 NAG H . -24.91 51.16 -28.13
C3 NAG H . -26.21 50.80 -28.86
C4 NAG H . -26.87 52.07 -29.39
C5 NAG H . -25.89 52.88 -30.24
C6 NAG H . -26.46 54.20 -30.67
C7 NAG H . -24.09 49.63 -26.40
C8 NAG H . -23.37 48.34 -26.11
N2 NAG H . -24.23 49.94 -27.68
O3 NAG H . -27.08 50.13 -27.98
O4 NAG H . -28.01 51.71 -30.18
O5 NAG H . -24.71 53.16 -29.47
O6 NAG H . -26.48 55.13 -29.61
O7 NAG H . -24.51 50.35 -25.49
C1 NAG I . -0.32 36.50 -61.54
C2 NAG I . -1.70 36.01 -60.97
C3 NAG I . -1.75 34.48 -60.93
C4 NAG I . -1.48 33.92 -62.32
C5 NAG I . -0.10 34.40 -62.78
C6 NAG I . 0.24 33.91 -64.18
C7 NAG I . -3.04 37.33 -59.38
C8 NAG I . -3.17 37.80 -57.96
N2 NAG I . -1.98 36.56 -59.64
O3 NAG I . -3.01 34.05 -60.43
O4 NAG I . -1.57 32.50 -62.27
O5 NAG I . -0.05 35.84 -62.80
O6 NAG I . -0.83 34.17 -65.07
O7 NAG I . -3.84 37.64 -60.23
C1 NAG I . -2.88 31.98 -62.66
C2 NAG I . -2.67 30.49 -62.77
C3 NAG I . -3.94 29.81 -63.26
C4 NAG I . -5.10 30.13 -62.33
C5 NAG I . -5.24 31.64 -62.12
C6 NAG I . -6.23 31.98 -61.04
C7 NAG I . -0.46 29.54 -63.21
C8 NAG I . 0.61 29.31 -64.23
N2 NAG I . -1.54 30.19 -63.64
O3 NAG I . -3.72 28.41 -63.30
O4 NAG I . -6.29 29.61 -62.89
O5 NAG I . -3.99 32.25 -61.74
O6 NAG I . -6.51 30.87 -60.20
O7 NAG I . -0.34 29.16 -62.05
C1 NAG J . 1.44 51.94 -66.55
C2 NAG J . 0.50 52.26 -67.70
C3 NAG J . 0.82 53.65 -68.27
C4 NAG J . 0.80 54.69 -67.16
C5 NAG J . 1.72 54.27 -66.02
C6 NAG J . 1.64 55.18 -64.83
C7 NAG J . -0.47 50.47 -69.07
C8 NAG J . -0.24 49.49 -70.19
N2 NAG J . 0.56 51.25 -68.74
O3 NAG J . -0.10 54.00 -69.30
O4 NAG J . 1.20 55.96 -67.65
O5 NAG J . 1.36 52.96 -65.57
O6 NAG J . 0.29 55.41 -64.46
O7 NAG J . -1.54 50.54 -68.49
C1 NAG J . 0.03 56.83 -67.65
C2 NAG J . 0.29 58.02 -68.57
C3 NAG J . -0.93 58.91 -68.65
C4 NAG J . -2.17 58.10 -69.02
C5 NAG J . -2.34 56.92 -68.08
C6 NAG J . -3.48 56.01 -68.46
C7 NAG J . 2.46 59.11 -68.95
C8 NAG J . 3.57 59.90 -68.33
N2 NAG J . 1.46 58.77 -68.13
O3 NAG J . -0.72 59.94 -69.61
O4 NAG J . -3.33 58.92 -68.97
O5 NAG J . -1.14 56.13 -68.08
O6 NAG J . -3.05 55.04 -69.42
O7 NAG J . 2.46 58.80 -70.14
C1 NAG K . 20.11 48.49 -72.43
C2 NAG K . 20.24 47.34 -73.42
C3 NAG K . 21.70 47.03 -73.69
C4 NAG K . 22.39 48.30 -74.17
C5 NAG K . 22.19 49.43 -73.16
C6 NAG K . 22.79 50.74 -73.60
C7 NAG K . 18.40 45.72 -73.53
C8 NAG K . 17.79 44.49 -72.93
N2 NAG K . 19.53 46.16 -72.96
O3 NAG K . 21.79 46.00 -74.67
O4 NAG K . 23.78 48.03 -74.40
O5 NAG K . 20.78 49.65 -72.95
O6 NAG K . 22.64 50.94 -74.99
O7 NAG K . 17.90 46.30 -74.49
C1 NAG K . 23.99 48.04 -75.84
C2 NAG K . 25.47 47.82 -76.12
C3 NAG K . 25.72 47.87 -77.62
C4 NAG K . 24.83 46.85 -78.33
C5 NAG K . 23.37 47.03 -77.94
C6 NAG K . 22.48 45.94 -78.49
C7 NAG K . 27.24 48.49 -74.55
C8 NAG K . 27.97 49.63 -73.93
N2 NAG K . 26.28 48.82 -75.43
O3 NAG K . 27.09 47.59 -77.88
O4 NAG K . 24.96 47.01 -79.74
O5 NAG K . 23.22 47.01 -76.52
O6 NAG K . 23.10 44.66 -78.39
O7 NAG K . 27.49 47.31 -74.27
C1 NAG L . 35.82 34.68 -50.57
C2 NAG L . 36.77 34.91 -51.73
C3 NAG L . 36.50 33.92 -52.87
C4 NAG L . 36.51 32.50 -52.33
C5 NAG L . 35.57 32.36 -51.14
C6 NAG L . 35.64 31.01 -50.48
C7 NAG L . 37.57 37.23 -51.94
C8 NAG L . 37.31 38.58 -52.53
N2 NAG L . 36.68 36.28 -52.22
O3 NAG L . 37.47 34.07 -53.88
O4 NAG L . 36.08 31.60 -53.36
O5 NAG L . 35.92 33.33 -50.13
O6 NAG L . 34.53 30.78 -49.62
O7 NAG L . 38.56 37.00 -51.26
C1 NAG L . 37.14 30.69 -53.70
C2 NAG L . 36.52 29.48 -54.38
C3 NAG L . 37.61 28.49 -54.79
C4 NAG L . 38.67 29.19 -55.64
C5 NAG L . 39.19 30.43 -54.92
C6 NAG L . 40.15 31.24 -55.75
C7 NAG L . 34.29 28.58 -53.90
C8 NAG L . 33.42 27.90 -52.88
N2 NAG L . 35.55 28.82 -53.52
O3 NAG L . 37.04 27.42 -55.53
O4 NAG L . 39.75 28.30 -55.90
O5 NAG L . 38.11 31.29 -54.57
O6 NAG L . 39.44 32.12 -56.62
O7 NAG L . 33.87 28.89 -55.01
C1 NAG M . 21.27 19.04 -57.54
C2 NAG M . 22.07 19.00 -58.84
C3 NAG M . 21.99 17.60 -59.47
C4 NAG M . 22.35 16.53 -58.46
C5 NAG M . 21.55 16.71 -57.18
C6 NAG M . 22.02 15.79 -56.06
C7 NAG M . 20.39 20.06 -60.31
C8 NAG M . 20.14 21.17 -61.28
N2 NAG M . 21.62 20.01 -59.79
O3 NAG M . 22.86 17.54 -60.59
O4 NAG M . 22.08 15.23 -58.99
O5 NAG M . 21.71 18.04 -56.68
O6 NAG M . 23.19 16.30 -55.43
O7 NAG M . 19.51 19.25 -60.00
C1 NAG M . 23.37 14.59 -59.14
C2 NAG M . 23.26 13.10 -58.78
C3 NAG M . 24.60 12.41 -58.99
C4 NAG M . 25.16 12.70 -60.38
C5 NAG M . 25.15 14.19 -60.68
C6 NAG M . 25.57 14.52 -62.08
C7 NAG M . 21.66 12.30 -57.08
C8 NAG M . 21.36 12.21 -55.62
N2 NAG M . 22.80 12.93 -57.42
O3 NAG M . 24.45 11.01 -58.81
O4 NAG M . 26.50 12.21 -60.46
O5 NAG M . 23.83 14.71 -60.50
O6 NAG M . 24.44 14.61 -62.94
O7 NAG M . 20.92 11.83 -57.94
C1 NAG N . 45.41 43.30 -36.48
C2 NAG N . 45.58 41.79 -36.57
C3 NAG N . 45.96 41.22 -35.20
C4 NAG N . 47.20 41.93 -34.66
C5 NAG N . 46.99 43.44 -34.67
C6 NAG N . 48.25 44.20 -34.31
C7 NAG N . 44.27 40.70 -38.33
C8 NAG N . 42.95 40.07 -38.68
N2 NAG N . 44.38 41.15 -37.08
O3 NAG N . 46.21 39.82 -35.32
O4 NAG N . 47.44 41.51 -33.32
O5 NAG N . 46.62 43.88 -35.98
O6 NAG N . 47.98 45.25 -33.39
O7 NAG N . 45.18 40.80 -39.14
C1 NAG N . 48.59 40.64 -33.28
C2 NAG N . 48.84 40.26 -31.82
C3 NAG N . 50.02 39.29 -31.70
C4 NAG N . 49.80 38.09 -32.62
C5 NAG N . 49.53 38.56 -34.05
C6 NAG N . 49.20 37.43 -34.98
C7 NAG N . 48.45 41.64 -29.82
C8 NAG N . 48.80 42.91 -29.11
N2 NAG N . 49.06 41.44 -31.00
O3 NAG N . 50.15 38.86 -30.36
O4 NAG N . 50.97 37.27 -32.62
O5 NAG N . 48.41 39.46 -34.06
O6 NAG N . 48.44 36.42 -34.33
O7 NAG N . 47.64 40.84 -29.36
C1 NAG O . 44.69 53.33 -49.26
C2 NAG O . 46.03 53.22 -49.98
C3 NAG O . 46.15 54.32 -51.03
C4 NAG O . 44.93 54.32 -51.95
C5 NAG O . 43.64 54.33 -51.14
C6 NAG O . 42.41 54.17 -52.00
C7 NAG O . 48.10 52.35 -48.96
C8 NAG O . 49.18 52.60 -47.95
N2 NAG O . 47.14 53.28 -49.03
O3 NAG O . 47.34 54.15 -51.78
O4 NAG O . 44.96 55.45 -52.80
O5 NAG O . 43.64 53.25 -50.21
O6 NAG O . 42.50 52.96 -52.75
O7 NAG O . 48.09 51.36 -49.68
C1 NAG O . 45.14 55.03 -54.17
C2 NAG O . 45.31 56.28 -55.02
C3 NAG O . 45.55 55.89 -56.48
C4 NAG O . 46.72 54.92 -56.59
C5 NAG O . 46.48 53.72 -55.68
C6 NAG O . 47.65 52.76 -55.64
C7 NAG O . 44.27 58.49 -54.86
C8 NAG O . 42.98 59.25 -54.74
N2 NAG O . 44.16 57.16 -54.91
O3 NAG O . 45.83 57.06 -57.24
O4 NAG O . 46.84 54.47 -57.94
O5 NAG O . 46.27 54.17 -54.32
O6 NAG O . 48.55 53.08 -54.60
O7 NAG O . 45.35 59.06 -54.91
C1 NAG P . 42.57 69.69 -37.88
C2 NAG P . 43.96 69.34 -37.38
C3 NAG P . 44.25 70.15 -36.11
C4 NAG P . 43.89 71.63 -36.25
C5 NAG P . 42.54 71.82 -36.96
C6 NAG P . 42.30 73.24 -37.40
C7 NAG P . 45.23 67.32 -36.85
C8 NAG P . 45.17 65.84 -36.61
N2 NAG P . 44.08 67.91 -37.14
O3 NAG P . 45.63 70.03 -35.74
O4 NAG P . 43.80 72.21 -34.96
O5 NAG P . 42.51 71.03 -38.15
O6 NAG P . 43.22 73.60 -38.43
O7 NAG P . 46.27 67.95 -36.76
C1 NAG P . 44.54 73.44 -34.84
C2 NAG P . 43.74 74.47 -34.04
C3 NAG P . 44.56 75.75 -33.85
C4 NAG P . 45.90 75.42 -33.24
C5 NAG P . 46.63 74.37 -34.06
C6 NAG P . 47.93 73.92 -33.42
C7 NAG P . 41.40 75.24 -34.04
C8 NAG P . 40.17 75.48 -34.87
N2 NAG P . 42.47 74.77 -34.69
O3 NAG P . 43.84 76.66 -33.03
O4 NAG P . 46.69 76.60 -33.15
O5 NAG P . 45.80 73.21 -34.19
O6 NAG P . 47.67 73.00 -32.37
O7 NAG P . 41.41 75.43 -32.83
C1 NAG Q . 21.04 65.43 -17.13
C2 NAG Q . 21.33 66.93 -16.93
C3 NAG Q . 22.72 67.13 -16.35
C4 NAG Q . 22.92 66.31 -15.09
C5 NAG Q . 22.58 64.84 -15.37
C6 NAG Q . 22.64 63.96 -14.14
C7 NAG Q . 20.22 68.55 -18.40
C8 NAG Q . 20.22 69.20 -19.75
N2 NAG Q . 21.19 67.65 -18.19
O3 NAG Q . 22.92 68.51 -16.06
O4 NAG Q . 24.27 66.40 -14.66
O5 NAG Q . 21.25 64.74 -15.89
O6 NAG Q . 21.49 63.13 -14.05
O7 NAG Q . 19.39 68.84 -17.55
C1 NAG Q . 24.30 66.96 -13.32
C2 NAG Q . 25.50 66.35 -12.58
C3 NAG Q . 25.61 66.95 -11.18
C4 NAG Q . 25.65 68.47 -11.25
C5 NAG Q . 24.45 68.99 -12.05
C6 NAG Q . 24.49 70.49 -12.26
C7 NAG Q . 26.39 64.09 -12.87
C8 NAG Q . 26.12 62.63 -12.74
N2 NAG Q . 25.40 64.91 -12.51
O3 NAG Q . 26.79 66.47 -10.55
O4 NAG Q . 25.61 69.02 -9.93
O5 NAG Q . 24.43 68.39 -13.35
O6 NAG Q . 25.29 70.83 -13.39
O7 NAG Q . 27.47 64.51 -13.29
C1 NAG R . 37.45 51.57 -10.78
C2 NAG R . 38.33 52.80 -10.43
C3 NAG R . 39.17 52.53 -9.19
C4 NAG R . 38.31 52.05 -8.03
C5 NAG R . 37.47 50.85 -8.45
C6 NAG R . 36.50 50.39 -7.37
C7 NAG R . 40.30 52.62 -11.92
C8 NAG R . 41.01 53.23 -13.10
N2 NAG R . 39.17 53.22 -11.54
O3 NAG R . 39.87 53.72 -8.84
O4 NAG R . 39.19 51.64 -6.99
O5 NAG R . 36.68 51.17 -9.61
O6 NAG R . 35.46 51.33 -7.19
O7 NAG R . 40.73 51.60 -11.38
C1 NAG R . 39.26 52.59 -5.91
C2 NAG R . 39.46 51.75 -4.65
C3 NAG R . 39.57 52.65 -3.43
C4 NAG R . 40.70 53.66 -3.64
C5 NAG R . 40.47 54.44 -4.92
C6 NAG R . 41.61 55.37 -5.25
C7 NAG R . 38.61 49.48 -4.29
C8 NAG R . 37.39 48.63 -4.14
N2 NAG R . 38.38 50.79 -4.48
O3 NAG R . 39.84 51.86 -2.28
O4 NAG R . 40.76 54.55 -2.53
O5 NAG R . 40.34 53.53 -6.03
O6 NAG R . 42.70 54.66 -5.86
O7 NAG R . 39.73 49.01 -4.26
C1 NAG S . 2.33 68.82 -19.65
C2 NAG S . 2.76 68.61 -18.19
C3 NAG S . 1.59 68.05 -17.38
C4 NAG S . 0.37 68.95 -17.51
C5 NAG S . 0.03 69.14 -18.99
C6 NAG S . -1.10 70.12 -19.20
C7 NAG S . 5.16 68.17 -17.94
C8 NAG S . 6.22 67.11 -17.88
N2 NAG S . 3.91 67.72 -18.11
O3 NAG S . 1.98 67.96 -16.01
O4 NAG S . -0.74 68.36 -16.85
O5 NAG S . 1.17 69.66 -19.69
O6 NAG S . -0.92 71.30 -18.45
O7 NAG S . 5.41 69.35 -17.83
C1 NAG S . -1.04 69.11 -15.65
C2 NAG S . -2.30 68.52 -15.02
C3 NAG S . -2.62 69.24 -13.71
C4 NAG S . -1.41 69.22 -12.78
C5 NAG S . -0.19 69.78 -13.51
C6 NAG S . 1.08 69.68 -12.68
C7 NAG S . -4.14 67.54 -16.31
C8 NAG S . -5.27 67.81 -17.27
N2 NAG S . -3.43 68.61 -15.93
O3 NAG S . -3.72 68.61 -13.07
O4 NAG S . -1.67 70.00 -11.62
O5 NAG S . 0.05 69.04 -14.72
O6 NAG S . 1.20 68.41 -12.06
O7 NAG S . -3.89 66.42 -15.93
C1 NAG T . 10.87 78.77 -29.56
C2 NAG T . 10.99 80.11 -28.85
C3 NAG T . 11.56 81.16 -29.82
C4 NAG T . 12.85 80.65 -30.47
C5 NAG T . 12.62 79.27 -31.08
C6 NAG T . 13.89 78.65 -31.60
C7 NAG T . 9.43 80.61 -27.00
C8 NAG T . 8.08 81.15 -26.65
N2 NAG T . 9.71 80.55 -28.32
O3 NAG T . 11.79 82.41 -29.17
O4 NAG T . 13.33 81.54 -31.47
O5 NAG T . 12.11 78.40 -30.08
O6 NAG T . 14.89 78.76 -30.61
O7 NAG T . 10.25 80.25 -26.15
C1 NAG T . 14.54 82.16 -30.98
C2 NAG T . 14.95 83.28 -31.93
C3 NAG T . 16.19 84.01 -31.40
C4 NAG T . 15.96 84.47 -29.97
C5 NAG T . 15.51 83.30 -29.10
C6 NAG T . 15.14 83.71 -27.69
C7 NAG T . 14.43 83.02 -34.31
C8 NAG T . 14.85 82.41 -35.62
N2 NAG T . 15.21 82.76 -33.26
O3 NAG T . 16.49 85.13 -32.22
O4 NAG T . 17.15 85.03 -29.43
O5 NAG T . 14.34 82.69 -29.67
O6 NAG T . 13.76 83.52 -27.45
O7 NAG T . 13.42 83.72 -34.21
C1 NAG U . -3.41 76.86 -44.24
C2 NAG U . -4.75 77.35 -43.71
C3 NAG U . -5.81 77.24 -44.79
C4 NAG U . -5.36 77.95 -46.07
C5 NAG U . -3.97 77.45 -46.48
C6 NAG U . -3.41 78.22 -47.65
C7 NAG U . -5.11 77.15 -41.29
C8 NAG U . -5.55 76.24 -40.18
N2 NAG U . -5.15 76.62 -42.53
O3 NAG U . -7.03 77.81 -44.33
O4 NAG U . -6.29 77.69 -47.11
O5 NAG U . -3.05 77.60 -45.41
O6 NAG U . -3.07 79.54 -47.29
O7 NAG U . -4.73 78.29 -41.09
C1 NAG U . -6.96 78.91 -47.45
C2 NAG U . -7.79 78.68 -48.71
C3 NAG U . -8.57 79.93 -49.07
C4 NAG U . -9.40 80.40 -47.89
C5 NAG U . -8.52 80.56 -46.65
C6 NAG U . -9.31 80.89 -45.41
C7 NAG U . -6.83 77.00 -50.22
C8 NAG U . -5.91 76.75 -51.37
N2 NAG U . -6.95 78.27 -49.82
O3 NAG U . -9.42 79.66 -50.18
O4 NAG U . -10.02 81.65 -48.18
O5 NAG U . -7.83 79.33 -46.38
O6 NAG U . -9.96 79.75 -44.88
O7 NAG U . -7.44 76.08 -49.67
C1 NAG V . -42.21 16.97 -5.78
C2 NAG V . -43.31 16.94 -6.82
C3 NAG V . -43.98 18.30 -6.93
C4 NAG V . -44.46 18.77 -5.55
C5 NAG V . -43.31 18.71 -4.55
C6 NAG V . -43.76 19.03 -3.14
C7 NAG V . -41.87 17.11 -8.83
C8 NAG V . -41.53 16.46 -10.14
N2 NAG V . -42.82 16.49 -8.11
O3 NAG V . -45.09 18.21 -7.82
O4 NAG V . -44.96 20.10 -5.63
O5 NAG V . -42.75 17.40 -4.51
O6 NAG V . -44.81 18.16 -2.75
O7 NAG V . -41.32 18.13 -8.43
C1 NAG W . 3.44 -43.19 -25.56
C2 NAG W . 4.73 -43.97 -25.86
C3 NAG W . 5.00 -43.98 -27.36
C4 NAG W . 3.75 -44.39 -28.10
C5 NAG W . 2.70 -43.29 -27.94
C6 NAG W . 1.29 -43.84 -27.81
C7 NAG W . 6.31 -42.15 -25.26
C8 NAG W . 7.50 -41.80 -24.41
N2 NAG W . 5.87 -43.41 -25.13
O3 NAG W . 6.05 -44.90 -27.64
O4 NAG W . 4.03 -44.56 -29.49
O5 NAG W . 2.95 -42.50 -26.78
O6 NAG W . 1.17 -45.14 -28.38
O7 NAG W . 5.77 -41.35 -26.01
C1 NAG X . 13.64 31.75 -66.51
C2 NAG X . 15.08 31.91 -66.00
C3 NAG X . 16.03 31.05 -66.83
C4 NAG X . 15.53 29.60 -66.90
C5 NAG X . 14.09 29.57 -67.37
C6 NAG X . 13.49 28.18 -67.36
C7 NAG X . 16.58 33.77 -65.43
C8 NAG X . 16.83 35.25 -65.59
N2 NAG X . 15.49 33.31 -66.03
O3 NAG X . 17.33 31.08 -66.25
O4 NAG X . 16.34 28.87 -67.82
O5 NAG X . 13.28 30.37 -66.51
O6 NAG X . 12.21 28.17 -66.74
O7 NAG X . 17.33 33.05 -64.78
C1 NAG Y . 45.84 -23.50 -5.54
C2 NAG Y . 46.59 -22.17 -5.57
C3 NAG Y . 47.99 -22.34 -4.95
C4 NAG Y . 47.89 -22.98 -3.57
C5 NAG Y . 47.08 -24.27 -3.63
C6 NAG Y . 46.82 -24.88 -2.28
C7 NAG Y . 46.52 -20.37 -7.24
C8 NAG Y . 46.69 -20.02 -8.68
N2 NAG Y . 46.70 -21.66 -6.92
O3 NAG Y . 48.63 -21.08 -4.86
O4 NAG Y . 49.20 -23.28 -3.09
O5 NAG Y . 45.79 -24.00 -4.21
O6 NAG Y . 45.44 -25.05 -2.04
O7 NAG Y . 46.22 -19.54 -6.39
C1 NAG Z . 33.05 -5.97 38.16
C2 NAG Z . 34.39 -5.41 37.74
C3 NAG Z . 34.46 -3.94 38.13
C4 NAG Z . 33.23 -3.17 37.63
C5 NAG Z . 31.93 -3.93 37.89
C6 NAG Z . 30.75 -3.34 37.15
C7 NAG Z . 36.53 -6.61 37.62
C8 NAG Z . 37.58 -7.35 38.39
N2 NAG Z . 35.49 -6.16 38.35
O3 NAG Z . 35.65 -3.36 37.59
O4 NAG Z . 33.16 -1.92 38.30
O5 NAG Z . 32.04 -5.30 37.46
O6 NAG Z . 29.74 -4.33 36.97
O7 NAG Z . 36.60 -6.44 36.41
C1 NAG AA . 44.49 55.31 -25.63
C2 NAG AA . 45.72 54.90 -24.82
C3 NAG AA . 45.61 55.44 -23.41
C4 NAG AA . 45.30 56.93 -23.43
C5 NAG AA . 44.18 57.27 -24.41
C6 NAG AA . 44.02 58.77 -24.59
C7 NAG AA . 46.71 52.81 -25.69
C8 NAG AA . 46.78 51.33 -25.54
N2 NAG AA . 45.91 53.45 -24.82
O3 NAG AA . 46.82 55.20 -22.70
O4 NAG AA . 44.86 57.35 -22.15
O5 NAG AA . 44.43 56.70 -25.71
O6 NAG AA . 42.81 59.12 -25.23
O7 NAG AA . 47.32 53.42 -26.56
C1 NAG BA . -2.25 31.32 42.02
C2 NAG BA . -3.12 32.37 41.33
C3 NAG BA . -4.25 32.82 42.26
C4 NAG BA . -5.07 31.61 42.69
C5 NAG BA . -4.16 30.65 43.42
C6 NAG BA . -4.87 29.39 43.85
C7 NAG BA . -2.43 34.02 39.64
C8 NAG BA . -1.57 35.21 39.37
N2 NAG BA . -2.35 33.51 40.88
O3 NAG BA . -5.07 33.78 41.59
O4 NAG BA . -6.13 32.03 43.55
O5 NAG BA . -3.07 30.26 42.57
O6 NAG BA . -4.94 28.46 42.77
O7 NAG BA . -3.17 33.53 38.80
C1 NAG CA . 32.20 23.08 27.66
C2 NAG CA . 32.08 24.23 28.64
C3 NAG CA . 33.46 24.85 28.86
C4 NAG CA . 34.48 23.78 29.25
C5 NAG CA . 34.44 22.59 28.29
C6 NAG CA . 35.30 21.43 28.76
C7 NAG CA . 31.18 25.88 27.03
C8 NAG CA . 30.09 26.89 26.79
N2 NAG CA . 31.12 25.23 28.20
O3 NAG CA . 33.37 25.83 29.89
O4 NAG CA . 35.79 24.33 29.23
O5 NAG CA . 33.09 22.09 28.16
O6 NAG CA . 36.09 21.79 29.89
O7 NAG CA . 32.07 25.68 26.22
C1 NAG DA . -43.45 5.34 20.52
C2 NAG DA . -44.63 5.38 19.51
C3 NAG DA . -44.82 6.78 18.95
C4 NAG DA . -45.12 7.74 20.09
C5 NAG DA . -43.95 7.71 21.08
C6 NAG DA . -44.17 8.59 22.28
C7 NAG DA . -43.72 4.41 17.40
C8 NAG DA . -43.79 3.27 16.45
N2 NAG DA . -44.53 4.37 18.45
O3 NAG DA . -45.83 6.84 17.94
O4 NAG DA . -45.27 9.05 19.57
O5 NAG DA . -43.65 6.37 21.54
O6 NAG DA . -45.28 9.48 22.09
O7 NAG DA . -42.93 5.33 17.23
C1 NAG EA . -9.30 67.24 -29.79
C2 NAG EA . -10.56 66.93 -30.61
C3 NAG EA . -11.65 67.95 -30.34
C4 NAG EA . -11.92 68.07 -28.85
C5 NAG EA . -10.63 68.42 -28.12
C6 NAG EA . -10.80 68.49 -26.61
C7 NAG EA . -11.05 66.30 -32.94
C8 NAG EA . -10.56 66.33 -34.36
N2 NAG EA . -10.24 66.86 -32.03
O3 NAG EA . -12.86 67.55 -30.98
O4 NAG EA . -12.89 69.08 -28.60
O5 NAG EA . -9.65 67.41 -28.40
O6 NAG EA . -10.03 67.50 -25.95
O7 NAG EA . -12.12 65.80 -32.64
#